data_9V7L
#
_entry.id   9V7L
#
_cell.length_a   1.00
_cell.length_b   1.00
_cell.length_c   1.00
_cell.angle_alpha   90.00
_cell.angle_beta   90.00
_cell.angle_gamma   90.00
#
_symmetry.space_group_name_H-M   'P 1'
#
loop_
_entity.id
_entity.type
_entity.pdbx_description
1 polymer 'Glr1262 protein'
2 polymer 'Phycocyanin-associated rod linker protein'
3 polymer 'Phycocyanin beta chain'
4 polymer 'Phycocyanin alpha chain'
5 polymer 'Phycocyanin-associated rod linker protein'
6 non-polymer PHYCOCYANOBILIN
#
loop_
_entity_poly.entity_id
_entity_poly.type
_entity_poly.pdbx_seq_one_letter_code
_entity_poly.pdbx_strand_id
1 'polypeptide(L)'
;MSTVLDDQSKAYAPGSANGPTAGLEPFVRMSRMIRSGVPEDREEPDELWLSMVRDIFGRGYMDRLSQTRAIDYSAFVRPA
DQATADGAAQTKLGITAIAPDQGVELRPNFTEADVITVIRAAYKQLFGNTYILESERVIQAESLLRNGSISVREFIRILA
KSDLYKERFFRCTSNNRFIELNLKHLLGRAPYNQGEIAEHLDRYCQSGYDAEIDSYIDSDEYRRVFGENTVPYFRGFKYQ
VGQSAAAFERMRALYSGDAGSDTDRNQNGQRTELTSGLADPAQPVRARTDYALTRVDIPGGNGAAGRLAALDESLGSWLD
AARDLISQNDYSQKAIEVEPKRVAPYAQYLTPAVEATPDAAAQTKLGITAVAPDQAVELRPNFGEAEVQAVIRAAYKQIF
GNTYILEADRVVIAESLLRNGSISVREFVRLLAKSDLYRDRFFRTASNNRFIELNFKHFLGRAPYSQAEIGEHFNRYHKS
GYDAEIDSYIDSDEYRRVFGENTVPYFRGFKYQVGQAARGFDQMQQLFAGDAGSDTDRGIGAQPAAKLTFPLSRPLGVTS
AYFPSSQGGAATSDGLEMFTRMARELTVTPVSARRTTSPTAPTAPAMPLAGYYSRPAPRATADGDAQTKLGITAVAPAQA
VELRPNFGETELQAVIRATYKQLFGNTYILEADRVVQAESLLRNGSINVREFVRLLAKSELYKERFFHCTSNNRFIELTF
KHLLGRAPYNQSEFVEHLDRYQKSGYDAEIDSYIDSDEYRRVFGENTVPYFRGFKYQTGQAAGVFERTLKLYGGDADSDT
NRNRQGQLRQVDPQELLRSGRGIV
;
A
2 'polypeptide(L)'
;MSVLTGDNQQRGSKLFKITIALSPTLAHHPWPGLDTHEPSQSSYSTIVSLERLLPEMTRIKRNGGRILEITEGEASESRA
NFPAVMEPPVVELYPRAGEAEVQAVIAVAYKQVFGNIHVMESERIVSAESLLRNRSISVREFVRLLAKSDLYKESFFHCT
SNNRFIELNFKHLLGRAPYNHSEIIEHLDRYQSQGYDAEIDSYIDSDEYVKTFGENVVPYHRGFKSQVGQQSVAAFERMI
RLFGGDASSDTSLNRTGQKRLVDPKQLLRSGRGIV
;
Z
3 'polypeptide(L)'
;MQDAFTKAIVAADLRGSFLSEQELNQLTNLVKESNKRLDAVNAITGNAAEIISDAAHKLFAEQTDLIRPGGNAYPNRRMA
ACLRDMEIILRYVSYALLAGDASVLEDRCLNGLKETYVALGTPTRSVARAVQLMKETAIGYVNSPSGVTRGDCSALVNEA
ATYFDKAAASIA
;
B,D,F,H,J,L,O,Q,S,U,W,Y
4 'polypeptide(L)'
;MKTVITEVIASADSQGRFLNNTELQAANGRFQRATASMEAARALTSNADSLVKGAVQEVYNKFPYLTQPGQMGYGDTNQA
KCARDISHYLRFITYSLVAGGTGPLDDYIVAGLREVNRTFNLSPSWYIEALKHIKGKVGSQLSGQPLTEANAYIDYCINA
LS
;
C,E,G,I,K,N,P,R,T,V,X,a
5 'polypeptide(L)'
;MNVLTTSSQRGGKLFKVTMTLSPALSHHPWPSLDTYEPSQNSYSVVVPLDRLLAEMTYIKNKGGRVLDISPADLEALGPP
DISSVAIPLKVELWAKADVSDVQAAIVAAYKQIFGNTYVLESERLTSAESLLRNGSISVREFVRLLAKSELYKERFFFCT
SNNRFTELNFKHFLGRAPYNQSEIAAHLDRYQTFGYDAEIDSYIDSDEYIQAFGENVVPYYRGFKSQSGQTVESFNRMFK
LYRGDAGSDTNLNLQGQKRRVDPKNLLRSGRGIV
;
M
#
loop_
_chem_comp.id
_chem_comp.type
_chem_comp.name
_chem_comp.formula
CYC non-polymer PHYCOCYANOBILIN 'C33 H40 N4 O6'
#
# COMPACT_ATOMS: atom_id res chain seq x y z
N TYR A 73 61.09 36.41 -11.57
CA TYR A 73 60.95 34.92 -11.53
C TYR A 73 61.82 34.32 -10.42
N SER A 74 61.83 34.98 -9.25
CA SER A 74 62.66 34.56 -8.14
C SER A 74 62.28 33.15 -7.70
N ALA A 75 60.96 32.87 -7.61
CA ALA A 75 60.46 31.63 -7.03
C ALA A 75 61.24 31.32 -5.76
N PHE A 76 61.53 32.38 -4.99
CA PHE A 76 61.79 32.27 -3.57
C PHE A 76 60.54 31.60 -2.99
N VAL A 77 60.75 30.48 -2.30
CA VAL A 77 59.65 29.82 -1.63
C VAL A 77 59.91 29.94 -0.13
N ARG A 78 60.77 29.05 0.41
CA ARG A 78 61.37 29.17 1.73
C ARG A 78 60.59 28.40 2.80
N PRO A 79 61.31 27.83 3.79
CA PRO A 79 60.69 27.08 4.88
C PRO A 79 59.75 27.91 5.75
N ALA A 80 60.05 29.20 5.92
CA ALA A 80 59.27 30.13 6.73
C ALA A 80 59.60 29.91 8.20
N ASP A 81 58.96 30.66 9.12
CA ASP A 81 59.34 30.58 10.52
C ASP A 81 58.51 29.53 11.26
N GLN A 82 57.26 29.88 11.59
CA GLN A 82 56.38 29.08 12.43
C GLN A 82 56.47 27.58 12.10
N ALA A 83 56.34 27.23 10.80
CA ALA A 83 56.43 25.86 10.31
C ALA A 83 55.39 24.95 11.00
N THR A 84 54.18 25.48 11.24
CA THR A 84 53.15 24.76 11.98
C THR A 84 52.71 23.51 11.20
N ALA A 85 52.41 23.66 9.90
CA ALA A 85 51.90 22.58 9.03
C ALA A 85 50.42 22.33 9.27
N ASP A 86 49.84 21.38 8.53
CA ASP A 86 48.45 21.00 8.67
C ASP A 86 48.21 20.32 10.01
N GLY A 87 49.06 19.35 10.29
CA GLY A 87 48.84 18.39 11.36
C GLY A 87 49.02 19.00 12.74
N ALA A 88 50.02 19.89 12.92
CA ALA A 88 50.45 20.26 14.25
C ALA A 88 49.31 20.90 15.03
N ALA A 89 48.49 21.75 14.39
CA ALA A 89 47.46 22.49 15.13
C ALA A 89 46.54 21.53 15.88
N GLN A 90 46.06 20.50 15.18
CA GLN A 90 45.13 19.55 15.77
C GLN A 90 45.83 18.68 16.82
N THR A 91 47.07 18.29 16.60
CA THR A 91 47.78 17.50 17.60
C THR A 91 47.93 18.33 18.88
N LYS A 92 48.08 19.65 18.75
CA LYS A 92 48.17 20.52 19.91
C LYS A 92 46.89 20.43 20.74
N LEU A 93 45.71 20.51 20.08
CA LEU A 93 44.44 20.43 20.78
C LEU A 93 44.31 19.02 21.30
N GLY A 94 44.86 18.08 20.51
CA GLY A 94 44.85 16.67 20.85
C GLY A 94 43.69 15.93 20.21
N ILE A 95 42.94 16.60 19.31
CA ILE A 95 41.82 15.95 18.64
C ILE A 95 42.23 14.60 18.08
N THR A 96 43.42 14.47 17.47
CA THR A 96 43.88 13.20 16.92
C THR A 96 42.77 12.57 16.06
N ALA A 97 42.13 13.38 15.22
CA ALA A 97 41.10 12.93 14.28
C ALA A 97 39.68 12.75 14.86
N ILE A 98 39.39 13.32 16.06
CA ILE A 98 38.02 13.35 16.57
C ILE A 98 37.24 14.50 15.91
N ALA A 99 37.88 15.66 15.69
CA ALA A 99 37.24 16.81 15.06
C ALA A 99 36.84 16.49 13.63
N PRO A 100 37.73 15.96 12.76
CA PRO A 100 37.29 15.41 11.47
C PRO A 100 36.38 14.23 11.71
N ASP A 101 35.20 14.20 11.08
CA ASP A 101 34.33 13.04 11.21
C ASP A 101 33.84 12.56 9.84
N GLN A 102 33.87 11.24 9.64
CA GLN A 102 33.31 10.64 8.45
C GLN A 102 31.97 10.01 8.85
N GLY A 103 30.88 10.55 8.30
CA GLY A 103 29.55 10.04 8.61
C GLY A 103 29.36 8.62 8.08
N VAL A 104 28.52 7.83 8.76
CA VAL A 104 28.18 6.49 8.30
C VAL A 104 26.67 6.43 8.05
N GLU A 105 26.26 6.00 6.84
CA GLU A 105 24.85 5.99 6.46
C GLU A 105 24.46 4.55 6.17
N LEU A 106 23.28 4.12 6.66
CA LEU A 106 22.74 2.80 6.37
C LEU A 106 22.09 2.78 5.00
N ARG A 107 22.00 1.59 4.39
CA ARG A 107 21.35 1.42 3.09
C ARG A 107 20.29 0.32 3.19
N PRO A 108 19.18 0.37 2.42
CA PRO A 108 18.09 -0.60 2.55
C PRO A 108 18.61 -2.00 2.27
N ASN A 109 19.53 -2.09 1.30
CA ASN A 109 20.27 -3.34 1.11
C ASN A 109 21.64 -3.12 1.73
N PHE A 110 21.94 -3.87 2.80
CA PHE A 110 23.21 -3.71 3.51
C PHE A 110 23.71 -5.06 3.98
N THR A 111 25.04 -5.20 4.06
CA THR A 111 25.67 -6.39 4.60
C THR A 111 25.38 -6.36 6.10
N GLU A 112 25.31 -7.53 6.74
CA GLU A 112 25.14 -7.55 8.18
C GLU A 112 26.31 -6.81 8.80
N ALA A 113 27.52 -7.07 8.26
CA ALA A 113 28.71 -6.36 8.69
C ALA A 113 28.43 -4.85 8.71
N ASP A 114 27.83 -4.32 7.64
CA ASP A 114 27.62 -2.89 7.58
C ASP A 114 26.71 -2.46 8.72
N VAL A 115 25.76 -3.33 9.10
CA VAL A 115 24.90 -3.03 10.23
C VAL A 115 25.74 -3.07 11.50
N ILE A 116 26.62 -4.07 11.60
CA ILE A 116 27.45 -4.23 12.77
C ILE A 116 28.25 -2.93 12.99
N THR A 117 28.91 -2.43 11.93
CA THR A 117 29.79 -1.27 12.03
C THR A 117 28.99 -0.08 12.51
N VAL A 118 27.76 0.03 12.02
CA VAL A 118 26.84 1.05 12.47
C VAL A 118 26.58 0.89 13.96
N ILE A 119 26.25 -0.33 14.38
CA ILE A 119 25.98 -0.54 15.78
C ILE A 119 27.22 -0.14 16.56
N ARG A 120 28.37 -0.59 16.07
CA ARG A 120 29.59 -0.31 16.77
C ARG A 120 29.68 1.19 17.01
N ALA A 121 29.52 1.95 15.93
CA ALA A 121 29.69 3.38 15.96
C ALA A 121 28.64 4.02 16.86
N ALA A 122 27.39 3.61 16.69
CA ALA A 122 26.28 4.23 17.39
C ALA A 122 26.55 4.18 18.87
N TYR A 123 26.99 3.01 19.31
CA TYR A 123 27.25 2.76 20.71
C TYR A 123 28.23 3.81 21.20
N LYS A 124 29.38 3.86 20.54
CA LYS A 124 30.41 4.78 20.97
C LYS A 124 29.85 6.19 21.05
N GLN A 125 29.15 6.65 20.02
CA GLN A 125 28.93 8.08 19.93
C GLN A 125 27.99 8.52 21.03
N LEU A 126 26.96 7.72 21.31
CA LEU A 126 25.97 8.10 22.30
C LEU A 126 26.45 7.68 23.69
N PHE A 127 27.27 6.63 23.77
CA PHE A 127 27.76 6.19 25.08
C PHE A 127 28.96 7.06 25.39
N GLY A 128 29.48 6.96 26.60
CA GLY A 128 30.63 7.77 26.98
C GLY A 128 31.90 7.44 26.18
N ASN A 129 31.82 6.43 25.32
CA ASN A 129 32.95 5.68 24.79
C ASN A 129 33.40 4.65 25.83
N THR A 130 32.56 4.54 26.86
CA THR A 130 32.62 3.57 27.92
C THR A 130 32.52 2.18 27.33
N TYR A 131 33.08 1.22 28.05
CA TYR A 131 33.04 -0.16 27.63
C TYR A 131 31.62 -0.66 27.65
N ILE A 132 31.29 -1.42 26.60
CA ILE A 132 29.98 -2.04 26.55
C ILE A 132 30.17 -3.55 26.49
N LEU A 133 29.62 -4.21 27.51
CA LEU A 133 29.60 -5.66 27.59
C LEU A 133 28.52 -6.21 26.66
N GLU A 134 28.67 -7.46 26.24
CA GLU A 134 27.65 -8.11 25.44
C GLU A 134 26.32 -8.15 26.19
N SER A 135 26.37 -8.35 27.51
CA SER A 135 25.17 -8.32 28.32
C SER A 135 24.50 -6.96 28.27
N GLU A 136 25.31 -5.89 28.35
CA GLU A 136 24.82 -4.52 28.33
C GLU A 136 24.03 -4.27 27.04
N ARG A 137 24.58 -4.70 25.89
CA ARG A 137 24.00 -4.48 24.57
C ARG A 137 22.59 -5.04 24.55
N VAL A 138 21.67 -4.26 23.97
CA VAL A 138 20.28 -4.67 23.86
C VAL A 138 20.06 -5.30 22.49
N ILE A 139 19.72 -6.59 22.49
CA ILE A 139 19.66 -7.42 21.30
C ILE A 139 18.38 -7.13 20.50
N GLN A 140 17.28 -6.79 21.19
CA GLN A 140 16.01 -6.50 20.53
C GLN A 140 16.11 -5.29 19.61
N ALA A 141 16.79 -4.23 20.05
CA ALA A 141 17.01 -3.08 19.18
C ALA A 141 17.94 -3.49 18.04
N GLU A 142 18.98 -4.28 18.31
CA GLU A 142 19.89 -4.79 17.29
C GLU A 142 19.12 -5.65 16.31
N SER A 143 18.19 -6.46 16.82
CA SER A 143 17.24 -7.14 15.96
C SER A 143 16.32 -6.05 15.43
N LEU A 144 15.90 -6.13 14.19
CA LEU A 144 15.03 -5.08 13.66
C LEU A 144 15.84 -4.19 12.71
N LEU A 145 17.12 -3.95 13.01
CA LEU A 145 17.97 -3.23 12.10
C LEU A 145 18.16 -4.11 10.88
N ARG A 146 18.53 -5.37 11.10
CA ARG A 146 18.64 -6.30 9.99
C ARG A 146 17.30 -6.35 9.25
N ASN A 147 16.20 -6.42 9.99
CA ASN A 147 14.88 -6.51 9.41
C ASN A 147 14.49 -5.28 8.60
N GLY A 148 14.82 -4.12 9.15
CA GLY A 148 14.12 -2.92 8.74
C GLY A 148 12.94 -2.67 9.67
N SER A 149 12.28 -1.53 9.49
CA SER A 149 11.13 -1.23 10.33
C SER A 149 11.59 -0.38 11.50
N ILE A 150 12.90 -0.16 11.57
CA ILE A 150 13.41 0.77 12.56
C ILE A 150 14.29 1.74 11.80
N SER A 151 13.92 3.02 11.86
CA SER A 151 14.82 4.06 11.39
C SER A 151 16.01 4.13 12.33
N VAL A 152 17.17 4.45 11.79
CA VAL A 152 18.38 4.49 12.60
C VAL A 152 18.32 5.57 13.65
N ARG A 153 17.72 6.69 13.33
CA ARG A 153 17.41 7.62 14.39
C ARG A 153 16.51 6.96 15.43
N GLU A 154 15.55 6.13 15.01
CA GLU A 154 14.68 5.46 15.97
C GLU A 154 15.46 4.40 16.74
N PHE A 155 16.46 3.81 16.11
CA PHE A 155 17.35 2.86 16.77
C PHE A 155 18.09 3.56 17.89
N ILE A 156 18.57 4.74 17.56
CA ILE A 156 19.29 5.52 18.53
C ILE A 156 18.32 5.97 19.62
N ARG A 157 17.02 6.13 19.32
CA ARG A 157 16.06 6.46 20.38
C ARG A 157 15.95 5.32 21.36
N ILE A 158 15.97 4.09 20.84
CA ILE A 158 15.80 2.95 21.73
C ILE A 158 16.92 3.03 22.75
N LEU A 159 18.16 3.28 22.30
CA LEU A 159 19.26 3.54 23.21
C LEU A 159 19.03 4.89 23.87
N ALA A 160 19.31 4.92 25.17
CA ALA A 160 19.03 6.03 26.05
C ALA A 160 17.64 5.89 26.64
N LYS A 161 16.64 5.48 25.85
CA LYS A 161 15.43 5.04 26.51
C LYS A 161 15.75 3.76 27.27
N SER A 162 16.90 3.17 26.92
CA SER A 162 17.41 2.00 27.61
C SER A 162 17.63 2.34 29.08
N ASP A 163 17.29 1.38 29.94
CA ASP A 163 17.60 1.48 31.36
C ASP A 163 19.11 1.69 31.47
N LEU A 164 19.87 0.98 30.63
CA LEU A 164 21.33 0.98 30.71
C LEU A 164 21.90 2.40 30.82
N TYR A 165 21.47 3.29 29.93
CA TYR A 165 21.92 4.68 29.91
C TYR A 165 21.33 5.45 31.09
N LYS A 166 20.06 5.23 31.44
CA LYS A 166 19.48 6.03 32.49
C LYS A 166 20.14 5.68 33.83
N GLU A 167 20.29 4.38 34.13
CA GLU A 167 20.80 3.96 35.43
C GLU A 167 22.27 4.35 35.53
N ARG A 168 22.95 4.38 34.38
CA ARG A 168 24.37 4.68 34.33
C ARG A 168 24.67 5.66 33.20
N PHE A 169 25.25 6.83 33.53
CA PHE A 169 25.39 7.97 32.64
C PHE A 169 24.21 8.95 32.80
N PHE A 170 23.23 8.60 33.65
CA PHE A 170 22.16 9.53 33.97
C PHE A 170 22.02 9.77 35.47
N ARG A 171 22.11 8.71 36.30
CA ARG A 171 21.75 8.81 37.71
C ARG A 171 22.75 9.67 38.48
N CYS A 172 24.00 9.19 38.45
CA CYS A 172 25.15 9.76 39.12
C CYS A 172 25.33 11.25 38.86
N THR A 173 25.35 11.61 37.58
CA THR A 173 25.61 12.98 37.16
C THR A 173 24.40 13.85 37.43
N SER A 174 24.63 15.16 37.56
CA SER A 174 23.58 16.11 37.84
C SER A 174 22.79 16.39 36.59
N ASN A 175 21.63 17.02 36.75
CA ASN A 175 20.74 17.21 35.62
C ASN A 175 21.54 17.92 34.54
N ASN A 176 22.25 19.00 34.91
CA ASN A 176 23.08 19.74 33.98
C ASN A 176 24.07 18.82 33.32
N ARG A 177 24.65 17.91 34.08
CA ARG A 177 25.68 17.07 33.50
C ARG A 177 25.13 16.28 32.33
N PHE A 178 23.99 15.57 32.49
CA PHE A 178 23.58 14.68 31.41
C PHE A 178 23.10 15.54 30.24
N ILE A 179 22.49 16.71 30.51
CA ILE A 179 22.09 17.57 29.41
C ILE A 179 23.29 17.84 28.49
N GLU A 180 24.40 18.35 29.01
CA GLU A 180 25.63 18.57 28.26
C GLU A 180 26.15 17.29 27.59
N LEU A 181 26.07 16.17 28.30
CA LEU A 181 26.59 14.92 27.79
C LEU A 181 25.65 14.36 26.71
N ASN A 182 24.34 14.59 26.84
CA ASN A 182 23.41 14.21 25.80
C ASN A 182 23.68 15.04 24.56
N LEU A 183 23.72 16.35 24.81
CA LEU A 183 23.98 17.31 23.78
C LEU A 183 25.31 17.02 23.11
N LYS A 184 26.21 16.29 23.77
CA LYS A 184 27.46 15.85 23.19
C LYS A 184 27.29 14.51 22.50
N HIS A 185 26.59 13.58 23.14
CA HIS A 185 26.56 12.21 22.66
C HIS A 185 25.68 12.18 21.43
N LEU A 186 24.52 12.84 21.52
CA LEU A 186 23.59 12.87 20.40
C LEU A 186 24.09 13.86 19.33
N LEU A 187 24.65 15.03 19.69
CA LEU A 187 25.14 16.03 18.73
C LEU A 187 26.59 16.40 19.10
N GLY A 188 27.48 16.66 18.12
CA GLY A 188 28.84 17.11 18.40
C GLY A 188 28.90 18.36 19.29
N ARG A 189 27.99 19.30 19.09
CA ARG A 189 28.13 20.56 19.79
C ARG A 189 28.13 20.40 21.31
N ALA A 190 28.98 21.11 22.02
CA ALA A 190 28.70 21.58 23.35
C ALA A 190 27.73 22.76 23.34
N PRO A 191 27.07 23.05 24.48
CA PRO A 191 25.96 24.01 24.55
C PRO A 191 26.42 25.44 24.32
N TYR A 192 25.85 26.09 23.32
CA TYR A 192 26.26 27.44 23.01
C TYR A 192 25.87 28.43 24.12
N ASN A 193 24.70 28.30 24.76
CA ASN A 193 24.23 29.30 25.71
C ASN A 193 23.59 28.69 26.95
N GLN A 194 23.55 29.43 28.06
CA GLN A 194 22.97 29.00 29.33
C GLN A 194 21.48 28.69 29.18
N GLY A 195 20.77 29.55 28.43
CA GLY A 195 19.33 29.49 28.26
C GLY A 195 18.82 28.16 27.70
N GLU A 196 19.51 27.63 26.68
CA GLU A 196 19.08 26.41 26.01
C GLU A 196 19.28 25.20 26.93
N ILE A 197 20.35 25.23 27.72
CA ILE A 197 20.54 24.23 28.76
C ILE A 197 19.32 24.31 29.69
N ALA A 198 18.96 25.54 30.05
CA ALA A 198 17.81 25.83 30.90
C ALA A 198 16.51 25.33 30.30
N GLU A 199 16.39 25.39 28.98
CA GLU A 199 15.18 24.96 28.30
C GLU A 199 14.89 23.47 28.59
N HIS A 200 15.92 22.63 28.54
CA HIS A 200 15.78 21.22 28.87
C HIS A 200 15.51 21.03 30.36
N LEU A 201 16.09 21.88 31.21
CA LEU A 201 15.89 21.81 32.65
C LEU A 201 14.43 22.12 32.99
N ASP A 202 13.80 23.02 32.22
CA ASP A 202 12.39 23.30 32.37
C ASP A 202 11.61 22.02 32.11
N ARG A 203 12.07 21.24 31.12
CA ARG A 203 11.40 20.00 30.74
C ARG A 203 11.46 18.95 31.85
N TYR A 204 12.59 18.85 32.57
CA TYR A 204 12.79 17.75 33.50
C TYR A 204 11.51 17.46 34.27
N CYS A 205 10.99 18.45 34.98
CA CYS A 205 9.73 18.29 35.71
C CYS A 205 8.53 18.52 34.78
N GLN A 206 8.69 19.43 33.79
CA GLN A 206 7.59 19.77 32.90
C GLN A 206 7.04 18.49 32.28
N SER A 207 7.93 17.63 31.78
CA SER A 207 7.49 16.38 31.18
C SER A 207 8.48 15.27 31.50
N GLY A 208 8.12 14.04 31.08
CA GLY A 208 8.90 12.86 31.39
C GLY A 208 10.22 12.87 30.64
N TYR A 209 11.23 12.22 31.23
CA TYR A 209 12.59 12.26 30.73
C TYR A 209 12.60 11.79 29.29
N ASP A 210 11.89 10.70 29.04
CA ASP A 210 11.86 10.09 27.71
C ASP A 210 11.56 11.15 26.65
N ALA A 211 10.58 12.03 26.91
CA ALA A 211 10.24 13.13 26.02
C ALA A 211 11.44 14.01 25.69
N GLU A 212 12.20 14.38 26.73
CA GLU A 212 13.29 15.34 26.61
C GLU A 212 14.37 14.76 25.69
N ILE A 213 14.80 13.53 25.97
CA ILE A 213 15.74 12.93 25.04
C ILE A 213 15.07 12.83 23.67
N ASP A 214 13.79 12.45 23.61
CA ASP A 214 13.12 12.33 22.33
C ASP A 214 13.18 13.67 21.61
N SER A 215 13.04 14.75 22.39
CA SER A 215 13.11 16.11 21.86
C SER A 215 14.42 16.38 21.12
N TYR A 216 15.56 15.89 21.65
CA TYR A 216 16.83 16.07 20.98
C TYR A 216 16.79 15.42 19.60
N ILE A 217 16.61 14.10 19.51
CA ILE A 217 16.61 13.52 18.18
C ILE A 217 15.48 14.14 17.33
N ASP A 218 14.38 14.58 17.95
CA ASP A 218 13.31 15.24 17.21
C ASP A 218 13.66 16.69 16.85
N SER A 219 14.64 17.27 17.54
CA SER A 219 15.08 18.62 17.22
C SER A 219 15.50 18.68 15.76
N ASP A 220 15.53 19.91 15.25
CA ASP A 220 15.63 20.13 13.82
C ASP A 220 17.03 19.73 13.34
N GLU A 221 18.06 20.19 14.05
CA GLU A 221 19.43 20.06 13.57
C GLU A 221 19.87 18.60 13.62
N TYR A 222 19.35 17.85 14.59
CA TYR A 222 19.62 16.44 14.59
C TYR A 222 19.14 15.91 13.24
N ARG A 223 17.96 16.39 12.84
CA ARG A 223 17.38 15.99 11.57
C ARG A 223 18.20 16.61 10.45
N ARG A 224 18.56 17.89 10.59
CA ARG A 224 19.16 18.60 9.48
C ARG A 224 20.41 17.86 8.99
N VAL A 225 21.29 17.50 9.92
CA VAL A 225 22.51 16.78 9.57
C VAL A 225 22.49 15.42 10.26
N PHE A 226 22.74 14.37 9.47
CA PHE A 226 22.66 12.99 9.94
C PHE A 226 21.25 12.76 10.45
N GLY A 227 20.25 13.34 9.77
CA GLY A 227 18.86 13.24 10.16
C GLY A 227 18.30 11.82 10.16
N GLU A 228 18.52 11.07 9.08
CA GLU A 228 17.91 9.76 8.96
C GLU A 228 18.95 8.81 8.40
N ASN A 229 18.92 7.56 8.82
CA ASN A 229 19.81 6.61 8.22
C ASN A 229 21.29 6.99 8.44
N THR A 230 21.63 7.71 9.55
CA THR A 230 22.99 8.20 9.84
C THR A 230 23.32 8.16 11.32
N VAL A 231 24.50 7.63 11.66
CA VAL A 231 24.98 7.60 13.03
C VAL A 231 25.31 9.01 13.40
N PRO A 232 25.03 9.48 14.61
CA PRO A 232 25.39 10.83 15.01
C PRO A 232 26.92 10.89 15.05
N TYR A 233 27.49 12.09 14.95
CA TYR A 233 28.94 12.31 14.95
C TYR A 233 29.25 13.54 15.77
N PHE A 234 30.50 13.63 16.27
CA PHE A 234 30.93 14.78 17.06
C PHE A 234 31.42 15.82 16.06
N ARG A 235 30.46 16.41 15.33
CA ARG A 235 30.74 17.47 14.39
C ARG A 235 31.35 18.66 15.12
N GLY A 236 31.32 18.66 16.46
CA GLY A 236 31.97 19.70 17.25
C GLY A 236 33.46 19.70 16.98
N PHE A 237 34.20 20.76 17.32
CA PHE A 237 35.64 20.82 17.06
C PHE A 237 35.86 21.08 15.56
N LYS A 238 34.82 21.47 14.81
CA LYS A 238 34.98 22.10 13.50
C LYS A 238 33.99 23.27 13.46
N TYR A 239 34.02 24.10 12.43
CA TYR A 239 33.10 25.23 12.37
C TYR A 239 31.72 24.73 11.98
N GLN A 240 30.77 24.89 12.91
CA GLN A 240 29.37 24.60 12.72
C GLN A 240 28.65 25.95 12.76
N VAL A 241 27.44 26.03 12.20
CA VAL A 241 26.85 27.35 12.05
C VAL A 241 26.16 27.77 13.36
N GLY A 242 26.29 29.06 13.69
CA GLY A 242 25.61 29.71 14.81
C GLY A 242 26.15 29.28 16.17
N GLN A 243 27.47 29.12 16.24
CA GLN A 243 28.15 28.75 17.47
C GLN A 243 28.56 29.98 18.27
N SER A 244 27.82 30.19 19.36
CA SER A 244 27.73 31.44 20.09
C SER A 244 28.96 31.84 20.87
N ALA A 245 30.06 31.09 20.79
CA ALA A 245 31.29 31.48 21.46
C ALA A 245 31.80 30.23 22.12
N ALA A 246 33.11 30.13 22.23
CA ALA A 246 33.65 29.09 23.05
C ALA A 246 33.11 27.74 22.60
N ALA A 247 32.80 27.59 21.32
CA ALA A 247 32.53 26.28 20.77
C ALA A 247 33.74 25.40 21.04
N PHE A 248 34.91 25.85 20.58
CA PHE A 248 36.11 25.06 20.74
C PHE A 248 36.42 24.90 22.22
N GLU A 249 36.28 25.98 22.99
CA GLU A 249 36.73 25.94 24.36
C GLU A 249 35.93 24.92 25.14
N ARG A 250 34.61 24.99 24.99
CA ARG A 250 33.74 24.07 25.71
C ARG A 250 34.04 22.68 25.21
N MET A 251 34.08 22.51 23.89
CA MET A 251 34.31 21.19 23.36
C MET A 251 35.66 20.67 23.84
N ARG A 252 36.67 21.53 23.93
CA ARG A 252 37.97 21.07 24.36
C ARG A 252 37.82 20.43 25.73
N ALA A 253 37.05 21.10 26.59
CA ALA A 253 36.74 20.54 27.89
C ALA A 253 36.05 19.19 27.71
N LEU A 254 34.96 19.15 26.93
CA LEU A 254 34.04 18.02 26.93
C LEU A 254 34.66 16.81 26.26
N TYR A 255 35.65 16.98 25.38
CA TYR A 255 36.28 15.80 24.84
C TYR A 255 37.64 15.65 25.49
N SER A 256 37.86 14.49 26.11
CA SER A 256 39.19 14.13 26.60
C SER A 256 39.99 13.60 25.42
N GLY A 257 41.06 12.86 25.69
CA GLY A 257 41.77 12.24 24.60
C GLY A 257 40.93 11.14 23.95
N ASP A 258 41.21 10.86 22.68
CA ASP A 258 40.51 9.85 21.91
C ASP A 258 40.42 8.54 22.67
N ALA A 259 41.53 8.02 23.18
CA ALA A 259 41.48 6.83 24.02
C ALA A 259 40.62 7.09 25.24
N GLY A 260 40.80 8.25 25.87
CA GLY A 260 40.04 8.58 27.04
C GLY A 260 38.57 8.74 26.70
N SER A 261 37.72 8.40 27.67
CA SER A 261 36.30 8.29 27.44
C SER A 261 35.60 8.62 28.75
N ASP A 262 34.43 9.26 28.69
CA ASP A 262 33.65 9.43 29.89
C ASP A 262 33.30 8.07 30.44
N THR A 263 33.35 7.96 31.77
CA THR A 263 33.25 6.71 32.47
C THR A 263 32.03 6.71 33.37
N ASP A 264 31.17 5.70 33.26
CA ASP A 264 30.01 5.60 34.14
C ASP A 264 30.58 5.50 35.57
N ARG A 265 31.64 4.69 35.69
CA ARG A 265 32.36 4.41 36.92
C ARG A 265 33.67 5.18 36.99
N ASN A 266 33.76 6.10 37.96
CA ASN A 266 34.84 7.05 38.06
C ASN A 266 35.00 7.54 39.49
N GLN A 267 36.24 7.89 39.87
CA GLN A 267 36.47 8.48 41.18
C GLN A 267 35.94 9.92 41.12
N ASN A 268 35.62 10.49 42.29
CA ASN A 268 35.02 11.81 42.39
C ASN A 268 33.67 11.84 41.70
N GLY A 269 33.07 10.64 41.54
CA GLY A 269 31.87 10.49 40.73
C GLY A 269 32.04 11.12 39.36
N GLN A 270 31.01 11.85 38.94
CA GLN A 270 31.02 12.55 37.67
C GLN A 270 30.46 13.95 37.87
N ARG A 271 31.26 14.92 37.42
CA ARG A 271 30.92 16.33 37.49
C ARG A 271 31.04 16.92 36.10
N THR A 272 30.31 18.02 35.90
CA THR A 272 30.30 18.72 34.62
C THR A 272 31.70 19.25 34.34
N GLU A 273 32.23 18.90 33.15
CA GLU A 273 33.54 19.37 32.73
C GLU A 273 33.45 20.89 32.70
N LEU A 274 32.48 21.39 31.91
CA LEU A 274 32.14 22.79 31.81
C LEU A 274 31.70 23.31 33.16
N THR A 275 32.25 24.46 33.52
CA THR A 275 31.92 25.07 34.79
C THR A 275 30.48 25.53 34.71
N SER A 276 29.71 25.25 35.76
CA SER A 276 28.37 25.80 35.88
C SER A 276 28.51 27.32 35.95
N GLY A 277 29.49 27.79 36.76
CA GLY A 277 29.94 29.17 36.84
C GLY A 277 29.85 29.91 35.51
N LEU A 278 30.40 29.28 34.45
CA LEU A 278 30.41 29.92 33.15
C LEU A 278 29.16 29.52 32.37
N ALA A 279 29.36 29.19 31.10
CA ALA A 279 28.26 29.00 30.17
C ALA A 279 27.71 30.37 29.75
N ASP A 280 28.26 31.47 30.32
CA ASP A 280 27.98 32.83 29.88
C ASP A 280 29.23 33.71 29.92
N PRO A 281 29.82 34.02 31.11
CA PRO A 281 30.94 34.98 31.22
C PRO A 281 32.33 34.68 30.63
N ALA A 282 32.83 33.43 30.74
CA ALA A 282 34.21 33.15 30.35
C ALA A 282 34.31 31.78 29.65
N GLN A 283 35.41 31.58 28.92
CA GLN A 283 35.74 30.29 28.32
C GLN A 283 36.20 29.31 29.38
N PRO A 284 35.75 28.04 29.32
CA PRO A 284 36.13 27.03 30.31
C PRO A 284 37.58 26.59 30.20
N VAL A 285 38.17 26.17 31.34
CA VAL A 285 39.49 25.59 31.36
C VAL A 285 39.41 24.23 32.05
N ARG A 286 39.90 23.16 31.40
CA ARG A 286 39.78 21.81 31.93
C ARG A 286 41.06 21.01 31.70
N ALA A 287 41.34 20.03 32.58
CA ALA A 287 42.46 19.10 32.36
C ALA A 287 42.25 18.29 31.09
N ARG A 288 43.33 18.01 30.34
CA ARG A 288 43.22 17.35 29.05
C ARG A 288 44.07 16.07 29.00
N SER B 2 -37.30 -20.38 -26.41
CA SER B 2 -37.89 -19.73 -25.20
C SER B 2 -38.91 -18.66 -25.60
N VAL B 3 -40.20 -18.99 -25.35
CA VAL B 3 -41.34 -18.10 -25.54
C VAL B 3 -41.12 -16.84 -24.69
N LEU B 4 -41.30 -15.68 -25.29
CA LEU B 4 -41.11 -14.43 -24.57
C LEU B 4 -42.39 -14.13 -23.80
N THR B 5 -42.22 -13.88 -22.50
CA THR B 5 -43.34 -13.60 -21.60
C THR B 5 -43.87 -12.19 -21.89
N GLY B 6 -42.95 -11.26 -22.03
CA GLY B 6 -43.19 -9.94 -22.58
C GLY B 6 -41.91 -9.54 -23.29
N ASP B 7 -41.80 -8.30 -23.78
CA ASP B 7 -40.52 -7.87 -24.31
C ASP B 7 -39.46 -8.12 -23.22
N ASN B 8 -38.51 -9.00 -23.52
CA ASN B 8 -37.47 -9.37 -22.59
C ASN B 8 -36.65 -8.14 -22.21
N GLN B 9 -36.15 -7.47 -23.26
CA GLN B 9 -35.18 -6.40 -23.18
C GLN B 9 -35.84 -5.11 -22.70
N GLN B 10 -35.22 -4.45 -21.72
CA GLN B 10 -35.74 -3.20 -21.17
C GLN B 10 -35.48 -2.06 -22.17
N ARG B 11 -34.23 -1.91 -22.65
CA ARG B 11 -33.95 -1.00 -23.75
C ARG B 11 -34.73 -1.53 -24.96
N GLY B 12 -35.30 -0.59 -25.73
CA GLY B 12 -36.35 -0.90 -26.69
C GLY B 12 -35.89 -0.80 -28.15
N SER B 13 -36.25 -1.83 -28.92
CA SER B 13 -36.16 -1.85 -30.37
C SER B 13 -36.97 -3.04 -30.86
N LYS B 14 -37.04 -3.22 -32.18
CA LYS B 14 -37.66 -4.42 -32.75
C LYS B 14 -36.87 -5.66 -32.32
N LEU B 15 -37.61 -6.69 -31.88
CA LEU B 15 -37.03 -7.88 -31.26
C LEU B 15 -37.29 -9.10 -32.14
N PHE B 16 -36.26 -9.94 -32.36
CA PHE B 16 -36.33 -11.06 -33.29
C PHE B 16 -35.90 -12.38 -32.65
N LYS B 17 -36.84 -13.34 -32.60
CA LYS B 17 -36.59 -14.66 -32.06
C LYS B 17 -35.61 -15.36 -32.99
N ILE B 18 -34.64 -16.05 -32.40
CA ILE B 18 -33.66 -16.79 -33.15
C ILE B 18 -33.61 -18.18 -32.55
N THR B 19 -33.57 -19.21 -33.39
CA THR B 19 -33.41 -20.57 -32.92
C THR B 19 -32.07 -21.11 -33.41
N ILE B 20 -31.23 -21.64 -32.49
CA ILE B 20 -29.88 -22.07 -32.82
C ILE B 20 -29.67 -23.51 -32.38
N ALA B 21 -29.05 -24.33 -33.22
CA ALA B 21 -28.48 -25.60 -32.78
C ALA B 21 -27.30 -25.29 -31.85
N LEU B 22 -27.16 -26.03 -30.76
CA LEU B 22 -26.24 -25.58 -29.71
C LEU B 22 -25.01 -26.48 -29.64
N SER B 23 -23.83 -25.86 -29.80
CA SER B 23 -22.56 -26.51 -29.55
C SER B 23 -22.39 -26.73 -28.05
N PRO B 24 -21.54 -27.70 -27.63
CA PRO B 24 -21.19 -27.86 -26.21
C PRO B 24 -20.51 -26.62 -25.65
N THR B 25 -19.71 -25.98 -26.49
CA THR B 25 -18.91 -24.81 -26.13
C THR B 25 -19.83 -23.65 -25.76
N LEU B 26 -20.91 -23.46 -26.52
CA LEU B 26 -21.81 -22.34 -26.32
C LEU B 26 -22.45 -22.38 -24.92
N ALA B 27 -22.83 -23.59 -24.45
CA ALA B 27 -23.41 -23.77 -23.12
C ALA B 27 -22.78 -24.98 -22.45
N HIS B 28 -21.47 -24.90 -22.22
CA HIS B 28 -20.75 -25.93 -21.50
C HIS B 28 -21.37 -26.05 -20.11
N HIS B 29 -21.61 -27.30 -19.67
CA HIS B 29 -21.99 -27.56 -18.30
C HIS B 29 -20.74 -27.52 -17.42
N PRO B 30 -20.87 -27.12 -16.13
CA PRO B 30 -19.70 -26.92 -15.27
C PRO B 30 -19.27 -28.25 -14.68
N TRP B 31 -18.77 -29.15 -15.54
CA TRP B 31 -18.60 -30.55 -15.19
C TRP B 31 -17.19 -31.03 -15.52
N PRO B 32 -16.69 -32.04 -14.75
CA PRO B 32 -15.41 -32.67 -15.05
C PRO B 32 -15.48 -33.45 -16.35
N GLY B 33 -14.37 -33.45 -17.10
CA GLY B 33 -14.30 -34.07 -18.41
C GLY B 33 -14.87 -33.15 -19.50
N LEU B 34 -15.08 -33.69 -20.70
CA LEU B 34 -15.57 -32.92 -21.83
C LEU B 34 -16.96 -32.38 -21.53
N ASP B 35 -17.13 -31.06 -21.69
CA ASP B 35 -18.39 -30.43 -21.35
C ASP B 35 -19.45 -30.88 -22.36
N THR B 36 -20.69 -30.97 -21.86
CA THR B 36 -21.83 -31.40 -22.64
C THR B 36 -22.88 -30.29 -22.60
N HIS B 37 -23.37 -29.87 -23.76
CA HIS B 37 -24.51 -28.96 -23.83
C HIS B 37 -25.78 -29.73 -23.44
N GLU B 38 -26.79 -28.98 -22.99
CA GLU B 38 -28.02 -29.48 -22.38
C GLU B 38 -28.67 -30.65 -23.14
N PRO B 39 -29.28 -31.63 -22.42
CA PRO B 39 -30.03 -32.71 -23.04
C PRO B 39 -31.35 -32.23 -23.66
N SER B 40 -32.08 -31.40 -22.89
CA SER B 40 -33.42 -30.99 -23.29
C SER B 40 -33.32 -30.03 -24.47
N GLN B 41 -32.57 -28.94 -24.31
CA GLN B 41 -32.49 -27.97 -25.39
C GLN B 41 -31.18 -28.19 -26.14
N SER B 42 -31.27 -28.76 -27.36
CA SER B 42 -30.19 -28.72 -28.33
C SER B 42 -30.42 -27.56 -29.29
N SER B 43 -31.57 -26.89 -29.10
CA SER B 43 -32.00 -25.75 -29.89
C SER B 43 -32.48 -24.63 -28.97
N TYR B 44 -31.52 -23.89 -28.41
CA TYR B 44 -31.83 -22.73 -27.58
C TYR B 44 -32.52 -21.71 -28.47
N SER B 45 -33.63 -21.16 -28.02
CA SER B 45 -34.33 -20.12 -28.77
C SER B 45 -34.37 -18.85 -27.93
N THR B 46 -33.92 -17.72 -28.52
CA THR B 46 -33.66 -16.50 -27.79
C THR B 46 -34.37 -15.33 -28.47
N ILE B 47 -34.75 -14.31 -27.68
CA ILE B 47 -35.25 -13.05 -28.23
C ILE B 47 -34.14 -12.01 -28.17
N VAL B 48 -33.81 -11.40 -29.32
CA VAL B 48 -32.73 -10.41 -29.39
C VAL B 48 -33.21 -9.11 -30.03
N SER B 49 -32.69 -7.98 -29.53
CA SER B 49 -32.86 -6.67 -30.14
C SER B 49 -32.06 -6.59 -31.44
N LEU B 50 -32.50 -5.75 -32.38
CA LEU B 50 -31.84 -5.64 -33.66
C LEU B 50 -30.37 -5.27 -33.48
N GLU B 51 -30.11 -4.32 -32.57
CA GLU B 51 -28.77 -3.81 -32.35
C GLU B 51 -27.85 -4.98 -31.98
N ARG B 52 -28.31 -5.80 -31.02
CA ARG B 52 -27.55 -6.93 -30.53
C ARG B 52 -27.57 -8.09 -31.52
N LEU B 53 -28.48 -8.05 -32.51
CA LEU B 53 -28.71 -9.18 -33.38
C LEU B 53 -27.39 -9.57 -34.05
N LEU B 54 -26.68 -8.59 -34.60
CA LEU B 54 -25.49 -8.88 -35.36
C LEU B 54 -24.44 -9.51 -34.44
N PRO B 55 -24.10 -8.90 -33.28
CA PRO B 55 -23.15 -9.54 -32.35
C PRO B 55 -23.54 -10.96 -31.97
N GLU B 56 -24.82 -11.17 -31.61
CA GLU B 56 -25.29 -12.47 -31.18
C GLU B 56 -25.00 -13.49 -32.27
N MET B 57 -25.37 -13.12 -33.50
CA MET B 57 -25.24 -14.03 -34.63
C MET B 57 -23.78 -14.37 -34.91
N THR B 58 -22.90 -13.37 -34.84
CA THR B 58 -21.49 -13.58 -35.15
C THR B 58 -20.86 -14.52 -34.12
N ARG B 59 -21.21 -14.33 -32.84
CA ARG B 59 -20.70 -15.18 -31.77
C ARG B 59 -21.22 -16.60 -31.95
N ILE B 60 -22.51 -16.72 -32.30
CA ILE B 60 -23.11 -18.02 -32.59
C ILE B 60 -22.34 -18.69 -33.73
N LYS B 61 -21.96 -17.90 -34.75
CA LYS B 61 -21.40 -18.44 -35.96
C LYS B 61 -20.01 -19.04 -35.73
N ARG B 62 -19.16 -18.35 -34.96
CA ARG B 62 -17.80 -18.83 -34.73
C ARG B 62 -17.84 -20.06 -33.83
N ASN B 63 -18.79 -20.08 -32.88
CA ASN B 63 -19.11 -21.31 -32.17
C ASN B 63 -19.74 -22.28 -33.18
N GLY B 64 -19.63 -23.59 -32.91
CA GLY B 64 -20.02 -24.62 -33.86
C GLY B 64 -21.48 -24.52 -34.35
N GLY B 65 -22.39 -24.13 -33.46
CA GLY B 65 -23.82 -24.16 -33.74
C GLY B 65 -24.26 -23.14 -34.78
N ARG B 66 -25.27 -23.51 -35.58
CA ARG B 66 -25.76 -22.70 -36.69
C ARG B 66 -27.23 -22.36 -36.48
N ILE B 67 -27.66 -21.19 -36.98
CA ILE B 67 -29.05 -20.78 -36.91
C ILE B 67 -29.92 -21.83 -37.62
N LEU B 68 -30.81 -22.47 -36.85
CA LEU B 68 -31.87 -23.26 -37.42
C LEU B 68 -32.80 -22.34 -38.23
N GLU B 69 -33.34 -21.29 -37.58
CA GLU B 69 -34.27 -20.34 -38.18
C GLU B 69 -34.17 -18.98 -37.51
N ILE B 70 -34.70 -17.92 -38.16
CA ILE B 70 -34.90 -16.62 -37.55
C ILE B 70 -36.35 -16.20 -37.73
N THR B 71 -36.96 -15.72 -36.65
CA THR B 71 -38.32 -15.23 -36.65
C THR B 71 -38.33 -13.91 -35.90
N GLU B 72 -39.16 -12.96 -36.33
CA GLU B 72 -39.39 -11.75 -35.55
C GLU B 72 -40.04 -12.16 -34.23
N GLY B 73 -39.68 -11.47 -33.14
CA GLY B 73 -40.04 -11.95 -31.82
C GLY B 73 -41.53 -11.78 -31.54
N GLU B 74 -42.15 -10.75 -32.13
CA GLU B 74 -43.56 -10.47 -31.89
C GLU B 74 -44.42 -11.39 -32.79
N MET C 1 -35.79 -31.07 -6.64
CA MET C 1 -36.33 -32.16 -7.52
C MET C 1 -37.38 -32.94 -6.76
N GLN C 2 -37.39 -34.28 -6.80
CA GLN C 2 -38.42 -35.07 -6.16
C GLN C 2 -37.82 -36.39 -5.66
N ASP C 3 -38.55 -37.03 -4.75
CA ASP C 3 -38.23 -38.38 -4.32
C ASP C 3 -39.48 -38.96 -3.66
N ALA C 4 -39.38 -40.22 -3.23
CA ALA C 4 -40.53 -40.99 -2.76
C ALA C 4 -41.36 -40.19 -1.75
N PHE C 5 -40.69 -39.69 -0.69
CA PHE C 5 -41.38 -38.96 0.37
C PHE C 5 -42.09 -37.76 -0.21
N THR C 6 -41.29 -36.80 -0.69
CA THR C 6 -41.78 -35.53 -1.23
C THR C 6 -43.01 -35.80 -2.07
N LYS C 7 -42.87 -36.77 -2.99
CA LYS C 7 -43.92 -37.14 -3.92
C LYS C 7 -45.25 -37.32 -3.19
N ALA C 8 -45.26 -38.27 -2.24
CA ALA C 8 -46.47 -38.63 -1.53
C ALA C 8 -47.09 -37.37 -0.93
N ILE C 9 -46.26 -36.56 -0.27
CA ILE C 9 -46.66 -35.25 0.22
C ILE C 9 -47.48 -34.55 -0.86
N VAL C 10 -46.82 -34.29 -2.00
CA VAL C 10 -47.40 -33.43 -3.02
C VAL C 10 -48.81 -33.91 -3.32
N ALA C 11 -48.94 -35.19 -3.66
CA ALA C 11 -50.24 -35.81 -3.89
C ALA C 11 -51.22 -35.37 -2.81
N ALA C 12 -50.86 -35.65 -1.54
CA ALA C 12 -51.71 -35.36 -0.40
C ALA C 12 -52.15 -33.90 -0.42
N ASP C 13 -51.21 -33.01 -0.77
CA ASP C 13 -51.46 -31.58 -0.77
C ASP C 13 -52.66 -31.21 -1.62
N LEU C 14 -52.74 -31.80 -2.83
CA LEU C 14 -53.72 -31.38 -3.82
C LEU C 14 -55.12 -31.80 -3.40
N ARG C 15 -55.19 -32.97 -2.75
CA ARG C 15 -56.41 -33.43 -2.10
C ARG C 15 -56.77 -32.46 -0.97
N GLY C 16 -55.74 -31.83 -0.38
CA GLY C 16 -55.92 -30.79 0.63
C GLY C 16 -55.96 -31.39 2.03
N SER C 17 -55.41 -32.61 2.17
CA SER C 17 -55.61 -33.41 3.36
C SER C 17 -54.29 -33.71 4.04
N PHE C 18 -54.40 -34.08 5.33
CA PHE C 18 -53.29 -34.67 6.06
C PHE C 18 -53.02 -36.03 5.42
N LEU C 19 -51.81 -36.56 5.66
CA LEU C 19 -51.44 -37.83 5.08
C LEU C 19 -52.30 -38.94 5.67
N SER C 20 -52.81 -39.80 4.78
CA SER C 20 -53.57 -40.98 5.18
C SER C 20 -52.63 -41.90 5.96
N GLU C 21 -53.21 -42.63 6.94
CA GLU C 21 -52.44 -43.53 7.78
C GLU C 21 -51.85 -44.61 6.87
N GLN C 22 -52.69 -45.18 5.98
CA GLN C 22 -52.22 -46.11 4.97
C GLN C 22 -50.92 -45.60 4.35
N GLU C 23 -50.92 -44.33 3.89
CA GLU C 23 -49.81 -43.75 3.15
C GLU C 23 -48.53 -43.68 3.98
N LEU C 24 -48.69 -43.25 5.24
CA LEU C 24 -47.59 -43.28 6.20
C LEU C 24 -46.93 -44.65 6.17
N ASN C 25 -47.73 -45.72 6.19
CA ASN C 25 -47.22 -47.08 6.31
C ASN C 25 -46.39 -47.47 5.10
N GLN C 26 -46.59 -46.81 3.94
CA GLN C 26 -45.68 -46.98 2.81
C GLN C 26 -44.31 -46.47 3.20
N LEU C 27 -44.30 -45.26 3.75
CA LEU C 27 -43.06 -44.57 4.07
C LEU C 27 -42.40 -45.27 5.25
N THR C 28 -43.18 -45.60 6.29
CA THR C 28 -42.67 -46.30 7.46
C THR C 28 -41.84 -47.52 7.03
N ASN C 29 -42.44 -48.37 6.17
CA ASN C 29 -41.75 -49.56 5.71
C ASN C 29 -40.56 -49.18 4.85
N LEU C 30 -40.70 -48.16 4.00
CA LEU C 30 -39.62 -47.71 3.13
C LEU C 30 -38.37 -47.44 3.97
N VAL C 31 -38.57 -46.75 5.10
CA VAL C 31 -37.53 -46.45 6.07
C VAL C 31 -36.81 -47.74 6.46
N LYS C 32 -37.58 -48.75 6.88
CA LYS C 32 -37.05 -50.00 7.39
C LYS C 32 -36.01 -50.57 6.41
N GLU C 33 -36.32 -50.47 5.11
CA GLU C 33 -35.47 -51.04 4.06
C GLU C 33 -34.22 -50.18 3.86
N SER C 34 -34.27 -48.90 4.23
CA SER C 34 -33.16 -47.98 4.07
C SER C 34 -31.85 -48.74 3.96
N ASN C 35 -31.45 -49.38 5.08
CA ASN C 35 -30.13 -49.97 5.20
C ASN C 35 -29.82 -50.75 3.92
N LYS C 36 -30.74 -51.66 3.55
CA LYS C 36 -30.61 -52.40 2.31
C LYS C 36 -30.43 -51.40 1.19
N ARG C 37 -31.44 -50.53 0.97
CA ARG C 37 -31.38 -49.52 -0.07
C ARG C 37 -29.95 -48.99 -0.17
N LEU C 38 -29.44 -48.43 0.94
CA LEU C 38 -28.14 -47.78 0.93
C LEU C 38 -27.09 -48.70 0.34
N ASP C 39 -26.88 -49.87 0.96
CA ASP C 39 -25.85 -50.80 0.51
C ASP C 39 -25.91 -50.98 -1.00
N ALA C 40 -27.12 -51.16 -1.53
CA ALA C 40 -27.29 -51.28 -2.96
C ALA C 40 -26.52 -50.17 -3.65
N VAL C 41 -26.89 -48.91 -3.34
CA VAL C 41 -26.24 -47.75 -3.92
C VAL C 41 -24.73 -47.91 -3.77
N ASN C 42 -24.29 -48.11 -2.52
CA ASN C 42 -22.87 -48.21 -2.20
C ASN C 42 -22.18 -49.17 -3.17
N ALA C 43 -22.80 -50.33 -3.40
CA ALA C 43 -22.23 -51.34 -4.28
C ALA C 43 -21.96 -50.76 -5.66
N ILE C 44 -22.96 -50.06 -6.24
CA ILE C 44 -22.78 -49.49 -7.56
C ILE C 44 -21.59 -48.55 -7.54
N THR C 45 -21.68 -47.50 -6.72
CA THR C 45 -20.67 -46.46 -6.64
C THR C 45 -19.29 -47.09 -6.48
N GLY C 46 -19.19 -48.10 -5.61
CA GLY C 46 -17.92 -48.76 -5.32
C GLY C 46 -17.30 -49.39 -6.58
N ASN C 47 -18.14 -49.93 -7.46
CA ASN C 47 -17.64 -50.69 -8.58
C ASN C 47 -17.68 -49.85 -9.85
N ALA C 48 -18.25 -48.64 -9.76
CA ALA C 48 -18.56 -47.81 -10.91
C ALA C 48 -17.58 -48.08 -12.05
N ALA C 49 -16.35 -47.58 -11.93
CA ALA C 49 -15.37 -47.64 -13.01
C ALA C 49 -15.53 -48.94 -13.79
N GLU C 50 -15.47 -50.04 -13.04
CA GLU C 50 -15.50 -51.38 -13.58
C GLU C 50 -16.76 -51.57 -14.43
N ILE C 51 -17.93 -51.41 -13.79
CA ILE C 51 -19.21 -51.61 -14.47
C ILE C 51 -19.07 -51.10 -15.89
N ILE C 52 -18.76 -49.81 -16.02
CA ILE C 52 -18.58 -49.18 -17.31
C ILE C 52 -17.55 -49.98 -18.10
N SER C 53 -16.29 -49.92 -17.68
CA SER C 53 -15.22 -50.58 -18.42
C SER C 53 -15.79 -51.83 -19.06
N ASP C 54 -16.30 -52.73 -18.20
CA ASP C 54 -16.86 -54.00 -18.63
C ASP C 54 -17.84 -53.77 -19.78
N ALA C 55 -18.97 -53.10 -19.48
CA ALA C 55 -20.03 -52.91 -20.46
C ALA C 55 -19.45 -52.51 -21.82
N ALA C 56 -18.59 -51.49 -21.81
CA ALA C 56 -17.94 -50.99 -23.03
C ALA C 56 -17.36 -52.15 -23.83
N HIS C 57 -16.38 -52.86 -23.23
CA HIS C 57 -15.73 -53.98 -23.90
C HIS C 57 -16.74 -54.78 -24.71
N LYS C 58 -17.81 -55.20 -24.02
CA LYS C 58 -18.83 -56.04 -24.60
C LYS C 58 -19.55 -55.28 -25.71
N LEU C 59 -19.89 -54.02 -25.46
CA LEU C 59 -20.56 -53.21 -26.47
C LEU C 59 -19.76 -53.26 -27.78
N PHE C 60 -18.45 -53.10 -27.69
CA PHE C 60 -17.63 -52.90 -28.88
C PHE C 60 -17.29 -54.23 -29.55
N ALA C 61 -17.20 -55.30 -28.76
CA ALA C 61 -17.06 -56.64 -29.32
C ALA C 61 -18.26 -56.94 -30.22
N GLU C 62 -19.47 -56.52 -29.80
CA GLU C 62 -20.70 -56.78 -30.53
C GLU C 62 -20.75 -55.93 -31.80
N GLN C 63 -20.76 -54.60 -31.63
CA GLN C 63 -20.97 -53.68 -32.74
C GLN C 63 -19.63 -53.12 -33.22
N THR C 64 -18.85 -53.98 -33.87
CA THR C 64 -17.49 -53.64 -34.28
C THR C 64 -17.44 -52.36 -35.09
N ASP C 65 -18.47 -52.08 -35.91
CA ASP C 65 -18.47 -50.93 -36.80
C ASP C 65 -18.32 -49.60 -36.05
N LEU C 66 -18.86 -49.52 -34.83
CA LEU C 66 -18.87 -48.28 -34.07
C LEU C 66 -17.44 -47.75 -33.98
N ILE C 67 -16.48 -48.67 -33.86
CA ILE C 67 -15.09 -48.34 -33.65
C ILE C 67 -14.33 -48.30 -34.98
N ARG C 68 -15.02 -48.57 -36.11
CA ARG C 68 -14.33 -48.54 -37.39
C ARG C 68 -14.49 -47.14 -38.00
N PRO C 69 -13.56 -46.72 -38.87
CA PRO C 69 -13.63 -45.41 -39.50
C PRO C 69 -14.99 -45.28 -40.16
N GLY C 70 -15.67 -44.15 -39.93
CA GLY C 70 -17.00 -43.91 -40.46
C GLY C 70 -18.09 -44.23 -39.44
N GLY C 71 -17.76 -45.04 -38.41
CA GLY C 71 -18.69 -45.36 -37.35
C GLY C 71 -18.87 -44.18 -36.41
N ASN C 72 -19.68 -44.34 -35.37
CA ASN C 72 -19.98 -43.21 -34.50
C ASN C 72 -19.01 -43.11 -33.33
N ALA C 73 -18.39 -44.21 -32.91
CA ALA C 73 -17.48 -44.20 -31.76
C ALA C 73 -16.08 -43.77 -32.17
N TYR C 74 -15.80 -43.79 -33.48
CA TYR C 74 -14.56 -43.30 -34.05
C TYR C 74 -14.66 -41.80 -34.32
N PRO C 75 -13.58 -40.99 -34.24
CA PRO C 75 -12.27 -41.40 -33.69
C PRO C 75 -12.22 -41.25 -32.17
N ASN C 76 -11.02 -41.14 -31.61
CA ASN C 76 -10.86 -41.00 -30.17
C ASN C 76 -11.89 -40.05 -29.59
N ARG C 77 -11.86 -38.78 -30.04
CA ARG C 77 -12.74 -37.76 -29.50
C ARG C 77 -14.11 -38.37 -29.20
N ARG C 78 -14.72 -38.92 -30.24
CA ARG C 78 -16.06 -39.46 -30.14
C ARG C 78 -16.06 -40.55 -29.08
N MET C 79 -15.18 -41.54 -29.26
CA MET C 79 -15.09 -42.62 -28.29
C MET C 79 -15.27 -42.05 -26.89
N ALA C 80 -14.41 -41.07 -26.55
CA ALA C 80 -14.40 -40.49 -25.22
C ALA C 80 -15.83 -40.13 -24.82
N ALA C 81 -16.47 -39.29 -25.63
CA ALA C 81 -17.85 -38.90 -25.38
C ALA C 81 -18.64 -40.14 -24.99
N CYS C 82 -18.65 -41.14 -25.87
CA CYS C 82 -19.51 -42.30 -25.69
C CYS C 82 -19.30 -42.90 -24.31
N LEU C 83 -18.04 -42.99 -23.86
CA LEU C 83 -17.75 -43.51 -22.54
C LEU C 83 -18.40 -42.61 -21.50
N ARG C 84 -18.01 -41.34 -21.56
CA ARG C 84 -18.56 -40.35 -20.66
C ARG C 84 -20.07 -40.54 -20.54
N ASP C 85 -20.77 -40.54 -21.67
CA ASP C 85 -22.21 -40.65 -21.67
C ASP C 85 -22.66 -41.81 -20.79
N MET C 86 -22.19 -43.02 -21.13
CA MET C 86 -22.61 -44.20 -20.39
C MET C 86 -22.56 -43.87 -18.90
N GLU C 87 -21.37 -43.47 -18.44
CA GLU C 87 -21.15 -43.10 -17.06
C GLU C 87 -22.32 -42.26 -16.58
N ILE C 88 -22.55 -41.11 -17.24
CA ILE C 88 -23.55 -40.17 -16.79
C ILE C 88 -24.83 -40.94 -16.45
N ILE C 89 -25.37 -41.57 -17.47
CA ILE C 89 -26.61 -42.32 -17.33
C ILE C 89 -26.55 -43.10 -16.02
N LEU C 90 -25.47 -43.87 -15.86
CA LEU C 90 -25.28 -44.66 -14.65
C LEU C 90 -25.45 -43.76 -13.44
N ARG C 91 -24.62 -42.72 -13.36
CA ARG C 91 -24.65 -41.78 -12.25
C ARG C 91 -26.10 -41.49 -11.87
N TYR C 92 -26.88 -41.01 -12.84
CA TYR C 92 -28.26 -40.69 -12.58
C TYR C 92 -28.97 -41.89 -11.98
N VAL C 93 -29.00 -42.99 -12.72
CA VAL C 93 -29.68 -44.17 -12.25
C VAL C 93 -29.43 -44.29 -10.75
N SER C 94 -28.15 -44.35 -10.36
CA SER C 94 -27.82 -44.42 -8.94
C SER C 94 -28.68 -43.43 -8.19
N TYR C 95 -28.54 -42.13 -8.51
CA TYR C 95 -29.30 -41.09 -7.82
C TYR C 95 -30.71 -41.58 -7.57
N ALA C 96 -31.43 -41.87 -8.66
CA ALA C 96 -32.80 -42.34 -8.56
C ALA C 96 -32.88 -43.38 -7.45
N LEU C 97 -32.03 -44.41 -7.57
CA LEU C 97 -32.10 -45.57 -6.69
C LEU C 97 -32.17 -45.13 -5.23
N LEU C 98 -31.34 -44.13 -4.89
CA LEU C 98 -31.33 -43.60 -3.53
C LEU C 98 -32.67 -42.93 -3.25
N ALA C 99 -33.06 -41.99 -4.11
CA ALA C 99 -34.26 -41.20 -3.91
C ALA C 99 -35.45 -42.11 -3.67
N GLY C 100 -35.50 -43.22 -4.42
CA GLY C 100 -36.66 -44.08 -4.46
C GLY C 100 -37.68 -43.55 -5.46
N ASP C 101 -37.19 -42.90 -6.52
CA ASP C 101 -38.04 -42.28 -7.52
C ASP C 101 -37.29 -42.09 -8.84
N ALA C 102 -38.00 -42.34 -9.94
CA ALA C 102 -37.48 -42.17 -11.28
C ALA C 102 -37.15 -40.70 -11.59
N SER C 103 -38.00 -39.77 -11.13
CA SER C 103 -38.01 -38.38 -11.56
C SER C 103 -36.59 -37.92 -11.90
N VAL C 104 -35.80 -37.60 -10.86
CA VAL C 104 -34.46 -37.05 -11.03
C VAL C 104 -33.83 -37.57 -12.33
N LEU C 105 -33.85 -38.89 -12.52
CA LEU C 105 -33.30 -39.53 -13.70
C LEU C 105 -33.94 -39.00 -14.97
N GLU C 106 -35.27 -39.04 -15.01
CA GLU C 106 -36.03 -38.63 -16.18
C GLU C 106 -35.68 -37.18 -16.57
N ASP C 107 -35.67 -36.30 -15.58
CA ASP C 107 -35.76 -34.87 -15.77
C ASP C 107 -34.40 -34.35 -16.18
N ARG C 108 -33.38 -34.58 -15.34
CA ARG C 108 -32.06 -34.05 -15.59
C ARG C 108 -31.21 -35.05 -16.35
N CYS C 109 -31.72 -36.16 -16.90
CA CYS C 109 -30.90 -36.98 -17.76
C CYS C 109 -31.63 -37.36 -19.06
N LEU C 110 -32.72 -38.10 -18.94
CA LEU C 110 -33.33 -38.78 -20.07
C LEU C 110 -34.03 -37.82 -21.03
N ASN C 111 -34.61 -36.75 -20.49
CA ASN C 111 -35.54 -35.96 -21.28
C ASN C 111 -34.80 -35.28 -22.42
N GLY C 112 -35.21 -35.56 -23.66
CA GLY C 112 -34.59 -34.94 -24.83
C GLY C 112 -33.32 -35.66 -25.27
N LEU C 113 -32.90 -36.68 -24.52
CA LEU C 113 -31.66 -37.37 -24.84
C LEU C 113 -31.79 -37.99 -26.23
N LYS C 114 -32.90 -38.70 -26.44
CA LYS C 114 -33.17 -39.35 -27.71
C LYS C 114 -32.86 -38.39 -28.86
N GLU C 115 -33.44 -37.20 -28.77
CA GLU C 115 -33.49 -36.26 -29.87
C GLU C 115 -32.09 -35.79 -30.18
N THR C 116 -31.36 -35.42 -29.13
CA THR C 116 -29.95 -35.12 -29.23
C THR C 116 -29.29 -36.20 -30.08
N TYR C 117 -29.36 -37.44 -29.58
CA TYR C 117 -28.67 -38.54 -30.23
C TYR C 117 -29.03 -38.57 -31.71
N VAL C 118 -30.31 -38.40 -31.99
CA VAL C 118 -30.79 -38.39 -33.35
C VAL C 118 -30.05 -37.32 -34.15
N ALA C 119 -30.12 -36.08 -33.67
CA ALA C 119 -29.55 -34.95 -34.40
C ALA C 119 -28.08 -35.21 -34.73
N LEU C 120 -27.35 -35.79 -33.77
CA LEU C 120 -25.94 -36.08 -33.93
C LEU C 120 -25.71 -37.16 -34.99
N GLY C 121 -26.66 -38.08 -35.10
CA GLY C 121 -26.52 -39.26 -35.95
C GLY C 121 -26.04 -40.46 -35.14
N THR C 122 -25.91 -40.29 -33.82
CA THR C 122 -25.68 -41.40 -32.92
C THR C 122 -26.82 -42.39 -33.06
N PRO C 123 -26.53 -43.70 -33.21
CA PRO C 123 -27.58 -44.73 -33.30
C PRO C 123 -28.17 -45.04 -31.93
N THR C 124 -29.41 -44.58 -31.71
CA THR C 124 -30.06 -44.69 -30.42
C THR C 124 -30.05 -46.15 -29.94
N ARG C 125 -30.28 -47.07 -30.88
CA ARG C 125 -30.34 -48.49 -30.60
C ARG C 125 -29.16 -48.92 -29.75
N SER C 126 -27.96 -48.62 -30.28
CA SER C 126 -26.72 -49.04 -29.67
C SER C 126 -26.63 -48.48 -28.24
N VAL C 127 -26.97 -47.20 -28.09
CA VAL C 127 -26.94 -46.56 -26.78
C VAL C 127 -27.75 -47.44 -25.83
N ALA C 128 -29.02 -47.69 -26.19
CA ALA C 128 -29.91 -48.50 -25.37
C ALA C 128 -29.19 -49.78 -24.97
N ARG C 129 -28.66 -50.49 -25.98
CA ARG C 129 -27.94 -51.74 -25.75
C ARG C 129 -26.97 -51.56 -24.58
N ALA C 130 -26.07 -50.56 -24.71
CA ALA C 130 -25.07 -50.28 -23.70
C ALA C 130 -25.73 -50.21 -22.33
N VAL C 131 -26.80 -49.41 -22.21
CA VAL C 131 -27.51 -49.25 -20.95
C VAL C 131 -27.77 -50.63 -20.34
N GLN C 132 -28.36 -51.54 -21.13
CA GLN C 132 -28.66 -52.87 -20.62
C GLN C 132 -27.37 -53.54 -20.16
N LEU C 133 -26.38 -53.64 -21.06
CA LEU C 133 -25.11 -54.25 -20.72
C LEU C 133 -24.72 -53.80 -19.32
N MET C 134 -24.69 -52.48 -19.12
CA MET C 134 -24.43 -51.91 -17.81
C MET C 134 -25.37 -52.58 -16.80
N LYS C 135 -26.68 -52.44 -17.00
CA LYS C 135 -27.65 -52.98 -16.05
C LYS C 135 -27.14 -54.29 -15.45
N GLU C 136 -26.91 -55.28 -16.32
CA GLU C 136 -26.67 -56.66 -15.90
C GLU C 136 -25.45 -56.74 -14.99
N THR C 137 -24.36 -56.11 -15.43
CA THR C 137 -23.12 -56.07 -14.68
C THR C 137 -23.39 -55.49 -13.30
N ALA C 138 -24.06 -54.33 -13.28
CA ALA C 138 -24.37 -53.61 -12.05
C ALA C 138 -25.09 -54.53 -11.08
N ILE C 139 -26.24 -55.05 -11.50
CA ILE C 139 -27.00 -55.99 -10.69
C ILE C 139 -26.04 -57.03 -10.11
N GLY C 140 -25.22 -57.63 -10.99
CA GLY C 140 -24.18 -58.56 -10.60
C GLY C 140 -23.56 -58.22 -9.24
N TYR C 141 -23.13 -56.97 -9.07
CA TYR C 141 -22.50 -56.52 -7.84
C TYR C 141 -23.53 -56.33 -6.74
N VAL C 142 -24.56 -55.50 -7.02
CA VAL C 142 -25.61 -55.26 -6.05
C VAL C 142 -25.94 -56.55 -5.33
N ASN C 143 -25.98 -57.66 -6.09
CA ASN C 143 -26.69 -58.85 -5.64
C ASN C 143 -25.75 -59.90 -5.03
N SER C 144 -24.42 -59.69 -5.13
CA SER C 144 -23.47 -60.72 -4.74
C SER C 144 -22.36 -60.17 -3.83
N PRO C 145 -22.64 -59.24 -2.89
CA PRO C 145 -21.57 -58.63 -2.11
C PRO C 145 -20.98 -59.55 -1.05
N SER C 146 -19.94 -59.05 -0.38
CA SER C 146 -19.15 -59.77 0.59
C SER C 146 -19.06 -58.91 1.85
N GLY C 147 -19.30 -59.52 3.02
CA GLY C 147 -19.14 -58.84 4.29
C GLY C 147 -20.37 -58.03 4.70
N VAL C 148 -21.38 -58.02 3.83
CA VAL C 148 -22.69 -57.52 4.20
C VAL C 148 -23.46 -58.69 4.83
N THR C 149 -24.28 -58.32 5.83
CA THR C 149 -25.25 -59.22 6.44
C THR C 149 -26.16 -59.80 5.35
N ARG C 150 -26.29 -61.15 5.34
CA ARG C 150 -26.99 -61.84 4.28
C ARG C 150 -28.50 -61.69 4.49
N GLY C 151 -29.21 -61.44 3.39
CA GLY C 151 -30.66 -61.30 3.37
C GLY C 151 -31.16 -61.17 1.93
N ASP C 152 -32.43 -60.78 1.76
CA ASP C 152 -33.04 -60.64 0.44
C ASP C 152 -33.11 -59.18 0.00
N CYS C 153 -32.50 -58.87 -1.14
CA CYS C 153 -32.53 -57.51 -1.67
C CYS C 153 -33.43 -57.39 -2.90
N SER C 154 -33.99 -58.53 -3.37
CA SER C 154 -34.79 -58.59 -4.59
C SER C 154 -35.55 -57.29 -4.84
N ALA C 155 -36.44 -56.93 -3.89
CA ALA C 155 -37.30 -55.76 -4.01
C ALA C 155 -36.54 -54.59 -4.64
N LEU C 156 -35.39 -54.27 -4.03
CA LEU C 156 -34.51 -53.21 -4.49
C LEU C 156 -33.94 -53.53 -5.86
N VAL C 157 -33.41 -54.75 -6.02
CA VAL C 157 -32.87 -55.20 -7.29
C VAL C 157 -33.83 -54.88 -8.43
N ASN C 158 -35.12 -55.19 -8.27
CA ASN C 158 -36.09 -55.03 -9.36
C ASN C 158 -36.26 -53.54 -9.68
N GLU C 159 -36.48 -52.74 -8.64
CA GLU C 159 -36.59 -51.29 -8.77
C GLU C 159 -35.38 -50.75 -9.53
N ALA C 160 -34.17 -51.18 -9.14
CA ALA C 160 -32.97 -50.86 -9.89
C ALA C 160 -33.22 -51.14 -11.38
N ALA C 161 -33.48 -52.41 -11.71
CA ALA C 161 -33.78 -52.79 -13.08
C ALA C 161 -34.64 -51.70 -13.73
N THR C 162 -35.85 -51.47 -13.16
CA THR C 162 -36.82 -50.59 -13.78
C THR C 162 -36.15 -49.29 -14.23
N TYR C 163 -35.34 -48.71 -13.33
CA TYR C 163 -34.67 -47.45 -13.63
C TYR C 163 -33.85 -47.61 -14.90
N PHE C 164 -32.90 -48.56 -14.89
CA PHE C 164 -32.17 -48.88 -16.10
C PHE C 164 -33.09 -48.91 -17.32
N ASP C 165 -34.26 -49.53 -17.17
CA ASP C 165 -35.12 -49.80 -18.30
C ASP C 165 -35.78 -48.51 -18.80
N LYS C 166 -36.35 -47.73 -17.89
CA LYS C 166 -36.85 -46.41 -18.26
C LYS C 166 -35.79 -45.71 -19.12
N ALA C 167 -34.53 -45.76 -18.66
CA ALA C 167 -33.43 -45.20 -19.41
C ALA C 167 -33.43 -45.80 -20.82
N ALA C 168 -33.21 -47.11 -20.90
CA ALA C 168 -33.14 -47.81 -22.17
C ALA C 168 -34.26 -47.34 -23.10
N ALA C 169 -35.50 -47.37 -22.59
CA ALA C 169 -36.69 -47.09 -23.37
C ALA C 169 -36.67 -45.68 -23.96
N SER C 170 -36.42 -44.68 -23.11
CA SER C 170 -36.60 -43.29 -23.52
C SER C 170 -35.50 -42.88 -24.50
N ILE C 171 -34.30 -43.46 -24.33
CA ILE C 171 -33.19 -43.29 -25.27
C ILE C 171 -33.56 -43.93 -26.60
N ALA C 172 -33.92 -45.21 -26.52
CA ALA C 172 -34.37 -45.99 -27.68
C ALA C 172 -35.64 -45.37 -28.28
N MET D 1 -29.16 10.48 -4.53
CA MET D 1 -30.53 10.96 -4.22
C MET D 1 -31.25 11.34 -5.51
N LYS D 2 -32.51 10.90 -5.61
CA LYS D 2 -33.29 11.09 -6.81
C LYS D 2 -34.05 12.41 -6.74
N THR D 3 -33.58 13.39 -7.54
CA THR D 3 -34.39 14.54 -7.90
C THR D 3 -34.39 14.63 -9.42
N VAL D 4 -35.28 15.46 -9.94
CA VAL D 4 -35.35 15.69 -11.38
C VAL D 4 -33.95 15.95 -11.91
N ILE D 5 -33.26 16.92 -11.31
CA ILE D 5 -32.01 17.42 -11.84
C ILE D 5 -30.99 16.29 -11.88
N THR D 6 -30.87 15.55 -10.76
CA THR D 6 -29.89 14.49 -10.66
C THR D 6 -30.12 13.46 -11.76
N GLU D 7 -31.39 13.11 -12.00
CA GLU D 7 -31.72 12.01 -12.90
C GLU D 7 -31.26 12.31 -14.31
N VAL D 8 -31.65 13.48 -14.82
CA VAL D 8 -31.34 13.83 -16.20
C VAL D 8 -29.82 13.78 -16.36
N ILE D 9 -29.09 14.38 -15.41
CA ILE D 9 -27.65 14.28 -15.43
C ILE D 9 -27.26 12.81 -15.57
N ALA D 10 -27.76 11.99 -14.64
CA ALA D 10 -27.47 10.57 -14.65
C ALA D 10 -27.68 9.99 -16.06
N SER D 11 -28.90 10.14 -16.58
CA SER D 11 -29.24 9.59 -17.89
C SER D 11 -28.26 10.11 -18.94
N ALA D 12 -28.10 11.44 -19.01
CA ALA D 12 -27.12 12.04 -19.92
C ALA D 12 -25.79 11.31 -19.76
N ASP D 13 -25.36 11.17 -18.49
CA ASP D 13 -24.05 10.64 -18.19
C ASP D 13 -23.90 9.22 -18.74
N SER D 14 -24.89 8.38 -18.45
CA SER D 14 -24.87 6.98 -18.85
C SER D 14 -24.59 6.86 -20.34
N GLN D 15 -25.41 7.55 -21.14
CA GLN D 15 -25.30 7.50 -22.60
C GLN D 15 -23.94 8.05 -23.04
N GLY D 16 -23.37 8.96 -22.22
CA GLY D 16 -22.06 9.52 -22.48
C GLY D 16 -22.15 10.76 -23.36
N ARG D 17 -23.30 11.45 -23.28
CA ARG D 17 -23.60 12.55 -24.16
C ARG D 17 -23.81 13.81 -23.33
N PHE D 18 -23.59 14.96 -24.00
CA PHE D 18 -23.87 16.26 -23.45
C PHE D 18 -25.34 16.39 -23.07
N LEU D 19 -25.58 17.24 -22.07
CA LEU D 19 -26.93 17.71 -21.80
C LEU D 19 -27.43 18.46 -23.03
N ASN D 20 -28.43 17.92 -23.71
CA ASN D 20 -29.04 18.58 -24.86
C ASN D 20 -30.37 19.17 -24.42
N ASN D 21 -31.12 19.70 -25.41
CA ASN D 21 -32.40 20.35 -25.15
C ASN D 21 -33.31 19.44 -24.33
N THR D 22 -33.37 18.15 -24.70
CA THR D 22 -34.29 17.20 -24.09
C THR D 22 -34.32 17.43 -22.57
N GLU D 23 -33.14 17.33 -21.97
CA GLU D 23 -33.02 17.31 -20.52
C GLU D 23 -33.41 18.66 -19.94
N LEU D 24 -32.94 19.73 -20.57
CA LEU D 24 -33.19 21.06 -20.06
C LEU D 24 -34.69 21.27 -19.91
N GLN D 25 -35.46 20.94 -20.97
CA GLN D 25 -36.91 20.97 -20.90
C GLN D 25 -37.33 20.42 -19.55
N ALA D 26 -36.90 19.19 -19.24
CA ALA D 26 -37.27 18.53 -18.01
C ALA D 26 -36.92 19.41 -16.82
N ALA D 27 -35.64 19.78 -16.70
CA ALA D 27 -35.20 20.63 -15.60
C ALA D 27 -36.16 21.80 -15.43
N ASN D 28 -36.40 22.53 -16.54
CA ASN D 28 -37.27 23.70 -16.50
C ASN D 28 -38.53 23.38 -15.71
N GLY D 29 -39.16 22.25 -16.05
CA GLY D 29 -40.36 21.78 -15.38
C GLY D 29 -40.21 21.85 -13.87
N ARG D 30 -39.18 21.16 -13.35
CA ARG D 30 -38.89 21.15 -11.94
C ARG D 30 -38.92 22.56 -11.35
N PHE D 31 -38.25 23.50 -12.02
CA PHE D 31 -38.08 24.85 -11.49
C PHE D 31 -39.41 25.60 -11.46
N GLN D 32 -40.19 25.47 -12.52
CA GLN D 32 -41.45 26.17 -12.60
C GLN D 32 -42.34 25.72 -11.44
N ARG D 33 -42.41 24.40 -11.24
CA ARG D 33 -43.22 23.81 -10.19
C ARG D 33 -42.80 24.30 -8.80
N ALA D 34 -41.49 24.42 -8.59
CA ALA D 34 -40.92 24.69 -7.28
C ALA D 34 -41.72 25.74 -6.49
N THR D 35 -42.11 26.83 -7.16
CA THR D 35 -42.79 27.93 -6.50
C THR D 35 -43.97 27.40 -5.66
N ALA D 36 -44.79 26.54 -6.26
CA ALA D 36 -45.89 25.88 -5.55
C ALA D 36 -45.32 25.00 -4.44
N SER D 37 -44.39 24.10 -4.79
CA SER D 37 -43.77 23.19 -3.84
C SER D 37 -43.33 23.95 -2.59
N MET D 38 -42.51 24.98 -2.81
CA MET D 38 -41.90 25.77 -1.75
C MET D 38 -42.97 26.29 -0.79
N GLU D 39 -44.04 26.84 -1.37
CA GLU D 39 -45.14 27.37 -0.61
C GLU D 39 -45.66 26.30 0.36
N ALA D 40 -45.94 25.11 -0.18
CA ALA D 40 -46.48 24.00 0.61
C ALA D 40 -45.57 23.74 1.81
N ALA D 41 -44.26 23.64 1.57
CA ALA D 41 -43.29 23.37 2.63
C ALA D 41 -43.41 24.41 3.74
N ARG D 42 -43.44 25.70 3.39
CA ARG D 42 -43.57 26.75 4.38
C ARG D 42 -44.80 26.52 5.25
N ALA D 43 -45.90 26.05 4.64
CA ALA D 43 -47.14 25.82 5.36
C ALA D 43 -47.02 24.66 6.33
N LEU D 44 -46.45 23.53 5.89
CA LEU D 44 -46.29 22.37 6.76
C LEU D 44 -45.34 22.71 7.91
N THR D 45 -44.18 23.28 7.57
CA THR D 45 -43.15 23.60 8.54
C THR D 45 -43.75 24.37 9.72
N SER D 46 -44.64 25.33 9.42
CA SER D 46 -45.19 26.22 10.42
C SER D 46 -46.13 25.49 11.37
N ASN D 47 -47.03 24.66 10.81
CA ASN D 47 -48.07 24.00 11.59
C ASN D 47 -47.58 22.65 12.13
N ALA D 48 -46.29 22.35 11.95
CA ALA D 48 -45.74 21.03 12.20
C ALA D 48 -46.37 20.42 13.46
N ASP D 49 -45.74 20.65 14.61
CA ASP D 49 -46.29 20.43 15.94
C ASP D 49 -47.77 20.05 15.94
N SER D 50 -48.65 21.00 15.55
CA SER D 50 -50.09 20.85 15.70
C SER D 50 -50.57 19.62 14.94
N LEU D 51 -50.03 19.46 13.73
CA LEU D 51 -50.28 18.30 12.90
C LEU D 51 -49.86 17.05 13.66
N VAL D 52 -48.65 17.07 14.21
CA VAL D 52 -48.09 15.94 14.93
C VAL D 52 -49.04 15.58 16.06
N LYS D 53 -49.28 16.50 17.01
CA LYS D 53 -50.18 16.23 18.12
C LYS D 53 -51.40 15.48 17.59
N GLY D 54 -52.12 16.15 16.66
CA GLY D 54 -53.39 15.67 16.15
C GLY D 54 -53.28 14.23 15.68
N ALA D 55 -52.22 13.95 14.90
CA ALA D 55 -51.98 12.61 14.36
C ALA D 55 -51.83 11.61 15.50
N VAL D 56 -50.72 11.71 16.26
CA VAL D 56 -50.47 10.82 17.38
C VAL D 56 -51.81 10.48 18.01
N GLN D 57 -52.48 11.54 18.45
CA GLN D 57 -53.76 11.42 19.11
C GLN D 57 -54.63 10.44 18.33
N GLU D 58 -55.02 10.87 17.12
CA GLU D 58 -55.87 10.09 16.23
C GLU D 58 -55.58 8.59 16.39
N VAL D 59 -54.33 8.21 16.11
CA VAL D 59 -53.90 6.83 16.17
C VAL D 59 -54.51 6.14 17.38
N TYR D 60 -54.42 6.77 18.57
CA TYR D 60 -54.93 6.20 19.80
C TYR D 60 -56.43 6.00 19.76
N ASN D 61 -57.17 6.97 19.20
CA ASN D 61 -58.61 6.85 19.07
C ASN D 61 -58.92 5.63 18.19
N LYS D 62 -58.18 5.54 17.09
CA LYS D 62 -58.35 4.50 16.10
C LYS D 62 -58.08 3.12 16.70
N PHE D 63 -57.07 3.04 17.59
CA PHE D 63 -56.62 1.77 18.14
C PHE D 63 -56.55 1.85 19.65
N PRO D 64 -57.71 1.93 20.33
CA PRO D 64 -57.74 2.27 21.76
C PRO D 64 -56.76 1.41 22.56
N TYR D 65 -56.78 0.11 22.27
CA TYR D 65 -56.08 -0.90 23.06
C TYR D 65 -54.60 -0.55 23.22
N LEU D 66 -54.03 0.21 22.28
CA LEU D 66 -52.62 0.56 22.33
C LEU D 66 -52.25 1.24 23.64
N THR D 67 -53.18 2.02 24.21
CA THR D 67 -52.91 2.82 25.39
C THR D 67 -53.02 1.98 26.67
N GLN D 68 -53.53 0.74 26.55
CA GLN D 68 -53.65 -0.14 27.69
C GLN D 68 -52.27 -0.61 28.13
N PRO D 69 -52.08 -0.90 29.44
CA PRO D 69 -50.78 -1.41 29.93
C PRO D 69 -50.41 -2.77 29.35
N GLY D 70 -49.12 -2.94 29.07
CA GLY D 70 -48.60 -4.14 28.44
C GLY D 70 -48.60 -4.04 26.91
N GLN D 71 -49.11 -2.92 26.38
CA GLN D 71 -49.13 -2.68 24.94
C GLN D 71 -47.99 -1.74 24.57
N MET D 72 -47.93 -1.41 23.27
CA MET D 72 -46.87 -0.59 22.71
C MET D 72 -47.17 0.89 22.92
N GLY D 73 -48.45 1.27 22.76
CA GLY D 73 -48.86 2.66 22.91
C GLY D 73 -48.75 3.15 24.35
N TYR D 74 -48.40 2.25 25.27
CA TYR D 74 -48.50 2.51 26.68
C TYR D 74 -47.15 2.92 27.27
N GLY D 75 -47.20 3.89 28.18
CA GLY D 75 -45.98 4.38 28.84
C GLY D 75 -45.26 5.38 27.96
N ASP D 76 -44.85 6.50 28.59
CA ASP D 76 -44.53 7.76 27.94
C ASP D 76 -43.44 7.59 26.87
N THR D 77 -42.41 6.80 27.23
CA THR D 77 -41.28 6.52 26.35
C THR D 77 -41.81 6.28 24.95
N ASN D 78 -42.76 5.34 24.88
CA ASN D 78 -43.32 4.87 23.62
C ASN D 78 -44.02 6.04 22.94
N GLN D 79 -44.83 6.78 23.71
CA GLN D 79 -45.55 7.93 23.20
C GLN D 79 -44.56 8.93 22.60
N ALA D 80 -43.50 9.24 23.37
CA ALA D 80 -42.43 10.11 22.90
C ALA D 80 -41.95 9.63 21.54
N LYS D 81 -41.50 8.36 21.49
CA LYS D 81 -41.04 7.76 20.25
C LYS D 81 -42.08 8.03 19.17
N CYS D 82 -43.30 7.55 19.39
CA CYS D 82 -44.39 7.72 18.42
C CYS D 82 -44.39 9.13 17.87
N ALA D 83 -44.33 10.15 18.76
CA ALA D 83 -44.28 11.53 18.33
C ALA D 83 -43.07 11.76 17.42
N ARG D 84 -41.88 11.57 17.98
CA ARG D 84 -40.62 11.70 17.25
C ARG D 84 -40.82 11.18 15.82
N ASP D 85 -41.17 9.90 15.71
CA ASP D 85 -41.25 9.21 14.42
C ASP D 85 -42.05 10.07 13.45
N ILE D 86 -43.29 10.41 13.82
CA ILE D 86 -44.15 11.14 12.91
C ILE D 86 -43.45 12.44 12.52
N SER D 87 -42.96 13.20 13.51
CA SER D 87 -42.17 14.37 13.18
C SER D 87 -41.31 14.06 11.96
N HIS D 88 -40.46 13.02 12.11
CA HIS D 88 -39.55 12.62 11.04
C HIS D 88 -40.31 12.62 9.71
N TYR D 89 -41.30 11.73 9.60
CA TYR D 89 -42.04 11.59 8.35
C TYR D 89 -42.29 12.97 7.78
N LEU D 90 -42.87 13.83 8.61
CA LEU D 90 -43.20 15.17 8.18
C LEU D 90 -41.94 15.84 7.65
N ARG D 91 -40.94 15.97 8.52
CA ARG D 91 -39.68 16.59 8.18
C ARG D 91 -39.32 16.21 6.74
N PHE D 92 -39.16 14.92 6.51
CA PHE D 92 -38.74 14.44 5.20
C PHE D 92 -39.67 14.98 4.13
N ILE D 93 -40.97 14.83 4.33
CA ILE D 93 -41.89 15.29 3.31
C ILE D 93 -41.49 16.69 2.89
N THR D 94 -41.40 17.62 3.85
CA THR D 94 -40.99 18.97 3.52
C THR D 94 -39.79 18.89 2.60
N TYR D 95 -38.72 18.25 3.10
CA TYR D 95 -37.49 18.13 2.34
C TYR D 95 -37.84 17.85 0.88
N SER D 96 -38.59 16.76 0.67
CA SER D 96 -38.83 16.27 -0.67
C SER D 96 -39.51 17.34 -1.53
N LEU D 97 -40.47 18.07 -0.96
CA LEU D 97 -41.11 19.16 -1.68
C LEU D 97 -40.05 20.10 -2.24
N VAL D 98 -39.10 20.48 -1.37
CA VAL D 98 -38.10 21.48 -1.67
C VAL D 98 -37.12 20.93 -2.70
N ALA D 99 -36.65 19.70 -2.46
CA ALA D 99 -35.69 19.06 -3.34
C ALA D 99 -36.28 18.83 -4.73
N GLY D 100 -37.61 18.74 -4.80
CA GLY D 100 -38.27 18.46 -6.07
C GLY D 100 -37.89 17.05 -6.54
N GLY D 101 -38.26 16.06 -5.72
CA GLY D 101 -38.04 14.65 -6.02
C GLY D 101 -38.41 13.82 -4.79
N THR D 102 -38.62 12.53 -4.99
CA THR D 102 -38.92 11.65 -3.87
C THR D 102 -37.62 11.35 -3.11
N GLY D 103 -36.49 11.50 -3.82
CA GLY D 103 -35.18 11.19 -3.26
C GLY D 103 -35.20 11.16 -1.73
N PRO D 104 -35.27 12.34 -1.07
CA PRO D 104 -35.10 12.39 0.39
C PRO D 104 -35.91 11.30 1.08
N LEU D 105 -37.18 11.18 0.69
CA LEU D 105 -38.07 10.18 1.26
C LEU D 105 -37.45 8.79 1.12
N ASP D 106 -37.13 8.44 -0.13
CA ASP D 106 -36.66 7.10 -0.47
C ASP D 106 -35.57 6.65 0.51
N ASP D 107 -34.56 7.51 0.68
CA ASP D 107 -33.29 7.10 1.27
C ASP D 107 -33.39 7.05 2.79
N TYR D 108 -34.14 7.98 3.36
CA TYR D 108 -34.28 8.03 4.81
C TYR D 108 -35.36 7.05 5.21
N ILE D 109 -36.57 7.25 4.69
CA ILE D 109 -37.72 6.55 5.21
C ILE D 109 -37.84 5.16 4.59
N VAL D 110 -37.93 5.12 3.27
CA VAL D 110 -38.54 4.01 2.57
C VAL D 110 -37.62 2.79 2.58
N ALA D 111 -36.39 3.00 2.11
CA ALA D 111 -35.48 1.88 1.91
C ALA D 111 -35.24 1.22 3.27
N GLY D 112 -35.56 -0.07 3.36
CA GLY D 112 -35.37 -0.80 4.61
C GLY D 112 -36.55 -0.63 5.55
N LEU D 113 -37.60 0.04 5.09
CA LEU D 113 -38.75 0.32 5.94
C LEU D 113 -39.23 -0.98 6.56
N ARG D 114 -39.54 -1.94 5.69
CA ARG D 114 -40.17 -3.21 6.05
C ARG D 114 -39.50 -3.82 7.26
N GLU D 115 -38.16 -4.07 7.11
CA GLU D 115 -37.44 -4.91 8.06
C GLU D 115 -37.37 -4.27 9.45
N VAL D 116 -36.95 -3.01 9.46
CA VAL D 116 -37.06 -2.19 10.66
C VAL D 116 -38.39 -2.55 11.32
N ASN D 117 -39.49 -2.24 10.62
CA ASN D 117 -40.82 -2.36 11.16
C ASN D 117 -41.07 -3.78 11.65
N ARG D 118 -40.59 -4.76 10.91
CA ARG D 118 -40.79 -6.16 11.27
C ARG D 118 -40.10 -6.48 12.59
N THR D 119 -38.84 -6.06 12.70
CA THR D 119 -37.98 -6.49 13.79
C THR D 119 -38.43 -5.83 15.11
N PHE D 120 -39.02 -4.65 15.01
CA PHE D 120 -39.54 -3.93 16.17
C PHE D 120 -41.06 -4.08 16.32
N ASN D 121 -41.70 -4.75 15.35
CA ASN D 121 -43.12 -5.07 15.44
C ASN D 121 -43.95 -3.79 15.42
N LEU D 122 -43.50 -2.81 14.64
CA LEU D 122 -44.31 -1.63 14.37
C LEU D 122 -45.27 -1.99 13.25
N SER D 123 -46.56 -1.78 13.49
CA SER D 123 -47.58 -2.07 12.50
C SER D 123 -47.68 -0.91 11.52
N PRO D 124 -47.43 -1.13 10.21
CA PRO D 124 -47.53 -0.05 9.23
C PRO D 124 -48.81 0.76 9.46
N SER D 125 -49.94 0.04 9.49
CA SER D 125 -51.25 0.61 9.74
C SER D 125 -51.14 1.92 10.54
N TRP D 126 -50.57 1.87 11.75
CA TRP D 126 -50.50 3.04 12.60
C TRP D 126 -50.04 4.23 11.78
N TYR D 127 -48.76 4.21 11.38
CA TYR D 127 -48.23 5.32 10.62
C TYR D 127 -49.29 5.79 9.65
N ILE D 128 -49.81 4.87 8.85
CA ILE D 128 -50.75 5.25 7.81
C ILE D 128 -51.76 6.23 8.41
N GLU D 129 -52.48 5.82 9.47
CA GLU D 129 -53.50 6.69 10.03
C GLU D 129 -52.92 8.07 10.25
N ALA D 130 -51.84 8.14 11.03
CA ALA D 130 -51.14 9.39 11.23
C ALA D 130 -51.21 10.18 9.93
N LEU D 131 -50.59 9.64 8.87
CA LEU D 131 -50.55 10.32 7.59
C LEU D 131 -51.95 10.79 7.20
N LYS D 132 -52.89 9.85 7.07
CA LYS D 132 -54.23 10.19 6.61
C LYS D 132 -54.76 11.40 7.38
N HIS D 133 -54.79 11.27 8.71
CA HIS D 133 -55.26 12.37 9.54
C HIS D 133 -54.58 13.67 9.09
N ILE D 134 -53.25 13.63 8.99
CA ILE D 134 -52.48 14.77 8.51
C ILE D 134 -53.10 15.28 7.21
N LYS D 135 -53.13 14.39 6.20
CA LYS D 135 -53.58 14.76 4.87
C LYS D 135 -54.85 15.59 4.97
N GLY D 136 -55.79 15.11 5.79
CA GLY D 136 -57.06 15.77 6.03
C GLY D 136 -56.90 17.21 6.53
N LYS D 137 -56.00 17.42 7.49
CA LYS D 137 -55.74 18.75 8.04
C LYS D 137 -55.12 19.63 6.96
N VAL D 138 -54.05 19.13 6.34
CA VAL D 138 -53.37 19.83 5.26
C VAL D 138 -54.39 20.29 4.23
N GLY D 139 -55.41 19.46 3.99
CA GLY D 139 -56.47 19.76 3.03
C GLY D 139 -57.31 21.00 3.40
N SER D 140 -56.88 21.76 4.43
CA SER D 140 -57.54 23.02 4.78
C SER D 140 -56.59 24.21 4.59
N GLN D 141 -55.35 24.07 5.09
CA GLN D 141 -54.38 25.15 5.14
C GLN D 141 -53.88 25.49 3.74
N LEU D 142 -53.96 24.49 2.84
CA LEU D 142 -53.45 24.61 1.49
C LEU D 142 -54.60 24.54 0.48
N SER D 143 -54.24 24.82 -0.78
CA SER D 143 -55.21 24.91 -1.86
C SER D 143 -54.49 24.94 -3.21
N GLY D 144 -55.19 24.50 -4.26
CA GLY D 144 -54.66 24.50 -5.61
C GLY D 144 -53.40 23.64 -5.71
N GLN D 145 -52.46 24.08 -6.56
CA GLN D 145 -51.28 23.28 -6.86
C GLN D 145 -50.51 22.99 -5.57
N PRO D 146 -50.20 24.00 -4.73
CA PRO D 146 -49.52 23.76 -3.45
C PRO D 146 -50.07 22.50 -2.79
N LEU D 147 -51.40 22.48 -2.59
CA LEU D 147 -52.08 21.32 -2.01
C LEU D 147 -51.68 20.07 -2.80
N THR D 148 -52.01 20.05 -4.09
CA THR D 148 -51.80 18.88 -4.93
C THR D 148 -50.43 18.29 -4.60
N GLU D 149 -49.39 19.12 -4.65
CA GLU D 149 -48.03 18.67 -4.37
C GLU D 149 -47.99 17.97 -3.01
N ALA D 150 -48.41 18.68 -1.95
CA ALA D 150 -48.41 18.11 -0.61
C ALA D 150 -48.93 16.68 -0.65
N ASN D 151 -50.14 16.51 -1.22
CA ASN D 151 -50.76 15.20 -1.31
C ASN D 151 -49.77 14.21 -1.90
N ALA D 152 -49.45 14.36 -3.19
CA ALA D 152 -48.57 13.46 -3.91
C ALA D 152 -47.59 12.81 -2.93
N TYR D 153 -46.78 13.64 -2.28
CA TYR D 153 -45.71 13.14 -1.44
C TYR D 153 -46.29 12.36 -0.26
N ILE D 154 -47.22 12.97 0.48
CA ILE D 154 -47.84 12.27 1.60
C ILE D 154 -48.21 10.86 1.14
N ASP D 155 -48.98 10.76 0.05
CA ASP D 155 -49.45 9.49 -0.46
C ASP D 155 -48.26 8.55 -0.68
N TYR D 156 -47.34 9.01 -1.54
CA TYR D 156 -46.18 8.22 -1.89
C TYR D 156 -45.73 7.34 -0.72
N CYS D 157 -45.76 7.89 0.49
CA CYS D 157 -45.43 7.16 1.70
C CYS D 157 -46.49 6.12 2.04
N ILE D 158 -47.76 6.55 2.08
CA ILE D 158 -48.85 5.62 2.31
C ILE D 158 -48.55 4.37 1.49
N ASN D 159 -48.31 4.54 0.18
CA ASN D 159 -48.10 3.42 -0.72
C ASN D 159 -46.88 2.62 -0.32
N ALA D 160 -45.80 3.31 0.09
CA ALA D 160 -44.57 2.64 0.47
C ALA D 160 -44.77 1.85 1.76
N LEU D 161 -45.54 2.43 2.69
CA LEU D 161 -45.82 1.82 3.98
C LEU D 161 -46.64 0.54 3.81
N SER D 162 -47.74 0.69 3.07
CA SER D 162 -48.58 -0.43 2.68
C SER D 162 -47.91 -1.21 1.53
N MET E 1 -25.63 10.62 -5.69
CA MET E 1 -25.01 11.90 -6.10
C MET E 1 -25.65 13.03 -5.30
N GLN E 2 -25.37 14.26 -5.72
CA GLN E 2 -25.69 15.47 -5.00
C GLN E 2 -25.91 16.62 -5.96
N ASP E 3 -26.55 17.67 -5.43
CA ASP E 3 -26.65 18.96 -6.09
C ASP E 3 -27.05 19.99 -5.02
N ALA E 4 -27.14 21.26 -5.43
CA ALA E 4 -27.36 22.37 -4.53
C ALA E 4 -28.47 22.10 -3.52
N PHE E 5 -29.65 21.74 -4.03
CA PHE E 5 -30.84 21.52 -3.20
C PHE E 5 -30.53 20.39 -2.21
N THR E 6 -30.35 19.19 -2.74
CA THR E 6 -30.13 17.99 -1.96
C THR E 6 -29.16 18.32 -0.83
N LYS E 7 -28.05 18.97 -1.18
CA LYS E 7 -27.00 19.32 -0.25
C LYS E 7 -27.59 20.01 0.98
N ALA E 8 -28.28 21.13 0.76
CA ALA E 8 -28.82 21.93 1.83
C ALA E 8 -29.68 21.05 2.75
N ILE E 9 -30.54 20.24 2.12
CA ILE E 9 -31.31 19.23 2.83
C ILE E 9 -30.39 18.49 3.80
N VAL E 10 -29.38 17.82 3.23
CA VAL E 10 -28.54 16.91 3.99
C VAL E 10 -28.06 17.61 5.26
N ALA E 11 -27.45 18.78 5.08
CA ALA E 11 -27.03 19.60 6.20
C ALA E 11 -28.14 19.67 7.25
N ALA E 12 -29.32 20.14 6.84
CA ALA E 12 -30.46 20.30 7.73
C ALA E 12 -30.74 19.02 8.49
N ASP E 13 -30.64 17.88 7.78
CA ASP E 13 -30.96 16.58 8.34
C ASP E 13 -30.13 16.30 9.59
N LEU E 14 -28.83 16.61 9.54
CA LEU E 14 -27.91 16.19 10.58
C LEU E 14 -28.15 16.99 11.86
N ARG E 15 -28.52 18.27 11.68
CA ARG E 15 -29.01 19.11 12.75
C ARG E 15 -30.30 18.52 13.32
N GLY E 16 -31.06 17.82 12.46
CA GLY E 16 -32.25 17.09 12.86
C GLY E 16 -33.50 17.96 12.75
N SER E 17 -33.40 19.02 11.94
CA SER E 17 -34.34 20.13 12.01
C SER E 17 -35.02 20.32 10.66
N PHE E 18 -36.18 20.96 10.72
CA PHE E 18 -36.83 21.49 9.53
C PHE E 18 -35.94 22.62 9.00
N LEU E 19 -36.12 22.95 7.71
CA LEU E 19 -35.29 23.93 7.07
C LEU E 19 -35.56 25.30 7.69
N SER E 20 -34.48 26.02 7.99
CA SER E 20 -34.49 27.41 8.39
C SER E 20 -35.19 28.25 7.32
N GLU E 21 -35.91 29.30 7.74
CA GLU E 21 -36.54 30.19 6.76
C GLU E 21 -35.43 30.86 5.95
N GLN E 22 -34.40 31.36 6.64
CA GLN E 22 -33.21 31.91 5.98
C GLN E 22 -32.79 30.96 4.85
N GLU E 23 -32.64 29.66 5.15
CA GLU E 23 -32.11 28.66 4.23
C GLU E 23 -33.00 28.50 3.00
N LEU E 24 -34.32 28.45 3.22
CA LEU E 24 -35.27 28.45 2.12
C LEU E 24 -34.94 29.57 1.15
N ASN E 25 -34.66 30.77 1.69
CA ASN E 25 -34.47 31.95 0.86
C ASN E 25 -33.23 31.83 -0.02
N GLN E 26 -32.26 30.97 0.36
CA GLN E 26 -31.16 30.64 -0.52
C GLN E 26 -31.71 29.93 -1.75
N LEU E 27 -32.55 28.92 -1.49
CA LEU E 27 -33.07 28.07 -2.54
C LEU E 27 -34.07 28.86 -3.38
N THR E 28 -34.95 29.62 -2.72
CA THR E 28 -35.94 30.45 -3.41
C THR E 28 -35.25 31.29 -4.48
N ASN E 29 -34.19 32.01 -4.09
CA ASN E 29 -33.47 32.86 -5.02
C ASN E 29 -32.77 32.01 -6.08
N LEU E 30 -32.20 30.88 -5.67
CA LEU E 30 -31.51 29.97 -6.60
C LEU E 30 -32.43 29.65 -7.77
N VAL E 31 -33.68 29.32 -7.44
CA VAL E 31 -34.74 29.05 -8.41
C VAL E 31 -34.82 30.18 -9.42
N LYS E 32 -34.95 31.42 -8.92
CA LYS E 32 -35.16 32.60 -9.74
C LYS E 32 -34.12 32.65 -10.85
N GLU E 33 -32.87 32.31 -10.51
CA GLU E 33 -31.75 32.38 -11.44
C GLU E 33 -31.80 31.24 -12.46
N SER E 34 -32.48 30.13 -12.13
CA SER E 34 -32.62 29.00 -13.03
C SER E 34 -32.41 29.43 -14.49
N ASN E 35 -33.35 30.23 -14.98
CA ASN E 35 -33.43 30.59 -16.39
C ASN E 35 -32.02 30.93 -16.87
N LYS E 36 -31.36 31.86 -16.17
CA LYS E 36 -30.00 32.23 -16.48
C LYS E 36 -29.16 30.95 -16.48
N ARG E 37 -29.12 30.28 -15.32
CA ARG E 37 -28.37 29.03 -15.19
C ARG E 37 -28.50 28.22 -16.48
N LEU E 38 -29.75 27.89 -16.84
CA LEU E 38 -30.00 27.01 -17.97
C LEU E 38 -29.25 27.52 -19.21
N ASP E 39 -29.56 28.74 -19.65
CA ASP E 39 -28.97 29.28 -20.87
C ASP E 39 -27.46 29.07 -20.87
N ALA E 40 -26.82 29.35 -19.72
CA ALA E 40 -25.40 29.14 -19.59
C ALA E 40 -25.06 27.74 -20.12
N VAL E 41 -25.65 26.72 -19.49
CA VAL E 41 -25.41 25.34 -19.87
C VAL E 41 -25.60 25.22 -21.38
N ASN E 42 -26.79 25.64 -21.85
CA ASN E 42 -27.15 25.52 -23.25
C ASN E 42 -26.01 26.02 -24.14
N ALA E 43 -25.48 27.20 -23.78
CA ALA E 43 -24.42 27.81 -24.56
C ALA E 43 -23.24 26.85 -24.70
N ILE E 44 -22.79 26.25 -23.59
CA ILE E 44 -21.66 25.34 -23.64
C ILE E 44 -21.97 24.22 -24.61
N THR E 45 -23.02 23.45 -24.29
CA THR E 45 -23.39 22.29 -25.06
C THR E 45 -23.47 22.63 -26.54
N GLY E 46 -24.07 23.78 -26.86
CA GLY E 46 -24.25 24.22 -28.23
C GLY E 46 -22.92 24.37 -28.97
N ASN E 47 -21.88 24.83 -28.27
CA ASN E 47 -20.63 25.18 -28.92
C ASN E 47 -19.61 24.08 -28.72
N ALA E 48 -19.96 23.07 -27.91
CA ALA E 48 -19.02 22.05 -27.45
C ALA E 48 -17.89 21.85 -28.46
N ALA E 49 -18.19 21.15 -29.57
CA ALA E 49 -17.18 20.75 -30.53
C ALA E 49 -16.10 21.83 -30.64
N GLU E 50 -16.58 23.04 -30.93
CA GLU E 50 -15.73 24.18 -31.17
C GLU E 50 -14.78 24.40 -29.99
N ILE E 51 -15.36 24.64 -28.81
CA ILE E 51 -14.60 24.91 -27.61
C ILE E 51 -13.33 24.05 -27.65
N ILE E 52 -13.54 22.74 -27.68
CA ILE E 52 -12.44 21.80 -27.74
C ILE E 52 -11.54 22.17 -28.93
N SER E 53 -12.04 21.96 -30.14
CA SER E 53 -11.23 22.19 -31.33
C SER E 53 -10.27 23.35 -31.04
N ASP E 54 -10.87 24.51 -30.71
CA ASP E 54 -10.14 25.73 -30.42
C ASP E 54 -9.02 25.43 -29.44
N ALA E 55 -9.39 25.09 -28.19
CA ALA E 55 -8.42 24.89 -27.12
C ALA E 55 -7.23 24.07 -27.62
N ALA E 56 -7.51 22.93 -28.27
CA ALA E 56 -6.48 22.06 -28.80
C ALA E 56 -5.47 22.87 -29.63
N HIS E 57 -5.95 23.49 -30.72
CA HIS E 57 -5.08 24.28 -31.59
C HIS E 57 -4.05 25.07 -30.77
N LYS E 58 -4.57 25.81 -29.79
CA LYS E 58 -3.77 26.69 -28.97
C LYS E 58 -2.81 25.85 -28.13
N LEU E 59 -3.32 24.76 -27.53
CA LEU E 59 -2.48 23.88 -26.73
C LEU E 59 -1.24 23.47 -27.53
N PHE E 60 -1.44 23.09 -28.80
CA PHE E 60 -0.37 22.47 -29.58
C PHE E 60 0.57 23.52 -30.17
N ALA E 61 0.04 24.72 -30.46
CA ALA E 61 0.87 25.83 -30.86
C ALA E 61 1.88 26.14 -29.76
N GLU E 62 1.44 26.07 -28.49
CA GLU E 62 2.28 26.39 -27.35
C GLU E 62 3.33 25.30 -27.13
N GLN E 63 2.87 24.07 -26.84
CA GLN E 63 3.75 22.98 -26.48
C GLN E 63 3.99 22.07 -27.68
N THR E 64 4.80 22.57 -28.59
CA THR E 64 5.12 21.90 -29.85
C THR E 64 5.50 20.43 -29.65
N ASP E 65 6.28 20.15 -28.62
CA ASP E 65 6.83 18.83 -28.34
C ASP E 65 5.75 17.74 -28.25
N LEU E 66 4.57 18.09 -27.72
CA LEU E 66 3.52 17.13 -27.49
C LEU E 66 3.26 16.36 -28.78
N ILE E 67 3.32 17.09 -29.91
CA ILE E 67 2.98 16.57 -31.21
C ILE E 67 4.22 16.06 -31.95
N ARG E 68 5.39 16.16 -31.32
CA ARG E 68 6.61 15.72 -31.98
C ARG E 68 6.88 14.27 -31.59
N PRO E 69 7.59 13.50 -32.45
CA PRO E 69 7.87 12.11 -32.17
C PRO E 69 8.49 11.97 -30.79
N GLY E 70 7.94 11.05 -29.97
CA GLY E 70 8.44 10.86 -28.63
C GLY E 70 7.62 11.62 -27.58
N GLY E 71 6.88 12.67 -28.02
CA GLY E 71 6.00 13.41 -27.15
C GLY E 71 4.77 12.59 -26.79
N ASN E 72 3.86 13.16 -25.98
CA ASN E 72 2.76 12.37 -25.46
C ASN E 72 1.55 12.40 -26.40
N ALA E 73 1.38 13.45 -27.22
CA ALA E 73 0.23 13.55 -28.10
C ALA E 73 0.47 12.77 -29.40
N TYR E 74 1.74 12.42 -29.68
CA TYR E 74 2.10 11.61 -30.81
C TYR E 74 2.03 10.14 -30.43
N PRO E 75 1.70 9.17 -31.34
CA PRO E 75 1.19 9.46 -32.68
C PRO E 75 -0.34 9.64 -32.66
N ASN E 76 -1.01 9.45 -33.81
CA ASN E 76 -2.45 9.56 -33.91
C ASN E 76 -3.13 9.01 -32.67
N ARG E 77 -2.97 7.69 -32.44
CA ARG E 77 -3.69 7.02 -31.37
C ARG E 77 -3.74 7.93 -30.16
N ARG E 78 -2.55 8.33 -29.70
CA ARG E 78 -2.44 9.13 -28.50
C ARG E 78 -3.23 10.42 -28.70
N MET E 79 -2.91 11.15 -29.76
CA MET E 79 -3.62 12.37 -30.06
C MET E 79 -5.09 12.19 -29.73
N ALA E 80 -5.70 11.17 -30.34
CA ALA E 80 -7.11 10.91 -30.17
C ALA E 80 -7.47 10.94 -28.70
N ALA E 81 -6.82 10.09 -27.91
CA ALA E 81 -7.01 10.06 -26.47
C ALA E 81 -7.08 11.49 -25.95
N CYS E 82 -6.02 12.26 -26.20
CA CYS E 82 -5.90 13.59 -25.63
C CYS E 82 -7.17 14.41 -25.91
N LEU E 83 -7.66 14.33 -27.15
CA LEU E 83 -8.87 15.04 -27.51
C LEU E 83 -10.03 14.52 -26.68
N ARG E 84 -10.25 13.22 -26.76
CA ARG E 84 -11.29 12.58 -26.00
C ARG E 84 -11.27 13.10 -24.57
N ASP E 85 -10.11 13.03 -23.90
CA ASP E 85 -10.03 13.45 -22.52
C ASP E 85 -10.64 14.83 -22.35
N MET E 86 -10.09 15.82 -23.08
CA MET E 86 -10.55 17.18 -22.95
C MET E 86 -12.06 17.18 -22.90
N GLU E 87 -12.67 16.63 -23.96
CA GLU E 87 -14.10 16.54 -24.08
C GLU E 87 -14.69 16.13 -22.74
N ILE E 88 -14.27 14.95 -22.25
CA ILE E 88 -14.89 14.38 -21.07
C ILE E 88 -14.98 15.47 -20.01
N ILE E 89 -13.79 15.95 -19.63
CA ILE E 89 -13.69 16.96 -18.60
C ILE E 89 -14.80 17.98 -18.81
N LEU E 90 -14.84 18.52 -20.04
CA LEU E 90 -15.83 19.51 -20.38
C LEU E 90 -17.21 19.00 -19.99
N ARG E 91 -17.58 17.86 -20.58
CA ARG E 91 -18.87 17.26 -20.35
C ARG E 91 -19.24 17.39 -18.88
N TYR E 92 -18.37 16.86 -18.03
CA TYR E 92 -18.63 16.89 -16.60
C TYR E 92 -18.89 18.31 -16.15
N VAL E 93 -17.89 19.17 -16.35
CA VAL E 93 -18.02 20.55 -15.93
C VAL E 93 -19.46 20.99 -16.18
N SER E 94 -19.90 20.89 -17.45
CA SER E 94 -21.26 21.25 -17.77
C SER E 94 -22.19 20.66 -16.71
N TYR E 95 -22.21 19.33 -16.58
CA TYR E 95 -23.09 18.66 -15.64
C TYR E 95 -23.12 19.47 -14.35
N ALA E 96 -21.96 19.60 -13.70
CA ALA E 96 -21.86 20.35 -12.45
C ALA E 96 -22.68 21.63 -12.58
N LEU E 97 -22.36 22.40 -13.62
CA LEU E 97 -22.92 23.73 -13.79
C LEU E 97 -24.43 23.70 -13.62
N LEU E 98 -25.06 22.68 -14.20
CA LEU E 98 -26.49 22.51 -14.09
C LEU E 98 -26.87 22.22 -12.64
N ALA E 99 -26.24 21.19 -12.07
CA ALA E 99 -26.55 20.75 -10.70
C ALA E 99 -26.49 21.95 -9.74
N GLY E 100 -25.49 22.80 -9.95
CA GLY E 100 -25.17 23.87 -9.02
C GLY E 100 -24.26 23.35 -7.91
N ASP E 101 -23.44 22.36 -8.26
CA ASP E 101 -22.57 21.71 -7.28
C ASP E 101 -21.40 21.02 -7.99
N ALA E 102 -20.23 21.13 -7.34
CA ALA E 102 -19.00 20.50 -7.80
C ALA E 102 -19.11 18.98 -7.79
N SER E 103 -19.75 18.41 -6.75
CA SER E 103 -19.69 16.99 -6.45
C SER E 103 -19.58 16.16 -7.73
N VAL E 104 -20.70 15.97 -8.42
CA VAL E 104 -20.77 15.14 -9.62
C VAL E 104 -19.41 15.15 -10.34
N LEU E 105 -18.89 16.34 -10.62
CA LEU E 105 -17.62 16.53 -11.30
C LEU E 105 -16.49 15.83 -10.55
N GLU E 106 -16.37 16.13 -9.27
CA GLU E 106 -15.31 15.58 -8.43
C GLU E 106 -15.29 14.05 -8.50
N ASP E 107 -16.47 13.45 -8.34
CA ASP E 107 -16.54 12.00 -8.14
C ASP E 107 -16.22 11.25 -9.43
N ARG E 108 -17.04 11.42 -10.46
CA ARG E 108 -16.87 10.63 -11.67
C ARG E 108 -15.69 11.10 -12.53
N CYS E 109 -15.39 12.39 -12.48
CA CYS E 109 -14.42 12.93 -13.42
C CYS E 109 -13.02 13.11 -12.82
N LEU E 110 -12.95 13.78 -11.66
CA LEU E 110 -11.66 14.23 -11.16
C LEU E 110 -10.97 13.16 -10.35
N ASN E 111 -11.72 12.38 -9.58
CA ASN E 111 -11.09 11.61 -8.49
C ASN E 111 -10.17 10.56 -9.08
N GLY E 112 -8.88 10.61 -8.73
CA GLY E 112 -7.91 9.63 -9.22
C GLY E 112 -7.36 9.99 -10.60
N LEU E 113 -7.86 11.07 -11.19
CA LEU E 113 -7.41 11.46 -12.52
C LEU E 113 -5.91 11.73 -12.50
N LYS E 114 -5.47 12.53 -11.53
CA LYS E 114 -4.07 12.87 -11.42
C LYS E 114 -3.22 11.61 -11.53
N GLU E 115 -3.59 10.61 -10.72
CA GLU E 115 -2.75 9.44 -10.52
C GLU E 115 -2.63 8.67 -11.83
N THR E 116 -3.79 8.46 -12.47
CA THR E 116 -3.83 7.93 -13.81
C THR E 116 -2.77 8.62 -14.65
N TYR E 117 -2.92 9.93 -14.80
CA TYR E 117 -2.04 10.68 -15.68
C TYR E 117 -0.60 10.36 -15.36
N VAL E 118 -0.30 10.38 -14.06
CA VAL E 118 1.04 10.09 -13.60
C VAL E 118 1.49 8.73 -14.14
N ALA E 119 0.71 7.69 -13.82
CA ALA E 119 1.09 6.34 -14.15
C ALA E 119 1.39 6.20 -15.64
N LEU E 120 0.57 6.86 -16.47
CA LEU E 120 0.69 6.80 -17.91
C LEU E 120 1.97 7.49 -18.38
N GLY E 121 2.38 8.54 -17.63
CA GLY E 121 3.48 9.38 -18.05
C GLY E 121 2.99 10.61 -18.81
N THR E 122 1.67 10.77 -18.90
CA THR E 122 1.09 12.00 -19.42
C THR E 122 1.52 13.13 -18.48
N PRO E 123 2.02 14.27 -19.01
CA PRO E 123 2.46 15.39 -18.18
C PRO E 123 1.28 16.19 -17.63
N THR E 124 1.03 16.05 -16.32
CA THR E 124 -0.13 16.63 -15.68
C THR E 124 -0.25 18.11 -16.01
N ARG E 125 0.89 18.80 -15.99
CA ARG E 125 0.91 20.26 -16.17
C ARG E 125 0.18 20.62 -17.46
N SER E 126 0.55 19.98 -18.56
CA SER E 126 -0.01 20.28 -19.85
C SER E 126 -1.53 20.07 -19.83
N VAL E 127 -1.96 18.95 -19.24
CA VAL E 127 -3.39 18.67 -19.14
C VAL E 127 -4.05 19.89 -18.52
N ALA E 128 -3.57 20.28 -17.33
CA ALA E 128 -4.14 21.41 -16.62
C ALA E 128 -4.26 22.60 -17.57
N ARG E 129 -3.15 22.93 -18.23
CA ARG E 129 -3.12 24.03 -19.19
C ARG E 129 -4.34 23.95 -20.10
N ALA E 130 -4.49 22.81 -20.78
CA ALA E 130 -5.59 22.59 -21.70
C ALA E 130 -6.91 22.97 -21.03
N VAL E 131 -7.15 22.45 -19.83
CA VAL E 131 -8.38 22.73 -19.10
C VAL E 131 -8.63 24.24 -19.11
N GLN E 132 -7.62 25.02 -18.71
CA GLN E 132 -7.78 26.47 -18.67
C GLN E 132 -8.14 26.97 -20.08
N LEU E 133 -7.30 26.65 -21.07
CA LEU E 133 -7.56 27.07 -22.43
C LEU E 133 -9.04 26.90 -22.73
N MET E 134 -9.55 25.70 -22.48
CA MET E 134 -10.96 25.42 -22.59
C MET E 134 -11.73 26.48 -21.82
N LYS E 135 -11.49 26.56 -20.50
CA LYS E 135 -12.24 27.49 -19.66
C LYS E 135 -12.54 28.78 -20.42
N GLU E 136 -11.48 29.47 -20.86
CA GLU E 136 -11.57 30.82 -21.37
C GLU E 136 -12.52 30.89 -22.57
N THR E 137 -12.30 29.96 -23.51
CA THR E 137 -13.11 29.86 -24.71
C THR E 137 -14.57 29.69 -24.31
N ALA E 138 -14.81 28.73 -23.42
CA ALA E 138 -16.16 28.40 -22.97
C ALA E 138 -16.85 29.65 -22.43
N ILE E 139 -16.24 30.27 -21.43
CA ILE E 139 -16.77 31.50 -20.87
C ILE E 139 -17.14 32.45 -22.00
N GLY E 140 -16.19 32.65 -22.93
CA GLY E 140 -16.41 33.42 -24.15
C GLY E 140 -17.84 33.29 -24.68
N TYR E 141 -18.32 32.06 -24.84
CA TYR E 141 -19.66 31.81 -25.35
C TYR E 141 -20.71 32.09 -24.29
N VAL E 142 -20.58 31.47 -23.12
CA VAL E 142 -21.51 31.68 -22.02
C VAL E 142 -21.87 33.17 -21.98
N ASN E 143 -20.88 34.05 -22.19
CA ASN E 143 -20.98 35.43 -21.78
C ASN E 143 -21.40 36.35 -22.93
N SER E 144 -21.42 35.85 -24.18
CA SER E 144 -21.63 36.70 -25.34
C SER E 144 -22.70 36.14 -26.29
N PRO E 145 -23.80 35.52 -25.80
CA PRO E 145 -24.70 34.79 -26.68
C PRO E 145 -25.58 35.72 -27.53
N SER E 146 -26.42 35.09 -28.34
CA SER E 146 -27.26 35.75 -29.33
C SER E 146 -28.72 35.38 -29.12
N GLY E 147 -29.58 36.40 -29.07
CA GLY E 147 -31.02 36.20 -28.98
C GLY E 147 -31.49 36.07 -27.54
N VAL E 148 -30.55 36.08 -26.59
CA VAL E 148 -30.92 35.99 -25.19
C VAL E 148 -31.19 37.41 -24.69
N THR E 149 -32.18 37.50 -23.80
CA THR E 149 -32.48 38.71 -23.04
C THR E 149 -31.23 39.17 -22.31
N ARG E 150 -30.85 40.44 -22.46
CA ARG E 150 -29.60 40.94 -21.91
C ARG E 150 -29.80 41.21 -20.41
N GLY E 151 -28.81 40.81 -19.61
CA GLY E 151 -28.81 40.94 -18.17
C GLY E 151 -27.43 40.59 -17.60
N ASP E 152 -27.35 40.31 -16.28
CA ASP E 152 -26.08 40.00 -15.65
C ASP E 152 -25.94 38.50 -15.39
N CYS E 153 -24.91 37.87 -15.98
CA CYS E 153 -24.70 36.45 -15.75
C CYS E 153 -23.48 36.19 -14.86
N SER E 154 -22.73 37.26 -14.52
CA SER E 154 -21.49 37.16 -13.77
C SER E 154 -21.52 36.00 -12.77
N ALA E 155 -22.48 36.06 -11.82
CA ALA E 155 -22.62 35.09 -10.74
C ALA E 155 -22.34 33.68 -11.26
N LEU E 156 -23.08 33.32 -12.32
CA LEU E 156 -22.95 32.02 -12.97
C LEU E 156 -21.58 31.87 -13.60
N VAL E 157 -21.15 32.88 -14.36
CA VAL E 157 -19.84 32.88 -15.01
C VAL E 157 -18.76 32.46 -14.01
N ASN E 158 -18.76 33.06 -12.81
CA ASN E 158 -17.70 32.81 -11.85
C ASN E 158 -17.74 31.36 -11.37
N GLU E 159 -18.93 30.90 -10.99
CA GLU E 159 -19.16 29.53 -10.59
C GLU E 159 -18.64 28.58 -11.66
N ALA E 160 -18.98 28.85 -12.93
CA ALA E 160 -18.41 28.12 -14.05
C ALA E 160 -16.90 28.05 -13.87
N ALA E 161 -16.24 29.21 -13.88
CA ALA E 161 -14.81 29.28 -13.67
C ALA E 161 -14.41 28.26 -12.60
N THR E 162 -14.93 28.43 -11.38
CA THR E 162 -14.52 27.61 -10.23
C THR E 162 -14.45 26.15 -10.64
N TYR E 163 -15.50 25.67 -11.30
CA TYR E 163 -15.57 24.26 -11.71
C TYR E 163 -14.33 23.94 -12.53
N PHE E 164 -14.16 24.65 -13.65
CA PHE E 164 -12.93 24.50 -14.43
C PHE E 164 -11.70 24.40 -13.54
N ASP E 165 -11.64 25.27 -12.53
CA ASP E 165 -10.43 25.42 -11.73
C ASP E 165 -10.23 24.21 -10.83
N LYS E 166 -11.28 23.79 -10.10
CA LYS E 166 -11.20 22.55 -9.35
C LYS E 166 -10.58 21.48 -10.26
N ALA E 167 -11.09 21.38 -11.48
CA ALA E 167 -10.55 20.46 -12.46
C ALA E 167 -9.04 20.68 -12.59
N ALA E 168 -8.66 21.87 -13.07
CA ALA E 168 -7.27 22.21 -13.28
C ALA E 168 -6.41 21.77 -12.09
N ALA E 169 -6.84 22.17 -10.89
CA ALA E 169 -6.09 21.94 -9.66
C ALA E 169 -5.86 20.45 -9.41
N SER E 170 -6.94 19.66 -9.43
CA SER E 170 -6.87 18.27 -8.99
C SER E 170 -6.08 17.45 -10.00
N ILE E 171 -6.16 17.79 -11.29
CA ILE E 171 -5.35 17.20 -12.33
C ILE E 171 -3.89 17.54 -12.09
N ALA E 172 -3.62 18.84 -12.00
CA ALA E 172 -2.30 19.37 -11.73
C ALA E 172 -1.80 18.88 -10.35
N MET F 1 -12.09 -28.53 2.74
CA MET F 1 -12.10 -30.01 2.81
C MET F 1 -13.53 -30.51 3.01
N LYS F 2 -13.87 -31.55 2.24
CA LYS F 2 -15.24 -32.05 2.19
C LYS F 2 -15.45 -33.12 3.25
N THR F 3 -16.19 -32.75 4.29
CA THR F 3 -16.76 -33.72 5.22
C THR F 3 -18.25 -33.40 5.32
N VAL F 4 -19.01 -34.33 5.89
CA VAL F 4 -20.44 -34.13 6.08
C VAL F 4 -20.67 -32.75 6.70
N ILE F 5 -19.98 -32.48 7.82
CA ILE F 5 -20.27 -31.32 8.63
C ILE F 5 -19.99 -30.06 7.81
N THR F 6 -18.83 -30.03 7.14
CA THR F 6 -18.46 -28.86 6.36
C THR F 6 -19.51 -28.56 5.30
N GLU F 7 -20.01 -29.61 4.63
CA GLU F 7 -20.91 -29.43 3.50
C GLU F 7 -22.20 -28.74 3.92
N VAL F 8 -22.85 -29.27 4.96
CA VAL F 8 -24.13 -28.73 5.38
C VAL F 8 -23.92 -27.25 5.74
N ILE F 9 -22.85 -26.94 6.47
CA ILE F 9 -22.52 -25.56 6.75
C ILE F 9 -22.48 -24.82 5.42
N ALA F 10 -21.66 -25.30 4.48
CA ALA F 10 -21.52 -24.67 3.17
C ALA F 10 -22.90 -24.39 2.59
N SER F 11 -23.72 -25.43 2.44
CA SER F 11 -25.05 -25.29 1.84
C SER F 11 -25.84 -24.23 2.61
N ALA F 12 -25.93 -24.38 3.94
CA ALA F 12 -26.59 -23.38 4.77
C ALA F 12 -26.06 -22.00 4.41
N ASP F 13 -24.72 -21.89 4.35
CA ASP F 13 -24.06 -20.61 4.16
C ASP F 13 -24.48 -19.99 2.83
N SER F 14 -24.42 -20.78 1.76
CA SER F 14 -24.74 -20.29 0.43
C SER F 14 -26.11 -19.62 0.42
N GLN F 15 -27.13 -20.35 0.90
CA GLN F 15 -28.50 -19.86 0.92
C GLN F 15 -28.59 -18.61 1.81
N GLY F 16 -27.68 -18.51 2.80
CA GLY F 16 -27.63 -17.36 3.70
C GLY F 16 -28.56 -17.55 4.90
N ARG F 17 -28.81 -18.81 5.24
CA ARG F 17 -29.82 -19.17 6.22
C ARG F 17 -29.17 -19.92 7.37
N PHE F 18 -29.83 -19.88 8.52
CA PHE F 18 -29.40 -20.62 9.70
C PHE F 18 -29.46 -22.12 9.40
N LEU F 19 -28.59 -22.88 10.08
CA LEU F 19 -28.73 -24.32 10.13
C LEU F 19 -30.07 -24.64 10.78
N ASN F 20 -30.97 -25.25 9.99
CA ASN F 20 -32.25 -25.71 10.49
C ASN F 20 -32.20 -27.21 10.73
N ASN F 21 -33.35 -27.81 11.05
CA ASN F 21 -33.44 -29.22 11.36
C ASN F 21 -32.80 -30.06 10.26
N THR F 22 -33.09 -29.72 8.99
CA THR F 22 -32.64 -30.51 7.86
C THR F 22 -31.20 -30.95 8.06
N GLU F 23 -30.34 -29.95 8.26
CA GLU F 23 -28.90 -30.18 8.26
C GLU F 23 -28.50 -30.99 9.47
N LEU F 24 -29.07 -30.65 10.63
CA LEU F 24 -28.71 -31.31 11.87
C LEU F 24 -28.90 -32.81 11.71
N GLN F 25 -30.07 -33.21 11.20
CA GLN F 25 -30.33 -34.61 10.90
C GLN F 25 -29.08 -35.21 10.25
N ALA F 26 -28.62 -34.57 9.16
CA ALA F 26 -27.46 -35.05 8.42
C ALA F 26 -26.27 -35.19 9.37
N ALA F 27 -25.89 -34.09 10.03
CA ALA F 27 -24.78 -34.10 10.96
C ALA F 27 -24.87 -35.32 11.87
N ASN F 28 -26.03 -35.47 12.53
CA ASN F 28 -26.25 -36.57 13.47
C ASN F 28 -25.73 -37.87 12.84
N GLY F 29 -26.13 -38.12 11.59
CA GLY F 29 -25.70 -39.30 10.86
C GLY F 29 -24.19 -39.51 10.96
N ARG F 30 -23.44 -38.48 10.54
CA ARG F 30 -21.99 -38.52 10.59
C ARG F 30 -21.50 -38.98 11.96
N PHE F 31 -22.06 -38.42 13.03
CA PHE F 31 -21.59 -38.66 14.38
C PHE F 31 -21.86 -40.10 14.82
N GLN F 32 -23.07 -40.59 14.50
CA GLN F 32 -23.41 -41.92 14.94
C GLN F 32 -22.49 -42.91 14.26
N ARG F 33 -22.24 -42.73 12.96
CA ARG F 33 -21.37 -43.61 12.20
C ARG F 33 -19.95 -43.63 12.77
N ALA F 34 -19.46 -42.45 13.20
CA ALA F 34 -18.07 -42.26 13.59
C ALA F 34 -17.53 -43.43 14.41
N THR F 35 -18.32 -43.91 15.39
CA THR F 35 -17.88 -44.95 16.30
C THR F 35 -17.29 -46.12 15.52
N ALA F 36 -18.01 -46.58 14.49
CA ALA F 36 -17.53 -47.62 13.59
C ALA F 36 -16.27 -47.14 12.86
N SER F 37 -16.37 -45.98 12.20
CA SER F 37 -15.27 -45.40 11.44
C SER F 37 -13.98 -45.42 12.28
N MET F 38 -14.07 -44.82 13.48
CA MET F 38 -12.95 -44.66 14.39
C MET F 38 -12.26 -46.00 14.64
N GLU F 39 -13.09 -47.01 14.93
CA GLU F 39 -12.61 -48.36 15.18
C GLU F 39 -11.74 -48.82 14.02
N ALA F 40 -12.27 -48.69 12.80
CA ALA F 40 -11.57 -49.12 11.59
C ALA F 40 -10.18 -48.49 11.54
N ALA F 41 -10.12 -47.17 11.75
CA ALA F 41 -8.87 -46.44 11.70
C ALA F 41 -7.85 -47.03 12.67
N ARG F 42 -8.27 -47.28 13.92
CA ARG F 42 -7.38 -47.86 14.92
C ARG F 42 -6.79 -49.17 14.40
N ALA F 43 -7.60 -49.96 13.69
CA ALA F 43 -7.17 -51.26 13.18
C ALA F 43 -6.14 -51.10 12.07
N LEU F 44 -6.40 -50.20 11.10
CA LEU F 44 -5.46 -49.99 10.01
C LEU F 44 -4.14 -49.43 10.55
N THR F 45 -4.25 -48.38 11.37
CA THR F 45 -3.09 -47.69 11.92
C THR F 45 -2.10 -48.70 12.52
N SER F 46 -2.63 -49.69 13.24
CA SER F 46 -1.83 -50.64 13.98
C SER F 46 -1.07 -51.58 13.04
N ASN F 47 -1.77 -52.11 12.02
CA ASN F 47 -1.21 -53.12 11.14
C ASN F 47 -0.52 -52.48 9.94
N ALA F 48 -0.39 -51.15 9.95
CA ALA F 48 0.03 -50.39 8.78
C ALA F 48 1.15 -51.13 8.04
N ASP F 49 2.40 -50.84 8.40
CA ASP F 49 3.59 -51.62 8.05
C ASP F 49 3.27 -52.95 7.34
N SER F 50 2.65 -53.89 8.06
CA SER F 50 2.48 -55.27 7.60
C SER F 50 1.70 -55.27 6.29
N LEU F 51 0.64 -54.44 6.26
CA LEU F 51 -0.15 -54.24 5.07
C LEU F 51 0.74 -53.74 3.94
N VAL F 52 1.55 -52.72 4.26
CA VAL F 52 2.43 -52.11 3.27
C VAL F 52 3.34 -53.19 2.70
N LYS F 53 4.16 -53.84 3.54
CA LYS F 53 5.05 -54.89 3.05
C LYS F 53 4.29 -55.76 2.05
N GLY F 54 3.20 -56.37 2.54
CA GLY F 54 2.43 -57.35 1.79
C GLY F 54 2.08 -56.80 0.40
N ALA F 55 1.57 -55.56 0.38
CA ALA F 55 1.17 -54.91 -0.86
C ALA F 55 2.37 -54.80 -1.80
N VAL F 56 3.35 -53.95 -1.45
CA VAL F 56 4.54 -53.77 -2.26
C VAL F 56 4.87 -55.11 -2.91
N GLN F 57 5.09 -56.09 -2.03
CA GLN F 57 5.44 -57.43 -2.44
C GLN F 57 4.54 -57.85 -3.60
N GLU F 58 3.25 -58.03 -3.29
CA GLU F 58 2.24 -58.44 -4.24
C GLU F 58 2.54 -57.87 -5.62
N VAL F 59 2.58 -56.54 -5.70
CA VAL F 59 2.81 -55.82 -6.95
C VAL F 59 3.89 -56.54 -7.76
N TYR F 60 5.02 -56.86 -7.12
CA TYR F 60 6.14 -57.50 -7.80
C TYR F 60 5.78 -58.88 -8.34
N ASN F 61 5.01 -59.65 -7.57
CA ASN F 61 4.56 -60.96 -8.03
C ASN F 61 3.72 -60.78 -9.29
N LYS F 62 2.82 -59.79 -9.20
CA LYS F 62 1.88 -59.49 -10.27
C LYS F 62 2.61 -59.06 -11.54
N PHE F 63 3.71 -58.29 -11.37
CA PHE F 63 4.41 -57.70 -12.50
C PHE F 63 5.90 -58.01 -12.40
N PRO F 64 6.30 -59.28 -12.58
CA PRO F 64 7.66 -59.72 -12.24
C PRO F 64 8.70 -58.79 -12.85
N TYR F 65 8.51 -58.45 -14.13
CA TYR F 65 9.50 -57.75 -14.95
C TYR F 65 9.97 -56.47 -14.26
N LEU F 66 9.14 -55.89 -13.39
CA LEU F 66 9.48 -54.63 -12.73
C LEU F 66 10.80 -54.74 -11.96
N THR F 67 11.09 -55.93 -11.42
CA THR F 67 12.25 -56.13 -10.56
C THR F 67 13.51 -56.37 -11.40
N GLN F 68 13.36 -56.55 -12.71
CA GLN F 68 14.50 -56.75 -13.60
C GLN F 68 15.29 -55.44 -13.72
N PRO F 69 16.64 -55.51 -13.93
CA PRO F 69 17.44 -54.30 -14.11
C PRO F 69 17.05 -53.51 -15.36
N GLY F 70 17.10 -52.17 -15.23
CA GLY F 70 16.69 -51.26 -16.28
C GLY F 70 15.20 -50.92 -16.22
N GLN F 71 14.48 -51.52 -15.25
CA GLN F 71 13.07 -51.26 -15.04
C GLN F 71 12.93 -50.31 -13.86
N MET F 72 11.66 -49.98 -13.55
CA MET F 72 11.33 -49.02 -12.51
C MET F 72 11.33 -49.70 -11.14
N GLY F 73 10.83 -50.94 -11.08
CA GLY F 73 10.77 -51.68 -9.82
C GLY F 73 12.16 -52.05 -9.29
N TYR F 74 13.20 -51.74 -10.07
CA TYR F 74 14.53 -52.24 -9.82
C TYR F 74 15.38 -51.21 -9.09
N GLY F 75 16.18 -51.69 -8.14
CA GLY F 75 17.07 -50.83 -7.37
C GLY F 75 16.30 -50.18 -6.23
N ASP F 76 16.93 -50.22 -5.04
CA ASP F 76 16.29 -50.03 -3.75
C ASP F 76 15.52 -48.71 -3.66
N THR F 77 16.16 -47.65 -4.17
CA THR F 77 15.60 -46.31 -4.19
C THR F 77 14.13 -46.40 -4.56
N ASN F 78 13.90 -47.06 -5.70
CA ASN F 78 12.58 -47.18 -6.30
C ASN F 78 11.68 -47.93 -5.33
N GLN F 79 12.19 -49.06 -4.80
CA GLN F 79 11.45 -49.88 -3.84
C GLN F 79 11.04 -49.01 -2.64
N ALA F 80 12.01 -48.28 -2.08
CA ALA F 80 11.75 -47.35 -1.00
C ALA F 80 10.58 -46.45 -1.37
N LYS F 81 10.70 -45.73 -2.50
CA LYS F 81 9.65 -44.86 -2.98
C LYS F 81 8.33 -45.66 -2.97
N CYS F 82 8.30 -46.75 -3.71
CA CYS F 82 7.11 -47.57 -3.80
C CYS F 82 6.47 -47.77 -2.42
N ALA F 83 7.29 -48.13 -1.43
CA ALA F 83 6.81 -48.30 -0.06
C ALA F 83 6.19 -47.00 0.43
N ARG F 84 7.02 -45.95 0.53
CA ARG F 84 6.59 -44.63 0.92
C ARG F 84 5.17 -44.36 0.39
N ASP F 85 5.06 -44.39 -0.95
CA ASP F 85 3.83 -44.01 -1.63
C ASP F 85 2.66 -44.74 -0.98
N ILE F 86 2.72 -46.06 -0.94
CA ILE F 86 1.61 -46.84 -0.42
C ILE F 86 1.32 -46.39 1.01
N SER F 87 2.35 -46.31 1.86
CA SER F 87 2.14 -45.75 3.19
C SER F 87 1.16 -44.59 3.08
N HIS F 88 1.54 -43.59 2.26
CA HIS F 88 0.72 -42.40 2.10
C HIS F 88 -0.74 -42.81 1.92
N TYR F 89 -1.03 -43.52 0.82
CA TYR F 89 -2.39 -43.91 0.52
C TYR F 89 -3.08 -44.33 1.81
N LEU F 90 -2.45 -45.26 2.51
CA LEU F 90 -3.00 -45.78 3.74
C LEU F 90 -3.27 -44.62 4.69
N ARG F 91 -2.20 -43.90 5.04
CA ARG F 91 -2.30 -42.77 5.95
C ARG F 91 -3.59 -42.02 5.67
N PHE F 92 -3.72 -41.51 4.45
CA PHE F 92 -4.87 -40.71 4.10
C PHE F 92 -6.15 -41.45 4.40
N ILE F 93 -6.24 -42.70 3.93
CA ILE F 93 -7.46 -43.45 4.16
C ILE F 93 -7.86 -43.30 5.63
N THR F 94 -6.95 -43.65 6.54
CA THR F 94 -7.25 -43.51 7.95
C THR F 94 -7.87 -42.14 8.17
N TYR F 95 -7.12 -41.09 7.80
CA TYR F 95 -7.58 -39.72 7.97
C TYR F 95 -9.07 -39.66 7.61
N SER F 96 -9.39 -40.08 6.38
CA SER F 96 -10.73 -39.90 5.85
C SER F 96 -11.77 -40.58 6.74
N LEU F 97 -11.46 -41.78 7.21
CA LEU F 97 -12.35 -42.48 8.13
C LEU F 97 -12.71 -41.57 9.30
N VAL F 98 -11.67 -40.96 9.88
CA VAL F 98 -11.81 -40.18 11.09
C VAL F 98 -12.57 -38.89 10.80
N ALA F 99 -12.18 -38.22 9.70
CA ALA F 99 -12.80 -36.96 9.30
C ALA F 99 -14.27 -37.17 8.95
N GLY F 100 -14.63 -38.39 8.54
CA GLY F 100 -15.99 -38.68 8.13
C GLY F 100 -16.30 -37.88 6.85
N GLY F 101 -15.52 -38.18 5.80
CA GLY F 101 -15.70 -37.58 4.49
C GLY F 101 -14.54 -38.01 3.59
N THR F 102 -14.71 -37.86 2.28
CA THR F 102 -13.65 -38.18 1.34
C THR F 102 -12.61 -37.08 1.36
N GLY F 103 -13.05 -35.87 1.78
CA GLY F 103 -12.22 -34.68 1.80
C GLY F 103 -10.73 -35.05 1.74
N PRO F 104 -10.15 -35.54 2.87
CA PRO F 104 -8.70 -35.72 2.95
C PRO F 104 -8.15 -36.39 1.69
N LEU F 105 -8.80 -37.47 1.28
CA LEU F 105 -8.38 -38.20 0.09
C LEU F 105 -8.32 -37.28 -1.11
N ASP F 106 -9.44 -36.60 -1.38
CA ASP F 106 -9.59 -35.77 -2.57
C ASP F 106 -8.38 -34.86 -2.74
N ASP F 107 -8.04 -34.14 -1.66
CA ASP F 107 -7.16 -32.98 -1.75
C ASP F 107 -5.70 -33.41 -1.82
N TYR F 108 -5.36 -34.47 -1.08
CA TYR F 108 -3.98 -34.93 -1.06
C TYR F 108 -3.76 -35.84 -2.27
N ILE F 109 -4.55 -36.90 -2.35
CA ILE F 109 -4.26 -37.97 -3.28
C ILE F 109 -4.77 -37.63 -4.68
N VAL F 110 -6.08 -37.36 -4.76
CA VAL F 110 -6.80 -37.49 -6.03
C VAL F 110 -6.46 -36.34 -6.96
N ALA F 111 -6.63 -35.12 -6.44
CA ALA F 111 -6.45 -33.94 -7.25
C ALA F 111 -5.03 -33.92 -7.81
N GLY F 112 -4.92 -33.91 -9.14
CA GLY F 112 -3.63 -33.88 -9.81
C GLY F 112 -3.02 -35.28 -9.95
N LEU F 113 -3.77 -36.30 -9.55
CA LEU F 113 -3.25 -37.65 -9.58
C LEU F 113 -2.70 -37.96 -10.98
N ARG F 114 -3.58 -37.79 -11.97
CA ARG F 114 -3.32 -38.20 -13.35
C ARG F 114 -1.95 -37.71 -13.81
N GLU F 115 -1.72 -36.40 -13.67
CA GLU F 115 -0.66 -35.71 -14.39
C GLU F 115 0.69 -36.11 -13.81
N VAL F 116 0.75 -36.04 -12.47
CA VAL F 116 1.85 -36.61 -11.73
C VAL F 116 2.19 -37.95 -12.39
N ASN F 117 1.24 -38.89 -12.32
CA ASN F 117 1.45 -40.24 -12.76
C ASN F 117 1.93 -40.27 -14.21
N ARG F 118 1.36 -39.41 -15.04
CA ARG F 118 1.70 -39.37 -16.46
C ARG F 118 3.16 -38.96 -16.64
N THR F 119 3.55 -37.88 -15.94
CA THR F 119 4.83 -37.24 -16.19
C THR F 119 5.98 -38.11 -15.68
N PHE F 120 5.70 -38.93 -14.65
CA PHE F 120 6.69 -39.84 -14.09
C PHE F 120 6.47 -41.28 -14.57
N ASN F 121 5.42 -41.52 -15.37
CA ASN F 121 5.19 -42.80 -16.00
C ASN F 121 4.94 -43.87 -14.93
N LEU F 122 4.23 -43.48 -13.87
CA LEU F 122 3.73 -44.44 -12.91
C LEU F 122 2.44 -45.01 -13.47
N SER F 123 2.36 -46.34 -13.57
CA SER F 123 1.18 -46.99 -14.11
C SER F 123 0.14 -47.13 -12.98
N PRO F 124 -1.06 -46.53 -13.14
CA PRO F 124 -2.10 -46.64 -12.10
C PRO F 124 -2.21 -48.09 -11.62
N SER F 125 -2.39 -49.01 -12.59
CA SER F 125 -2.47 -50.44 -12.34
C SER F 125 -1.75 -50.81 -11.04
N TRP F 126 -0.43 -50.54 -10.97
CA TRP F 126 0.35 -50.93 -9.80
C TRP F 126 -0.42 -50.59 -8.54
N TYR F 127 -0.51 -49.29 -8.27
CA TYR F 127 -1.20 -48.83 -7.07
C TYR F 127 -2.40 -49.72 -6.84
N ILE F 128 -3.25 -49.81 -7.86
CA ILE F 128 -4.49 -50.54 -7.73
C ILE F 128 -4.20 -51.87 -7.01
N GLU F 129 -3.31 -52.70 -7.57
CA GLU F 129 -3.04 -54.00 -6.98
C GLU F 129 -2.78 -53.81 -5.48
N ALA F 130 -1.78 -52.99 -5.16
CA ALA F 130 -1.49 -52.65 -3.78
C ALA F 130 -2.82 -52.60 -3.04
N LEU F 131 -3.67 -51.65 -3.42
CA LEU F 131 -4.95 -51.45 -2.75
C LEU F 131 -5.67 -52.78 -2.62
N LYS F 132 -5.96 -53.43 -3.75
CA LYS F 132 -6.73 -54.67 -3.73
C LYS F 132 -6.17 -55.63 -2.68
N HIS F 133 -4.88 -55.94 -2.81
CA HIS F 133 -4.24 -56.83 -1.85
C HIS F 133 -4.59 -56.38 -0.44
N ILE F 134 -4.38 -55.08 -0.15
CA ILE F 134 -4.74 -54.49 1.12
C ILE F 134 -6.16 -54.89 1.48
N LYS F 135 -7.11 -54.48 0.61
CA LYS F 135 -8.52 -54.68 0.86
C LYS F 135 -8.75 -56.09 1.39
N GLY F 136 -8.14 -57.07 0.70
CA GLY F 136 -8.24 -58.48 1.05
C GLY F 136 -7.80 -58.76 2.48
N LYS F 137 -6.65 -58.19 2.90
CA LYS F 137 -6.14 -58.37 4.25
C LYS F 137 -7.09 -57.72 5.25
N VAL F 138 -7.43 -56.45 5.02
CA VAL F 138 -8.35 -55.71 5.86
C VAL F 138 -9.61 -56.54 6.08
N GLY F 139 -10.03 -57.27 5.03
CA GLY F 139 -11.23 -58.11 5.08
C GLY F 139 -11.13 -59.27 6.08
N SER F 140 -10.07 -59.29 6.92
CA SER F 140 -9.93 -60.27 7.98
C SER F 140 -9.95 -59.61 9.36
N GLN F 141 -9.18 -58.53 9.52
CA GLN F 141 -8.97 -57.87 10.80
C GLN F 141 -10.24 -57.15 11.24
N LEU F 142 -11.09 -56.80 10.26
CA LEU F 142 -12.30 -56.04 10.50
C LEU F 142 -13.53 -56.87 10.17
N SER F 143 -14.69 -56.32 10.51
CA SER F 143 -15.97 -57.01 10.38
C SER F 143 -17.12 -56.02 10.57
N GLY F 144 -18.28 -56.35 9.98
CA GLY F 144 -19.46 -55.53 10.11
C GLY F 144 -19.24 -54.13 9.57
N GLN F 145 -19.87 -53.14 10.21
CA GLN F 145 -19.85 -51.77 9.71
C GLN F 145 -18.42 -51.27 9.61
N PRO F 146 -17.58 -51.40 10.66
CA PRO F 146 -16.19 -50.99 10.58
C PRO F 146 -15.59 -51.38 9.23
N LEU F 147 -15.69 -52.68 8.90
CA LEU F 147 -15.22 -53.18 7.62
C LEU F 147 -15.83 -52.35 6.49
N THR F 148 -17.16 -52.37 6.40
CA THR F 148 -17.86 -51.71 5.29
C THR F 148 -17.22 -50.35 5.04
N GLU F 149 -17.08 -49.53 6.09
CA GLU F 149 -16.49 -48.21 5.97
C GLU F 149 -15.12 -48.32 5.30
N ALA F 150 -14.22 -49.13 5.88
CA ALA F 150 -12.88 -49.31 5.34
C ALA F 150 -12.96 -49.47 3.83
N ASN F 151 -13.76 -50.43 3.38
CA ASN F 151 -13.92 -50.71 1.97
C ASN F 151 -14.22 -49.41 1.22
N ALA F 152 -15.42 -48.86 1.45
CA ALA F 152 -15.87 -47.64 0.78
C ALA F 152 -14.67 -46.80 0.37
N TYR F 153 -13.89 -46.37 1.37
CA TYR F 153 -12.81 -45.44 1.14
C TYR F 153 -11.75 -46.08 0.25
N ILE F 154 -11.27 -47.27 0.61
CA ILE F 154 -10.29 -47.96 -0.20
C ILE F 154 -10.73 -47.88 -1.66
N ASP F 155 -11.95 -48.34 -1.93
CA ASP F 155 -12.49 -48.37 -3.29
C ASP F 155 -12.39 -46.99 -3.93
N TYR F 156 -13.03 -46.02 -3.27
CA TYR F 156 -13.08 -44.67 -3.77
C TYR F 156 -11.80 -44.30 -4.51
N CYS F 157 -10.65 -44.73 -3.97
CA CYS F 157 -9.36 -44.53 -4.61
C CYS F 157 -9.20 -45.38 -5.87
N ILE F 158 -9.46 -46.68 -5.75
CA ILE F 158 -9.43 -47.55 -6.90
C ILE F 158 -10.09 -46.80 -8.06
N ASN F 159 -11.31 -46.31 -7.83
CA ASN F 159 -12.09 -45.64 -8.87
C ASN F 159 -11.37 -44.40 -9.36
N ALA F 160 -10.77 -43.63 -8.43
CA ALA F 160 -10.09 -42.40 -8.79
C ALA F 160 -8.82 -42.71 -9.61
N LEU F 161 -8.14 -43.80 -9.23
CA LEU F 161 -6.91 -44.21 -9.89
C LEU F 161 -7.19 -44.66 -11.32
N SER F 162 -8.17 -45.56 -11.44
CA SER F 162 -8.68 -46.01 -12.72
C SER F 162 -9.60 -44.93 -13.32
N MET G 1 -13.12 -25.62 3.70
CA MET G 1 -13.32 -25.13 5.09
C MET G 1 -12.49 -25.98 6.05
N GLN G 2 -12.80 -25.83 7.35
CA GLN G 2 -12.15 -26.61 8.39
C GLN G 2 -13.13 -26.88 9.51
N ASP G 3 -12.79 -27.88 10.33
CA ASP G 3 -13.49 -28.15 11.58
C ASP G 3 -12.57 -29.03 12.43
N ALA G 4 -13.03 -29.35 13.65
CA ALA G 4 -12.22 -30.02 14.65
C ALA G 4 -11.48 -31.22 14.07
N PHE G 5 -12.22 -32.14 13.44
CA PHE G 5 -11.64 -33.35 12.88
C PHE G 5 -10.56 -33.00 11.87
N THR G 6 -11.01 -32.41 10.75
CA THR G 6 -10.16 -32.07 9.63
C THR G 6 -8.86 -31.48 10.17
N LYS G 7 -9.02 -30.50 11.09
CA LYS G 7 -7.89 -29.79 11.68
C LYS G 7 -6.83 -30.77 12.15
N ALA G 8 -7.23 -31.64 13.09
CA ALA G 8 -6.31 -32.57 13.72
C ALA G 8 -5.57 -33.35 12.64
N ILE G 9 -6.33 -33.86 11.65
CA ILE G 9 -5.75 -34.50 10.49
C ILE G 9 -4.60 -33.64 9.98
N VAL G 10 -4.92 -32.42 9.57
CA VAL G 10 -3.97 -31.57 8.86
C VAL G 10 -2.66 -31.54 9.63
N ALA G 11 -2.74 -31.17 10.92
CA ALA G 11 -1.59 -31.18 11.80
C ALA G 11 -0.80 -32.46 11.60
N ALA G 12 -1.46 -33.61 11.81
CA ALA G 12 -0.83 -34.91 11.72
C ALA G 12 -0.10 -35.06 10.38
N ASP G 13 -0.72 -34.57 9.31
CA ASP G 13 -0.19 -34.71 7.96
C ASP G 13 1.23 -34.13 7.87
N LEU G 14 1.43 -32.94 8.45
CA LEU G 14 2.65 -32.19 8.26
C LEU G 14 3.81 -32.88 8.98
N ARG G 15 3.50 -33.46 10.14
CA ARG G 15 4.42 -34.35 10.85
C ARG G 15 4.72 -35.57 9.98
N GLY G 16 3.75 -35.95 9.15
CA GLY G 16 3.92 -37.03 8.18
C GLY G 16 3.52 -38.38 8.76
N SER G 17 2.70 -38.34 9.84
CA SER G 17 2.46 -39.50 10.66
C SER G 17 0.98 -39.88 10.66
N PHE G 18 0.70 -41.12 11.06
CA PHE G 18 -0.64 -41.52 11.45
C PHE G 18 -1.04 -40.74 12.69
N LEU G 19 -2.35 -40.66 12.94
CA LEU G 19 -2.84 -39.93 14.08
C LEU G 19 -2.37 -40.59 15.38
N SER G 20 -1.87 -39.75 16.30
CA SER G 20 -1.46 -40.21 17.61
C SER G 20 -2.70 -40.72 18.35
N GLU G 21 -2.50 -41.75 19.20
CA GLU G 21 -3.60 -42.35 19.92
C GLU G 21 -4.21 -41.28 20.83
N GLN G 22 -3.35 -40.56 21.55
CA GLN G 22 -3.77 -39.42 22.36
C GLN G 22 -4.77 -38.58 21.56
N GLU G 23 -4.40 -38.20 20.32
CA GLU G 23 -5.18 -37.28 19.50
C GLU G 23 -6.56 -37.84 19.15
N LEU G 24 -6.58 -39.13 18.79
CA LEU G 24 -7.84 -39.83 18.58
C LEU G 24 -8.76 -39.58 19.77
N ASN G 25 -8.22 -39.70 20.99
CA ASN G 25 -9.03 -39.64 22.20
C ASN G 25 -9.65 -38.25 22.39
N GLN G 26 -9.07 -37.21 21.79
CA GLN G 26 -9.73 -35.91 21.74
C GLN G 26 -11.01 -36.04 20.94
N LEU G 27 -10.88 -36.64 19.76
CA LEU G 27 -11.98 -36.74 18.81
C LEU G 27 -13.02 -37.72 19.37
N THR G 28 -12.56 -38.87 19.87
CA THR G 28 -13.45 -39.87 20.45
C THR G 28 -14.40 -39.21 21.45
N ASN G 29 -13.83 -38.45 22.40
CA ASN G 29 -14.58 -37.75 23.43
C ASN G 29 -15.52 -36.72 22.77
N LEU G 30 -14.98 -35.98 21.78
CA LEU G 30 -15.74 -34.94 21.11
C LEU G 30 -17.05 -35.51 20.58
N VAL G 31 -16.95 -36.70 19.97
CA VAL G 31 -18.09 -37.45 19.46
C VAL G 31 -19.13 -37.62 20.55
N LYS G 32 -18.70 -38.13 21.70
CA LYS G 32 -19.59 -38.45 22.80
C LYS G 32 -20.49 -37.25 23.13
N GLU G 33 -19.90 -36.04 23.09
CA GLU G 33 -20.61 -34.82 23.44
C GLU G 33 -21.59 -34.42 22.34
N SER G 34 -21.34 -34.86 21.10
CA SER G 34 -22.18 -34.53 19.95
C SER G 34 -23.57 -34.11 20.41
N ASN G 35 -24.33 -35.06 20.95
CA ASN G 35 -25.74 -34.86 21.23
C ASN G 35 -25.92 -33.50 21.90
N LYS G 36 -25.17 -33.29 22.99
CA LYS G 36 -25.17 -32.01 23.68
C LYS G 36 -24.87 -30.92 22.64
N ARG G 37 -23.69 -30.99 22.03
CA ARG G 37 -23.31 -30.03 21.00
C ARG G 37 -24.52 -29.67 20.15
N LEU G 38 -25.13 -30.67 19.53
CA LEU G 38 -26.23 -30.43 18.60
C LEU G 38 -27.30 -29.55 19.25
N ASP G 39 -27.87 -30.02 20.35
CA ASP G 39 -28.95 -29.31 21.02
C ASP G 39 -28.58 -27.83 21.20
N ALA G 40 -27.35 -27.57 21.62
CA ALA G 40 -26.87 -26.21 21.75
C ALA G 40 -27.20 -25.45 20.47
N VAL G 41 -26.69 -25.92 19.34
CA VAL G 41 -26.93 -25.28 18.06
C VAL G 41 -28.43 -25.07 17.90
N ASN G 42 -29.19 -26.18 18.03
CA ASN G 42 -30.63 -26.15 17.85
C ASN G 42 -31.25 -24.99 18.63
N ALA G 43 -30.83 -24.82 19.88
CA ALA G 43 -31.35 -23.78 20.75
C ALA G 43 -31.17 -22.42 20.10
N ILE G 44 -29.96 -22.12 19.61
CA ILE G 44 -29.69 -20.84 18.99
C ILE G 44 -30.66 -20.64 17.83
N THR G 45 -30.57 -21.53 16.83
CA THR G 45 -31.36 -21.44 15.62
C THR G 45 -32.83 -21.22 15.96
N GLY G 46 -33.32 -21.99 16.95
CA GLY G 46 -34.72 -21.93 17.36
C GLY G 46 -35.13 -20.54 17.83
N ASN G 47 -34.21 -19.84 18.51
CA ASN G 47 -34.57 -18.58 19.16
C ASN G 47 -34.08 -17.41 18.33
N ALA G 48 -33.34 -17.71 17.24
CA ALA G 48 -32.62 -16.70 16.47
C ALA G 48 -33.31 -15.35 16.56
N ALA G 49 -34.43 -15.18 15.83
CA ALA G 49 -35.11 -13.90 15.71
C ALA G 49 -35.00 -13.12 17.02
N GLU G 50 -35.44 -13.79 18.09
CA GLU G 50 -35.52 -13.20 19.42
C GLU G 50 -34.14 -12.68 19.83
N ILE G 51 -33.16 -13.59 19.90
CA ILE G 51 -31.81 -13.22 20.33
C ILE G 51 -31.52 -11.82 19.83
N ILE G 52 -31.53 -11.68 18.49
CA ILE G 52 -31.27 -10.40 17.86
C ILE G 52 -32.21 -9.36 18.45
N SER G 53 -33.51 -9.48 18.13
CA SER G 53 -34.47 -8.49 18.57
C SER G 53 -34.03 -7.94 19.91
N ASP G 54 -33.93 -8.86 20.89
CA ASP G 54 -33.55 -8.53 22.25
C ASP G 54 -32.31 -7.65 22.24
N ALA G 55 -31.18 -8.22 21.82
CA ALA G 55 -29.90 -7.54 21.86
C ALA G 55 -30.04 -6.10 21.36
N ALA G 56 -30.66 -5.94 20.18
CA ALA G 56 -30.88 -4.63 19.60
C ALA G 56 -31.50 -3.68 20.62
N HIS G 57 -32.70 -4.00 21.11
CA HIS G 57 -33.39 -3.15 22.08
C HIS G 57 -32.42 -2.58 23.09
N LYS G 58 -31.64 -3.48 23.71
CA LYS G 58 -30.71 -3.13 24.75
C LYS G 58 -29.62 -2.24 24.17
N LEU G 59 -29.09 -2.60 22.99
CA LEU G 59 -28.07 -1.80 22.35
C LEU G 59 -28.52 -0.35 22.26
N PHE G 60 -29.77 -0.13 21.83
CA PHE G 60 -30.23 1.20 21.49
C PHE G 60 -30.66 1.97 22.73
N ALA G 61 -31.15 1.26 23.76
CA ALA G 61 -31.42 1.88 25.05
C ALA G 61 -30.13 2.49 25.60
N GLU G 62 -28.99 1.79 25.42
CA GLU G 62 -27.70 2.24 25.93
C GLU G 62 -27.20 3.43 25.13
N GLN G 63 -26.95 3.22 23.82
CA GLN G 63 -26.33 4.22 22.97
C GLN G 63 -27.38 4.94 22.15
N THR G 64 -28.14 5.80 22.82
CA THR G 64 -29.26 6.52 22.24
C THR G 64 -28.88 7.20 20.91
N ASP G 65 -27.65 7.76 20.88
CA ASP G 65 -27.19 8.58 19.76
C ASP G 65 -27.21 7.81 18.43
N LEU G 66 -26.96 6.50 18.48
CA LEU G 66 -26.85 5.71 17.26
C LEU G 66 -28.10 5.92 16.42
N ILE G 67 -29.25 6.05 17.10
CA ILE G 67 -30.54 6.17 16.45
C ILE G 67 -30.93 7.64 16.26
N ARG G 68 -30.09 8.57 16.68
CA ARG G 68 -30.41 9.99 16.52
C ARG G 68 -29.80 10.49 15.23
N PRO G 69 -30.38 11.55 14.61
CA PRO G 69 -29.89 12.06 13.34
C PRO G 69 -28.40 12.37 13.52
N GLY G 70 -27.58 11.93 12.55
CA GLY G 70 -26.14 12.10 12.60
C GLY G 70 -25.44 10.86 13.15
N GLY G 71 -26.17 9.98 13.85
CA GLY G 71 -25.61 8.75 14.37
C GLY G 71 -25.39 7.73 13.24
N ASN G 72 -24.91 6.53 13.57
CA ASN G 72 -24.60 5.58 12.53
C ASN G 72 -25.80 4.68 12.21
N ALA G 73 -26.72 4.48 13.16
CA ALA G 73 -27.85 3.57 12.94
C ALA G 73 -29.00 4.28 12.22
N TYR G 74 -28.95 5.62 12.21
CA TYR G 74 -29.90 6.44 11.47
C TYR G 74 -29.44 6.63 10.04
N PRO G 75 -30.31 6.78 9.02
CA PRO G 75 -31.76 6.56 9.12
C PRO G 75 -32.14 5.09 8.96
N ASN G 76 -33.40 4.82 8.60
CA ASN G 76 -33.86 3.46 8.41
C ASN G 76 -32.82 2.63 7.68
N ARG G 77 -32.50 3.02 6.45
CA ARG G 77 -31.58 2.25 5.62
C ARG G 77 -30.46 1.68 6.48
N ARG G 78 -29.77 2.58 7.17
CA ARG G 78 -28.62 2.18 7.96
C ARG G 78 -29.08 1.18 9.00
N MET G 79 -30.07 1.58 9.80
CA MET G 79 -30.60 0.70 10.81
C MET G 79 -30.65 -0.73 10.26
N ALA G 80 -31.34 -0.89 9.13
CA ALA G 80 -31.55 -2.19 8.53
C ALA G 80 -30.23 -2.94 8.47
N ALA G 81 -29.25 -2.32 7.78
CA ALA G 81 -27.92 -2.90 7.69
C ALA G 81 -27.51 -3.44 9.05
N CYS G 82 -27.50 -2.54 10.04
CA CYS G 82 -26.98 -2.89 11.36
C CYS G 82 -27.63 -4.15 11.89
N LEU G 83 -28.94 -4.27 11.71
CA LEU G 83 -29.66 -5.47 12.14
C LEU G 83 -29.12 -6.67 11.37
N ARG G 84 -29.18 -6.57 10.05
CA ARG G 84 -28.68 -7.63 9.20
C ARG G 84 -27.31 -8.09 9.71
N ASP G 85 -26.39 -7.15 9.87
CA ASP G 85 -25.04 -7.50 10.30
C ASP G 85 -25.09 -8.41 11.53
N MET G 86 -25.71 -7.92 12.60
CA MET G 86 -25.78 -8.68 13.84
C MET G 86 -26.10 -10.13 13.51
N GLU G 87 -27.24 -10.30 12.84
CA GLU G 87 -27.71 -11.61 12.41
C GLU G 87 -26.54 -12.40 11.84
N ILE G 88 -25.91 -11.87 10.79
CA ILE G 88 -24.87 -12.59 10.10
C ILE G 88 -23.92 -13.19 11.12
N ILE G 89 -23.29 -12.28 11.89
CA ILE G 89 -22.34 -12.70 12.90
C ILE G 89 -22.90 -13.92 13.62
N LEU G 90 -24.12 -13.79 14.12
CA LEU G 90 -24.77 -14.88 14.82
C LEU G 90 -24.69 -16.14 13.97
N ARG G 91 -25.26 -16.06 12.76
CA ARG G 91 -25.28 -17.19 11.85
C ARG G 91 -23.94 -17.93 11.92
N TYR G 92 -22.87 -17.18 11.64
CA TYR G 92 -21.55 -17.78 11.64
C TYR G 92 -21.30 -18.47 12.96
N VAL G 93 -21.34 -17.69 14.05
CA VAL G 93 -21.07 -18.24 15.36
C VAL G 93 -21.68 -19.64 15.42
N SER G 94 -22.99 -19.72 15.18
CA SER G 94 -23.66 -21.01 15.19
C SER G 94 -22.79 -22.01 14.41
N TYR G 95 -22.56 -21.73 13.12
CA TYR G 95 -21.78 -22.63 12.29
C TYR G 95 -20.60 -23.16 13.08
N ALA G 96 -19.73 -22.24 13.50
CA ALA G 96 -18.54 -22.60 14.26
C ALA G 96 -18.92 -23.63 15.30
N LEU G 97 -19.91 -23.27 16.12
CA LEU G 97 -20.29 -24.07 17.27
C LEU G 97 -20.47 -25.53 16.87
N LEU G 98 -21.11 -25.75 15.73
CA LEU G 98 -21.30 -27.10 15.21
C LEU G 98 -19.95 -27.71 14.86
N ALA G 99 -19.18 -26.99 14.02
CA ALA G 99 -17.92 -27.49 13.50
C ALA G 99 -17.02 -27.93 14.65
N GLY G 100 -17.06 -27.16 15.75
CA GLY G 100 -16.11 -27.32 16.84
C GLY G 100 -14.81 -26.60 16.53
N ASP G 101 -14.92 -25.49 15.78
CA ASP G 101 -13.74 -24.75 15.33
C ASP G 101 -14.11 -23.32 14.98
N ALA G 102 -13.22 -22.40 15.36
CA ALA G 102 -13.34 -20.98 15.08
C ALA G 102 -13.29 -20.71 13.58
N SER G 103 -12.41 -21.42 12.85
CA SER G 103 -12.04 -21.09 11.48
C SER G 103 -13.22 -20.48 10.73
N VAL G 104 -14.17 -21.31 10.29
CA VAL G 104 -15.30 -20.86 9.49
C VAL G 104 -15.66 -19.42 9.86
N LEU G 105 -15.84 -19.14 11.14
CA LEU G 105 -16.18 -17.82 11.63
C LEU G 105 -15.13 -16.78 11.19
N GLU G 106 -13.86 -17.06 11.49
CA GLU G 106 -12.78 -16.14 11.17
C GLU G 106 -12.75 -15.80 9.70
N ASP G 107 -12.85 -16.83 8.87
CA ASP G 107 -12.50 -16.77 7.46
C ASP G 107 -13.63 -16.09 6.69
N ARG G 108 -14.83 -16.65 6.78
CA ARG G 108 -15.99 -16.12 6.11
C ARG G 108 -16.38 -14.76 6.69
N CYS G 109 -16.31 -14.59 8.01
CA CYS G 109 -17.01 -13.46 8.62
C CYS G 109 -16.03 -12.39 9.03
N LEU G 110 -15.13 -12.72 9.96
CA LEU G 110 -14.33 -11.72 10.66
C LEU G 110 -13.27 -11.10 9.75
N ASN G 111 -12.86 -11.86 8.73
CA ASN G 111 -11.87 -11.43 7.76
C ASN G 111 -12.33 -10.15 7.05
N GLY G 112 -11.51 -9.10 7.21
CA GLY G 112 -11.76 -7.83 6.56
C GLY G 112 -12.75 -6.96 7.33
N LEU G 113 -13.42 -7.53 8.34
CA LEU G 113 -14.62 -6.93 8.86
C LEU G 113 -14.25 -5.59 9.46
N LYS G 114 -13.22 -5.63 10.33
CA LYS G 114 -12.81 -4.43 11.05
C LYS G 114 -12.67 -3.30 10.03
N GLU G 115 -11.93 -3.59 8.95
CA GLU G 115 -11.47 -2.58 8.03
C GLU G 115 -12.66 -1.92 7.35
N THR G 116 -13.57 -2.77 6.87
CA THR G 116 -14.85 -2.32 6.36
C THR G 116 -15.43 -1.29 7.32
N TYR G 117 -15.67 -1.74 8.54
CA TYR G 117 -16.35 -0.90 9.52
C TYR G 117 -15.64 0.44 9.62
N VAL G 118 -14.31 0.37 9.66
CA VAL G 118 -13.49 1.57 9.73
C VAL G 118 -13.82 2.48 8.57
N ALA G 119 -13.68 1.96 7.34
CA ALA G 119 -13.83 2.75 6.15
C ALA G 119 -15.18 3.47 6.14
N LEU G 120 -16.22 2.76 6.59
CA LEU G 120 -17.57 3.29 6.61
C LEU G 120 -17.71 4.41 7.63
N GLY G 121 -16.92 4.31 8.72
CA GLY G 121 -17.07 5.20 9.86
C GLY G 121 -17.98 4.61 10.92
N THR G 122 -18.41 3.34 10.70
CA THR G 122 -19.12 2.58 11.71
C THR G 122 -18.19 2.47 12.93
N PRO G 123 -18.70 2.76 14.15
CA PRO G 123 -17.86 2.71 15.36
C PRO G 123 -17.68 1.28 15.83
N THR G 124 -16.46 0.75 15.65
CA THR G 124 -16.17 -0.65 15.91
C THR G 124 -16.56 -1.01 17.34
N ARG G 125 -16.31 -0.09 18.28
CA ARG G 125 -16.61 -0.29 19.69
C ARG G 125 -18.04 -0.82 19.86
N SER G 126 -18.97 -0.04 19.32
CA SER G 126 -20.39 -0.31 19.47
C SER G 126 -20.70 -1.69 18.89
N VAL G 127 -20.15 -1.98 17.70
CA VAL G 127 -20.37 -3.28 17.08
C VAL G 127 -20.04 -4.34 18.10
N ALA G 128 -18.79 -4.30 18.60
CA ALA G 128 -18.34 -5.28 19.58
C ALA G 128 -19.38 -5.42 20.68
N ARG G 129 -19.78 -4.28 21.27
CA ARG G 129 -20.77 -4.27 22.33
C ARG G 129 -21.95 -5.16 21.94
N ALA G 130 -22.56 -4.86 20.79
CA ALA G 130 -23.70 -5.60 20.29
C ALA G 130 -23.41 -7.10 20.34
N VAL G 131 -22.26 -7.51 19.79
CA VAL G 131 -21.88 -8.91 19.77
C VAL G 131 -22.04 -9.50 21.17
N GLN G 132 -21.47 -8.84 22.18
CA GLN G 132 -21.58 -9.33 23.55
C GLN G 132 -23.05 -9.43 23.94
N LEU G 133 -23.79 -8.32 23.82
CA LEU G 133 -25.20 -8.32 24.16
C LEU G 133 -25.83 -9.61 23.64
N MET G 134 -25.63 -9.86 22.34
CA MET G 134 -26.07 -11.10 21.74
C MET G 134 -25.56 -12.26 22.58
N LYS G 135 -24.25 -12.38 22.73
CA LYS G 135 -23.66 -13.50 23.45
C LYS G 135 -24.54 -13.89 24.64
N GLU G 136 -24.76 -12.95 25.56
CA GLU G 136 -25.38 -13.22 26.85
C GLU G 136 -26.76 -13.83 26.68
N THR G 137 -27.57 -13.18 25.82
CA THR G 137 -28.91 -13.61 25.52
C THR G 137 -28.87 -15.05 25.01
N ALA G 138 -27.99 -15.29 24.02
CA ALA G 138 -27.85 -16.58 23.38
C ALA G 138 -27.58 -17.66 24.43
N ILE G 139 -26.50 -17.48 25.20
CA ILE G 139 -26.16 -18.40 26.27
C ILE G 139 -27.42 -18.69 27.07
N GLY G 140 -28.11 -17.62 27.50
CA GLY G 140 -29.40 -17.71 28.18
C GLY G 140 -30.22 -18.91 27.70
N TYR G 141 -30.42 -19.02 26.38
CA TYR G 141 -31.21 -20.09 25.81
C TYR G 141 -30.46 -21.41 25.83
N VAL G 142 -29.25 -21.42 25.25
CA VAL G 142 -28.43 -22.62 25.23
C VAL G 142 -28.54 -23.33 26.58
N ASN G 143 -28.57 -22.55 27.67
CA ASN G 143 -28.27 -23.09 28.99
C ASN G 143 -29.54 -23.43 29.79
N SER G 144 -30.72 -23.02 29.30
CA SER G 144 -31.95 -23.13 30.08
C SER G 144 -33.08 -23.78 29.27
N PRO G 145 -32.83 -24.80 28.40
CA PRO G 145 -33.86 -25.25 27.46
C PRO G 145 -34.93 -26.10 28.14
N SER G 146 -35.90 -26.51 27.30
CA SER G 146 -37.12 -27.16 27.74
C SER G 146 -37.30 -28.48 26.99
N GLY G 147 -37.54 -29.56 27.74
CA GLY G 147 -37.80 -30.87 27.16
C GLY G 147 -36.50 -31.65 26.92
N VAL G 148 -35.35 -31.02 27.16
CA VAL G 148 -34.09 -31.68 26.96
C VAL G 148 -33.72 -32.40 28.26
N THR G 149 -33.09 -33.57 28.07
CA THR G 149 -32.48 -34.34 29.15
C THR G 149 -31.49 -33.46 29.90
N ARG G 150 -31.62 -33.42 31.22
CA ARG G 150 -30.81 -32.53 32.05
C ARG G 150 -29.41 -33.13 32.21
N GLY G 151 -28.39 -32.27 32.08
CA GLY G 151 -26.98 -32.62 32.26
C GLY G 151 -26.13 -31.35 32.32
N ASP G 152 -24.81 -31.49 32.16
CA ASP G 152 -23.90 -30.35 32.17
C ASP G 152 -23.48 -29.95 30.77
N CYS G 153 -23.77 -28.70 30.38
CA CYS G 153 -23.40 -28.21 29.07
C CYS G 153 -22.24 -27.21 29.14
N SER G 154 -21.81 -26.84 30.36
CA SER G 154 -20.78 -25.83 30.57
C SER G 154 -19.74 -25.84 29.44
N ALA G 155 -19.05 -26.98 29.29
CA ALA G 155 -17.97 -27.16 28.33
C ALA G 155 -18.32 -26.44 27.01
N LEU G 156 -19.49 -26.79 26.47
CA LEU G 156 -20.00 -26.20 25.24
C LEU G 156 -20.26 -24.71 25.42
N VAL G 157 -20.97 -24.36 26.51
CA VAL G 157 -21.29 -22.98 26.82
C VAL G 157 -20.03 -22.11 26.68
N ASN G 158 -18.91 -22.54 27.28
CA ASN G 158 -17.70 -21.72 27.32
C ASN G 158 -17.15 -21.54 25.91
N GLU G 159 -17.02 -22.65 25.17
CA GLU G 159 -16.59 -22.64 23.79
C GLU G 159 -17.44 -21.65 22.99
N ALA G 160 -18.76 -21.73 23.15
CA ALA G 160 -19.67 -20.74 22.57
C ALA G 160 -19.14 -19.34 22.89
N ALA G 161 -19.08 -19.00 24.18
CA ALA G 161 -18.54 -17.72 24.60
C ALA G 161 -17.35 -17.35 23.73
N THR G 162 -16.29 -18.18 23.76
CA THR G 162 -15.03 -17.87 23.10
C THR G 162 -15.31 -17.37 21.68
N TYR G 163 -16.18 -18.09 20.95
CA TYR G 163 -16.48 -17.73 19.57
C TYR G 163 -16.97 -16.29 19.54
N PHE G 164 -18.06 -16.01 20.26
CA PHE G 164 -18.53 -14.64 20.40
C PHE G 164 -17.37 -13.67 20.61
N ASP G 165 -16.42 -14.06 21.47
CA ASP G 165 -15.38 -13.14 21.91
C ASP G 165 -14.37 -12.92 20.79
N LYS G 166 -13.88 -13.99 20.15
CA LYS G 166 -13.07 -13.84 18.96
C LYS G 166 -13.70 -12.79 18.05
N ALA G 167 -15.01 -12.94 17.83
CA ALA G 167 -15.75 -11.97 17.04
C ALA G 167 -15.51 -10.58 17.60
N ALA G 168 -15.99 -10.36 18.84
CA ALA G 168 -15.87 -9.06 19.49
C ALA G 168 -14.49 -8.47 19.27
N ALA G 169 -13.45 -9.25 19.57
CA ALA G 169 -12.06 -8.81 19.56
C ALA G 169 -11.65 -8.31 18.17
N SER G 170 -11.86 -9.15 17.15
CA SER G 170 -11.30 -8.88 15.83
C SER G 170 -12.03 -7.72 15.18
N ILE G 171 -13.34 -7.56 15.47
CA ILE G 171 -14.12 -6.41 15.05
C ILE G 171 -13.58 -5.16 15.73
N ALA G 172 -13.51 -5.21 17.05
CA ALA G 172 -12.99 -4.13 17.87
C ALA G 172 -11.51 -3.90 17.53
N MET H 1 -37.40 6.00 -29.59
CA MET H 1 -37.12 7.42 -29.91
C MET H 1 -37.11 8.26 -28.63
N LYS H 2 -36.10 9.12 -28.52
CA LYS H 2 -35.82 9.83 -27.30
C LYS H 2 -36.54 11.16 -27.26
N THR H 3 -37.61 11.21 -26.45
CA THR H 3 -38.24 12.47 -26.07
C THR H 3 -38.32 12.49 -24.55
N VAL H 4 -38.64 13.66 -23.98
CA VAL H 4 -38.80 13.80 -22.54
C VAL H 4 -39.69 12.67 -22.04
N ILE H 5 -40.88 12.54 -22.64
CA ILE H 5 -41.92 11.67 -22.12
C ILE H 5 -41.41 10.23 -22.13
N THR H 6 -40.83 9.81 -23.26
CA THR H 6 -40.36 8.43 -23.40
C THR H 6 -39.33 8.12 -22.33
N GLU H 7 -38.42 9.06 -22.05
CA GLU H 7 -37.29 8.80 -21.16
C GLU H 7 -37.79 8.49 -19.76
N VAL H 8 -38.62 9.38 -19.22
CA VAL H 8 -39.08 9.23 -17.85
C VAL H 8 -39.75 7.87 -17.73
N ILE H 9 -40.62 7.53 -18.69
CA ILE H 9 -41.22 6.21 -18.72
C ILE H 9 -40.10 5.18 -18.61
N ALA H 10 -39.12 5.26 -19.54
CA ALA H 10 -38.02 4.31 -19.55
C ALA H 10 -37.41 4.20 -18.15
N SER H 11 -36.98 5.33 -17.58
CA SER H 11 -36.34 5.31 -16.27
C SER H 11 -37.27 4.67 -15.24
N ALA H 12 -38.52 5.14 -15.17
CA ALA H 12 -39.51 4.54 -14.30
C ALA H 12 -39.52 3.03 -14.52
N ASP H 13 -39.57 2.63 -15.79
CA ASP H 13 -39.73 1.23 -16.16
C ASP H 13 -38.56 0.41 -15.63
N SER H 14 -37.34 0.89 -15.88
CA SER H 14 -36.13 0.18 -15.48
C SER H 14 -36.19 -0.16 -14.00
N GLN H 15 -36.40 0.85 -13.16
CA GLN H 15 -36.46 0.67 -11.71
C GLN H 15 -37.61 -0.30 -11.35
N GLY H 16 -38.65 -0.32 -12.18
CA GLY H 16 -39.78 -1.20 -11.97
C GLY H 16 -40.85 -0.55 -11.11
N ARG H 17 -40.90 0.78 -11.15
CA ARG H 17 -41.75 1.54 -10.24
C ARG H 17 -42.74 2.38 -11.06
N PHE H 18 -43.86 2.72 -10.41
CA PHE H 18 -44.83 3.65 -10.95
C PHE H 18 -44.19 5.01 -11.21
N LEU H 19 -44.77 5.70 -12.18
CA LEU H 19 -44.51 7.13 -12.35
C LEU H 19 -44.94 7.85 -11.09
N ASN H 20 -43.98 8.42 -10.36
CA ASN H 20 -44.26 9.22 -9.18
C ASN H 20 -44.14 10.69 -9.55
N ASN H 21 -44.24 11.56 -8.54
CA ASN H 21 -44.20 13.00 -8.75
C ASN H 21 -42.97 13.40 -9.56
N THR H 22 -41.81 12.83 -9.21
CA THR H 22 -40.54 13.21 -9.82
C THR H 22 -40.72 13.38 -11.32
N GLU H 23 -41.21 12.32 -11.96
CA GLU H 23 -41.22 12.26 -13.42
C GLU H 23 -42.25 13.26 -13.96
N LEU H 24 -43.40 13.32 -13.33
CA LEU H 24 -44.48 14.18 -13.80
C LEU H 24 -43.96 15.61 -13.90
N GLN H 25 -43.30 16.09 -12.84
CA GLN H 25 -42.65 17.39 -12.87
C GLN H 25 -41.95 17.56 -14.22
N ALA H 26 -41.07 16.61 -14.55
CA ALA H 26 -40.31 16.65 -15.79
C ALA H 26 -41.26 16.79 -16.98
N ALA H 27 -42.19 15.85 -17.12
CA ALA H 27 -43.15 15.88 -18.21
C ALA H 27 -43.74 17.28 -18.34
N ASN H 28 -44.27 17.81 -17.22
CA ASN H 28 -44.90 19.12 -17.19
C ASN H 28 -44.01 20.11 -17.95
N GLY H 29 -42.72 20.11 -17.63
CA GLY H 29 -41.74 20.98 -18.29
C GLY H 29 -41.88 20.91 -19.81
N ARG H 30 -41.78 19.70 -20.35
CA ARG H 30 -41.91 19.49 -21.78
C ARG H 30 -43.16 20.18 -22.33
N PHE H 31 -44.30 20.02 -21.65
CA PHE H 31 -45.57 20.52 -22.14
C PHE H 31 -45.62 22.05 -22.12
N GLN H 32 -45.11 22.65 -21.06
CA GLN H 32 -45.12 24.09 -20.94
C GLN H 32 -44.33 24.67 -22.10
N ARG H 33 -43.13 24.12 -22.34
CA ARG H 33 -42.25 24.58 -23.39
C ARG H 33 -42.90 24.46 -24.78
N ALA H 34 -43.65 23.37 -25.00
CA ALA H 34 -44.18 23.01 -26.30
C ALA H 34 -44.73 24.21 -27.06
N THR H 35 -45.50 25.07 -26.36
CA THR H 35 -46.16 26.20 -27.00
C THR H 35 -45.15 26.99 -27.84
N ALA H 36 -43.99 27.31 -27.25
CA ALA H 36 -42.90 27.96 -27.97
C ALA H 36 -42.41 27.06 -29.11
N SER H 37 -42.04 25.81 -28.77
CA SER H 37 -41.55 24.85 -29.75
C SER H 37 -42.45 24.84 -30.98
N MET H 38 -43.74 24.60 -30.75
CA MET H 38 -44.75 24.45 -31.79
C MET H 38 -44.71 25.65 -32.73
N GLU H 39 -44.68 26.85 -32.12
CA GLU H 39 -44.65 28.09 -32.87
C GLU H 39 -43.49 28.06 -33.86
N ALA H 40 -42.29 27.73 -33.35
CA ALA H 40 -41.09 27.69 -34.16
C ALA H 40 -41.30 26.80 -35.38
N ALA H 41 -41.82 25.59 -35.14
CA ALA H 41 -42.05 24.62 -36.21
C ALA H 41 -42.92 25.22 -37.30
N ARG H 42 -44.05 25.86 -36.91
CA ARG H 42 -44.94 26.48 -37.88
C ARG H 42 -44.17 27.46 -38.75
N ALA H 43 -43.23 28.21 -38.15
CA ALA H 43 -42.46 29.22 -38.86
C ALA H 43 -41.51 28.57 -39.87
N LEU H 44 -40.77 27.53 -39.45
CA LEU H 44 -39.83 26.87 -40.35
C LEU H 44 -40.59 26.21 -41.50
N THR H 45 -41.63 25.45 -41.14
CA THR H 45 -42.41 24.69 -42.11
C THR H 45 -42.83 25.59 -43.28
N SER H 46 -43.25 26.82 -42.95
CA SER H 46 -43.81 27.74 -43.93
C SER H 46 -42.74 28.24 -44.89
N ASN H 47 -41.58 28.65 -44.35
CA ASN H 47 -40.53 29.28 -45.13
C ASN H 47 -39.57 28.24 -45.71
N ALA H 48 -39.91 26.94 -45.54
CA ALA H 48 -38.98 25.86 -45.83
C ALA H 48 -38.16 26.16 -47.09
N ASP H 49 -38.68 25.73 -48.25
CA ASP H 49 -38.25 26.15 -49.58
C ASP H 49 -37.23 27.30 -49.57
N SER H 50 -37.65 28.49 -49.15
CA SER H 50 -36.87 29.72 -49.28
C SER H 50 -35.54 29.55 -48.55
N LEU H 51 -35.63 28.97 -47.35
CA LEU H 51 -34.47 28.63 -46.54
C LEU H 51 -33.57 27.70 -47.34
N VAL H 52 -34.16 26.66 -47.92
CA VAL H 52 -33.42 25.65 -48.68
C VAL H 52 -32.67 26.36 -49.81
N LYS H 53 -33.40 27.03 -50.73
CA LYS H 53 -32.74 27.73 -51.82
C LYS H 53 -31.52 28.46 -51.28
N GLY H 54 -31.76 29.37 -50.33
CA GLY H 54 -30.74 30.26 -49.80
C GLY H 54 -29.50 29.47 -49.36
N ALA H 55 -29.75 28.39 -48.62
CA ALA H 55 -28.68 27.55 -48.12
C ALA H 55 -27.87 26.96 -49.28
N VAL H 56 -28.49 26.05 -50.05
CA VAL H 56 -27.81 25.45 -51.19
C VAL H 56 -26.89 26.49 -51.81
N GLN H 57 -27.53 27.59 -52.21
CA GLN H 57 -26.83 28.69 -52.84
C GLN H 57 -25.54 28.97 -52.07
N GLU H 58 -25.72 29.48 -50.84
CA GLU H 58 -24.63 29.83 -49.94
C GLU H 58 -23.45 28.89 -50.13
N VAL H 59 -23.70 27.60 -49.89
CA VAL H 59 -22.68 26.57 -49.99
C VAL H 59 -21.78 26.82 -51.20
N TYR H 60 -22.39 27.07 -52.37
CA TYR H 60 -21.64 27.28 -53.60
C TYR H 60 -20.77 28.52 -53.53
N ASN H 61 -21.30 29.61 -52.94
CA ASN H 61 -20.51 30.82 -52.78
C ASN H 61 -19.28 30.50 -51.93
N LYS H 62 -19.53 29.77 -50.84
CA LYS H 62 -18.53 29.41 -49.86
C LYS H 62 -17.45 28.54 -50.49
N PHE H 63 -17.86 27.64 -51.40
CA PHE H 63 -16.95 26.65 -51.97
C PHE H 63 -17.08 26.67 -53.48
N PRO H 64 -16.61 27.74 -54.16
CA PRO H 64 -16.91 27.95 -55.57
C PRO H 64 -16.62 26.69 -56.39
N TYR H 65 -15.44 26.09 -56.12
CA TYR H 65 -14.89 25.01 -56.92
C TYR H 65 -15.90 23.87 -57.10
N LEU H 66 -16.85 23.72 -56.18
CA LEU H 66 -17.83 22.65 -56.24
C LEU H 66 -18.59 22.66 -57.56
N THR H 67 -18.83 23.85 -58.11
CA THR H 67 -19.67 24.02 -59.29
C THR H 67 -18.87 23.74 -60.56
N GLN H 68 -17.54 23.60 -60.44
CA GLN H 68 -16.68 23.31 -61.59
C GLN H 68 -16.93 21.89 -62.06
N PRO H 69 -16.74 21.59 -63.38
CA PRO H 69 -16.91 20.22 -63.89
C PRO H 69 -15.89 19.24 -63.30
N GLY H 70 -16.37 18.01 -63.06
CA GLY H 70 -15.57 16.97 -62.44
C GLY H 70 -15.67 17.00 -60.91
N GLN H 71 -16.43 17.96 -60.37
CA GLN H 71 -16.61 18.08 -58.93
C GLN H 71 -18.00 17.52 -58.57
N MET H 72 -18.33 17.59 -57.28
CA MET H 72 -19.56 17.05 -56.74
C MET H 72 -20.71 18.03 -56.95
N GLY H 73 -20.44 19.33 -56.76
CA GLY H 73 -21.45 20.37 -56.90
C GLY H 73 -21.93 20.53 -58.35
N TYR H 74 -21.29 19.80 -59.27
CA TYR H 74 -21.47 20.04 -60.68
C TYR H 74 -22.47 19.07 -61.29
N GLY H 75 -23.29 19.58 -62.20
CA GLY H 75 -24.30 18.78 -62.86
C GLY H 75 -25.54 18.64 -61.97
N ASP H 76 -26.70 18.85 -62.59
CA ASP H 76 -27.96 19.13 -61.93
C ASP H 76 -28.35 18.06 -60.91
N THR H 77 -28.15 16.79 -61.31
CA THR H 77 -28.46 15.64 -60.48
C THR H 77 -27.98 15.93 -59.06
N ASN H 78 -26.70 16.31 -58.97
CA ASN H 78 -26.02 16.53 -57.71
C ASN H 78 -26.71 17.69 -57.00
N GLN H 79 -26.98 18.78 -57.73
CA GLN H 79 -27.65 19.94 -57.18
C GLN H 79 -29.00 19.53 -56.58
N ALA H 80 -29.78 18.78 -57.38
CA ALA H 80 -31.05 18.22 -56.91
C ALA H 80 -30.84 17.51 -55.58
N LYS H 81 -29.94 16.52 -55.56
CA LYS H 81 -29.61 15.79 -54.35
C LYS H 81 -29.34 16.80 -53.24
N CYS H 82 -28.35 17.67 -53.44
CA CYS H 82 -27.97 18.66 -52.46
C CYS H 82 -29.20 19.32 -51.86
N ALA H 83 -30.14 19.76 -52.71
CA ALA H 83 -31.40 20.36 -52.25
C ALA H 83 -32.13 19.36 -51.36
N ARG H 84 -32.55 18.24 -51.95
CA ARG H 84 -33.22 17.17 -51.24
C ARG H 84 -32.65 17.06 -49.83
N ASP H 85 -31.34 16.76 -49.75
CA ASP H 85 -30.68 16.46 -48.49
C ASP H 85 -31.05 17.54 -47.48
N ILE H 86 -30.77 18.80 -47.81
CA ILE H 86 -31.00 19.86 -46.85
C ILE H 86 -32.47 19.87 -46.45
N SER H 87 -33.38 19.82 -47.42
CA SER H 87 -34.79 19.67 -47.07
C SER H 87 -34.90 18.71 -45.89
N HIS H 88 -34.39 17.49 -46.08
CA HIS H 88 -34.46 16.48 -45.04
C HIS H 88 -34.09 17.10 -43.69
N TYR H 89 -32.83 17.55 -43.58
CA TYR H 89 -32.34 18.08 -42.31
C TYR H 89 -33.42 18.96 -41.71
N LEU H 90 -33.92 19.91 -42.51
CA LEU H 90 -34.94 20.82 -42.04
C LEU H 90 -36.12 20.02 -41.52
N ARG H 91 -36.72 19.22 -42.41
CA ARG H 91 -37.86 18.40 -42.06
C ARG H 91 -37.69 17.87 -40.65
N PHE H 92 -36.62 17.10 -40.45
CA PHE H 92 -36.38 16.48 -39.16
C PHE H 92 -36.40 17.52 -38.06
N ILE H 93 -35.65 18.61 -38.25
CA ILE H 93 -35.60 19.61 -37.20
C ILE H 93 -37.02 19.92 -36.75
N THR H 94 -37.89 20.30 -37.69
CA THR H 94 -39.27 20.58 -37.34
C THR H 94 -39.78 19.45 -36.44
N TYR H 95 -39.72 18.23 -36.97
CA TYR H 95 -40.18 17.06 -36.23
C TYR H 95 -39.75 17.21 -34.76
N SER H 96 -38.43 17.36 -34.57
CA SER H 96 -37.86 17.31 -33.24
C SER H 96 -38.47 18.40 -32.34
N LEU H 97 -38.66 19.61 -32.89
CA LEU H 97 -39.32 20.67 -32.15
C LEU H 97 -40.63 20.17 -31.57
N VAL H 98 -41.42 19.52 -32.44
CA VAL H 98 -42.77 19.10 -32.11
C VAL H 98 -42.73 17.96 -31.09
N ALA H 99 -41.86 16.98 -31.36
CA ALA H 99 -41.74 15.81 -30.50
C ALA H 99 -41.24 16.21 -29.11
N GLY H 100 -40.51 17.34 -29.04
CA GLY H 100 -39.93 17.77 -27.79
C GLY H 100 -38.86 16.76 -27.35
N GLY H 101 -37.85 16.61 -28.19
CA GLY H 101 -36.72 15.75 -27.95
C GLY H 101 -35.85 15.70 -29.20
N THR H 102 -34.59 15.28 -29.05
CA THR H 102 -33.69 15.15 -30.19
C THR H 102 -34.06 13.87 -30.95
N GLY H 103 -34.71 12.93 -30.25
CA GLY H 103 -35.08 11.65 -30.80
C GLY H 103 -35.07 11.68 -32.34
N PRO H 104 -36.07 12.30 -32.99
CA PRO H 104 -36.22 12.21 -34.44
C PRO H 104 -34.89 12.41 -35.14
N LEU H 105 -34.17 13.47 -34.76
CA LEU H 105 -32.89 13.77 -35.34
C LEU H 105 -31.95 12.56 -35.23
N ASP H 106 -31.77 12.09 -33.99
CA ASP H 106 -30.83 11.04 -33.68
C ASP H 106 -30.96 9.88 -34.67
N ASP H 107 -32.20 9.40 -34.83
CA ASP H 107 -32.46 8.11 -35.45
C ASP H 107 -32.39 8.20 -36.97
N TYR H 108 -32.86 9.32 -37.51
CA TYR H 108 -32.85 9.48 -38.96
C TYR H 108 -31.47 9.98 -39.38
N ILE H 109 -31.09 11.13 -38.83
CA ILE H 109 -29.94 11.85 -39.37
C ILE H 109 -28.65 11.29 -38.79
N VAL H 110 -28.55 11.27 -37.46
CA VAL H 110 -27.25 11.21 -36.79
C VAL H 110 -26.66 9.81 -36.90
N ALA H 111 -27.45 8.83 -36.48
CA ALA H 111 -27.01 7.45 -36.46
C ALA H 111 -26.56 7.03 -37.86
N GLY H 112 -25.29 6.65 -37.97
CA GLY H 112 -24.72 6.21 -39.24
C GLY H 112 -24.28 7.39 -40.11
N LEU H 113 -24.34 8.61 -39.55
CA LEU H 113 -24.02 9.78 -40.33
C LEU H 113 -22.65 9.59 -40.97
N ARG H 114 -21.64 9.34 -40.13
CA ARG H 114 -20.25 9.30 -40.53
C ARG H 114 -20.05 8.47 -41.77
N GLU H 115 -20.54 7.22 -41.73
CA GLU H 115 -20.14 6.19 -42.68
C GLU H 115 -20.73 6.48 -44.05
N VAL H 116 -22.03 6.77 -44.05
CA VAL H 116 -22.69 7.32 -45.21
C VAL H 116 -21.74 8.35 -45.83
N ASN H 117 -21.48 9.42 -45.07
CA ASN H 117 -20.71 10.56 -45.55
C ASN H 117 -19.35 10.11 -46.08
N ARG H 118 -18.72 9.16 -45.40
CA ARG H 118 -17.42 8.67 -45.79
C ARG H 118 -17.50 7.99 -47.15
N THR H 119 -18.48 7.09 -47.30
CA THR H 119 -18.54 6.20 -48.44
C THR H 119 -18.90 6.97 -49.71
N PHE H 120 -19.65 8.08 -49.55
CA PHE H 120 -20.03 8.94 -50.66
C PHE H 120 -19.17 10.20 -50.74
N ASN H 121 -18.24 10.37 -49.78
CA ASN H 121 -17.28 11.46 -49.82
C ASN H 121 -17.99 12.81 -49.72
N LEU H 122 -19.06 12.86 -48.92
CA LEU H 122 -19.69 14.11 -48.58
C LEU H 122 -18.90 14.73 -47.45
N SER H 123 -18.46 15.99 -47.63
CA SER H 123 -17.75 16.70 -46.59
C SER H 123 -18.76 17.31 -45.63
N PRO H 124 -18.71 16.94 -44.33
CA PRO H 124 -19.63 17.51 -43.34
C PRO H 124 -19.70 19.03 -43.52
N SER H 125 -18.53 19.67 -43.52
CA SER H 125 -18.41 21.11 -43.73
C SER H 125 -19.61 21.66 -44.52
N TRP H 126 -19.83 21.17 -45.74
CA TRP H 126 -20.90 21.68 -46.58
C TRP H 126 -22.17 21.82 -45.76
N TYR H 127 -22.75 20.68 -45.40
CA TYR H 127 -23.98 20.70 -44.62
C TYR H 127 -23.90 21.83 -43.63
N ILE H 128 -22.83 21.83 -42.82
CA ILE H 128 -22.70 22.82 -41.77
C ILE H 128 -23.10 24.18 -42.33
N GLU H 129 -22.41 24.65 -43.37
CA GLU H 129 -22.70 25.97 -43.91
C GLU H 129 -24.20 26.13 -44.11
N ALA H 130 -24.76 25.22 -44.90
CA ALA H 130 -26.21 25.20 -45.09
C ALA H 130 -26.85 25.61 -43.78
N LEU H 131 -26.65 24.78 -42.75
CA LEU H 131 -27.27 25.02 -41.45
C LEU H 131 -27.01 26.46 -41.02
N LYS H 132 -25.74 26.84 -40.89
CA LYS H 132 -25.39 28.17 -40.39
C LYS H 132 -26.21 29.23 -41.12
N HIS H 133 -26.10 29.24 -42.46
CA HIS H 133 -26.86 30.20 -43.25
C HIS H 133 -28.31 30.20 -42.78
N ILE H 134 -28.91 29.00 -42.70
CA ILE H 134 -30.28 28.85 -42.22
C ILE H 134 -30.42 29.58 -40.90
N LYS H 135 -29.62 29.16 -39.91
CA LYS H 135 -29.71 29.70 -38.56
C LYS H 135 -29.85 31.21 -38.62
N GLY H 136 -28.98 31.85 -39.44
CA GLY H 136 -28.98 33.29 -39.63
C GLY H 136 -30.33 33.82 -40.09
N LYS H 137 -30.94 33.16 -41.08
CA LYS H 137 -32.25 33.57 -41.60
C LYS H 137 -33.31 33.40 -40.51
N VAL H 138 -33.35 32.20 -39.91
CA VAL H 138 -34.28 31.90 -38.84
C VAL H 138 -34.20 32.99 -37.78
N GLY H 139 -32.98 33.51 -37.54
CA GLY H 139 -32.74 34.56 -36.57
C GLY H 139 -33.45 35.87 -36.88
N SER H 140 -34.33 35.89 -37.90
CA SER H 140 -35.13 37.06 -38.22
C SER H 140 -36.62 36.78 -38.03
N GLN H 141 -37.09 35.63 -38.53
CA GLN H 141 -38.50 35.28 -38.57
C GLN H 141 -39.01 34.98 -37.16
N LEU H 142 -38.08 34.57 -36.28
CA LEU H 142 -38.40 34.16 -34.93
C LEU H 142 -37.79 35.11 -33.91
N SER H 143 -38.15 34.91 -32.65
CA SER H 143 -37.75 35.78 -31.56
C SER H 143 -38.06 35.13 -30.21
N GLY H 144 -37.31 35.52 -29.17
CA GLY H 144 -37.53 35.02 -27.82
C GLY H 144 -37.36 33.49 -27.76
N GLN H 145 -38.16 32.85 -26.91
CA GLN H 145 -38.01 31.43 -26.66
C GLN H 145 -38.17 30.65 -27.96
N PRO H 146 -39.22 30.88 -28.76
CA PRO H 146 -39.36 30.19 -30.05
C PRO H 146 -38.01 30.10 -30.76
N LEU H 147 -37.38 31.25 -30.95
CA LEU H 147 -36.05 31.32 -31.56
C LEU H 147 -35.12 30.36 -30.83
N THR H 148 -34.91 30.61 -29.53
CA THR H 148 -33.94 29.84 -28.74
C THR H 148 -34.09 28.37 -29.10
N GLU H 149 -35.31 27.84 -29.02
CA GLU H 149 -35.57 26.44 -29.34
C GLU H 149 -35.01 26.11 -30.72
N ALA H 150 -35.46 26.84 -31.74
CA ALA H 150 -35.01 26.61 -33.11
C ALA H 150 -33.49 26.39 -33.12
N ASN H 151 -32.76 27.35 -32.55
CA ASN H 151 -31.30 27.29 -32.50
C ASN H 151 -30.89 25.92 -31.95
N ALA H 152 -31.14 25.69 -30.66
CA ALA H 152 -30.75 24.47 -29.98
C ALA H 152 -30.66 23.32 -30.99
N TYR H 153 -31.80 23.02 -31.62
CA TYR H 153 -31.89 21.86 -32.50
C TYR H 153 -30.95 22.03 -33.69
N ILE H 154 -31.05 23.15 -34.40
CA ILE H 154 -30.16 23.40 -35.52
C ILE H 154 -28.73 23.04 -35.11
N ASP H 155 -28.27 23.65 -34.02
CA ASP H 155 -26.92 23.45 -33.52
C ASP H 155 -26.65 21.96 -33.33
N TYR H 156 -27.48 21.34 -32.49
CA TYR H 156 -27.33 19.94 -32.15
C TYR H 156 -26.77 19.16 -33.34
N CYS H 157 -27.27 19.46 -34.55
CA CYS H 157 -26.78 18.85 -35.78
C CYS H 157 -25.37 19.30 -36.12
N ILE H 158 -25.16 20.62 -36.15
CA ILE H 158 -23.83 21.14 -36.37
C ILE H 158 -22.85 20.28 -35.58
N ASN H 159 -23.11 20.13 -34.27
CA ASN H 159 -22.21 19.42 -33.38
C ASN H 159 -22.08 17.96 -33.80
N ALA H 160 -23.20 17.34 -34.21
CA ALA H 160 -23.20 15.94 -34.61
C ALA H 160 -22.41 15.76 -35.91
N LEU H 161 -22.56 16.73 -36.82
CA LEU H 161 -21.91 16.71 -38.12
C LEU H 161 -20.40 16.83 -37.96
N SER H 162 -20.00 17.86 -37.21
CA SER H 162 -18.61 18.08 -36.82
C SER H 162 -18.23 17.11 -35.69
N MET I 1 -39.33 2.89 -28.61
CA MET I 1 -40.71 3.10 -28.07
C MET I 1 -41.42 4.13 -28.96
N GLN I 2 -42.59 4.56 -28.48
CA GLN I 2 -43.48 5.46 -29.21
C GLN I 2 -44.33 6.20 -28.18
N ASP I 3 -44.99 7.28 -28.64
CA ASP I 3 -46.08 7.94 -27.96
C ASP I 3 -46.78 8.84 -28.98
N ALA I 4 -47.85 9.53 -28.55
CA ALA I 4 -48.73 10.25 -29.45
C ALA I 4 -47.95 11.12 -30.43
N PHE I 5 -47.07 11.98 -29.90
CA PHE I 5 -46.30 12.93 -30.71
C PHE I 5 -45.46 12.14 -31.71
N THR I 6 -44.48 11.40 -31.17
CA THR I 6 -43.53 10.65 -31.97
C THR I 6 -44.27 9.96 -33.11
N LYS I 7 -45.37 9.29 -32.76
CA LYS I 7 -46.18 8.55 -33.71
C LYS I 7 -46.50 9.40 -34.93
N ALA I 8 -47.17 10.54 -34.69
CA ALA I 8 -47.61 11.41 -35.77
C ALA I 8 -46.43 11.75 -36.66
N ILE I 9 -45.30 12.12 -36.04
CA ILE I 9 -44.05 12.32 -36.74
C ILE I 9 -43.84 11.18 -37.71
N VAL I 10 -43.73 9.96 -37.16
CA VAL I 10 -43.31 8.80 -37.93
C VAL I 10 -44.16 8.71 -39.20
N ALA I 11 -45.48 8.72 -39.02
CA ALA I 11 -46.42 8.74 -40.13
C ALA I 11 -45.95 9.77 -41.18
N ALA I 12 -45.80 11.02 -40.75
CA ALA I 12 -45.41 12.12 -41.63
C ALA I 12 -44.15 11.76 -42.40
N ASP I 13 -43.20 11.13 -41.70
CA ASP I 13 -41.90 10.79 -42.27
C ASP I 13 -42.05 9.95 -43.54
N LEU I 14 -42.94 8.96 -43.49
CA LEU I 14 -43.02 7.97 -44.55
C LEU I 14 -43.62 8.58 -45.81
N ARG I 15 -44.56 9.51 -45.60
CA ARG I 15 -45.09 10.34 -46.67
C ARG I 15 -43.95 11.21 -47.22
N GLY I 16 -42.98 11.55 -46.36
CA GLY I 16 -41.77 12.26 -46.76
C GLY I 16 -41.96 13.78 -46.63
N SER I 17 -42.95 14.17 -45.81
CA SER I 17 -43.43 15.55 -45.81
C SER I 17 -43.26 16.17 -44.43
N PHE I 18 -43.31 17.51 -44.42
CA PHE I 18 -43.48 18.26 -43.20
C PHE I 18 -44.86 17.93 -42.62
N LEU I 19 -45.03 18.20 -41.33
CA LEU I 19 -46.31 17.94 -40.69
C LEU I 19 -47.37 18.89 -41.27
N SER I 20 -48.53 18.31 -41.59
CA SER I 20 -49.67 19.09 -42.05
C SER I 20 -50.12 20.00 -40.91
N GLU I 21 -50.65 21.18 -41.27
CA GLU I 21 -51.12 22.13 -40.28
C GLU I 21 -52.25 21.49 -39.48
N GLN I 22 -53.20 20.85 -40.19
CA GLN I 22 -54.25 20.07 -39.56
C GLN I 22 -53.65 19.21 -38.43
N GLU I 23 -52.59 18.46 -38.74
CA GLU I 23 -51.99 17.48 -37.83
C GLU I 23 -51.41 18.15 -36.58
N LEU I 24 -50.71 19.27 -36.79
CA LEU I 24 -50.23 20.10 -35.69
C LEU I 24 -51.38 20.35 -34.72
N ASN I 25 -52.56 20.71 -35.25
CA ASN I 25 -53.69 21.12 -34.40
C ASN I 25 -54.19 19.96 -33.54
N GLN I 26 -53.92 18.71 -33.94
CA GLN I 26 -54.17 17.57 -33.07
C GLN I 26 -53.27 17.69 -31.83
N LEU I 27 -52.00 17.92 -32.10
CA LEU I 27 -50.98 17.95 -31.06
C LEU I 27 -51.18 19.19 -30.21
N THR I 28 -51.40 20.35 -30.85
CA THR I 28 -51.63 21.61 -30.15
C THR I 28 -52.70 21.40 -29.07
N ASN I 29 -53.85 20.84 -29.46
CA ASN I 29 -54.94 20.61 -28.52
C ASN I 29 -54.53 19.58 -27.48
N LEU I 30 -53.82 18.52 -27.90
CA LEU I 30 -53.38 17.48 -26.99
C LEU I 30 -52.62 18.10 -25.82
N VAL I 31 -51.73 19.04 -26.14
CA VAL I 31 -50.97 19.82 -25.17
C VAL I 31 -51.91 20.44 -24.14
N LYS I 32 -52.92 21.16 -24.63
CA LYS I 32 -53.84 21.90 -23.78
C LYS I 32 -54.40 21.00 -22.69
N GLU I 33 -54.70 19.74 -23.04
CA GLU I 33 -55.30 18.78 -22.12
C GLU I 33 -54.27 18.27 -21.11
N SER I 34 -52.98 18.34 -21.45
CA SER I 34 -51.91 17.89 -20.57
C SER I 34 -52.37 17.88 -19.12
N ASN I 35 -52.61 19.07 -18.58
CA ASN I 35 -52.87 19.24 -17.16
C ASN I 35 -53.85 18.16 -16.70
N LYS I 36 -54.99 18.07 -17.39
CA LYS I 36 -55.96 17.03 -17.11
C LYS I 36 -55.23 15.68 -17.17
N ARG I 37 -54.68 15.36 -18.35
CA ARG I 37 -53.95 14.11 -18.53
C ARG I 37 -53.15 13.80 -17.27
N LEU I 38 -52.26 14.72 -16.89
CA LEU I 38 -51.36 14.49 -15.77
C LEU I 38 -52.14 14.04 -14.54
N ASP I 39 -53.06 14.88 -14.06
CA ASP I 39 -53.81 14.57 -12.84
C ASP I 39 -54.33 13.15 -12.89
N ALA I 40 -54.90 12.76 -14.04
CA ALA I 40 -55.39 11.40 -14.20
C ALA I 40 -54.31 10.43 -13.72
N VAL I 41 -53.14 10.48 -14.37
CA VAL I 41 -52.04 9.61 -14.02
C VAL I 41 -51.80 9.69 -12.52
N ASN I 42 -51.60 10.92 -12.02
CA ASN I 42 -51.30 11.15 -10.62
C ASN I 42 -52.26 10.36 -9.74
N ALA I 43 -53.56 10.42 -10.07
CA ALA I 43 -54.58 9.77 -9.27
C ALA I 43 -54.29 8.26 -9.18
N ILE I 44 -53.99 7.63 -10.33
CA ILE I 44 -53.72 6.20 -10.34
C ILE I 44 -52.55 5.92 -9.40
N THR I 45 -51.39 6.50 -9.74
CA THR I 45 -50.16 6.25 -9.02
C THR I 45 -50.38 6.44 -7.51
N GLY I 46 -51.10 7.51 -7.15
CA GLY I 46 -51.36 7.83 -5.75
C GLY I 46 -52.10 6.71 -5.02
N ASN I 47 -53.01 6.03 -5.72
CA ASN I 47 -53.89 5.07 -5.08
C ASN I 47 -53.40 3.65 -5.36
N ALA I 48 -52.37 3.52 -6.21
CA ALA I 48 -51.94 2.23 -6.73
C ALA I 48 -52.24 1.10 -5.75
N ALA I 49 -51.44 0.99 -4.68
CA ALA I 49 -51.53 -0.11 -3.75
C ALA I 49 -52.99 -0.54 -3.57
N GLU I 50 -53.81 0.44 -3.22
CA GLU I 50 -55.22 0.23 -2.93
C GLU I 50 -55.92 -0.44 -4.11
N ILE I 51 -55.89 0.23 -5.27
CA ILE I 51 -56.53 -0.28 -6.47
C ILE I 51 -56.41 -1.80 -6.47
N ILE I 52 -55.15 -2.25 -6.51
CA ILE I 52 -54.85 -3.68 -6.50
C ILE I 52 -55.56 -4.32 -5.31
N SER I 53 -55.09 -4.01 -4.10
CA SER I 53 -55.63 -4.63 -2.90
C SER I 53 -57.12 -4.91 -3.14
N ASP I 54 -57.85 -3.83 -3.41
CA ASP I 54 -59.29 -3.88 -3.65
C ASP I 54 -59.60 -4.99 -4.66
N ALA I 55 -59.17 -4.79 -5.91
CA ALA I 55 -59.48 -5.70 -7.00
C ALA I 55 -59.31 -7.16 -6.55
N ALA I 56 -58.15 -7.46 -5.95
CA ALA I 56 -57.85 -8.80 -5.45
C ALA I 56 -59.01 -9.32 -4.60
N HIS I 57 -59.30 -8.63 -3.48
CA HIS I 57 -60.37 -9.04 -2.58
C HIS I 57 -61.56 -9.56 -3.38
N LYS I 58 -62.02 -8.73 -4.33
CA LYS I 58 -63.19 -9.03 -5.12
C LYS I 58 -62.92 -10.25 -6.00
N LEU I 59 -61.74 -10.30 -6.63
CA LEU I 59 -61.39 -11.43 -7.47
C LEU I 59 -61.59 -12.73 -6.68
N PHE I 60 -61.12 -12.76 -5.43
CA PHE I 60 -61.05 -14.01 -4.67
C PHE I 60 -62.38 -14.36 -4.04
N ALA I 61 -63.18 -13.33 -3.72
CA ALA I 61 -64.55 -13.55 -3.26
C ALA I 61 -65.33 -14.27 -4.36
N GLU I 62 -65.10 -13.89 -5.62
CA GLU I 62 -65.80 -14.48 -6.77
C GLU I 62 -65.34 -15.92 -7.01
N GLN I 63 -64.04 -16.07 -7.33
CA GLN I 63 -63.49 -17.36 -7.75
C GLN I 63 -62.79 -18.04 -6.58
N THR I 64 -63.59 -18.52 -5.63
CA THR I 64 -63.11 -19.12 -4.39
C THR I 64 -62.00 -20.15 -4.63
N ASP I 65 -62.16 -20.96 -5.70
CA ASP I 65 -61.29 -22.10 -5.98
C ASP I 65 -59.83 -21.68 -6.14
N LEU I 66 -59.60 -20.47 -6.68
CA LEU I 66 -58.25 -20.01 -6.97
C LEU I 66 -57.40 -20.15 -5.72
N ILE I 67 -58.02 -19.87 -4.56
CA ILE I 67 -57.32 -19.84 -3.28
C ILE I 67 -57.44 -21.19 -2.57
N ARG I 68 -58.12 -22.17 -3.18
CA ARG I 68 -58.22 -23.48 -2.55
C ARG I 68 -57.11 -24.38 -3.05
N PRO I 69 -56.69 -25.40 -2.25
CA PRO I 69 -55.62 -26.30 -2.66
C PRO I 69 -55.98 -26.88 -4.02
N GLY I 70 -55.01 -26.86 -4.93
CA GLY I 70 -55.22 -27.34 -6.29
C GLY I 70 -55.54 -26.20 -7.27
N GLY I 71 -55.97 -25.05 -6.73
CA GLY I 71 -56.26 -23.88 -7.55
C GLY I 71 -54.97 -23.22 -8.04
N ASN I 72 -55.09 -22.10 -8.75
CA ASN I 72 -53.91 -21.50 -9.34
C ASN I 72 -53.27 -20.47 -8.39
N ALA I 73 -54.05 -19.85 -7.51
CA ALA I 73 -53.54 -18.80 -6.62
C ALA I 73 -52.90 -19.39 -5.37
N TYR I 74 -53.17 -20.69 -5.11
CA TYR I 74 -52.56 -21.42 -4.02
C TYR I 74 -51.25 -22.04 -4.49
N PRO I 75 -50.20 -22.21 -3.64
CA PRO I 75 -50.14 -21.67 -2.27
C PRO I 75 -49.63 -20.23 -2.26
N ASN I 76 -49.10 -19.77 -1.11
CA ASN I 76 -48.53 -18.43 -1.02
C ASN I 76 -47.75 -18.08 -2.28
N ARG I 77 -46.69 -18.84 -2.57
CA ARG I 77 -45.81 -18.54 -3.69
C ARG I 77 -46.64 -17.99 -4.84
N ARG I 78 -47.59 -18.82 -5.28
CA ARG I 78 -48.38 -18.50 -6.45
C ARG I 78 -49.11 -17.20 -6.19
N MET I 79 -49.88 -17.18 -5.09
CA MET I 79 -50.61 -15.98 -4.73
C MET I 79 -49.75 -14.76 -5.05
N ALA I 80 -48.54 -14.73 -4.47
CA ALA I 80 -47.66 -13.59 -4.59
C ALA I 80 -47.55 -13.20 -6.06
N ALA I 81 -47.13 -14.15 -6.89
CA ALA I 81 -47.02 -13.92 -8.32
C ALA I 81 -48.26 -13.16 -8.78
N CYS I 82 -49.43 -13.78 -8.55
CA CYS I 82 -50.67 -13.25 -9.10
C CYS I 82 -50.82 -11.77 -8.75
N LEU I 83 -50.51 -11.41 -7.49
CA LEU I 83 -50.61 -10.03 -7.08
C LEU I 83 -49.65 -9.19 -7.89
N ARG I 84 -48.37 -9.59 -7.83
CA ARG I 84 -47.33 -8.91 -8.56
C ARG I 84 -47.81 -8.63 -9.98
N ASP I 85 -48.26 -9.68 -10.69
CA ASP I 85 -48.68 -9.53 -12.07
C ASP I 85 -49.67 -8.39 -12.21
N MET I 86 -50.78 -8.46 -11.48
CA MET I 86 -51.80 -7.44 -11.58
C MET I 86 -51.13 -6.07 -11.59
N GLU I 87 -50.36 -5.81 -10.53
CA GLU I 87 -49.63 -4.57 -10.38
C GLU I 87 -48.98 -4.21 -11.71
N ILE I 88 -48.11 -5.11 -12.22
CA ILE I 88 -47.34 -4.82 -13.41
C ILE I 88 -48.27 -4.21 -14.46
N ILE I 89 -49.25 -5.02 -14.85
CA ILE I 89 -50.20 -4.62 -15.86
C ILE I 89 -50.59 -3.18 -15.60
N LEU I 90 -51.04 -2.91 -14.36
CA LEU I 90 -51.43 -1.57 -13.98
C LEU I 90 -50.33 -0.58 -14.35
N ARG I 91 -49.14 -0.82 -13.79
CA ARG I 91 -47.99 0.04 -14.03
C ARG I 91 -47.98 0.45 -15.49
N TYR I 92 -47.93 -0.54 -16.38
CA TYR I 92 -47.87 -0.27 -17.80
C TYR I 92 -49.02 0.64 -18.20
N VAL I 93 -50.25 0.17 -17.97
CA VAL I 93 -51.41 0.95 -18.35
C VAL I 93 -51.11 2.42 -18.05
N SER I 94 -50.79 2.72 -16.79
CA SER I 94 -50.44 4.08 -16.42
C SER I 94 -49.52 4.65 -17.48
N TYR I 95 -48.35 4.04 -17.68
CA TYR I 95 -47.37 4.53 -18.65
C TYR I 95 -48.11 4.98 -19.89
N ALA I 96 -48.79 4.04 -20.54
CA ALA I 96 -49.54 4.34 -21.75
C ALA I 96 -50.28 5.67 -21.55
N LEU I 97 -51.08 5.71 -20.49
CA LEU I 97 -51.98 6.83 -20.25
C LEU I 97 -51.24 8.15 -20.40
N LEU I 98 -50.03 8.21 -19.85
CA LEU I 98 -49.21 9.40 -19.94
C LEU I 98 -48.80 9.63 -21.39
N ALA I 99 -48.21 8.61 -22.01
CA ALA I 99 -47.70 8.70 -23.37
C ALA I 99 -48.78 9.23 -24.30
N GLY I 100 -50.03 8.77 -24.08
CA GLY I 100 -51.12 9.02 -24.99
C GLY I 100 -51.11 8.01 -26.13
N ASP I 101 -50.65 6.78 -25.83
CA ASP I 101 -50.51 5.75 -26.83
C ASP I 101 -50.48 4.36 -26.19
N ALA I 102 -51.14 3.42 -26.86
CA ALA I 102 -51.17 2.02 -26.46
C ALA I 102 -49.78 1.39 -26.51
N SER I 103 -49.00 1.71 -27.56
CA SER I 103 -47.80 0.97 -27.92
C SER I 103 -47.09 0.45 -26.66
N VAL I 104 -46.36 1.33 -25.97
CA VAL I 104 -45.57 0.97 -24.81
C VAL I 104 -46.20 -0.23 -24.09
N LEU I 105 -47.50 -0.12 -23.78
CA LEU I 105 -48.24 -1.17 -23.09
C LEU I 105 -48.19 -2.48 -23.87
N GLU I 106 -48.55 -2.42 -25.15
CA GLU I 106 -48.61 -3.60 -25.98
C GLU I 106 -47.27 -4.33 -26.01
N ASP I 107 -46.20 -3.57 -26.22
CA ASP I 107 -44.93 -4.06 -26.67
C ASP I 107 -44.18 -4.65 -25.48
N ARG I 108 -43.98 -3.85 -24.44
CA ARG I 108 -43.28 -4.28 -23.25
C ARG I 108 -44.11 -5.34 -22.52
N CYS I 109 -45.42 -5.12 -22.41
CA CYS I 109 -46.21 -5.81 -21.39
C CYS I 109 -47.04 -6.93 -21.99
N LEU I 110 -47.96 -6.60 -22.89
CA LEU I 110 -48.99 -7.53 -23.31
C LEU I 110 -48.45 -8.63 -24.22
N ASN I 111 -47.41 -8.29 -24.99
CA ASN I 111 -46.91 -9.20 -26.00
C ASN I 111 -46.39 -10.47 -25.34
N GLY I 112 -46.97 -11.61 -25.72
CA GLY I 112 -46.54 -12.91 -25.22
C GLY I 112 -47.16 -13.25 -23.87
N LEU I 113 -47.92 -12.32 -23.29
CA LEU I 113 -48.43 -12.52 -21.95
C LEU I 113 -49.34 -13.75 -21.96
N LYS I 114 -50.28 -13.74 -22.91
CA LYS I 114 -51.25 -14.81 -23.05
C LYS I 114 -50.53 -16.15 -22.98
N GLU I 115 -49.47 -16.27 -23.79
CA GLU I 115 -48.84 -17.55 -24.06
C GLU I 115 -48.21 -18.06 -22.77
N THR I 116 -47.48 -17.18 -22.09
CA THR I 116 -46.97 -17.44 -20.76
C THR I 116 -48.08 -18.09 -19.94
N TYR I 117 -49.16 -17.33 -19.75
CA TYR I 117 -50.24 -17.77 -18.88
C TYR I 117 -50.65 -19.18 -19.27
N VAL I 118 -50.80 -19.38 -20.58
CA VAL I 118 -51.20 -20.67 -21.10
C VAL I 118 -50.22 -21.75 -20.63
N ALA I 119 -48.93 -21.54 -20.92
CA ALA I 119 -47.91 -22.54 -20.64
C ALA I 119 -47.95 -22.95 -19.17
N LEU I 120 -48.15 -21.95 -18.30
CA LEU I 120 -48.17 -22.16 -16.86
C LEU I 120 -49.40 -22.98 -16.45
N GLY I 121 -50.50 -22.80 -17.20
CA GLY I 121 -51.78 -23.38 -16.85
C GLY I 121 -52.64 -22.40 -16.06
N THR I 122 -52.14 -21.16 -15.93
CA THR I 122 -52.94 -20.07 -15.40
C THR I 122 -54.17 -19.90 -16.31
N PRO I 123 -55.38 -19.79 -15.72
CA PRO I 123 -56.61 -19.59 -16.51
C PRO I 123 -56.72 -18.13 -16.96
N THR I 124 -56.52 -17.92 -18.27
CA THR I 124 -56.46 -16.59 -18.86
C THR I 124 -57.71 -15.81 -18.48
N ARG I 125 -58.86 -16.48 -18.52
CA ARG I 125 -60.16 -15.89 -18.23
C ARG I 125 -60.08 -15.04 -16.96
N SER I 126 -59.66 -15.70 -15.88
CA SER I 126 -59.64 -15.10 -14.57
C SER I 126 -58.73 -13.88 -14.59
N VAL I 127 -57.56 -13.99 -15.21
CA VAL I 127 -56.65 -12.87 -15.32
C VAL I 127 -57.42 -11.69 -15.88
N ALA I 128 -58.02 -11.89 -17.06
CA ALA I 128 -58.78 -10.83 -17.71
C ALA I 128 -59.74 -10.20 -16.71
N ARG I 129 -60.53 -11.04 -16.04
CA ARG I 129 -61.48 -10.59 -15.05
C ARG I 129 -60.81 -9.57 -14.12
N ALA I 130 -59.71 -10.00 -13.49
CA ALA I 130 -58.97 -9.15 -12.57
C ALA I 130 -58.70 -7.78 -13.20
N VAL I 131 -58.17 -7.79 -14.44
CA VAL I 131 -57.86 -6.56 -15.14
C VAL I 131 -59.07 -5.62 -15.07
N GLN I 132 -60.25 -6.13 -15.43
CA GLN I 132 -61.45 -5.29 -15.40
C GLN I 132 -61.66 -4.79 -13.99
N LEU I 133 -61.76 -5.71 -13.02
CA LEU I 133 -61.96 -5.32 -11.63
C LEU I 133 -61.10 -4.10 -11.33
N MET I 134 -59.81 -4.22 -11.62
CA MET I 134 -58.90 -3.10 -11.50
C MET I 134 -59.49 -1.89 -12.22
N LYS I 135 -59.71 -2.02 -13.53
CA LYS I 135 -60.19 -0.91 -14.33
C LYS I 135 -61.17 -0.06 -13.52
N GLU I 136 -62.27 -0.68 -13.07
CA GLU I 136 -63.40 0.03 -12.49
C GLU I 136 -62.97 0.85 -11.27
N THR I 137 -62.23 0.19 -10.38
CA THR I 137 -61.72 0.80 -9.17
C THR I 137 -60.90 2.03 -9.56
N ALA I 138 -59.95 1.83 -10.50
CA ALA I 138 -59.05 2.87 -10.95
C ALA I 138 -59.85 4.10 -11.40
N ILE I 139 -60.72 3.89 -12.39
CA ILE I 139 -61.58 4.95 -12.88
C ILE I 139 -62.20 5.68 -11.68
N GLY I 140 -62.78 4.90 -10.76
CA GLY I 140 -63.31 5.41 -9.50
C GLY I 140 -62.51 6.59 -8.96
N TYR I 141 -61.18 6.43 -8.85
CA TYR I 141 -60.31 7.47 -8.33
C TYR I 141 -60.10 8.57 -9.35
N VAL I 142 -59.66 8.20 -10.55
CA VAL I 142 -59.46 9.17 -11.63
C VAL I 142 -60.58 10.20 -11.59
N ASN I 143 -61.81 9.72 -11.34
CA ASN I 143 -63.00 10.49 -11.69
C ASN I 143 -63.58 11.25 -10.48
N SER I 144 -63.07 10.99 -9.27
CA SER I 144 -63.68 11.52 -8.05
C SER I 144 -62.65 12.16 -7.12
N PRO I 145 -61.60 12.86 -7.63
CA PRO I 145 -60.50 13.28 -6.76
C PRO I 145 -60.86 14.46 -5.87
N SER I 146 -59.85 14.91 -5.11
CA SER I 146 -59.99 15.96 -4.11
C SER I 146 -58.97 17.07 -4.38
N GLY I 147 -59.45 18.32 -4.39
CA GLY I 147 -58.59 19.48 -4.51
C GLY I 147 -58.31 19.85 -5.96
N VAL I 148 -58.85 19.06 -6.89
CA VAL I 148 -58.63 19.32 -8.30
C VAL I 148 -59.72 20.30 -8.77
N THR I 149 -59.29 21.18 -9.69
CA THR I 149 -60.17 22.07 -10.42
C THR I 149 -61.27 21.24 -11.11
N ARG I 150 -62.52 21.65 -10.92
CA ARG I 150 -63.66 20.89 -11.42
C ARG I 150 -63.80 21.15 -12.92
N GLY I 151 -64.06 20.08 -13.69
CA GLY I 151 -64.10 20.10 -15.14
C GLY I 151 -64.40 18.71 -15.70
N ASP I 152 -64.29 18.54 -17.02
CA ASP I 152 -64.64 17.29 -17.67
C ASP I 152 -63.39 16.49 -18.04
N CYS I 153 -63.29 15.26 -17.51
CA CYS I 153 -62.16 14.41 -17.82
C CYS I 153 -62.56 13.24 -18.73
N SER I 154 -63.86 13.11 -19.03
CA SER I 154 -64.39 11.99 -19.81
C SER I 154 -63.39 11.50 -20.85
N ALA I 155 -63.01 12.40 -21.78
CA ALA I 155 -62.12 12.07 -22.89
C ALA I 155 -61.00 11.14 -22.42
N LEU I 156 -60.30 11.58 -21.37
CA LEU I 156 -59.21 10.82 -20.78
C LEU I 156 -59.72 9.52 -20.17
N VAL I 157 -60.80 9.62 -19.38
CA VAL I 157 -61.41 8.45 -18.76
C VAL I 157 -61.59 7.33 -19.78
N ASN I 158 -62.14 7.65 -20.97
CA ASN I 158 -62.47 6.63 -21.95
C ASN I 158 -61.19 5.98 -22.48
N GLU I 159 -60.23 6.82 -22.86
CA GLU I 159 -58.92 6.37 -23.31
C GLU I 159 -58.31 5.43 -22.29
N ALA I 160 -58.35 5.82 -21.00
CA ALA I 160 -57.95 4.93 -19.92
C ALA I 160 -58.63 3.57 -20.13
N ALA I 161 -59.97 3.56 -20.07
CA ALA I 161 -60.71 2.34 -20.30
C ALA I 161 -60.05 1.53 -21.40
N THR I 162 -59.98 2.09 -22.62
CA THR I 162 -59.49 1.37 -23.79
C THR I 162 -58.22 0.60 -23.45
N TYR I 163 -57.27 1.27 -22.78
CA TYR I 163 -56.01 0.66 -22.44
C TYR I 163 -56.28 -0.60 -21.62
N PHE I 164 -56.96 -0.45 -20.49
CA PHE I 164 -57.39 -1.59 -19.71
C PHE I 164 -57.90 -2.71 -20.60
N ASP I 165 -58.71 -2.34 -21.61
CA ASP I 165 -59.44 -3.32 -22.40
C ASP I 165 -58.48 -4.05 -23.34
N LYS I 166 -57.65 -3.30 -24.07
CA LYS I 166 -56.60 -3.93 -24.86
C LYS I 166 -55.92 -5.00 -24.01
N ALA I 167 -55.58 -4.63 -22.78
CA ALA I 167 -54.97 -5.57 -21.84
C ALA I 167 -55.87 -6.80 -21.72
N ALA I 168 -57.09 -6.59 -21.21
CA ALA I 168 -58.04 -7.67 -20.99
C ALA I 168 -58.06 -8.60 -22.20
N ALA I 169 -58.24 -8.02 -23.39
CA ALA I 169 -58.42 -8.75 -24.63
C ALA I 169 -57.23 -9.64 -24.94
N SER I 170 -56.02 -9.07 -24.93
CA SER I 170 -54.84 -9.76 -25.43
C SER I 170 -54.45 -10.89 -24.47
N ILE I 171 -54.69 -10.68 -23.17
CA ILE I 171 -54.50 -11.70 -22.15
C ILE I 171 -55.50 -12.84 -22.39
N ALA I 172 -56.77 -12.44 -22.43
CA ALA I 172 -57.87 -13.35 -22.67
C ALA I 172 -57.74 -13.97 -24.07
N MET J 1 -10.63 -27.32 -38.09
CA MET J 1 -9.31 -27.99 -38.20
C MET J 1 -8.21 -26.94 -38.39
N LYS J 2 -7.11 -27.14 -37.66
CA LYS J 2 -6.04 -26.17 -37.61
C LYS J 2 -5.02 -26.44 -38.71
N THR J 3 -5.03 -25.60 -39.75
CA THR J 3 -3.91 -25.48 -40.67
C THR J 3 -3.51 -24.00 -40.70
N VAL J 4 -2.34 -23.73 -41.28
CA VAL J 4 -1.88 -22.36 -41.43
C VAL J 4 -3.02 -21.51 -41.99
N ILE J 5 -3.58 -21.96 -43.12
CA ILE J 5 -4.51 -21.14 -43.90
C ILE J 5 -5.73 -20.84 -43.02
N THR J 6 -6.28 -21.88 -42.40
CA THR J 6 -7.49 -21.72 -41.60
C THR J 6 -7.26 -20.70 -40.49
N GLU J 7 -6.08 -20.75 -39.84
CA GLU J 7 -5.84 -19.93 -38.67
C GLU J 7 -5.88 -18.45 -39.03
N VAL J 8 -5.10 -18.07 -40.05
CA VAL J 8 -5.00 -16.67 -40.40
C VAL J 8 -6.39 -16.16 -40.73
N ILE J 9 -7.16 -16.93 -41.51
CA ILE J 9 -8.54 -16.58 -41.77
C ILE J 9 -9.22 -16.32 -40.43
N ALA J 10 -9.17 -17.32 -39.54
CA ALA J 10 -9.80 -17.21 -38.23
C ALA J 10 -9.41 -15.89 -37.58
N SER J 11 -8.10 -15.65 -37.41
CA SER J 11 -7.63 -14.45 -36.74
C SER J 11 -8.19 -13.21 -37.45
N ALA J 12 -7.99 -13.13 -38.78
CA ALA J 12 -8.56 -12.05 -39.56
C ALA J 12 -10.04 -11.88 -39.21
N ASP J 13 -10.75 -13.01 -39.22
CA ASP J 13 -12.19 -13.01 -39.06
C ASP J 13 -12.57 -12.41 -37.70
N SER J 14 -11.92 -12.89 -36.64
CA SER J 14 -12.21 -12.45 -35.28
C SER J 14 -12.16 -10.93 -35.19
N GLN J 15 -11.03 -10.35 -35.62
CA GLN J 15 -10.81 -8.91 -35.57
C GLN J 15 -11.86 -8.19 -36.44
N GLY J 16 -12.36 -8.89 -37.47
CA GLY J 16 -13.38 -8.35 -38.35
C GLY J 16 -12.77 -7.56 -39.50
N ARG J 17 -11.54 -7.92 -39.86
CA ARG J 17 -10.78 -7.18 -40.84
C ARG J 17 -10.47 -8.08 -42.04
N PHE J 18 -10.22 -7.43 -43.18
CA PHE J 18 -9.80 -8.12 -44.39
C PHE J 18 -8.46 -8.79 -44.16
N LEU J 19 -8.23 -9.88 -44.90
CA LEU J 19 -6.91 -10.44 -45.04
C LEU J 19 -6.00 -9.38 -45.66
N ASN J 20 -5.02 -8.91 -44.88
CA ASN J 20 -4.05 -7.95 -45.37
C ASN J 20 -2.74 -8.69 -45.65
N ASN J 21 -1.69 -7.93 -45.98
CA ASN J 21 -0.40 -8.50 -46.33
C ASN J 21 0.07 -9.47 -45.24
N THR J 22 -0.06 -9.07 -43.98
CA THR J 22 0.45 -9.85 -42.86
C THR J 22 0.17 -11.33 -43.09
N GLU J 23 -1.11 -11.65 -43.27
CA GLU J 23 -1.56 -13.03 -43.28
C GLU J 23 -1.02 -13.74 -44.51
N LEU J 24 -1.11 -13.06 -45.65
CA LEU J 24 -0.72 -13.66 -46.91
C LEU J 24 0.73 -14.15 -46.80
N GLN J 25 1.62 -13.28 -46.30
CA GLN J 25 3.00 -13.68 -46.02
C GLN J 25 2.99 -15.08 -45.40
N ALA J 26 2.24 -15.22 -44.30
CA ALA J 26 2.16 -16.49 -43.59
C ALA J 26 1.75 -17.60 -44.55
N ALA J 27 0.59 -17.44 -45.20
CA ALA J 27 0.10 -18.42 -46.14
C ALA J 27 1.22 -18.84 -47.08
N ASN J 28 1.86 -17.86 -47.72
CA ASN J 28 2.92 -18.10 -48.67
C ASN J 28 3.90 -19.13 -48.12
N GLY J 29 4.31 -18.93 -46.85
CA GLY J 29 5.19 -19.86 -46.16
C GLY J 29 4.71 -21.31 -46.29
N ARG J 30 3.47 -21.53 -45.87
CA ARG J 30 2.83 -22.83 -45.95
C ARG J 30 3.02 -23.44 -47.35
N PHE J 31 2.76 -22.65 -48.39
CA PHE J 31 2.76 -23.15 -49.76
C PHE J 31 4.17 -23.52 -50.21
N GLN J 32 5.15 -22.69 -49.88
CA GLN J 32 6.52 -22.96 -50.26
C GLN J 32 6.94 -24.30 -49.67
N ARG J 33 6.67 -24.48 -48.37
CA ARG J 33 7.02 -25.70 -47.66
C ARG J 33 6.38 -26.93 -48.27
N ALA J 34 5.11 -26.79 -48.71
CA ALA J 34 4.29 -27.92 -49.14
C ALA J 34 5.07 -28.91 -50.01
N THR J 35 5.85 -28.39 -50.96
CA THR J 35 6.56 -29.23 -51.92
C THR J 35 7.33 -30.33 -51.18
N ALA J 36 8.09 -29.94 -50.14
CA ALA J 36 8.78 -30.88 -49.29
C ALA J 36 7.78 -31.80 -48.57
N SER J 37 6.80 -31.19 -47.88
CA SER J 37 5.78 -31.93 -47.16
C SER J 37 5.19 -33.05 -48.03
N MET J 38 4.70 -32.65 -49.21
CA MET J 38 4.04 -33.55 -50.15
C MET J 38 4.91 -34.76 -50.44
N GLU J 39 6.19 -34.48 -50.73
CA GLU J 39 7.16 -35.51 -51.03
C GLU J 39 7.18 -36.54 -49.90
N ALA J 40 7.33 -36.05 -48.66
CA ALA J 40 7.40 -36.91 -47.48
C ALA J 40 6.19 -37.85 -47.45
N ALA J 41 4.99 -37.28 -47.63
CA ALA J 41 3.76 -38.06 -47.59
C ALA J 41 3.81 -39.21 -48.59
N ARG J 42 4.21 -38.91 -49.83
CA ARG J 42 4.30 -39.94 -50.87
C ARG J 42 5.20 -41.08 -50.41
N ALA J 43 6.29 -40.74 -49.69
CA ALA J 43 7.24 -41.74 -49.22
C ALA J 43 6.63 -42.61 -48.11
N LEU J 44 5.97 -42.00 -47.13
CA LEU J 44 5.35 -42.75 -46.04
C LEU J 44 4.25 -43.65 -46.60
N THR J 45 3.35 -43.05 -47.40
CA THR J 45 2.20 -43.75 -47.96
C THR J 45 2.64 -45.07 -48.59
N SER J 46 3.75 -45.04 -49.32
CA SER J 46 4.22 -46.17 -50.10
C SER J 46 4.71 -47.30 -49.19
N ASN J 47 5.53 -46.94 -48.18
CA ASN J 47 6.18 -47.92 -47.32
C ASN J 47 5.30 -48.27 -46.12
N ALA J 48 4.06 -47.77 -46.10
CA ALA J 48 3.21 -47.83 -44.92
C ALA J 48 3.36 -49.19 -44.21
N ASP J 49 2.52 -50.16 -44.59
CA ASP J 49 2.68 -51.58 -44.29
C ASP J 49 4.01 -51.92 -43.61
N SER J 50 5.13 -51.79 -44.34
CA SER J 50 6.42 -52.29 -43.91
C SER J 50 6.81 -51.63 -42.59
N LEU J 51 6.57 -50.32 -42.52
CA LEU J 51 6.77 -49.55 -41.32
C LEU J 51 5.94 -50.13 -40.19
N VAL J 52 4.66 -50.38 -40.49
CA VAL J 52 3.72 -50.90 -39.50
C VAL J 52 4.26 -52.24 -38.97
N LYS J 53 4.45 -53.24 -39.85
CA LYS J 53 4.97 -54.52 -39.41
C LYS J 53 6.12 -54.29 -38.43
N GLY J 54 7.15 -53.58 -38.91
CA GLY J 54 8.38 -53.37 -38.17
C GLY J 54 8.08 -52.85 -36.76
N ALA J 55 7.21 -51.84 -36.69
CA ALA J 55 6.84 -51.22 -35.44
C ALA J 55 6.21 -52.25 -34.51
N VAL J 56 4.99 -52.72 -34.86
CA VAL J 56 4.30 -53.71 -34.06
C VAL J 56 5.34 -54.64 -33.45
N GLN J 57 6.10 -55.26 -34.36
CA GLN J 57 7.13 -56.20 -33.99
C GLN J 57 7.93 -55.63 -32.83
N GLU J 58 8.69 -54.56 -33.13
CA GLU J 58 9.54 -53.87 -32.17
C GLU J 58 8.91 -53.91 -30.78
N VAL J 59 7.71 -53.33 -30.68
CA VAL J 59 7.00 -53.23 -29.41
C VAL J 59 7.14 -54.53 -28.62
N TYR J 60 6.91 -55.67 -29.29
CA TYR J 60 6.97 -56.97 -28.64
C TYR J 60 8.37 -57.29 -28.12
N ASN J 61 9.40 -56.96 -28.91
CA ASN J 61 10.76 -57.16 -28.48
C ASN J 61 11.00 -56.36 -27.20
N LYS J 62 10.56 -55.10 -27.25
CA LYS J 62 10.74 -54.15 -26.18
C LYS J 62 10.04 -54.63 -24.90
N PHE J 63 8.86 -55.24 -25.05
CA PHE J 63 8.03 -55.61 -23.93
C PHE J 63 7.61 -57.07 -24.04
N PRO J 64 8.57 -58.02 -23.89
CA PRO J 64 8.32 -59.41 -24.23
C PRO J 64 7.02 -59.92 -23.61
N TYR J 65 6.83 -59.61 -22.32
CA TYR J 65 5.76 -60.17 -21.50
C TYR J 65 4.39 -59.99 -22.17
N LEU J 66 4.25 -58.97 -23.03
CA LEU J 66 2.98 -58.68 -23.68
C LEU J 66 2.45 -59.89 -24.45
N THR J 67 3.36 -60.69 -25.01
CA THR J 67 2.99 -61.80 -25.88
C THR J 67 2.61 -63.03 -25.06
N GLN J 68 2.86 -63.00 -23.74
CA GLN J 68 2.51 -64.11 -22.87
C GLN J 68 0.99 -64.20 -22.72
N PRO J 69 0.43 -65.41 -22.51
CA PRO J 69 -1.02 -65.55 -22.31
C PRO J 69 -1.53 -64.85 -21.05
N GLY J 70 -2.74 -64.26 -21.17
CA GLY J 70 -3.33 -63.49 -20.10
C GLY J 70 -2.94 -62.01 -20.16
N GLN J 71 -2.09 -61.66 -21.14
CA GLN J 71 -1.65 -60.28 -21.33
C GLN J 71 -2.43 -59.66 -22.49
N MET J 72 -2.11 -58.41 -22.81
CA MET J 72 -2.80 -57.62 -23.82
C MET J 72 -2.24 -57.97 -25.20
N GLY J 73 -0.92 -58.13 -25.30
CA GLY J 73 -0.25 -58.42 -26.56
C GLY J 73 -0.60 -59.81 -27.09
N TYR J 74 -1.36 -60.57 -26.30
CA TYR J 74 -1.53 -61.99 -26.57
C TYR J 74 -2.86 -62.25 -27.27
N GLY J 75 -2.83 -63.17 -28.23
CA GLY J 75 -4.03 -63.54 -28.99
C GLY J 75 -4.27 -62.54 -30.11
N ASP J 76 -4.56 -63.09 -31.30
CA ASP J 76 -4.44 -62.41 -32.58
C ASP J 76 -5.26 -61.13 -32.63
N THR J 77 -6.49 -61.20 -32.10
CA THR J 77 -7.42 -60.09 -32.05
C THR J 77 -6.66 -58.83 -31.66
N ASN J 78 -5.93 -58.97 -30.55
CA ASN J 78 -5.21 -57.86 -29.93
C ASN J 78 -4.14 -57.39 -30.92
N GLN J 79 -3.39 -58.35 -31.47
CA GLN J 79 -2.34 -58.06 -32.44
C GLN J 79 -2.93 -57.28 -33.61
N ALA J 80 -4.03 -57.79 -34.16
CA ALA J 80 -4.74 -57.10 -35.22
C ALA J 80 -5.00 -55.65 -34.83
N LYS J 81 -5.68 -55.46 -33.69
CA LYS J 81 -5.95 -54.12 -33.17
C LYS J 81 -4.65 -53.32 -33.18
N CYS J 82 -3.65 -53.82 -32.46
CA CYS J 82 -2.36 -53.15 -32.35
C CYS J 82 -1.92 -52.64 -33.73
N ALA J 83 -1.98 -53.51 -34.75
CA ALA J 83 -1.62 -53.13 -36.11
C ALA J 83 -2.50 -51.97 -36.56
N ARG J 84 -3.81 -52.23 -36.66
CA ARG J 84 -4.79 -51.22 -37.03
C ARG J 84 -4.37 -49.86 -36.45
N ASP J 85 -4.29 -49.80 -35.11
CA ASP J 85 -4.06 -48.56 -34.40
C ASP J 85 -2.88 -47.83 -35.04
N ILE J 86 -1.73 -48.50 -35.11
CA ILE J 86 -0.54 -47.84 -35.63
C ILE J 86 -0.81 -47.35 -37.05
N SER J 87 -1.37 -48.21 -37.92
CA SER J 87 -1.78 -47.75 -39.23
C SER J 87 -2.38 -46.34 -39.07
N HIS J 88 -3.43 -46.24 -38.25
CA HIS J 88 -4.11 -44.98 -38.04
C HIS J 88 -3.08 -43.86 -37.84
N TYR J 89 -2.31 -43.96 -36.75
CA TYR J 89 -1.33 -42.93 -36.45
C TYR J 89 -0.65 -42.48 -37.73
N LEU J 90 -0.13 -43.45 -38.46
CA LEU J 90 0.58 -43.18 -39.70
C LEU J 90 -0.35 -42.38 -40.62
N ARG J 91 -1.47 -43.00 -40.98
CA ARG J 91 -2.45 -42.38 -41.85
C ARG J 91 -2.53 -40.89 -41.54
N PHE J 92 -2.90 -40.58 -40.30
CA PHE J 92 -3.10 -39.19 -39.91
C PHE J 92 -1.84 -38.40 -40.22
N ILE J 93 -0.68 -38.90 -39.79
CA ILE J 93 0.54 -38.15 -40.02
C ILE J 93 0.56 -37.69 -41.47
N THR J 94 0.45 -38.64 -42.41
CA THR J 94 0.44 -38.28 -43.82
C THR J 94 -0.51 -37.10 -44.00
N TYR J 95 -1.77 -37.30 -43.61
CA TYR J 95 -2.78 -36.25 -43.74
C TYR J 95 -2.15 -34.92 -43.36
N SER J 96 -1.62 -34.85 -42.13
CA SER J 96 -1.16 -33.59 -41.57
C SER J 96 -0.09 -32.97 -42.45
N LEU J 97 0.83 -33.78 -42.97
CA LEU J 97 1.85 -33.28 -43.88
C LEU J 97 1.19 -32.51 -45.02
N VAL J 98 0.16 -33.14 -45.61
CA VAL J 98 -0.50 -32.63 -46.79
C VAL J 98 -1.28 -31.37 -46.45
N ALA J 99 -2.04 -31.43 -45.34
CA ALA J 99 -2.86 -30.31 -44.90
C ALA J 99 -1.99 -29.11 -44.54
N GLY J 100 -0.73 -29.38 -44.15
CA GLY J 100 0.15 -28.33 -43.69
C GLY J 100 -0.40 -27.72 -42.39
N GLY J 101 -0.50 -28.58 -41.37
CA GLY J 101 -0.95 -28.19 -40.05
C GLY J 101 -1.09 -29.44 -39.19
N THR J 102 -1.13 -29.27 -37.87
CA THR J 102 -1.31 -30.38 -36.96
C THR J 102 -2.78 -30.80 -36.98
N GLY J 103 -3.65 -29.85 -37.37
CA GLY J 103 -5.08 -30.06 -37.37
C GLY J 103 -5.45 -31.55 -37.35
N PRO J 104 -5.29 -32.26 -38.48
CA PRO J 104 -5.79 -33.62 -38.60
C PRO J 104 -5.42 -34.44 -37.36
N LEU J 105 -4.15 -34.37 -36.97
CA LEU J 105 -3.68 -35.10 -35.81
C LEU J 105 -4.51 -34.76 -34.59
N ASP J 106 -4.59 -33.46 -34.29
CA ASP J 106 -5.24 -32.97 -33.08
C ASP J 106 -6.60 -33.64 -32.89
N ASP J 107 -7.41 -33.58 -33.95
CA ASP J 107 -8.85 -33.85 -33.82
C ASP J 107 -9.13 -35.35 -33.78
N TYR J 108 -8.35 -36.12 -34.54
CA TYR J 108 -8.57 -37.55 -34.59
C TYR J 108 -7.84 -38.17 -33.41
N ILE J 109 -6.53 -37.97 -33.34
CA ILE J 109 -5.69 -38.73 -32.44
C ILE J 109 -5.74 -38.12 -31.04
N VAL J 110 -5.39 -36.84 -30.93
CA VAL J 110 -4.92 -36.28 -29.68
C VAL J 110 -6.09 -36.07 -28.73
N ALA J 111 -7.10 -35.35 -29.21
CA ALA J 111 -8.24 -34.98 -28.38
C ALA J 111 -8.88 -36.25 -27.84
N GLY J 112 -8.93 -36.35 -26.50
CA GLY J 112 -9.52 -37.50 -25.84
C GLY J 112 -8.56 -38.68 -25.75
N LEU J 113 -7.30 -38.46 -26.13
CA LEU J 113 -6.33 -39.53 -26.13
C LEU J 113 -6.32 -40.19 -24.76
N ARG J 114 -6.06 -39.37 -23.74
CA ARG J 114 -5.82 -39.80 -22.37
C ARG J 114 -6.87 -40.83 -21.95
N GLU J 115 -8.15 -40.45 -22.08
CA GLU J 115 -9.25 -41.11 -21.38
C GLU J 115 -9.50 -42.47 -22.01
N VAL J 116 -9.59 -42.45 -23.34
CA VAL J 116 -9.57 -43.67 -24.12
C VAL J 116 -8.53 -44.60 -23.48
N ASN J 117 -7.26 -44.16 -23.54
CA ASN J 117 -6.14 -44.98 -23.12
C ASN J 117 -6.32 -45.47 -21.69
N ARG J 118 -6.85 -44.59 -20.83
CA ARG J 118 -7.04 -44.93 -19.43
C ARG J 118 -8.06 -46.06 -19.29
N THR J 119 -9.20 -45.89 -19.98
CA THR J 119 -10.35 -46.75 -19.75
C THR J 119 -10.09 -48.15 -20.31
N PHE J 120 -9.23 -48.24 -21.34
CA PHE J 120 -8.88 -49.51 -21.94
C PHE J 120 -7.50 -49.99 -21.50
N ASN J 121 -6.81 -49.18 -20.68
CA ASN J 121 -5.55 -49.59 -20.07
C ASN J 121 -4.49 -49.81 -21.15
N LEU J 122 -4.52 -48.96 -22.19
CA LEU J 122 -3.45 -48.93 -23.17
C LEU J 122 -2.35 -48.05 -22.59
N SER J 123 -1.12 -48.60 -22.51
CA SER J 123 0.01 -47.86 -21.99
C SER J 123 0.59 -46.98 -23.10
N PRO J 124 0.61 -45.64 -22.93
CA PRO J 124 1.17 -44.75 -23.95
C PRO J 124 2.50 -45.31 -24.46
N SER J 125 3.40 -45.57 -23.50
CA SER J 125 4.71 -46.16 -23.78
C SER J 125 4.70 -46.95 -25.09
N TRP J 126 3.85 -47.98 -25.18
CA TRP J 126 3.83 -48.83 -26.36
C TRP J 126 3.85 -47.97 -27.61
N TYR J 127 2.73 -47.29 -27.86
CA TYR J 127 2.63 -46.46 -29.03
C TYR J 127 3.97 -45.79 -29.27
N ILE J 128 4.45 -45.09 -28.24
CA ILE J 128 5.68 -44.33 -28.38
C ILE J 128 6.70 -45.19 -29.14
N GLU J 129 7.04 -46.36 -28.60
CA GLU J 129 8.06 -47.19 -29.24
C GLU J 129 7.76 -47.30 -30.73
N ALA J 130 6.56 -47.80 -31.03
CA ALA J 130 6.11 -47.89 -32.40
C ALA J 130 6.66 -46.66 -33.15
N LEU J 131 6.21 -45.47 -32.73
CA LEU J 131 6.61 -44.24 -33.38
C LEU J 131 8.13 -44.21 -33.53
N LYS J 132 8.86 -44.27 -32.41
CA LYS J 132 10.31 -44.15 -32.45
C LYS J 132 10.88 -45.06 -33.53
N HIS J 133 10.57 -46.36 -33.43
CA HIS J 133 11.05 -47.32 -34.41
C HIS J 133 10.79 -46.77 -35.81
N ILE J 134 9.55 -46.35 -36.05
CA ILE J 134 9.17 -45.75 -37.33
C ILE J 134 10.17 -44.65 -37.67
N LYS J 135 10.25 -43.64 -36.78
CA LYS J 135 11.07 -42.48 -37.02
C LYS J 135 12.44 -42.90 -37.57
N GLY J 136 13.03 -43.91 -36.90
CA GLY J 136 14.31 -44.46 -37.29
C GLY J 136 14.35 -44.94 -38.73
N LYS J 137 13.31 -45.69 -39.15
CA LYS J 137 13.22 -46.19 -40.52
C LYS J 137 13.07 -45.03 -41.49
N VAL J 138 12.10 -44.15 -41.21
CA VAL J 138 11.86 -42.97 -42.03
C VAL J 138 13.18 -42.23 -42.24
N GLY J 139 14.03 -42.21 -41.21
CA GLY J 139 15.32 -41.55 -41.26
C GLY J 139 16.29 -42.14 -42.29
N SER J 140 15.80 -43.07 -43.14
CA SER J 140 16.60 -43.61 -44.24
C SER J 140 16.00 -43.25 -45.60
N GLN J 141 14.68 -43.43 -45.73
CA GLN J 141 13.98 -43.28 -47.00
C GLN J 141 13.92 -41.80 -47.41
N LEU J 142 14.01 -40.92 -46.41
CA LEU J 142 13.89 -39.49 -46.60
C LEU J 142 15.22 -38.79 -46.26
N SER J 143 15.26 -37.49 -46.58
CA SER J 143 16.46 -36.69 -46.42
C SER J 143 16.12 -35.21 -46.56
N GLY J 144 16.95 -34.35 -45.95
CA GLY J 144 16.77 -32.91 -46.04
C GLY J 144 15.42 -32.48 -45.47
N GLN J 145 14.83 -31.44 -46.07
CA GLN J 145 13.61 -30.84 -45.55
C GLN J 145 12.51 -31.88 -45.47
N PRO J 146 12.24 -32.66 -46.55
CA PRO J 146 11.22 -33.72 -46.49
C PRO J 146 11.31 -34.45 -45.16
N LEU J 147 12.51 -34.98 -44.85
CA LEU J 147 12.75 -35.66 -43.59
C LEU J 147 12.31 -34.78 -42.43
N THR J 148 12.93 -33.59 -42.32
CA THR J 148 12.67 -32.71 -41.19
C THR J 148 11.18 -32.66 -40.91
N GLU J 149 10.38 -32.38 -41.95
CA GLU J 149 8.94 -32.30 -41.81
C GLU J 149 8.41 -33.59 -41.16
N ALA J 150 8.71 -34.74 -41.79
CA ALA J 150 8.25 -36.03 -41.28
C ALA J 150 8.45 -36.08 -39.77
N ASN J 151 9.69 -35.83 -39.33
CA ASN J 151 10.03 -35.85 -37.92
C ASN J 151 9.02 -35.02 -37.13
N ALA J 152 9.08 -33.69 -37.33
CA ALA J 152 8.22 -32.75 -36.62
C ALA J 152 6.92 -33.43 -36.22
N TYR J 153 6.16 -33.89 -37.23
CA TYR J 153 4.84 -34.43 -36.99
C TYR J 153 4.94 -35.69 -36.13
N ILE J 154 5.77 -36.66 -36.53
CA ILE J 154 5.93 -37.87 -35.73
C ILE J 154 6.08 -37.48 -34.27
N ASP J 155 7.06 -36.60 -33.98
CA ASP J 155 7.35 -36.17 -32.62
C ASP J 155 6.08 -35.64 -31.97
N TYR J 156 5.53 -34.60 -32.58
CA TYR J 156 4.34 -33.94 -32.07
C TYR J 156 3.45 -34.93 -31.33
N CYS J 157 3.29 -36.14 -31.88
CA CYS J 157 2.52 -37.21 -31.26
C CYS J 157 3.22 -37.75 -30.02
N ILE J 158 4.50 -38.12 -30.17
CA ILE J 158 5.27 -38.57 -29.03
C ILE J 158 4.92 -37.66 -27.85
N ASN J 159 5.07 -36.34 -28.06
CA ASN J 159 4.85 -35.37 -27.00
C ASN J 159 3.41 -35.43 -26.48
N ALA J 160 2.44 -35.60 -27.39
CA ALA J 160 1.04 -35.64 -27.01
C ALA J 160 0.75 -36.91 -26.22
N LEU J 161 1.38 -38.02 -26.63
CA LEU J 161 1.20 -39.31 -25.99
C LEU J 161 1.74 -39.29 -24.57
N SER J 162 3.00 -38.85 -24.46
CA SER J 162 3.65 -38.62 -23.18
C SER J 162 3.14 -37.32 -22.56
N MET K 1 -12.75 -24.70 -39.08
CA MET K 1 -13.22 -24.26 -40.43
C MET K 1 -13.03 -25.43 -41.41
N GLN K 2 -13.04 -25.11 -42.71
CA GLN K 2 -12.63 -26.02 -43.75
C GLN K 2 -11.93 -25.24 -44.87
N ASP K 3 -11.18 -26.00 -45.68
CA ASP K 3 -10.62 -25.47 -46.92
C ASP K 3 -10.26 -26.67 -47.81
N ALA K 4 -9.77 -26.37 -49.02
CA ALA K 4 -9.56 -27.37 -50.05
C ALA K 4 -8.82 -28.59 -49.51
N PHE K 5 -7.67 -28.37 -48.87
CA PHE K 5 -6.83 -29.43 -48.36
C PHE K 5 -7.62 -30.26 -47.36
N THR K 6 -7.93 -29.62 -46.22
CA THR K 6 -8.61 -30.26 -45.12
C THR K 6 -9.74 -31.14 -45.66
N LYS K 7 -10.54 -30.55 -46.56
CA LYS K 7 -11.68 -31.21 -47.16
C LYS K 7 -11.29 -32.59 -47.68
N ALA K 8 -10.33 -32.60 -48.62
CA ALA K 8 -9.91 -33.83 -49.26
C ALA K 8 -9.55 -34.87 -48.21
N ILE K 9 -8.74 -34.44 -47.23
CA ILE K 9 -8.44 -35.26 -46.07
C ILE K 9 -9.72 -35.92 -45.57
N VAL K 10 -10.67 -35.09 -45.15
CA VAL K 10 -11.86 -35.56 -44.44
C VAL K 10 -12.48 -36.70 -45.25
N ALA K 11 -12.76 -36.44 -46.53
CA ALA K 11 -13.27 -37.44 -47.44
C ALA K 11 -12.48 -38.75 -47.26
N ALA K 12 -11.16 -38.66 -47.45
CA ALA K 12 -10.27 -39.82 -47.37
C ALA K 12 -10.48 -40.56 -46.05
N ASP K 13 -10.65 -39.80 -44.97
CA ASP K 13 -10.79 -40.37 -43.64
C ASP K 13 -11.95 -41.36 -43.58
N LEU K 14 -13.09 -41.00 -44.16
CA LEU K 14 -14.32 -41.75 -44.00
C LEU K 14 -14.23 -43.07 -44.75
N ARG K 15 -13.55 -43.04 -45.91
CA ARG K 15 -13.17 -44.24 -46.64
C ARG K 15 -12.25 -45.08 -45.78
N GLY K 16 -11.47 -44.42 -44.92
CA GLY K 16 -10.61 -45.09 -43.95
C GLY K 16 -9.21 -45.33 -44.52
N SER K 17 -8.86 -44.57 -45.57
CA SER K 17 -7.75 -44.90 -46.43
C SER K 17 -6.74 -43.76 -46.46
N PHE K 18 -5.55 -44.07 -46.96
CA PHE K 18 -4.57 -43.07 -47.35
C PHE K 18 -5.16 -42.29 -48.53
N LEU K 19 -4.63 -41.10 -48.78
CA LEU K 19 -5.07 -40.30 -49.89
C LEU K 19 -4.72 -41.01 -51.20
N SER K 20 -5.71 -41.03 -52.11
CA SER K 20 -5.54 -41.49 -53.48
C SER K 20 -4.43 -40.71 -54.16
N GLU K 21 -3.67 -41.36 -55.05
CA GLU K 21 -2.62 -40.65 -55.78
C GLU K 21 -3.29 -39.59 -56.66
N GLN K 22 -4.36 -39.97 -57.35
CA GLN K 22 -5.18 -39.03 -58.12
C GLN K 22 -5.44 -37.78 -57.26
N GLU K 23 -5.91 -37.97 -56.02
CA GLU K 23 -6.34 -36.89 -55.14
C GLU K 23 -5.18 -35.95 -54.79
N LEU K 24 -4.02 -36.54 -54.48
CA LEU K 24 -2.80 -35.77 -54.27
C LEU K 24 -2.63 -34.80 -55.43
N ASN K 25 -2.80 -35.29 -56.67
CA ASN K 25 -2.50 -34.50 -57.86
C ASN K 25 -3.43 -33.30 -57.98
N GLN K 26 -4.61 -33.34 -57.34
CA GLN K 26 -5.46 -32.15 -57.23
C GLN K 26 -4.71 -31.11 -56.41
N LEU K 27 -4.21 -31.56 -55.26
CA LEU K 27 -3.59 -30.66 -54.31
C LEU K 27 -2.24 -30.20 -54.86
N THR K 28 -1.46 -31.12 -55.42
CA THR K 28 -0.17 -30.79 -56.04
C THR K 28 -0.33 -29.60 -56.98
N ASN K 29 -1.29 -29.70 -57.91
CA ASN K 29 -1.60 -28.68 -58.89
C ASN K 29 -2.04 -27.40 -58.17
N LEU K 30 -2.93 -27.55 -57.17
CA LEU K 30 -3.47 -26.42 -56.43
C LEU K 30 -2.31 -25.57 -55.91
N VAL K 31 -1.29 -26.23 -55.35
CA VAL K 31 -0.08 -25.59 -54.86
C VAL K 31 0.51 -24.71 -55.95
N LYS K 32 0.72 -25.30 -57.12
CA LYS K 32 1.39 -24.63 -58.23
C LYS K 32 0.73 -23.27 -58.50
N GLU K 33 -0.60 -23.22 -58.41
CA GLU K 33 -1.37 -22.02 -58.70
C GLU K 33 -1.22 -21.00 -57.57
N SER K 34 -0.92 -21.46 -56.35
CA SER K 34 -0.85 -20.62 -55.18
C SER K 34 -0.58 -19.16 -55.57
N ASN K 35 0.64 -18.94 -56.10
CA ASN K 35 1.11 -17.58 -56.35
C ASN K 35 -0.01 -16.78 -57.02
N LYS K 36 -0.54 -17.32 -58.11
CA LYS K 36 -1.67 -16.70 -58.78
C LYS K 36 -2.77 -16.48 -57.75
N ARG K 37 -3.26 -17.57 -57.15
CA ARG K 37 -4.30 -17.50 -56.13
C ARG K 37 -4.06 -16.26 -55.26
N LEU K 38 -2.88 -16.20 -54.62
CA LEU K 38 -2.59 -15.13 -53.69
C LEU K 38 -2.87 -13.78 -54.32
N ASP K 39 -2.17 -13.46 -55.42
CA ASP K 39 -2.30 -12.16 -56.06
C ASP K 39 -3.77 -11.79 -56.21
N ALA K 40 -4.59 -12.75 -56.66
CA ALA K 40 -6.01 -12.53 -56.80
C ALA K 40 -6.53 -11.90 -55.52
N VAL K 41 -6.37 -12.62 -54.39
CA VAL K 41 -6.82 -12.15 -53.10
C VAL K 41 -6.29 -10.73 -52.89
N ASN K 42 -4.97 -10.58 -53.01
CA ASN K 42 -4.30 -9.31 -52.77
C ASN K 42 -5.04 -8.19 -53.50
N ALA K 43 -5.37 -8.43 -54.78
CA ALA K 43 -6.03 -7.43 -55.60
C ALA K 43 -7.33 -6.98 -54.94
N ILE K 44 -8.16 -7.94 -54.51
CA ILE K 44 -9.43 -7.60 -53.88
C ILE K 44 -9.16 -6.71 -52.68
N THR K 45 -8.43 -7.26 -51.70
CA THR K 45 -8.17 -6.57 -50.44
C THR K 45 -7.65 -5.16 -50.71
N GLY K 46 -6.73 -5.03 -51.69
CA GLY K 46 -6.12 -3.76 -52.02
C GLY K 46 -7.15 -2.72 -52.45
N ASN K 47 -8.20 -3.17 -53.16
CA ASN K 47 -9.13 -2.24 -53.77
C ASN K 47 -10.41 -2.17 -52.94
N ALA K 48 -10.50 -3.01 -51.92
CA ALA K 48 -11.74 -3.21 -51.17
C ALA K 48 -12.60 -1.95 -51.18
N ALA K 49 -12.22 -0.94 -50.39
CA ALA K 49 -13.03 0.26 -50.20
C ALA K 49 -13.74 0.62 -51.49
N GLU K 50 -12.94 0.75 -52.55
CA GLU K 50 -13.39 1.17 -53.86
C GLU K 50 -14.52 0.25 -54.34
N ILE K 51 -14.19 -1.04 -54.48
CA ILE K 51 -15.15 -2.03 -54.97
C ILE K 51 -16.53 -1.66 -54.45
N ILE K 52 -16.65 -1.64 -53.13
CA ILE K 52 -17.90 -1.30 -52.48
C ILE K 52 -18.37 0.05 -52.99
N SER K 53 -17.64 1.11 -52.62
CA SER K 53 -18.06 2.46 -52.98
C SER K 53 -18.74 2.40 -54.35
N ASP K 54 -17.98 1.91 -55.33
CA ASP K 54 -18.44 1.80 -56.71
C ASP K 54 -19.80 1.13 -56.74
N ALA K 55 -19.85 -0.16 -56.37
CA ALA K 55 -21.07 -0.96 -56.45
C ALA K 55 -22.26 -0.17 -55.91
N ALA K 56 -22.12 0.42 -54.72
CA ALA K 56 -23.16 1.21 -54.09
C ALA K 56 -23.72 2.24 -55.08
N HIS K 57 -22.85 3.16 -55.53
CA HIS K 57 -23.25 4.21 -56.46
C HIS K 57 -24.23 3.65 -57.50
N LYS K 58 -23.79 2.57 -58.15
CA LYS K 58 -24.55 1.95 -59.22
C LYS K 58 -25.85 1.39 -58.67
N LEU K 59 -25.79 0.71 -57.51
CA LEU K 59 -27.00 0.16 -56.92
C LEU K 59 -28.06 1.25 -56.80
N PHE K 60 -27.66 2.44 -56.32
CA PHE K 60 -28.61 3.46 -55.94
C PHE K 60 -29.09 4.27 -57.14
N ALA K 61 -28.22 4.40 -58.15
CA ALA K 61 -28.62 4.99 -59.41
C ALA K 61 -29.76 4.18 -60.03
N GLU K 62 -29.68 2.84 -59.92
CA GLU K 62 -30.67 1.94 -60.49
C GLU K 62 -31.98 2.02 -59.70
N GLN K 63 -31.92 1.65 -58.41
CA GLN K 63 -33.12 1.51 -57.60
C GLN K 63 -33.30 2.73 -56.71
N THR K 64 -33.68 3.83 -57.35
CA THR K 64 -33.83 5.13 -56.70
C THR K 64 -34.63 5.05 -55.40
N ASP K 65 -35.69 4.23 -55.40
CA ASP K 65 -36.64 4.15 -54.29
C ASP K 65 -35.97 3.76 -52.98
N LEU K 66 -34.92 2.93 -53.04
CA LEU K 66 -34.27 2.42 -51.85
C LEU K 66 -33.89 3.59 -50.95
N ILE K 67 -33.47 4.69 -51.58
CA ILE K 67 -32.98 5.87 -50.88
C ILE K 67 -34.10 6.87 -50.65
N ARG K 68 -35.33 6.58 -51.09
CA ARG K 68 -36.42 7.51 -50.89
C ARG K 68 -37.16 7.14 -49.61
N PRO K 69 -37.84 8.12 -48.96
CA PRO K 69 -38.55 7.86 -47.71
C PRO K 69 -39.52 6.70 -47.98
N GLY K 70 -39.54 5.73 -47.06
CA GLY K 70 -40.37 4.54 -47.20
C GLY K 70 -39.59 3.37 -47.79
N GLY K 71 -38.47 3.64 -48.47
CA GLY K 71 -37.62 2.60 -49.02
C GLY K 71 -36.83 1.92 -47.92
N ASN K 72 -35.98 0.96 -48.30
CA ASN K 72 -35.31 0.18 -47.28
C ASN K 72 -33.96 0.78 -46.89
N ALA K 73 -33.31 1.54 -47.79
CA ALA K 73 -31.98 2.09 -47.52
C ALA K 73 -32.09 3.40 -46.73
N TYR K 74 -33.29 3.99 -46.69
CA TYR K 74 -33.59 5.16 -45.90
C TYR K 74 -34.00 4.77 -44.48
N PRO K 75 -33.71 5.55 -43.42
CA PRO K 75 -32.85 6.74 -43.47
C PRO K 75 -31.38 6.37 -43.30
N ASN K 76 -30.55 7.33 -42.87
CA ASN K 76 -29.12 7.11 -42.63
C ASN K 76 -28.91 5.73 -42.00
N ARG K 77 -29.44 5.55 -40.78
CA ARG K 77 -29.20 4.35 -40.02
C ARG K 77 -29.19 3.15 -40.96
N ARG K 78 -30.30 2.98 -41.66
CA ARG K 78 -30.48 1.83 -42.54
C ARG K 78 -29.36 1.83 -43.56
N MET K 79 -29.26 2.94 -44.30
CA MET K 79 -28.21 3.07 -45.29
C MET K 79 -26.94 2.41 -44.77
N ALA K 80 -26.49 2.88 -43.61
CA ALA K 80 -25.24 2.42 -43.03
C ALA K 80 -25.20 0.90 -43.05
N ALA K 81 -26.21 0.28 -42.40
CA ALA K 81 -26.30 -1.16 -42.38
C ALA K 81 -26.03 -1.69 -43.77
N CYS K 82 -26.83 -1.24 -44.75
CA CYS K 82 -26.77 -1.82 -46.08
C CYS K 82 -25.34 -1.81 -46.61
N LEU K 83 -24.63 -0.71 -46.39
CA LEU K 83 -23.23 -0.61 -46.81
C LEU K 83 -22.42 -1.68 -46.10
N ARG K 84 -22.48 -1.62 -44.76
CA ARG K 84 -21.79 -2.58 -43.94
C ARG K 84 -22.00 -3.98 -44.49
N ASP K 85 -23.27 -4.38 -44.69
CA ASP K 85 -23.58 -5.72 -45.16
C ASP K 85 -22.74 -6.05 -46.38
N MET K 86 -22.89 -5.25 -47.44
CA MET K 86 -22.18 -5.53 -48.67
C MET K 86 -20.75 -5.89 -48.33
N GLU K 87 -20.07 -4.98 -47.65
CA GLU K 87 -18.69 -5.18 -47.23
C GLU K 87 -18.53 -6.60 -46.70
N ILE K 88 -19.30 -6.93 -45.65
CA ILE K 88 -19.14 -8.20 -44.98
C ILE K 88 -19.05 -9.29 -46.03
N ILE K 89 -20.14 -9.42 -46.80
CA ILE K 89 -20.22 -10.44 -47.83
C ILE K 89 -18.89 -10.49 -48.54
N LEU K 90 -18.44 -9.33 -49.03
CA LEU K 90 -17.16 -9.26 -49.73
C LEU K 90 -16.09 -9.94 -48.90
N ARG K 91 -15.89 -9.42 -47.68
CA ARG K 91 -14.89 -9.94 -46.77
C ARG K 91 -14.87 -11.47 -46.87
N TYR K 92 -16.02 -12.08 -46.59
CA TYR K 92 -16.12 -13.52 -46.62
C TYR K 92 -15.63 -14.05 -47.96
N VAL K 93 -16.29 -13.63 -49.02
CA VAL K 93 -15.93 -14.10 -50.35
C VAL K 93 -14.41 -14.19 -50.42
N SER K 94 -13.72 -13.08 -50.16
CA SER K 94 -12.27 -13.09 -50.15
C SER K 94 -11.79 -14.33 -49.40
N TYR K 95 -12.15 -14.44 -48.11
CA TYR K 95 -11.72 -15.57 -47.29
C TYR K 95 -11.79 -16.84 -48.13
N ALA K 96 -13.01 -17.18 -48.57
CA ALA K 96 -13.22 -18.36 -49.37
C ALA K 96 -12.11 -18.47 -50.41
N LEU K 97 -11.97 -17.39 -51.20
CA LEU K 97 -11.08 -17.39 -52.34
C LEU K 97 -9.70 -17.92 -51.95
N LEU K 98 -9.22 -17.48 -50.78
CA LEU K 98 -7.94 -17.94 -50.28
C LEU K 98 -8.01 -19.43 -49.96
N ALA K 99 -9.00 -19.81 -49.14
CA ALA K 99 -9.14 -21.17 -48.67
C ALA K 99 -9.15 -22.13 -49.86
N GLY K 100 -9.82 -21.72 -50.94
CA GLY K 100 -10.10 -22.59 -52.06
C GLY K 100 -11.35 -23.42 -51.79
N ASP K 101 -12.29 -22.85 -51.03
CA ASP K 101 -13.49 -23.56 -50.62
C ASP K 101 -14.60 -22.58 -50.24
N ALA K 102 -15.82 -22.93 -50.65
CA ALA K 102 -17.01 -22.16 -50.36
C ALA K 102 -17.31 -22.13 -48.86
N SER K 103 -17.11 -23.27 -48.17
CA SER K 103 -17.61 -23.49 -46.82
C SER K 103 -17.64 -22.19 -46.03
N VAL K 104 -16.46 -21.77 -45.52
CA VAL K 104 -16.35 -20.60 -44.66
C VAL K 104 -17.44 -19.59 -45.01
N LEU K 105 -17.55 -19.23 -46.30
CA LEU K 105 -18.51 -18.27 -46.78
C LEU K 105 -19.94 -18.70 -46.41
N GLU K 106 -20.29 -19.94 -46.80
CA GLU K 106 -21.62 -20.45 -46.60
C GLU K 106 -22.02 -20.38 -45.12
N ASP K 107 -21.10 -20.83 -44.25
CA ASP K 107 -21.41 -21.23 -42.90
C ASP K 107 -21.51 -19.99 -42.04
N ARG K 108 -20.44 -19.19 -42.02
CA ARG K 108 -20.39 -17.97 -41.22
C ARG K 108 -21.37 -16.96 -41.79
N CYS K 109 -21.44 -16.82 -43.12
CA CYS K 109 -22.01 -15.62 -43.70
C CYS K 109 -23.41 -15.88 -44.25
N LEU K 110 -23.52 -16.78 -45.23
CA LEU K 110 -24.73 -16.91 -46.03
C LEU K 110 -25.88 -17.55 -45.24
N ASN K 111 -25.53 -18.43 -44.31
CA ASN K 111 -26.50 -19.25 -43.64
C ASN K 111 -27.50 -18.40 -42.87
N GLY K 112 -28.78 -18.51 -43.22
CA GLY K 112 -29.84 -17.80 -42.54
C GLY K 112 -30.04 -16.36 -43.06
N LEU K 113 -29.16 -15.95 -43.99
CA LEU K 113 -29.14 -14.55 -44.38
C LEU K 113 -30.49 -14.19 -45.00
N LYS K 114 -30.92 -15.01 -45.94
CA LYS K 114 -32.21 -14.81 -46.60
C LYS K 114 -33.29 -14.47 -45.59
N GLU K 115 -33.39 -15.31 -44.56
CA GLU K 115 -34.51 -15.27 -43.64
C GLU K 115 -34.49 -13.96 -42.86
N THR K 116 -33.30 -13.62 -42.37
CA THR K 116 -33.07 -12.31 -41.78
C THR K 116 -33.70 -11.26 -42.67
N TYR K 117 -33.20 -11.18 -43.91
CA TYR K 117 -33.61 -10.13 -44.83
C TYR K 117 -35.13 -10.11 -44.90
N VAL K 118 -35.72 -11.29 -45.01
CA VAL K 118 -37.16 -11.43 -45.07
C VAL K 118 -37.79 -10.75 -43.85
N ALA K 119 -37.39 -11.19 -42.66
CA ALA K 119 -37.99 -10.72 -41.44
C ALA K 119 -37.96 -9.19 -41.36
N LEU K 120 -36.84 -8.62 -41.79
CA LEU K 120 -36.64 -7.18 -41.75
C LEU K 120 -37.56 -6.47 -42.74
N GLY K 121 -37.87 -7.15 -43.86
CA GLY K 121 -38.60 -6.56 -44.96
C GLY K 121 -37.66 -6.02 -46.03
N THR K 122 -36.36 -6.27 -45.84
CA THR K 122 -35.37 -6.00 -46.87
C THR K 122 -35.73 -6.79 -48.12
N PRO K 123 -35.73 -6.15 -49.31
CA PRO K 123 -35.98 -6.85 -50.57
C PRO K 123 -34.75 -7.65 -51.01
N THR K 124 -34.87 -8.98 -50.89
CA THR K 124 -33.75 -9.88 -51.14
C THR K 124 -33.17 -9.62 -52.53
N ARG K 125 -34.08 -9.38 -53.51
CA ARG K 125 -33.72 -9.16 -54.90
C ARG K 125 -32.58 -8.14 -54.98
N SER K 126 -32.83 -6.97 -54.40
CA SER K 126 -31.91 -5.86 -54.48
C SER K 126 -30.55 -6.27 -53.90
N VAL K 127 -30.58 -6.92 -52.74
CA VAL K 127 -29.35 -7.38 -52.12
C VAL K 127 -28.56 -8.16 -53.16
N ALA K 128 -29.19 -9.20 -53.71
CA ALA K 128 -28.55 -10.04 -54.71
C ALA K 128 -27.90 -9.16 -55.77
N ARG K 129 -28.69 -8.24 -56.33
CA ARG K 129 -28.20 -7.32 -57.36
C ARG K 129 -26.86 -6.74 -56.92
N ALA K 130 -26.85 -6.11 -55.74
CA ALA K 130 -25.65 -5.49 -55.20
C ALA K 130 -24.48 -6.47 -55.28
N VAL K 131 -24.69 -7.69 -54.78
CA VAL K 131 -23.64 -8.71 -54.78
C VAL K 131 -23.02 -8.78 -56.18
N GLN K 132 -23.85 -8.91 -57.21
CA GLN K 132 -23.34 -9.00 -58.57
C GLN K 132 -22.55 -7.75 -58.89
N LEU K 133 -23.17 -6.57 -58.75
CA LEU K 133 -22.48 -5.33 -59.02
C LEU K 133 -21.07 -5.41 -58.48
N MET K 134 -20.97 -5.75 -57.19
CA MET K 134 -19.67 -5.98 -56.58
C MET K 134 -18.88 -6.95 -57.46
N LYS K 135 -19.40 -8.16 -57.64
CA LYS K 135 -18.67 -9.19 -58.39
C LYS K 135 -17.90 -8.57 -59.55
N GLU K 136 -18.62 -7.89 -60.46
CA GLU K 136 -18.06 -7.44 -61.73
C GLU K 136 -16.88 -6.51 -61.51
N THR K 137 -17.08 -5.53 -60.62
CA THR K 137 -16.05 -4.57 -60.28
C THR K 137 -14.81 -5.32 -59.80
N ALA K 138 -15.02 -6.22 -58.84
CA ALA K 138 -13.97 -6.99 -58.22
C ALA K 138 -13.14 -7.69 -59.29
N ILE K 139 -13.81 -8.54 -60.08
CA ILE K 139 -13.15 -9.24 -61.17
C ILE K 139 -12.30 -8.24 -61.96
N GLY K 140 -12.92 -7.11 -62.33
CA GLY K 140 -12.22 -6.00 -62.98
C GLY K 140 -10.78 -5.85 -62.51
N TYR K 141 -10.59 -5.78 -61.19
CA TYR K 141 -9.26 -5.61 -60.61
C TYR K 141 -8.46 -6.89 -60.69
N VAL K 142 -9.02 -7.99 -60.14
CA VAL K 142 -8.36 -9.28 -60.17
C VAL K 142 -7.68 -9.46 -61.53
N ASN K 143 -8.36 -9.03 -62.61
CA ASN K 143 -8.04 -9.52 -63.94
C ASN K 143 -7.16 -8.53 -64.72
N SER K 144 -6.95 -7.32 -64.20
CA SER K 144 -6.28 -6.28 -64.96
C SER K 144 -5.16 -5.59 -64.16
N PRO K 145 -4.38 -6.32 -63.33
CA PRO K 145 -3.42 -5.66 -62.45
C PRO K 145 -2.19 -5.13 -63.18
N SER K 146 -1.32 -4.49 -62.41
CA SER K 146 -0.14 -3.79 -62.88
C SER K 146 1.07 -4.29 -62.08
N GLY K 147 2.15 -4.62 -62.81
CA GLY K 147 3.41 -5.01 -62.19
C GLY K 147 3.46 -6.51 -61.89
N VAL K 148 2.34 -7.21 -62.14
CA VAL K 148 2.32 -8.65 -61.99
C VAL K 148 2.79 -9.26 -63.30
N THR K 149 3.51 -10.38 -63.16
CA THR K 149 3.91 -11.23 -64.27
C THR K 149 2.67 -11.65 -65.05
N ARG K 150 2.70 -11.45 -66.38
CA ARG K 150 1.53 -11.71 -67.22
C ARG K 150 1.40 -13.22 -67.44
N GLY K 151 0.15 -13.69 -67.36
CA GLY K 151 -0.24 -15.07 -67.59
C GLY K 151 -1.76 -15.21 -67.46
N ASP K 152 -2.26 -16.45 -67.31
CA ASP K 152 -3.69 -16.71 -67.32
C ASP K 152 -4.23 -16.94 -65.91
N CYS K 153 -5.20 -16.12 -65.50
CA CYS K 153 -5.80 -16.27 -64.18
C CYS K 153 -7.22 -16.84 -64.25
N SER K 154 -7.76 -17.00 -65.47
CA SER K 154 -9.13 -17.43 -65.70
C SER K 154 -9.62 -18.38 -64.60
N ALA K 155 -8.93 -19.54 -64.48
CA ALA K 155 -9.31 -20.59 -63.54
C ALA K 155 -9.77 -20.00 -62.22
N LEU K 156 -8.92 -19.14 -61.65
CA LEU K 156 -9.19 -18.46 -60.40
C LEU K 156 -10.37 -17.50 -60.55
N VAL K 157 -10.34 -16.68 -61.61
CA VAL K 157 -11.40 -15.74 -61.90
C VAL K 157 -12.77 -16.43 -61.78
N ASN K 158 -12.91 -17.60 -62.41
CA ASN K 158 -14.21 -18.27 -62.47
C ASN K 158 -14.65 -18.72 -61.08
N GLU K 159 -13.73 -19.38 -60.36
CA GLU K 159 -13.95 -19.79 -58.99
C GLU K 159 -14.42 -18.60 -58.15
N ALA K 160 -13.71 -17.46 -58.28
CA ALA K 160 -14.17 -16.22 -57.66
C ALA K 160 -15.66 -16.01 -57.99
N ALA K 161 -15.97 -15.87 -59.27
CA ALA K 161 -17.35 -15.72 -59.71
C ALA K 161 -18.24 -16.63 -58.87
N THR K 162 -18.01 -17.95 -58.94
CA THR K 162 -18.89 -18.94 -58.31
C THR K 162 -19.23 -18.49 -56.88
N TYR K 163 -18.20 -18.09 -56.13
CA TYR K 163 -18.39 -17.68 -54.75
C TYR K 163 -19.43 -16.56 -54.71
N PHE K 164 -19.14 -15.45 -55.39
CA PHE K 164 -20.11 -14.38 -55.53
C PHE K 164 -21.51 -14.93 -55.79
N ASP K 165 -21.61 -15.94 -56.67
CA ASP K 165 -22.90 -16.41 -57.15
C ASP K 165 -23.61 -17.19 -56.06
N LYS K 166 -22.92 -18.14 -55.42
CA LYS K 166 -23.48 -18.82 -54.26
C LYS K 166 -24.11 -17.77 -53.35
N ALA K 167 -23.35 -16.69 -53.09
CA ALA K 167 -23.86 -15.59 -52.28
C ALA K 167 -25.18 -15.11 -52.87
N ALA K 168 -25.12 -14.58 -54.10
CA ALA K 168 -26.29 -14.04 -54.77
C ALA K 168 -27.49 -14.97 -54.59
N ALA K 169 -27.28 -16.26 -54.91
CA ALA K 169 -28.35 -17.25 -54.92
C ALA K 169 -29.00 -17.40 -53.56
N SER K 170 -28.19 -17.62 -52.52
CA SER K 170 -28.71 -18.01 -51.22
C SER K 170 -29.42 -16.82 -50.57
N ILE K 171 -28.94 -15.60 -50.84
CA ILE K 171 -29.60 -14.38 -50.41
C ILE K 171 -30.94 -14.25 -51.12
N ALA K 172 -30.86 -14.30 -52.45
CA ALA K 172 -32.05 -14.24 -53.30
C ALA K 172 -32.97 -15.44 -53.01
N MET L 1 1.79 -5.07 -31.23
CA MET L 1 2.04 -4.79 -32.66
C MET L 1 1.93 -6.09 -33.47
N LYS L 2 1.21 -5.99 -34.59
CA LYS L 2 0.91 -7.13 -35.42
C LYS L 2 2.00 -7.32 -36.46
N THR L 3 2.84 -8.34 -36.27
CA THR L 3 3.63 -8.90 -37.35
C THR L 3 3.33 -10.40 -37.42
N VAL L 4 3.76 -11.03 -38.50
CA VAL L 4 3.59 -12.48 -38.65
C VAL L 4 4.06 -13.15 -37.36
N ILE L 5 5.30 -12.85 -36.95
CA ILE L 5 5.95 -13.58 -35.88
C ILE L 5 5.14 -13.42 -34.60
N THR L 6 4.76 -12.17 -34.28
CA THR L 6 4.04 -11.90 -33.05
C THR L 6 2.72 -12.69 -33.02
N GLU L 7 2.02 -12.75 -34.16
CA GLU L 7 0.69 -13.34 -34.19
C GLU L 7 0.75 -14.82 -33.84
N VAL L 8 1.62 -15.57 -34.53
CA VAL L 8 1.69 -17.00 -34.33
C VAL L 8 1.99 -17.26 -32.86
N ILE L 9 2.95 -16.52 -32.29
CA ILE L 9 3.22 -16.61 -30.87
C ILE L 9 1.90 -16.42 -30.12
N ALA L 10 1.23 -15.30 -30.38
CA ALA L 10 -0.04 -15.00 -29.73
C ALA L 10 -0.96 -16.21 -29.80
N SER L 11 -1.25 -16.67 -31.02
CA SER L 11 -2.18 -17.79 -31.20
C SER L 11 -1.69 -19.00 -30.41
N ALA L 12 -0.42 -19.39 -30.59
CA ALA L 12 0.17 -20.47 -29.82
C ALA L 12 -0.12 -20.24 -28.34
N ASP L 13 0.15 -19.01 -27.88
CA ASP L 13 0.06 -18.68 -26.47
C ASP L 13 -1.36 -18.89 -25.96
N SER L 14 -2.34 -18.34 -26.69
CA SER L 14 -3.73 -18.43 -26.29
C SER L 14 -4.12 -19.88 -26.02
N GLN L 15 -3.89 -20.75 -27.00
CA GLN L 15 -4.24 -22.17 -26.89
C GLN L 15 -3.47 -22.81 -25.74
N GLY L 16 -2.29 -22.25 -25.40
CA GLY L 16 -1.49 -22.73 -24.29
C GLY L 16 -0.54 -23.83 -24.72
N ARG L 17 -0.19 -23.83 -26.01
CA ARG L 17 0.58 -24.92 -26.59
C ARG L 17 1.91 -24.38 -27.12
N PHE L 18 2.87 -25.29 -27.23
CA PHE L 18 4.15 -24.98 -27.84
C PHE L 18 3.98 -24.60 -29.30
N LEU L 19 4.91 -23.79 -29.79
CA LEU L 19 5.05 -23.58 -31.23
C LEU L 19 5.34 -24.93 -31.88
N ASN L 20 4.41 -25.40 -32.69
CA ASN L 20 4.57 -26.64 -33.45
C ASN L 20 4.86 -26.27 -34.90
N ASN L 21 4.90 -27.30 -35.75
CA ASN L 21 5.24 -27.11 -37.16
C ASN L 21 4.36 -26.03 -37.78
N THR L 22 3.05 -26.07 -37.50
CA THR L 22 2.10 -25.17 -38.13
C THR L 22 2.67 -23.76 -38.20
N GLU L 23 3.05 -23.24 -37.03
CA GLU L 23 3.42 -21.84 -36.90
C GLU L 23 4.72 -21.58 -37.64
N LEU L 24 5.69 -22.48 -37.46
CA LEU L 24 7.00 -22.30 -38.04
C LEU L 24 6.86 -22.11 -39.54
N GLN L 25 6.09 -22.99 -40.20
CA GLN L 25 5.79 -22.83 -41.61
C GLN L 25 5.51 -21.35 -41.88
N ALA L 26 4.53 -20.79 -41.15
CA ALA L 26 4.13 -19.40 -41.32
C ALA L 26 5.35 -18.49 -41.19
N ALA L 27 6.04 -18.56 -40.05
CA ALA L 27 7.22 -17.74 -39.82
C ALA L 27 8.13 -17.79 -41.05
N ASN L 28 8.47 -19.02 -41.49
CA ASN L 28 9.37 -19.21 -42.62
C ASN L 28 8.95 -18.28 -43.75
N GLY L 29 7.65 -18.29 -44.07
CA GLY L 29 7.08 -17.42 -45.10
C GLY L 29 7.57 -15.99 -44.95
N ARG L 30 7.31 -15.41 -43.77
CA ARG L 30 7.73 -14.05 -43.47
C ARG L 30 9.20 -13.83 -43.83
N PHE L 31 10.07 -14.76 -43.44
CA PHE L 31 11.50 -14.61 -43.62
C PHE L 31 11.90 -14.65 -45.09
N GLN L 32 11.31 -15.58 -45.83
CA GLN L 32 11.63 -15.72 -47.24
C GLN L 32 11.30 -14.41 -47.94
N ARG L 33 10.10 -13.89 -47.68
CA ARG L 33 9.63 -12.66 -48.29
C ARG L 33 10.54 -11.47 -47.96
N ALA L 34 11.03 -11.42 -46.72
CA ALA L 34 11.76 -10.27 -46.20
C ALA L 34 12.74 -9.69 -47.22
N THR L 35 13.50 -10.57 -47.89
CA THR L 35 14.54 -10.14 -48.81
C THR L 35 13.99 -9.11 -49.79
N ALA L 36 12.82 -9.40 -50.39
CA ALA L 36 12.13 -8.46 -51.26
C ALA L 36 11.72 -7.22 -50.47
N SER L 37 11.00 -7.42 -49.35
CA SER L 37 10.54 -6.34 -48.49
C SER L 37 11.68 -5.36 -48.22
N MET L 38 12.79 -5.89 -47.69
CA MET L 38 13.95 -5.11 -47.28
C MET L 38 14.43 -4.23 -48.42
N GLU L 39 14.53 -4.83 -49.60
CA GLU L 39 14.96 -4.12 -50.81
C GLU L 39 14.09 -2.88 -50.99
N ALA L 40 12.77 -3.08 -50.98
CA ALA L 40 11.81 -2.00 -51.18
C ALA L 40 12.10 -0.86 -50.22
N ALA L 41 12.26 -1.19 -48.94
CA ALA L 41 12.50 -0.20 -47.90
C ALA L 41 13.73 0.64 -48.25
N ARG L 42 14.83 -0.02 -48.62
CA ARG L 42 16.06 0.70 -48.98
C ARG L 42 15.76 1.71 -50.09
N ALA L 43 14.90 1.34 -51.04
CA ALA L 43 14.58 2.20 -52.17
C ALA L 43 13.77 3.42 -51.72
N LEU L 44 12.73 3.21 -50.89
CA LEU L 44 11.91 4.31 -50.42
C LEU L 44 12.74 5.26 -49.56
N THR L 45 13.47 4.67 -48.60
CA THR L 45 14.26 5.43 -47.64
C THR L 45 15.14 6.44 -48.36
N SER L 46 15.75 6.00 -49.48
CA SER L 46 16.72 6.81 -50.20
C SER L 46 16.05 8.00 -50.90
N ASN L 47 14.92 7.74 -51.57
CA ASN L 47 14.26 8.75 -52.38
C ASN L 47 13.26 9.55 -51.56
N ALA L 48 13.23 9.33 -50.24
CA ALA L 48 12.17 9.84 -49.37
C ALA L 48 11.77 11.25 -49.78
N ASP L 49 12.44 12.25 -49.18
CA ASP L 49 12.43 13.65 -49.63
C ASP L 49 11.72 13.87 -50.97
N SER L 50 12.32 13.35 -52.06
CA SER L 50 11.88 13.66 -53.42
C SER L 50 10.42 13.26 -53.60
N LEU L 51 10.09 12.08 -53.07
CA LEU L 51 8.73 11.58 -53.06
C LEU L 51 7.84 12.58 -52.31
N VAL L 52 8.30 13.00 -51.13
CA VAL L 52 7.54 13.91 -50.29
C VAL L 52 7.26 15.19 -51.08
N LYS L 53 8.31 15.90 -51.51
CA LYS L 53 8.11 17.12 -52.29
C LYS L 53 7.01 16.88 -53.31
N GLY L 54 7.23 15.89 -54.19
CA GLY L 54 6.36 15.62 -55.31
C GLY L 54 4.91 15.50 -54.86
N ALA L 55 4.69 14.73 -53.79
CA ALA L 55 3.36 14.50 -53.26
C ALA L 55 2.75 15.83 -52.83
N VAL L 56 3.29 16.44 -51.76
CA VAL L 56 2.79 17.72 -51.26
C VAL L 56 2.32 18.53 -52.46
N GLN L 57 3.27 18.76 -53.36
CA GLN L 57 3.04 19.54 -54.56
C GLN L 57 1.71 19.10 -55.18
N GLU L 58 1.70 17.86 -55.70
CA GLU L 58 0.55 17.26 -56.34
C GLU L 58 -0.74 17.76 -55.70
N VAL L 59 -0.87 17.47 -54.39
CA VAL L 59 -2.07 17.82 -53.63
C VAL L 59 -2.54 19.22 -54.03
N TYR L 60 -1.62 20.20 -54.06
CA TYR L 60 -1.96 21.57 -54.38
C TYR L 60 -2.49 21.72 -55.79
N ASN L 61 -1.89 21.01 -56.75
CA ASN L 61 -2.37 21.04 -58.13
C ASN L 61 -3.81 20.54 -58.15
N LYS L 62 -4.02 19.43 -57.44
CA LYS L 62 -5.30 18.75 -57.40
C LYS L 62 -6.36 19.65 -56.78
N PHE L 63 -5.97 20.43 -55.75
CA PHE L 63 -6.91 21.22 -54.98
C PHE L 63 -6.42 22.65 -54.88
N PRO L 64 -6.43 23.41 -56.00
CA PRO L 64 -5.74 24.70 -56.05
C PRO L 64 -6.10 25.59 -54.88
N TYR L 65 -7.41 25.65 -54.59
CA TYR L 65 -7.98 26.59 -53.64
C TYR L 65 -7.27 26.51 -52.29
N LEU L 66 -6.67 25.37 -51.95
CA LEU L 66 -6.02 25.19 -50.67
C LEU L 66 -4.94 26.26 -50.43
N THR L 67 -4.28 26.70 -51.50
CA THR L 67 -3.16 27.62 -51.40
C THR L 67 -3.65 29.07 -51.27
N GLN L 68 -4.95 29.31 -51.47
CA GLN L 68 -5.51 30.64 -51.35
C GLN L 68 -5.52 31.07 -49.88
N PRO L 69 -5.42 32.38 -49.58
CA PRO L 69 -5.47 32.86 -48.19
C PRO L 69 -6.81 32.59 -47.52
N GLY L 70 -6.75 32.25 -46.22
CA GLY L 70 -7.92 31.89 -45.44
C GLY L 70 -8.23 30.39 -45.51
N GLN L 71 -7.42 29.65 -46.29
CA GLN L 71 -7.59 28.20 -46.43
C GLN L 71 -6.55 27.51 -45.56
N MET L 72 -6.56 26.17 -45.61
CA MET L 72 -5.69 25.34 -44.79
C MET L 72 -4.32 25.21 -45.45
N GLY L 73 -4.29 25.07 -46.78
CA GLY L 73 -3.05 24.91 -47.52
C GLY L 73 -2.19 26.17 -47.49
N TYR L 74 -2.72 27.25 -46.90
CA TYR L 74 -2.12 28.56 -47.03
C TYR L 74 -1.28 28.91 -45.80
N GLY L 75 -0.13 29.55 -46.06
CA GLY L 75 0.76 29.97 -44.99
C GLY L 75 1.65 28.82 -44.54
N ASP L 76 2.95 29.11 -44.42
CA ASP L 76 4.04 28.14 -44.43
C ASP L 76 3.85 27.06 -43.36
N THR L 77 3.45 27.49 -42.17
CA THR L 77 3.23 26.61 -41.03
C THR L 77 2.49 25.37 -41.52
N ASN L 78 1.39 25.62 -42.20
CA ASN L 78 0.48 24.58 -42.67
C ASN L 78 1.24 23.70 -43.67
N GLN L 79 1.94 24.34 -44.61
CA GLN L 79 2.72 23.64 -45.62
C GLN L 79 3.73 22.71 -44.92
N ALA L 80 4.47 23.27 -43.96
CA ALA L 80 5.39 22.50 -43.15
C ALA L 80 4.68 21.26 -42.60
N LYS L 81 3.59 21.48 -41.85
CA LYS L 81 2.80 20.39 -41.31
C LYS L 81 2.53 19.38 -42.43
N CYS L 82 1.86 19.84 -43.50
CA CYS L 82 1.52 18.98 -44.61
C CYS L 82 2.71 18.10 -44.99
N ALA L 83 3.89 18.69 -45.14
CA ALA L 83 5.10 17.94 -45.44
C ALA L 83 5.34 16.88 -44.38
N ARG L 84 5.59 17.35 -43.14
CA ARG L 84 5.80 16.49 -41.99
C ARG L 84 4.89 15.27 -42.11
N ASP L 85 3.58 15.50 -42.13
CA ASP L 85 2.58 14.44 -42.09
C ASP L 85 2.94 13.38 -43.11
N ILE L 86 3.07 13.77 -44.37
CA ILE L 86 3.32 12.81 -45.42
C ILE L 86 4.61 12.04 -45.12
N SER L 87 5.68 12.77 -44.78
CA SER L 87 6.89 12.09 -44.32
C SER L 87 6.48 10.92 -43.44
N HIS L 88 5.74 11.21 -42.36
CA HIS L 88 5.29 10.18 -41.43
C HIS L 88 4.79 8.99 -42.21
N TYR L 89 3.69 9.17 -42.96
CA TYR L 89 3.09 8.06 -43.69
C TYR L 89 4.20 7.20 -44.27
N LEU L 90 5.09 7.85 -45.01
CA LEU L 90 6.17 7.16 -45.67
C LEU L 90 6.96 6.38 -44.62
N ARG L 91 7.53 7.13 -43.66
CA ARG L 91 8.33 6.54 -42.61
C ARG L 91 7.72 5.22 -42.20
N PHE L 92 6.47 5.27 -41.72
CA PHE L 92 5.81 4.08 -41.21
C PHE L 92 5.84 2.99 -42.26
N ILE L 93 5.44 3.33 -43.49
CA ILE L 93 5.40 2.30 -44.51
C ILE L 93 6.72 1.54 -44.49
N THR L 94 7.84 2.26 -44.61
CA THR L 94 9.14 1.60 -44.58
C THR L 94 9.13 0.62 -43.41
N TYR L 95 8.91 1.17 -42.20
CA TYR L 95 8.89 0.35 -40.99
C TYR L 95 8.19 -0.96 -41.30
N SER L 96 6.94 -0.86 -41.74
CA SER L 96 6.08 -2.02 -41.90
C SER L 96 6.71 -3.04 -42.83
N LEU L 97 7.30 -2.58 -43.94
CA LEU L 97 7.99 -3.48 -44.86
C LEU L 97 8.99 -4.34 -44.08
N VAL L 98 9.79 -3.66 -43.24
CA VAL L 98 10.88 -4.29 -42.54
C VAL L 98 10.35 -5.24 -41.47
N ALA L 99 9.36 -4.76 -40.71
CA ALA L 99 8.77 -5.53 -39.63
C ALA L 99 8.05 -6.76 -40.18
N GLY L 100 7.63 -6.71 -41.44
CA GLY L 100 6.88 -7.80 -42.04
C GLY L 100 5.54 -7.94 -41.33
N GLY L 101 4.74 -6.87 -41.42
CA GLY L 101 3.40 -6.83 -40.87
C GLY L 101 2.85 -5.42 -40.99
N THR L 102 1.53 -5.28 -40.88
CA THR L 102 0.90 -3.96 -40.92
C THR L 102 1.13 -3.25 -39.58
N GLY L 103 1.35 -4.06 -38.53
CA GLY L 103 1.49 -3.56 -37.18
C GLY L 103 1.87 -2.10 -37.16
N PRO L 104 3.12 -1.72 -37.49
CA PRO L 104 3.59 -0.36 -37.29
C PRO L 104 2.55 0.65 -37.77
N LEU L 105 2.05 0.42 -39.00
CA LEU L 105 1.05 1.31 -39.58
C LEU L 105 -0.15 1.44 -38.65
N ASP L 106 -0.73 0.29 -38.31
CA ASP L 106 -1.96 0.22 -37.53
C ASP L 106 -1.89 1.16 -36.34
N ASP L 107 -0.82 1.01 -35.55
CA ASP L 107 -0.75 1.55 -34.20
C ASP L 107 -0.44 3.04 -34.22
N TYR L 108 0.42 3.46 -35.15
CA TYR L 108 0.76 4.87 -35.24
C TYR L 108 -0.34 5.59 -36.01
N ILE L 109 -0.53 5.16 -37.26
CA ILE L 109 -1.28 5.96 -38.20
C ILE L 109 -2.78 5.69 -38.05
N VAL L 110 -3.17 4.42 -38.16
CA VAL L 110 -4.54 4.07 -38.48
C VAL L 110 -5.45 4.30 -37.29
N ALA L 111 -5.06 3.72 -36.15
CA ALA L 111 -5.89 3.76 -34.96
C ALA L 111 -6.12 5.22 -34.58
N GLY L 112 -7.39 5.62 -34.55
CA GLY L 112 -7.75 6.98 -34.18
C GLY L 112 -7.66 7.93 -35.36
N LEU L 113 -7.39 7.39 -36.56
CA LEU L 113 -7.22 8.24 -37.72
C LEU L 113 -8.40 9.19 -37.85
N ARG L 114 -9.60 8.60 -37.92
CA ARG L 114 -10.84 9.30 -38.19
C ARG L 114 -10.95 10.58 -37.36
N GLU L 115 -10.82 10.44 -36.03
CA GLU L 115 -11.24 11.44 -35.07
C GLU L 115 -10.30 12.62 -35.12
N VAL L 116 -9.00 12.30 -35.08
CA VAL L 116 -7.97 13.27 -35.38
C VAL L 116 -8.46 14.11 -36.56
N ASN L 117 -8.62 13.44 -37.72
CA ASN L 117 -8.94 14.11 -38.96
C ASN L 117 -10.20 14.95 -38.82
N ARG L 118 -11.19 14.42 -38.11
CA ARG L 118 -12.45 15.11 -37.94
C ARG L 118 -12.24 16.41 -37.16
N THR L 119 -11.51 16.31 -36.04
CA THR L 119 -11.43 17.40 -35.09
C THR L 119 -10.59 18.55 -35.66
N PHE L 120 -9.65 18.22 -36.55
CA PHE L 120 -8.81 19.21 -37.21
C PHE L 120 -9.28 19.51 -38.64
N ASN L 121 -10.32 18.81 -39.10
CA ASN L 121 -10.95 19.10 -40.38
C ASN L 121 -9.97 18.84 -41.52
N LEU L 122 -9.14 17.80 -41.37
CA LEU L 122 -8.32 17.32 -42.45
C LEU L 122 -9.18 16.40 -43.30
N SER L 123 -9.24 16.69 -44.60
CA SER L 123 -10.01 15.87 -45.53
C SER L 123 -9.16 14.66 -45.94
N PRO L 124 -9.64 13.42 -45.68
CA PRO L 124 -8.88 12.23 -46.05
C PRO L 124 -8.34 12.36 -47.48
N SER L 125 -9.27 12.66 -48.40
CA SER L 125 -8.97 12.88 -49.81
C SER L 125 -7.52 13.33 -50.00
N TRP L 126 -7.14 14.47 -49.39
CA TRP L 126 -5.81 15.01 -49.57
C TRP L 126 -4.78 13.90 -49.45
N TYR L 127 -4.61 13.41 -48.23
CA TYR L 127 -3.64 12.37 -47.98
C TYR L 127 -3.67 11.40 -49.14
N ILE L 128 -4.86 10.88 -49.44
CA ILE L 128 -4.98 9.89 -50.47
C ILE L 128 -4.14 10.31 -51.67
N GLU L 129 -4.41 11.49 -52.24
CA GLU L 129 -3.70 11.92 -53.43
C GLU L 129 -2.20 11.73 -53.20
N ALA L 130 -1.70 12.38 -52.14
CA ALA L 130 -0.30 12.21 -51.76
C ALA L 130 0.08 10.76 -52.05
N LEU L 131 -0.56 9.83 -51.36
CA LEU L 131 -0.23 8.42 -51.50
C LEU L 131 -0.22 8.04 -52.98
N LYS L 132 -1.35 8.23 -53.67
CA LYS L 132 -1.44 7.81 -55.06
C LYS L 132 -0.23 8.32 -55.85
N HIS L 133 -0.01 9.63 -55.83
CA HIS L 133 1.13 10.21 -56.52
C HIS L 133 2.38 9.39 -56.19
N ILE L 134 2.62 9.18 -54.88
CA ILE L 134 3.74 8.38 -54.42
C ILE L 134 3.74 7.06 -55.19
N LYS L 135 2.65 6.30 -55.02
CA LYS L 135 2.54 4.97 -55.59
C LYS L 135 3.06 4.98 -57.02
N GLY L 136 2.60 5.97 -57.79
CA GLY L 136 2.98 6.15 -59.18
C GLY L 136 4.50 6.25 -59.37
N LYS L 137 5.16 7.08 -58.53
CA LYS L 137 6.61 7.23 -58.58
C LYS L 137 7.30 5.93 -58.23
N VAL L 138 6.92 5.37 -57.09
CA VAL L 138 7.46 4.09 -56.63
C VAL L 138 7.39 3.07 -57.76
N GLY L 139 6.31 3.13 -58.55
CA GLY L 139 6.09 2.23 -59.67
C GLY L 139 7.14 2.35 -60.78
N SER L 140 8.23 3.12 -60.54
CA SER L 140 9.33 3.24 -61.48
C SER L 140 10.62 2.68 -60.88
N GLN L 141 10.91 3.09 -59.63
CA GLN L 141 12.17 2.79 -58.97
C GLN L 141 12.25 1.30 -58.62
N LEU L 142 11.07 0.68 -58.47
CA LEU L 142 10.96 -0.70 -58.06
C LEU L 142 10.36 -1.56 -59.16
N SER L 143 10.37 -2.88 -58.93
CA SER L 143 9.96 -3.86 -59.91
C SER L 143 9.78 -5.22 -59.25
N GLY L 144 8.94 -6.06 -59.85
CA GLY L 144 8.71 -7.42 -59.38
C GLY L 144 8.17 -7.42 -57.94
N GLN L 145 8.57 -8.42 -57.16
CA GLN L 145 8.04 -8.62 -55.83
C GLN L 145 8.28 -7.37 -54.97
N PRO L 146 9.53 -6.85 -54.91
CA PRO L 146 9.78 -5.62 -54.16
C PRO L 146 8.65 -4.62 -54.36
N LEU L 147 8.38 -4.29 -55.63
CA LEU L 147 7.28 -3.39 -55.98
C LEU L 147 6.00 -3.87 -55.30
N THR L 148 5.57 -5.09 -55.65
CA THR L 148 4.29 -5.62 -55.17
C THR L 148 4.15 -5.29 -53.69
N GLU L 149 5.17 -5.64 -52.89
CA GLU L 149 5.13 -5.38 -51.46
C GLU L 149 4.83 -3.90 -51.20
N ALA L 150 5.67 -3.02 -51.77
CA ALA L 150 5.50 -1.58 -51.58
C ALA L 150 4.03 -1.22 -51.73
N ASN L 151 3.44 -1.61 -52.87
CA ASN L 151 2.04 -1.32 -53.16
C ASN L 151 1.19 -1.74 -51.96
N ALA L 152 1.08 -3.06 -51.74
CA ALA L 152 0.25 -3.61 -50.66
C ALA L 152 0.13 -2.59 -49.52
N TYR L 153 1.26 -2.24 -48.93
CA TYR L 153 1.27 -1.39 -47.75
C TYR L 153 0.69 -0.02 -48.09
N ILE L 154 1.23 0.64 -49.14
CA ILE L 154 0.71 1.93 -49.55
C ILE L 154 -0.82 1.88 -49.55
N ASP L 155 -1.36 0.90 -50.30
CA ASP L 155 -2.80 0.75 -50.45
C ASP L 155 -3.45 0.66 -49.08
N TYR L 156 -3.03 -0.35 -48.32
CA TYR L 156 -3.59 -0.60 -47.01
C TYR L 156 -4.02 0.70 -46.33
N CYS L 157 -3.19 1.74 -46.47
CA CYS L 157 -3.50 3.07 -45.94
C CYS L 157 -4.64 3.72 -46.70
N ILE L 158 -4.53 3.77 -48.03
CA ILE L 158 -5.59 4.30 -48.85
C ILE L 158 -6.91 3.78 -48.27
N ASN L 159 -7.01 2.45 -48.11
CA ASN L 159 -8.24 1.82 -47.64
C ASN L 159 -8.61 2.31 -46.25
N ALA L 160 -7.60 2.45 -45.38
CA ALA L 160 -7.84 2.89 -44.00
C ALA L 160 -8.31 4.34 -43.99
N LEU L 161 -7.72 5.16 -44.87
CA LEU L 161 -8.04 6.58 -44.95
C LEU L 161 -9.47 6.77 -45.43
N SER L 162 -9.78 6.11 -46.55
CA SER L 162 -11.13 6.06 -47.09
C SER L 162 -11.99 5.08 -46.26
N MET M 1 2.86 -6.65 -28.19
CA MET M 1 4.11 -7.40 -27.93
C MET M 1 5.26 -6.75 -28.70
N GLN M 2 6.39 -7.46 -28.73
CA GLN M 2 7.60 -6.96 -29.38
C GLN M 2 8.42 -8.14 -29.88
N ASP M 3 9.35 -7.85 -30.79
CA ASP M 3 10.37 -8.79 -31.25
C ASP M 3 11.48 -7.98 -31.91
N ALA M 4 12.53 -8.65 -32.35
CA ALA M 4 13.76 -8.02 -32.84
C ALA M 4 13.46 -6.90 -33.82
N PHE M 5 12.68 -7.20 -34.87
CA PHE M 5 12.37 -6.24 -35.91
C PHE M 5 11.65 -5.04 -35.28
N THR M 6 10.44 -5.28 -34.80
CA THR M 6 9.58 -4.27 -34.22
C THR M 6 10.43 -3.35 -33.33
N LYS M 7 11.22 -3.96 -32.47
CA LYS M 7 12.08 -3.25 -31.53
C LYS M 7 12.87 -2.16 -32.24
N ALA M 8 13.69 -2.58 -33.22
CA ALA M 8 14.57 -1.67 -33.93
C ALA M 8 13.75 -0.50 -34.48
N ILE M 9 12.61 -0.83 -35.11
CA ILE M 9 11.65 0.18 -35.53
C ILE M 9 11.47 1.20 -34.42
N VAL M 10 10.96 0.72 -33.27
CA VAL M 10 10.53 1.58 -32.20
C VAL M 10 11.64 2.58 -31.89
N ALA M 11 12.84 2.06 -31.62
CA ALA M 11 14.02 2.89 -31.40
C ALA M 11 14.07 4.00 -32.44
N ALA M 12 14.10 3.60 -33.73
CA ALA M 12 14.21 4.54 -34.84
C ALA M 12 13.14 5.62 -34.74
N ASP M 13 11.92 5.21 -34.34
CA ASP M 13 10.79 6.11 -34.27
C ASP M 13 11.09 7.31 -33.36
N LEU M 14 11.68 7.04 -32.20
CA LEU M 14 11.82 8.05 -31.16
C LEU M 14 12.86 9.10 -31.58
N ARG M 15 13.89 8.63 -32.29
CA ARG M 15 14.85 9.50 -32.95
C ARG M 15 14.11 10.34 -34.01
N GLY M 16 13.05 9.76 -34.58
CA GLY M 16 12.18 10.46 -35.52
C GLY M 16 12.65 10.26 -36.96
N SER M 17 13.44 9.20 -37.17
CA SER M 17 14.19 9.06 -38.41
C SER M 17 13.81 7.78 -39.14
N PHE M 18 14.13 7.74 -40.44
CA PHE M 18 14.15 6.51 -41.20
C PHE M 18 15.24 5.62 -40.62
N LEU M 19 15.15 4.33 -40.93
CA LEU M 19 16.11 3.35 -40.44
C LEU M 19 17.47 3.65 -41.04
N SER M 20 18.50 3.65 -40.19
CA SER M 20 19.90 3.73 -40.60
C SER M 20 20.22 2.57 -41.53
N GLU M 21 21.10 2.79 -42.51
CA GLU M 21 21.51 1.70 -43.40
C GLU M 21 22.23 0.65 -42.54
N GLN M 22 23.15 1.11 -41.69
CA GLN M 22 23.82 0.24 -40.73
C GLN M 22 22.78 -0.67 -40.07
N GLU M 23 21.68 -0.09 -39.55
CA GLU M 23 20.68 -0.79 -38.76
C GLU M 23 19.97 -1.87 -39.59
N LEU M 24 19.61 -1.52 -40.83
CA LEU M 24 19.08 -2.49 -41.77
C LEU M 24 19.97 -3.73 -41.79
N ASN M 25 21.29 -3.52 -41.86
CA ASN M 25 22.24 -4.62 -42.04
C ASN M 25 22.24 -5.55 -40.82
N GLN M 26 21.81 -5.06 -39.65
CA GLN M 26 21.57 -5.94 -38.51
C GLN M 26 20.44 -6.90 -38.85
N LEU M 27 19.35 -6.34 -39.35
CA LEU M 27 18.15 -7.10 -39.64
C LEU M 27 18.40 -8.01 -40.84
N THR M 28 19.03 -7.48 -41.89
CA THR M 28 19.36 -8.26 -43.08
C THR M 28 20.05 -9.56 -42.67
N ASN M 29 21.10 -9.44 -41.86
CA ASN M 29 21.89 -10.56 -41.36
C ASN M 29 20.99 -11.48 -40.51
N LEU M 30 20.17 -10.87 -39.64
CA LEU M 30 19.30 -11.61 -38.75
C LEU M 30 18.45 -12.59 -39.56
N VAL M 31 17.90 -12.08 -40.67
CA VAL M 31 17.13 -12.86 -41.63
C VAL M 31 17.91 -14.10 -42.05
N LYS M 32 19.14 -13.89 -42.50
CA LYS M 32 19.98 -14.96 -43.03
C LYS M 32 20.02 -16.13 -42.06
N GLU M 33 20.11 -15.83 -40.76
CA GLU M 33 20.22 -16.84 -39.72
C GLU M 33 18.89 -17.55 -39.50
N SER M 34 17.77 -16.91 -39.84
CA SER M 34 16.45 -17.49 -39.68
C SER M 34 16.54 -19.01 -39.61
N ASN M 35 16.91 -19.63 -40.74
CA ASN M 35 16.84 -21.08 -40.89
C ASN M 35 17.42 -21.72 -39.64
N LYS M 36 18.64 -21.33 -39.28
CA LYS M 36 19.26 -21.80 -38.04
C LYS M 36 18.28 -21.55 -36.90
N ARG M 37 17.96 -20.27 -36.66
CA ARG M 37 17.02 -19.89 -35.61
C ARG M 37 15.90 -20.92 -35.54
N LEU M 38 15.18 -21.10 -36.64
CA LEU M 38 14.01 -21.97 -36.66
C LEU M 38 14.36 -23.33 -36.08
N ASP M 39 15.31 -24.04 -36.71
CA ASP M 39 15.66 -25.39 -36.28
C ASP M 39 15.84 -25.44 -34.77
N ALA M 40 16.56 -24.44 -34.23
CA ALA M 40 16.76 -24.36 -32.79
C ALA M 40 15.41 -24.54 -32.10
N VAL M 41 14.47 -23.65 -32.40
CA VAL M 41 13.14 -23.69 -31.81
C VAL M 41 12.58 -25.10 -31.97
N ASN M 42 12.56 -25.58 -33.23
CA ASN M 42 12.00 -26.88 -33.56
C ASN M 42 12.53 -27.93 -32.59
N ALA M 43 13.85 -27.92 -32.36
CA ALA M 43 14.48 -28.90 -31.49
C ALA M 43 13.85 -28.87 -30.10
N ILE M 44 13.68 -27.67 -29.52
CA ILE M 44 13.09 -27.56 -28.20
C ILE M 44 11.70 -28.18 -28.22
N THR M 45 10.82 -27.61 -29.04
CA THR M 45 9.43 -28.04 -29.11
C THR M 45 9.36 -29.56 -29.27
N GLY M 46 10.20 -30.11 -30.14
CA GLY M 46 10.20 -31.54 -30.41
C GLY M 46 10.47 -32.37 -29.16
N ASN M 47 11.33 -31.87 -28.28
CA ASN M 47 11.80 -32.67 -27.15
C ASN M 47 11.05 -32.24 -25.88
N ALA M 48 10.25 -31.17 -25.98
CA ALA M 48 9.66 -30.51 -24.82
C ALA M 48 9.45 -31.49 -23.68
N ALA M 49 8.40 -32.33 -23.80
CA ALA M 49 7.98 -33.21 -22.72
C ALA M 49 9.19 -33.69 -21.94
N GLU M 50 10.14 -34.28 -22.69
CA GLU M 50 11.31 -34.91 -22.10
C GLU M 50 12.11 -33.88 -21.31
N ILE M 51 12.53 -32.78 -21.94
CA ILE M 51 13.31 -31.76 -21.26
C ILE M 51 12.79 -31.63 -19.82
N ILE M 52 11.51 -31.27 -19.70
CA ILE M 52 10.87 -31.15 -18.41
C ILE M 52 11.09 -32.44 -17.62
N SER M 53 10.43 -33.52 -18.05
CA SER M 53 10.51 -34.77 -17.32
C SER M 53 11.88 -34.88 -16.67
N ASP M 54 12.91 -34.85 -17.53
CA ASP M 54 14.31 -34.95 -17.12
C ASP M 54 14.56 -33.99 -15.96
N ALA M 55 14.49 -32.67 -16.24
CA ALA M 55 14.84 -31.65 -15.26
C ALA M 55 14.21 -31.98 -13.91
N ALA M 56 12.90 -32.26 -13.91
CA ALA M 56 12.17 -32.62 -12.70
C ALA M 56 12.92 -33.69 -11.91
N HIS M 57 13.10 -34.88 -12.51
CA HIS M 57 13.77 -35.99 -11.85
C HIS M 57 14.96 -35.47 -11.05
N LYS M 58 15.83 -34.71 -11.74
CA LYS M 58 17.05 -34.21 -11.15
C LYS M 58 16.73 -33.22 -10.04
N LEU M 59 15.76 -32.33 -10.28
CA LEU M 59 15.36 -31.37 -9.26
C LEU M 59 15.03 -32.09 -7.96
N PHE M 60 14.28 -33.20 -8.05
CA PHE M 60 13.75 -33.83 -6.86
C PHE M 60 14.78 -34.73 -6.19
N ALA M 61 15.69 -35.31 -6.99
CA ALA M 61 16.81 -36.04 -6.43
C ALA M 61 17.64 -35.11 -5.54
N GLU M 62 17.82 -33.86 -5.98
CA GLU M 62 18.62 -32.88 -5.25
C GLU M 62 17.91 -32.42 -3.98
N GLN M 63 16.73 -31.81 -4.14
CA GLN M 63 16.01 -31.15 -3.06
C GLN M 63 14.89 -32.07 -2.57
N THR M 64 15.31 -33.15 -1.88
CA THR M 64 14.43 -34.20 -1.40
C THR M 64 13.21 -33.64 -0.68
N ASP M 65 13.41 -32.62 0.14
CA ASP M 65 12.39 -32.04 1.02
C ASP M 65 11.15 -31.60 0.27
N LEU M 66 11.32 -31.11 -0.97
CA LEU M 66 10.21 -30.56 -1.73
C LEU M 66 9.09 -31.59 -1.78
N ILE M 67 9.47 -32.86 -1.90
CA ILE M 67 8.54 -33.96 -2.07
C ILE M 67 8.18 -34.59 -0.73
N ARG M 68 8.74 -34.09 0.38
CA ARG M 68 8.43 -34.66 1.68
C ARG M 68 7.27 -33.89 2.30
N PRO M 69 6.48 -34.53 3.19
CA PRO M 69 5.33 -33.86 3.80
C PRO M 69 5.83 -32.57 4.45
N GLY M 70 5.11 -31.48 4.20
CA GLY M 70 5.49 -30.17 4.71
C GLY M 70 6.26 -29.35 3.68
N GLY M 71 6.85 -30.02 2.67
CA GLY M 71 7.54 -29.34 1.59
C GLY M 71 6.55 -28.67 0.64
N ASN M 72 7.05 -28.02 -0.42
CA ASN M 72 6.16 -27.26 -1.27
C ASN M 72 5.60 -28.13 -2.41
N ALA M 73 6.32 -29.18 -2.84
CA ALA M 73 5.89 -29.98 -3.98
C ALA M 73 4.89 -31.05 -3.55
N TYR M 74 4.81 -31.31 -2.24
CA TYR M 74 3.82 -32.21 -1.68
C TYR M 74 2.53 -31.47 -1.37
N PRO M 75 1.32 -32.08 -1.44
CA PRO M 75 1.11 -33.41 -2.03
C PRO M 75 0.91 -33.33 -3.55
N ASN M 76 0.26 -34.35 -4.13
CA ASN M 76 0.00 -34.39 -5.56
C ASN M 76 -0.35 -33.01 -6.09
N ARG M 77 -1.48 -32.46 -5.61
CA ARG M 77 -2.00 -31.20 -6.13
C ARG M 77 -0.83 -30.27 -6.45
N ARG M 78 -0.03 -30.01 -5.41
CA ARG M 78 1.04 -29.05 -5.51
C ARG M 78 2.01 -29.54 -6.58
N MET M 79 2.48 -30.76 -6.43
CA MET M 79 3.39 -31.34 -7.40
C MET M 79 2.95 -30.90 -8.80
N ALA M 80 1.69 -31.20 -9.13
CA ALA M 80 1.16 -30.92 -10.45
C ALA M 80 1.50 -29.49 -10.85
N ALA M 81 1.05 -28.54 -10.02
CA ALA M 81 1.34 -27.14 -10.26
C ALA M 81 2.81 -26.99 -10.66
N CYS M 82 3.70 -27.47 -9.79
CA CYS M 82 5.12 -27.25 -9.98
C CYS M 82 5.55 -27.70 -11.38
N LEU M 83 5.04 -28.85 -11.82
CA LEU M 83 5.36 -29.35 -13.14
C LEU M 83 4.85 -28.36 -14.18
N ARG M 84 3.54 -28.10 -14.11
CA ARG M 84 2.92 -27.15 -15.00
C ARG M 84 3.79 -25.91 -15.13
N ASP M 85 4.15 -25.30 -13.99
CA ASP M 85 4.93 -24.07 -14.01
C ASP M 85 6.15 -24.24 -14.90
N MET M 86 7.00 -25.22 -14.57
CA MET M 86 8.22 -25.43 -15.33
C MET M 86 7.91 -25.31 -16.81
N GLU M 87 6.97 -26.16 -17.26
CA GLU M 87 6.53 -26.17 -18.64
C GLU M 87 6.36 -24.73 -19.12
N ILE M 88 5.48 -23.99 -18.45
CA ILE M 88 5.11 -22.67 -18.90
C ILE M 88 6.38 -21.90 -19.23
N ILE M 89 7.21 -21.72 -18.20
CA ILE M 89 8.45 -21.00 -18.35
C ILE M 89 9.09 -21.42 -19.66
N LEU M 90 9.27 -22.72 -19.83
CA LEU M 90 9.87 -23.25 -21.04
C LEU M 90 9.16 -22.66 -22.25
N ARG M 91 7.85 -22.91 -22.33
CA ARG M 91 7.03 -22.43 -23.43
C ARG M 91 7.46 -21.02 -23.80
N TYR M 92 7.40 -20.11 -22.82
CA TYR M 92 7.77 -18.73 -23.07
C TYR M 92 9.16 -18.66 -23.68
N VAL M 93 10.14 -19.17 -22.94
CA VAL M 93 11.51 -19.13 -23.43
C VAL M 93 11.48 -19.37 -24.93
N SER M 94 10.93 -20.53 -25.33
CA SER M 94 10.83 -20.84 -26.74
C SER M 94 10.35 -19.61 -27.48
N TYR M 95 9.14 -19.11 -27.14
CA TYR M 95 8.57 -17.96 -27.82
C TYR M 95 9.68 -16.95 -28.06
N ALA M 96 10.26 -16.44 -26.97
CA ALA M 96 11.31 -15.45 -27.07
C ALA M 96 12.28 -15.86 -28.18
N LEU M 97 12.79 -17.07 -28.06
CA LEU M 97 13.85 -17.55 -28.94
C LEU M 97 13.48 -17.28 -30.40
N LEU M 98 12.22 -17.54 -30.74
CA LEU M 98 11.74 -17.30 -32.09
C LEU M 98 11.75 -15.80 -32.38
N ALA M 99 11.11 -15.03 -31.50
CA ALA M 99 10.97 -13.59 -31.68
C ALA M 99 12.33 -12.96 -31.92
N GLY M 100 13.34 -13.44 -31.20
CA GLY M 100 14.65 -12.82 -31.16
C GLY M 100 14.67 -11.68 -30.14
N ASP M 101 13.87 -11.83 -29.08
CA ASP M 101 13.73 -10.79 -28.07
C ASP M 101 13.21 -11.37 -26.76
N ALA M 102 13.79 -10.86 -25.65
CA ALA M 102 13.40 -11.23 -24.31
C ALA M 102 11.96 -10.83 -24.00
N SER M 103 11.55 -9.63 -24.46
CA SER M 103 10.34 -8.97 -24.01
C SER M 103 9.25 -10.00 -23.68
N VAL M 104 8.58 -10.56 -24.71
CA VAL M 104 7.48 -11.47 -24.52
C VAL M 104 7.64 -12.24 -23.22
N LEU M 105 8.82 -12.86 -23.03
CA LEU M 105 9.11 -13.66 -21.86
C LEU M 105 8.97 -12.82 -20.60
N GLU M 106 9.66 -11.67 -20.57
CA GLU M 106 9.69 -10.82 -19.39
C GLU M 106 8.28 -10.46 -18.97
N ASP M 107 7.45 -10.01 -19.95
CA ASP M 107 6.17 -9.42 -19.59
C ASP M 107 5.18 -10.46 -19.10
N ARG M 108 4.80 -11.38 -19.98
CA ARG M 108 3.75 -12.32 -19.64
C ARG M 108 4.22 -13.30 -18.58
N CYS M 109 5.45 -13.80 -18.74
CA CYS M 109 5.89 -14.93 -17.93
C CYS M 109 6.55 -14.52 -16.61
N LEU M 110 7.52 -13.59 -16.67
CA LEU M 110 8.37 -13.37 -15.51
C LEU M 110 7.77 -12.32 -14.59
N ASN M 111 7.50 -11.18 -15.19
CA ASN M 111 7.17 -10.03 -14.34
C ASN M 111 6.11 -10.56 -13.39
N GLY M 112 6.13 -10.15 -12.10
CA GLY M 112 5.16 -10.44 -11.04
C GLY M 112 5.28 -11.85 -10.46
N LEU M 113 6.06 -12.69 -11.16
CA LEU M 113 6.11 -14.10 -10.81
C LEU M 113 6.68 -14.21 -9.41
N LYS M 114 7.79 -13.54 -9.17
CA LYS M 114 8.45 -13.60 -7.88
C LYS M 114 7.44 -13.40 -6.76
N GLU M 115 6.63 -12.36 -6.88
CA GLU M 115 5.75 -11.93 -5.80
C GLU M 115 4.71 -13.01 -5.50
N THR M 116 4.10 -13.50 -6.58
CA THR M 116 3.24 -14.65 -6.52
C THR M 116 3.92 -15.73 -5.66
N TYR M 117 5.08 -16.17 -6.12
CA TYR M 117 5.78 -17.27 -5.49
C TYR M 117 5.94 -16.97 -4.01
N VAL M 118 6.30 -15.73 -3.70
CA VAL M 118 6.43 -15.30 -2.31
C VAL M 118 5.14 -15.56 -1.56
N ALA M 119 4.04 -15.00 -2.06
CA ALA M 119 2.76 -15.09 -1.37
C ALA M 119 2.42 -16.56 -1.07
N LEU M 120 2.70 -17.43 -2.03
CA LEU M 120 2.41 -18.86 -1.91
C LEU M 120 3.30 -19.51 -0.85
N GLY M 121 4.50 -18.99 -0.69
CA GLY M 121 5.51 -19.60 0.17
C GLY M 121 6.48 -20.47 -0.62
N THR M 122 6.26 -20.54 -1.95
CA THR M 122 7.13 -21.33 -2.79
C THR M 122 8.56 -20.77 -2.72
N PRO M 123 9.59 -21.62 -2.52
CA PRO M 123 10.96 -21.18 -2.40
C PRO M 123 11.57 -20.83 -3.75
N THR M 124 11.77 -19.53 -3.96
CA THR M 124 12.18 -18.99 -5.25
C THR M 124 13.46 -19.68 -5.71
N ARG M 125 14.38 -19.91 -4.77
CA ARG M 125 15.68 -20.48 -5.11
C ARG M 125 15.51 -21.76 -5.91
N SER M 126 14.69 -22.67 -5.38
CA SER M 126 14.50 -23.97 -6.01
C SER M 126 13.96 -23.78 -7.42
N VAL M 127 12.96 -22.90 -7.57
CA VAL M 127 12.40 -22.62 -8.88
C VAL M 127 13.55 -22.30 -9.83
N ALA M 128 14.35 -21.29 -9.47
CA ALA M 128 15.47 -20.89 -10.29
C ALA M 128 16.29 -22.11 -10.70
N ARG M 129 16.67 -22.90 -9.69
CA ARG M 129 17.45 -24.12 -9.94
C ARG M 129 16.84 -24.90 -11.11
N ALA M 130 15.55 -25.23 -10.96
CA ALA M 130 14.84 -25.99 -11.98
C ALA M 130 15.07 -25.37 -13.36
N VAL M 131 14.85 -24.05 -13.46
CA VAL M 131 15.02 -23.35 -14.72
C VAL M 131 16.37 -23.73 -15.34
N GLN M 132 17.45 -23.63 -14.56
CA GLN M 132 18.77 -23.96 -15.07
C GLN M 132 18.77 -25.41 -15.54
N LEU M 133 18.41 -26.34 -14.64
CA LEU M 133 18.38 -27.76 -15.00
C LEU M 133 17.80 -27.89 -16.40
N MET M 134 16.60 -27.31 -16.59
CA MET M 134 15.99 -27.27 -17.89
C MET M 134 17.00 -26.73 -18.91
N LYS M 135 17.48 -25.50 -18.70
CA LYS M 135 18.39 -24.88 -19.64
C LYS M 135 19.33 -25.92 -20.25
N GLU M 136 20.11 -26.59 -19.40
CA GLU M 136 21.22 -27.43 -19.83
C GLU M 136 20.74 -28.54 -20.76
N THR M 137 19.68 -29.22 -20.32
CA THR M 137 19.07 -30.30 -21.08
C THR M 137 18.68 -29.77 -22.47
N ALA M 138 17.96 -28.64 -22.46
CA ALA M 138 17.45 -28.02 -23.68
C ALA M 138 18.59 -27.78 -24.67
N ILE M 139 19.59 -27.02 -24.22
CA ILE M 139 20.76 -26.75 -25.04
C ILE M 139 21.25 -28.07 -25.64
N GLY M 140 21.41 -29.09 -24.78
CA GLY M 140 21.76 -30.43 -25.20
C GLY M 140 21.16 -30.80 -26.56
N TYR M 141 19.84 -30.61 -26.72
CA TYR M 141 19.15 -30.95 -27.94
C TYR M 141 19.44 -29.92 -29.03
N VAL M 142 19.18 -28.64 -28.73
CA VAL M 142 19.45 -27.57 -29.68
C VAL M 142 20.76 -27.87 -30.41
N ASN M 143 21.77 -28.37 -29.68
CA ASN M 143 23.15 -28.32 -30.15
C ASN M 143 23.60 -29.63 -30.80
N SER M 144 22.79 -30.70 -30.70
CA SER M 144 23.22 -32.02 -31.12
C SER M 144 22.19 -32.71 -32.02
N PRO M 145 21.48 -32.00 -32.93
CA PRO M 145 20.36 -32.62 -33.64
C PRO M 145 20.80 -33.58 -34.74
N SER M 146 19.79 -34.20 -35.37
CA SER M 146 19.98 -35.31 -36.30
C SER M 146 19.23 -34.98 -37.60
N GLY M 147 19.94 -35.15 -38.73
CA GLY M 147 19.35 -34.93 -40.04
C GLY M 147 19.43 -33.47 -40.47
N VAL M 148 19.93 -32.60 -39.59
CA VAL M 148 20.13 -31.21 -39.94
C VAL M 148 21.52 -31.08 -40.55
N THR M 149 21.61 -30.20 -41.54
CA THR M 149 22.87 -29.78 -42.14
C THR M 149 23.79 -29.25 -41.05
N ARG M 150 25.03 -29.75 -41.00
CA ARG M 150 25.99 -29.35 -39.99
C ARG M 150 26.52 -27.94 -40.27
N GLY M 151 26.62 -27.18 -39.16
CA GLY M 151 27.08 -25.80 -39.15
C GLY M 151 27.20 -25.31 -37.71
N ASP M 152 27.40 -24.00 -37.53
CA ASP M 152 27.60 -23.42 -36.20
C ASP M 152 26.34 -22.72 -35.71
N CYS M 153 25.81 -23.17 -34.56
CA CYS M 153 24.62 -22.57 -33.97
C CYS M 153 24.96 -21.76 -32.72
N SER M 154 26.22 -21.78 -32.28
CA SER M 154 26.64 -21.13 -31.05
C SER M 154 25.85 -19.84 -30.77
N ALA M 155 25.92 -18.88 -31.72
CA ALA M 155 25.28 -17.58 -31.60
C ALA M 155 23.89 -17.73 -30.97
N LEU M 156 23.08 -18.60 -31.57
CA LEU M 156 21.73 -18.90 -31.11
C LEU M 156 21.78 -19.56 -29.72
N VAL M 157 22.62 -20.58 -29.58
CA VAL M 157 22.78 -21.28 -28.31
C VAL M 157 22.93 -20.28 -27.16
N ASN M 158 23.80 -19.28 -27.32
CA ASN M 158 24.11 -18.36 -26.24
C ASN M 158 22.87 -17.51 -25.90
N GLU M 159 22.26 -16.94 -26.94
CA GLU M 159 21.02 -16.18 -26.81
C GLU M 159 19.99 -17.00 -26.05
N ALA M 160 19.81 -18.28 -26.45
CA ALA M 160 18.97 -19.19 -25.69
C ALA M 160 19.33 -19.10 -24.22
N ALA M 161 20.58 -19.47 -23.88
CA ALA M 161 21.05 -19.38 -22.52
C ALA M 161 20.48 -18.11 -21.86
N THR M 162 20.84 -16.94 -22.41
CA THR M 162 20.50 -15.66 -21.80
C THR M 162 19.03 -15.66 -21.37
N TYR M 163 18.14 -16.11 -22.26
CA TYR M 163 16.72 -16.12 -21.96
C TYR M 163 16.49 -16.92 -20.69
N PHE M 164 16.88 -18.20 -20.70
CA PHE M 164 16.82 -19.00 -19.50
C PHE M 164 17.27 -18.20 -18.27
N ASP M 165 18.37 -17.45 -18.42
CA ASP M 165 19.00 -16.81 -17.28
C ASP M 165 18.15 -15.64 -16.78
N LYS M 166 17.72 -14.76 -17.70
CA LYS M 166 16.78 -13.72 -17.33
C LYS M 166 15.68 -14.34 -16.47
N ALA M 167 15.14 -15.47 -16.94
CA ALA M 167 14.13 -16.20 -16.19
C ALA M 167 14.66 -16.47 -14.78
N ALA M 168 15.73 -17.27 -14.70
CA ALA M 168 16.31 -17.65 -13.42
C ALA M 168 16.40 -16.44 -12.48
N ALA M 169 16.99 -15.36 -12.99
CA ALA M 169 17.28 -14.16 -12.20
C ALA M 169 16.01 -13.54 -11.63
N SER M 170 15.01 -13.29 -12.49
CA SER M 170 13.86 -12.50 -12.10
C SER M 170 12.97 -13.29 -11.13
N ILE M 171 12.94 -14.63 -11.30
CA ILE M 171 12.28 -15.52 -10.37
C ILE M 171 12.98 -15.48 -9.02
N ALA M 172 14.30 -15.75 -9.08
CA ALA M 172 15.16 -15.72 -7.92
C ALA M 172 15.19 -14.31 -7.32
N MET N 1 4.62 -1.61 4.05
CA MET N 1 5.59 -2.63 4.53
C MET N 1 5.05 -3.22 5.83
N ASN N 2 5.39 -4.47 6.12
CA ASN N 2 5.01 -5.16 7.35
C ASN N 2 5.48 -4.38 8.58
N VAL N 3 4.61 -4.24 9.58
CA VAL N 3 5.01 -3.54 10.79
C VAL N 3 5.04 -4.55 11.92
N LEU N 4 6.14 -4.57 12.69
CA LEU N 4 6.41 -5.73 13.50
C LEU N 4 5.60 -5.73 14.79
N THR N 5 5.38 -4.58 15.42
CA THR N 5 4.71 -4.56 16.71
C THR N 5 3.55 -3.58 16.70
N THR N 6 2.36 -3.98 17.18
CA THR N 6 1.19 -3.13 17.10
C THR N 6 1.22 -2.01 18.12
N SER N 7 1.81 -2.24 19.30
CA SER N 7 1.87 -1.19 20.32
C SER N 7 3.29 -1.02 20.87
N SER N 8 3.58 0.20 21.33
CA SER N 8 4.92 0.57 21.78
C SER N 8 5.13 0.11 23.22
N GLN N 9 6.36 0.32 23.73
CA GLN N 9 6.72 -0.06 25.09
C GLN N 9 5.74 0.55 26.10
N ARG N 10 5.70 1.88 26.22
CA ARG N 10 4.59 2.54 26.89
C ARG N 10 3.37 2.43 25.97
N GLY N 11 2.20 2.04 26.51
CA GLY N 11 1.03 1.79 25.69
C GLY N 11 0.70 2.95 24.76
N GLY N 12 0.64 2.66 23.46
CA GLY N 12 0.22 3.61 22.43
C GLY N 12 -0.14 2.82 21.17
N LYS N 13 -0.96 3.44 20.31
CA LYS N 13 -1.40 2.76 19.11
C LYS N 13 -0.47 3.18 17.97
N LEU N 14 0.43 2.28 17.56
CA LEU N 14 1.39 2.62 16.53
C LEU N 14 0.68 2.85 15.21
N PHE N 15 1.15 3.84 14.44
CA PHE N 15 0.57 4.16 13.16
C PHE N 15 1.68 4.25 12.12
N LYS N 16 1.63 3.43 11.06
CA LYS N 16 2.42 3.67 9.86
C LYS N 16 2.08 5.03 9.23
N VAL N 17 3.10 5.74 8.78
CA VAL N 17 2.99 6.98 8.03
C VAL N 17 3.80 6.81 6.77
N THR N 18 3.24 7.16 5.61
CA THR N 18 3.98 7.12 4.36
C THR N 18 4.05 8.53 3.78
N MET N 19 5.26 8.92 3.41
CA MET N 19 5.55 10.26 2.92
C MET N 19 6.41 10.12 1.66
N THR N 20 6.27 11.08 0.73
CA THR N 20 7.26 11.23 -0.34
C THR N 20 8.46 11.96 0.26
N LEU N 21 9.60 11.27 0.25
CA LEU N 21 10.78 11.77 0.94
C LEU N 21 11.27 13.02 0.21
N SER N 22 12.02 13.87 0.92
CA SER N 22 12.61 15.06 0.32
C SER N 22 14.09 15.09 0.65
N PRO N 23 14.95 15.81 -0.12
CA PRO N 23 16.38 15.82 0.16
C PRO N 23 16.71 16.34 1.55
N ALA N 24 15.95 17.32 2.05
CA ALA N 24 16.18 17.82 3.39
C ALA N 24 15.85 16.76 4.45
N LEU N 25 14.76 16.01 4.29
CA LEU N 25 14.37 15.00 5.27
C LEU N 25 15.54 14.04 5.51
N SER N 26 15.96 13.31 4.47
CA SER N 26 17.12 12.45 4.50
C SER N 26 18.07 12.89 3.40
N HIS N 27 19.36 12.95 3.73
CA HIS N 27 20.35 13.25 2.72
C HIS N 27 21.59 12.40 2.98
N HIS N 28 22.22 11.97 1.90
CA HIS N 28 23.40 11.17 2.02
C HIS N 28 24.44 12.04 2.73
N PRO N 29 25.51 11.47 3.31
CA PRO N 29 26.65 12.25 3.82
C PRO N 29 27.75 12.30 2.76
N TRP N 30 27.50 13.02 1.67
CA TRP N 30 28.41 13.07 0.56
C TRP N 30 28.75 14.54 0.27
N PRO N 31 29.85 14.87 -0.45
CA PRO N 31 30.01 16.23 -0.97
C PRO N 31 29.01 16.34 -2.11
N SER N 32 28.85 17.55 -2.67
CA SER N 32 27.91 17.80 -3.76
C SER N 32 26.49 17.97 -3.21
N LEU N 33 25.48 17.86 -4.07
CA LEU N 33 24.11 18.15 -3.68
C LEU N 33 23.57 17.02 -2.80
N ASP N 34 22.73 17.37 -1.83
CA ASP N 34 22.06 16.40 -0.98
C ASP N 34 21.01 15.67 -1.79
N THR N 35 21.00 14.32 -1.70
CA THR N 35 20.07 13.49 -2.43
C THR N 35 19.50 12.41 -1.51
N TYR N 36 18.19 12.27 -1.49
CA TYR N 36 17.59 11.19 -0.74
C TYR N 36 17.73 9.92 -1.53
N GLU N 37 17.93 8.81 -0.83
CA GLU N 37 18.19 7.60 -1.57
C GLU N 37 17.02 7.35 -2.51
N PRO N 38 17.24 6.76 -3.71
CA PRO N 38 16.15 6.50 -4.63
C PRO N 38 15.12 5.49 -4.15
N SER N 39 15.59 4.41 -3.50
CA SER N 39 14.71 3.32 -3.14
C SER N 39 13.65 3.82 -2.16
N GLN N 40 14.02 4.84 -1.37
CA GLN N 40 13.09 5.39 -0.41
C GLN N 40 12.41 6.63 -0.96
N ASN N 41 11.98 6.58 -2.23
CA ASN N 41 11.19 7.65 -2.79
C ASN N 41 9.92 7.80 -1.96
N SER N 42 9.27 6.66 -1.67
CA SER N 42 8.20 6.59 -0.69
C SER N 42 8.81 6.08 0.60
N TYR N 43 8.55 6.74 1.73
CA TYR N 43 9.25 6.37 2.95
C TYR N 43 8.20 6.10 4.00
N SER N 44 8.28 4.95 4.68
CA SER N 44 7.29 4.58 5.67
C SER N 44 7.89 4.63 7.08
N VAL N 45 7.29 5.43 7.96
CA VAL N 45 7.74 5.55 9.34
C VAL N 45 6.64 5.00 10.24
N VAL N 46 7.00 4.34 11.35
CA VAL N 46 6.02 3.84 12.31
C VAL N 46 6.19 4.61 13.60
N VAL N 47 5.14 5.28 14.09
CA VAL N 47 5.29 6.19 15.22
C VAL N 47 4.13 6.07 16.19
N PRO N 48 4.36 6.17 17.51
CA PRO N 48 3.28 6.18 18.49
C PRO N 48 2.31 7.33 18.25
N LEU N 49 1.10 7.25 18.80
CA LEU N 49 0.11 8.29 18.61
C LEU N 49 0.65 9.64 19.07
N ASP N 50 1.44 9.65 20.15
CA ASP N 50 1.94 10.89 20.75
C ASP N 50 2.83 11.68 19.81
N ARG N 51 3.77 11.03 19.12
CA ARG N 51 4.76 11.74 18.33
C ARG N 51 4.19 12.10 16.96
N LEU N 52 3.10 11.41 16.58
CA LEU N 52 2.54 11.58 15.25
C LEU N 52 2.51 13.07 14.93
N LEU N 53 1.90 13.87 15.79
CA LEU N 53 1.66 15.26 15.44
C LEU N 53 2.98 15.89 15.01
N ALA N 54 3.96 15.85 15.91
CA ALA N 54 5.27 16.46 15.68
C ALA N 54 6.00 15.82 14.50
N GLU N 55 5.90 14.50 14.33
CA GLU N 55 6.51 13.83 13.19
C GLU N 55 5.95 14.35 11.86
N MET N 56 4.62 14.48 11.76
CA MET N 56 4.04 14.90 10.50
C MET N 56 4.31 16.38 10.24
N THR N 57 4.22 17.23 11.26
CA THR N 57 4.43 18.65 11.02
C THR N 57 5.77 18.80 10.31
N TYR N 58 6.78 18.10 10.83
CA TYR N 58 8.12 18.29 10.34
C TYR N 58 8.18 17.81 8.90
N ILE N 59 7.57 16.68 8.61
CA ILE N 59 7.58 16.15 7.25
C ILE N 59 6.98 17.17 6.29
N LYS N 60 5.92 17.86 6.70
CA LYS N 60 5.23 18.78 5.83
C LYS N 60 5.95 20.12 5.77
N ASN N 61 6.62 20.53 6.86
CA ASN N 61 7.43 21.75 6.83
C ASN N 61 8.50 21.62 5.77
N LYS N 62 9.13 20.44 5.71
CA LYS N 62 10.00 20.14 4.59
C LYS N 62 9.13 19.82 3.39
N GLY N 63 9.79 19.60 2.25
CA GLY N 63 9.08 19.39 1.00
C GLY N 63 8.23 18.13 1.02
N GLY N 64 8.29 17.34 2.10
CA GLY N 64 7.50 16.13 2.22
C GLY N 64 6.00 16.44 2.29
N ARG N 65 5.21 15.52 1.69
CA ARG N 65 3.76 15.49 1.82
C ARG N 65 3.32 14.04 2.09
N VAL N 66 2.24 13.87 2.86
CA VAL N 66 1.86 12.61 3.46
C VAL N 66 0.98 11.81 2.51
N LEU N 67 1.52 10.72 1.95
CA LEU N 67 0.79 9.89 1.02
C LEU N 67 -0.40 9.25 1.72
N ASP N 68 -0.18 8.60 2.87
CA ASP N 68 -1.27 8.08 3.69
C ASP N 68 -0.80 7.64 5.08
N ILE N 69 -1.74 7.66 6.03
CA ILE N 69 -1.53 7.19 7.38
C ILE N 69 -2.49 6.04 7.57
N SER N 70 -1.97 4.91 8.02
CA SER N 70 -2.83 3.80 8.39
C SER N 70 -2.50 3.29 9.77
N PRO N 71 -3.52 2.90 10.58
CA PRO N 71 -3.30 2.23 11.85
C PRO N 71 -2.56 0.93 11.65
N ALA N 72 -1.64 0.65 12.56
CA ALA N 72 -0.71 -0.44 12.39
C ALA N 72 -1.43 -1.76 12.59
N ASP N 73 -2.55 -1.73 13.32
CA ASP N 73 -3.32 -2.94 13.60
C ASP N 73 -3.97 -3.47 12.33
N LEU N 74 -4.59 -2.58 11.53
CA LEU N 74 -5.17 -2.95 10.23
C LEU N 74 -4.06 -3.39 9.29
N GLU N 75 -2.96 -2.63 9.29
CA GLU N 75 -1.74 -2.98 8.58
C GLU N 75 -1.18 -4.20 9.30
N ALA N 76 -0.19 -4.87 8.72
CA ALA N 76 0.39 -6.03 9.40
C ALA N 76 -0.74 -6.92 9.89
N LEU N 77 -1.70 -7.09 8.98
CA LEU N 77 -2.72 -8.11 9.05
C LEU N 77 -2.52 -9.00 7.84
N GLY N 78 -2.89 -10.27 7.97
CA GLY N 78 -2.65 -11.20 6.90
C GLY N 78 -3.24 -10.71 5.58
N PRO N 79 -2.72 -11.18 4.43
CA PRO N 79 -3.43 -11.08 3.16
C PRO N 79 -4.71 -11.87 3.34
N PRO N 80 -5.86 -11.41 2.76
CA PRO N 80 -7.13 -12.05 3.03
C PRO N 80 -7.07 -13.53 2.67
N ASP N 81 -7.73 -14.37 3.46
CA ASP N 81 -7.94 -15.77 3.11
C ASP N 81 -8.63 -15.87 1.75
N ILE N 82 -8.13 -16.80 0.92
CA ILE N 82 -8.69 -17.09 -0.38
C ILE N 82 -9.55 -18.35 -0.31
N SER N 83 -9.89 -18.79 0.91
CA SER N 83 -10.54 -20.07 1.12
C SER N 83 -11.72 -20.25 0.15
N SER N 84 -12.71 -19.35 0.26
CA SER N 84 -13.96 -19.45 -0.47
C SER N 84 -13.78 -19.32 -1.99
N VAL N 85 -12.80 -18.50 -2.41
CA VAL N 85 -12.61 -18.17 -3.81
C VAL N 85 -11.56 -19.06 -4.47
N ALA N 86 -10.83 -19.87 -3.70
CA ALA N 86 -9.85 -20.78 -4.28
C ALA N 86 -10.55 -21.79 -5.19
N ILE N 87 -11.63 -22.39 -4.68
CA ILE N 87 -12.62 -23.08 -5.51
C ILE N 87 -13.93 -22.33 -5.33
N PRO N 88 -14.46 -21.67 -6.37
CA PRO N 88 -15.59 -20.77 -6.17
C PRO N 88 -16.87 -21.42 -5.63
N LEU N 89 -17.29 -22.53 -6.24
CA LEU N 89 -18.58 -23.17 -5.97
C LEU N 89 -19.21 -23.59 -7.31
N LYS N 90 -19.82 -22.62 -8.01
CA LYS N 90 -20.52 -22.85 -9.27
C LYS N 90 -22.00 -23.10 -9.01
N VAL N 91 -22.82 -22.44 -9.83
CA VAL N 91 -24.28 -22.50 -9.75
C VAL N 91 -24.79 -22.68 -11.17
N GLU N 92 -25.56 -23.75 -11.37
CA GLU N 92 -26.05 -24.10 -12.69
C GLU N 92 -27.57 -24.11 -12.61
N LEU N 93 -28.21 -23.35 -13.50
CA LEU N 93 -29.66 -23.33 -13.55
C LEU N 93 -30.11 -24.30 -14.61
N TRP N 94 -30.59 -25.46 -14.18
CA TRP N 94 -31.11 -26.46 -15.10
C TRP N 94 -32.44 -25.97 -15.64
N ALA N 95 -32.74 -26.35 -16.88
CA ALA N 95 -34.08 -26.19 -17.41
C ALA N 95 -35.05 -27.03 -16.59
N LYS N 96 -36.25 -26.49 -16.34
CA LYS N 96 -37.23 -27.07 -15.44
C LYS N 96 -36.71 -27.07 -14.01
N ALA N 97 -36.08 -25.97 -13.60
CA ALA N 97 -35.55 -25.84 -12.26
C ALA N 97 -36.71 -25.72 -11.27
N ASP N 98 -36.51 -26.34 -10.10
CA ASP N 98 -37.49 -26.27 -9.01
C ASP N 98 -37.45 -24.88 -8.40
N VAL N 99 -38.54 -24.49 -7.75
CA VAL N 99 -38.66 -23.16 -7.16
C VAL N 99 -37.42 -22.79 -6.33
N SER N 100 -36.88 -23.75 -5.56
CA SER N 100 -35.71 -23.51 -4.70
C SER N 100 -34.44 -23.27 -5.52
N ASP N 101 -34.24 -24.07 -6.58
CA ASP N 101 -33.03 -23.99 -7.39
C ASP N 101 -32.92 -22.62 -8.07
N VAL N 102 -34.07 -22.07 -8.51
CA VAL N 102 -34.15 -20.73 -9.07
C VAL N 102 -33.74 -19.70 -8.02
N GLN N 103 -34.20 -19.90 -6.79
CA GLN N 103 -33.92 -18.95 -5.73
C GLN N 103 -32.42 -18.92 -5.47
N ALA N 104 -31.77 -20.10 -5.46
CA ALA N 104 -30.34 -20.21 -5.20
C ALA N 104 -29.54 -19.41 -6.23
N ALA N 105 -29.89 -19.56 -7.51
CA ALA N 105 -29.19 -18.87 -8.58
C ALA N 105 -29.32 -17.37 -8.40
N ILE N 106 -30.54 -16.89 -8.18
CA ILE N 106 -30.80 -15.48 -7.95
C ILE N 106 -29.90 -14.95 -6.84
N VAL N 107 -29.87 -15.61 -5.68
CA VAL N 107 -29.08 -15.17 -4.55
C VAL N 107 -27.60 -15.17 -4.91
N ALA N 108 -27.11 -16.23 -5.55
CA ALA N 108 -25.72 -16.31 -5.98
C ALA N 108 -25.39 -15.16 -6.92
N ALA N 109 -26.29 -14.88 -7.86
CA ALA N 109 -26.02 -13.87 -8.87
C ALA N 109 -25.84 -12.57 -8.16
N TYR N 110 -26.83 -12.20 -7.34
CA TYR N 110 -26.79 -10.90 -6.71
C TYR N 110 -25.48 -10.75 -5.96
N LYS N 111 -25.04 -11.81 -5.31
CA LYS N 111 -23.76 -11.80 -4.63
C LYS N 111 -22.66 -11.39 -5.61
N GLN N 112 -22.31 -12.24 -6.57
CA GLN N 112 -21.19 -11.97 -7.45
C GLN N 112 -21.38 -10.71 -8.28
N ILE N 113 -22.58 -10.49 -8.83
CA ILE N 113 -22.84 -9.33 -9.68
C ILE N 113 -22.65 -8.05 -8.90
N PHE N 114 -23.18 -7.95 -7.71
CA PHE N 114 -23.06 -6.70 -7.00
C PHE N 114 -22.01 -6.74 -5.90
N GLY N 115 -21.12 -7.76 -5.90
CA GLY N 115 -20.11 -7.86 -4.86
C GLY N 115 -20.76 -8.13 -3.51
N ASN N 116 -20.00 -8.14 -2.42
CA ASN N 116 -20.65 -8.37 -1.15
C ASN N 116 -21.87 -7.47 -1.04
N THR N 117 -21.85 -6.32 -1.74
CA THR N 117 -22.79 -5.26 -1.46
C THR N 117 -24.19 -5.83 -1.30
N TYR N 118 -24.87 -5.34 -0.25
CA TYR N 118 -26.20 -5.77 0.13
C TYR N 118 -27.22 -5.15 -0.81
N VAL N 119 -28.22 -5.95 -1.16
CA VAL N 119 -29.32 -5.48 -1.97
C VAL N 119 -30.56 -5.58 -1.11
N LEU N 120 -31.21 -4.43 -0.87
CA LEU N 120 -32.45 -4.40 -0.14
C LEU N 120 -33.58 -5.04 -0.97
N GLU N 121 -34.66 -5.41 -0.28
CA GLU N 121 -35.82 -6.01 -0.92
C GLU N 121 -36.39 -5.06 -1.96
N SER N 122 -36.50 -3.77 -1.60
CA SER N 122 -36.98 -2.75 -2.52
C SER N 122 -36.07 -2.68 -3.75
N GLU N 123 -34.76 -2.74 -3.51
CA GLU N 123 -33.77 -2.65 -4.55
C GLU N 123 -33.93 -3.83 -5.52
N ARG N 124 -34.25 -5.02 -4.98
CA ARG N 124 -34.31 -6.26 -5.75
C ARG N 124 -35.35 -6.15 -6.87
N LEU N 125 -35.07 -6.83 -7.99
CA LEU N 125 -35.81 -6.66 -9.24
C LEU N 125 -36.77 -7.83 -9.47
N THR N 126 -38.07 -7.56 -9.40
CA THR N 126 -39.06 -8.63 -9.45
C THR N 126 -39.20 -9.13 -10.89
N SER N 127 -39.30 -8.20 -11.84
CA SER N 127 -39.61 -8.50 -13.23
C SER N 127 -38.59 -9.48 -13.80
N ALA N 128 -37.30 -9.14 -13.65
CA ALA N 128 -36.21 -9.97 -14.14
C ALA N 128 -36.27 -11.35 -13.52
N GLU N 129 -36.49 -11.38 -12.20
CA GLU N 129 -36.57 -12.63 -11.45
C GLU N 129 -37.74 -13.44 -11.99
N SER N 130 -38.84 -12.75 -12.26
CA SER N 130 -40.04 -13.39 -12.75
C SER N 130 -39.73 -14.17 -14.01
N LEU N 131 -39.00 -13.56 -14.95
CA LEU N 131 -38.78 -14.17 -16.25
C LEU N 131 -38.00 -15.47 -16.09
N LEU N 132 -36.88 -15.48 -15.35
CA LEU N 132 -36.21 -16.73 -15.02
C LEU N 132 -37.23 -17.50 -14.18
N ARG N 133 -37.27 -18.83 -14.35
CA ARG N 133 -38.23 -19.69 -13.65
C ARG N 133 -39.52 -19.86 -14.46
N ASN N 134 -39.74 -19.08 -15.52
CA ASN N 134 -40.79 -19.44 -16.48
C ASN N 134 -40.10 -19.93 -17.75
N GLY N 135 -38.76 -19.91 -17.69
CA GLY N 135 -38.01 -19.95 -18.93
C GLY N 135 -38.00 -18.57 -19.60
N SER N 136 -37.30 -18.48 -20.75
CA SER N 136 -37.39 -17.30 -21.61
C SER N 136 -36.16 -16.42 -21.46
N ILE N 137 -35.50 -16.48 -20.31
CA ILE N 137 -34.31 -15.70 -20.08
C ILE N 137 -33.22 -16.67 -19.64
N SER N 138 -32.04 -16.54 -20.24
CA SER N 138 -30.88 -17.30 -19.81
C SER N 138 -30.36 -16.69 -18.51
N VAL N 139 -29.56 -17.45 -17.75
CA VAL N 139 -28.88 -16.88 -16.59
C VAL N 139 -28.01 -15.74 -17.13
N ARG N 140 -27.41 -15.97 -18.30
CA ARG N 140 -26.59 -14.95 -18.94
C ARG N 140 -27.44 -13.71 -19.17
N GLU N 141 -28.66 -13.88 -19.67
CA GLU N 141 -29.49 -12.72 -19.94
C GLU N 141 -29.90 -11.99 -18.65
N PHE N 142 -30.12 -12.74 -17.57
CA PHE N 142 -30.43 -12.16 -16.27
C PHE N 142 -29.26 -11.27 -15.87
N VAL N 143 -28.04 -11.79 -16.05
CA VAL N 143 -26.80 -11.08 -15.72
C VAL N 143 -26.84 -9.74 -16.43
N ARG N 144 -27.15 -9.76 -17.73
CA ARG N 144 -27.18 -8.55 -18.53
C ARG N 144 -28.12 -7.56 -17.86
N LEU N 145 -29.28 -8.05 -17.47
CA LEU N 145 -30.30 -7.15 -16.98
C LEU N 145 -29.76 -6.40 -15.77
N LEU N 146 -29.08 -7.16 -14.91
CA LEU N 146 -28.63 -6.65 -13.64
C LEU N 146 -27.60 -5.53 -13.83
N ALA N 147 -26.68 -5.73 -14.76
CA ALA N 147 -25.66 -4.73 -15.06
C ALA N 147 -26.32 -3.46 -15.62
N LYS N 148 -27.34 -3.66 -16.46
CA LYS N 148 -28.07 -2.56 -17.06
C LYS N 148 -28.88 -1.81 -16.02
N SER N 149 -29.24 -2.48 -14.92
CA SER N 149 -30.09 -1.91 -13.89
C SER N 149 -29.40 -0.73 -13.22
N GLU N 150 -30.21 0.26 -12.83
CA GLU N 150 -29.71 1.47 -12.21
C GLU N 150 -28.97 1.13 -10.94
N LEU N 151 -29.44 0.12 -10.21
CA LEU N 151 -28.81 -0.24 -8.97
C LEU N 151 -27.30 -0.31 -9.22
N TYR N 152 -26.89 -1.08 -10.24
CA TYR N 152 -25.50 -1.27 -10.57
C TYR N 152 -24.82 0.05 -10.93
N LYS N 153 -25.48 0.88 -11.76
CA LYS N 153 -24.88 2.13 -12.21
C LYS N 153 -24.64 3.06 -11.02
N GLU N 154 -25.63 3.17 -10.13
CA GLU N 154 -25.53 4.04 -8.96
C GLU N 154 -24.34 3.62 -8.11
N ARG N 155 -24.21 2.32 -7.87
CA ARG N 155 -23.08 1.83 -7.09
C ARG N 155 -21.79 2.05 -7.86
N PHE N 156 -21.55 1.17 -8.85
CA PHE N 156 -20.25 1.11 -9.49
C PHE N 156 -20.02 2.35 -10.34
N PHE N 157 -20.67 2.47 -11.50
CA PHE N 157 -20.28 3.43 -12.53
C PHE N 157 -20.50 4.92 -12.21
N PHE N 158 -21.60 5.30 -11.56
CA PHE N 158 -21.93 6.71 -11.36
C PHE N 158 -21.05 7.42 -10.32
N CYS N 159 -20.71 6.75 -9.22
CA CYS N 159 -19.85 7.33 -8.18
C CYS N 159 -18.38 7.35 -8.60
N THR N 160 -17.79 6.17 -8.88
CA THR N 160 -16.37 6.08 -9.16
C THR N 160 -16.04 6.49 -10.59
N SER N 161 -14.74 6.68 -10.87
CA SER N 161 -14.17 6.96 -12.18
C SER N 161 -14.31 5.76 -13.11
N ASN N 162 -14.37 6.02 -14.43
CA ASN N 162 -14.51 4.96 -15.42
C ASN N 162 -13.28 4.06 -15.42
N ASN N 163 -12.15 4.56 -14.91
CA ASN N 163 -10.99 3.73 -14.69
C ASN N 163 -11.28 2.75 -13.57
N ARG N 164 -11.99 3.24 -12.54
CA ARG N 164 -12.47 2.38 -11.47
C ARG N 164 -13.49 1.38 -11.96
N PHE N 165 -14.49 1.87 -12.69
CA PHE N 165 -15.61 1.06 -13.11
C PHE N 165 -15.20 -0.14 -13.96
N THR N 166 -14.09 -0.08 -14.69
CA THR N 166 -13.76 -1.14 -15.63
C THR N 166 -13.29 -2.38 -14.91
N GLU N 167 -12.42 -2.21 -13.94
CA GLU N 167 -11.97 -3.35 -13.17
C GLU N 167 -13.12 -3.79 -12.29
N LEU N 168 -13.86 -2.83 -11.74
CA LEU N 168 -14.99 -3.20 -10.91
C LEU N 168 -15.86 -4.16 -11.72
N ASN N 169 -16.15 -3.78 -12.97
CA ASN N 169 -16.87 -4.60 -13.93
C ASN N 169 -16.15 -5.91 -14.22
N PHE N 170 -14.86 -5.88 -14.48
CA PHE N 170 -14.20 -7.14 -14.80
C PHE N 170 -14.54 -8.16 -13.71
N LYS N 171 -14.33 -7.77 -12.44
CA LYS N 171 -14.43 -8.67 -11.28
C LYS N 171 -15.83 -9.25 -11.21
N HIS N 172 -16.84 -8.38 -11.25
CA HIS N 172 -18.22 -8.83 -11.23
C HIS N 172 -18.60 -9.80 -12.36
N PHE N 173 -18.29 -9.45 -13.60
CA PHE N 173 -18.69 -10.24 -14.76
C PHE N 173 -17.76 -11.42 -14.92
N LEU N 174 -16.47 -11.21 -14.73
CA LEU N 174 -15.53 -12.31 -14.76
C LEU N 174 -14.81 -12.34 -13.41
N GLY N 175 -14.47 -13.51 -12.93
CA GLY N 175 -13.71 -13.56 -11.71
C GLY N 175 -12.49 -12.64 -11.83
N ARG N 176 -11.93 -12.64 -13.05
CA ARG N 176 -10.60 -12.11 -13.29
C ARG N 176 -10.56 -10.65 -12.89
N ALA N 177 -9.37 -10.26 -12.46
CA ALA N 177 -8.98 -8.87 -12.37
C ALA N 177 -8.42 -8.41 -13.71
N PRO N 178 -8.41 -7.10 -14.05
CA PRO N 178 -7.88 -6.65 -15.35
C PRO N 178 -6.39 -6.92 -15.54
N TYR N 179 -6.01 -7.41 -16.72
CA TYR N 179 -4.60 -7.57 -17.07
C TYR N 179 -4.23 -6.55 -18.14
N ASN N 180 -3.29 -5.65 -17.82
CA ASN N 180 -2.70 -4.72 -18.77
C ASN N 180 -3.49 -3.43 -18.81
N GLN N 181 -2.81 -2.37 -19.26
CA GLN N 181 -3.39 -1.05 -19.38
C GLN N 181 -4.39 -1.08 -20.54
N SER N 182 -4.12 -1.92 -21.54
CA SER N 182 -4.84 -1.90 -22.79
C SER N 182 -6.33 -2.16 -22.57
N GLU N 183 -6.64 -3.14 -21.72
CA GLU N 183 -8.04 -3.47 -21.46
C GLU N 183 -8.79 -2.25 -20.93
N ILE N 184 -8.18 -1.52 -20.00
CA ILE N 184 -8.80 -0.35 -19.37
C ILE N 184 -9.05 0.70 -20.44
N ALA N 185 -8.07 0.86 -21.33
CA ALA N 185 -8.14 1.87 -22.37
C ALA N 185 -9.34 1.55 -23.25
N ALA N 186 -9.31 0.32 -23.78
CA ALA N 186 -10.27 -0.13 -24.77
C ALA N 186 -11.68 0.15 -24.27
N HIS N 187 -11.94 -0.18 -23.01
CA HIS N 187 -13.27 -0.07 -22.47
C HIS N 187 -13.68 1.39 -22.43
N LEU N 188 -12.75 2.27 -22.08
CA LEU N 188 -13.10 3.68 -21.96
C LEU N 188 -13.51 4.20 -23.33
N ASP N 189 -12.76 3.82 -24.37
CA ASP N 189 -13.05 4.26 -25.73
C ASP N 189 -14.45 3.79 -26.11
N ARG N 190 -14.73 2.51 -25.84
CA ARG N 190 -16.03 1.94 -26.14
C ARG N 190 -17.14 2.75 -25.47
N TYR N 191 -16.93 3.15 -24.23
CA TYR N 191 -17.91 3.95 -23.51
C TYR N 191 -18.18 5.29 -24.18
N GLN N 192 -17.16 5.91 -24.77
CA GLN N 192 -17.31 7.28 -25.27
C GLN N 192 -18.30 7.36 -26.40
N THR N 193 -18.14 6.42 -27.34
CA THR N 193 -18.89 6.46 -28.58
C THR N 193 -20.17 5.64 -28.41
N PHE N 194 -20.02 4.39 -27.95
CA PHE N 194 -21.15 3.49 -27.87
C PHE N 194 -22.07 3.88 -26.70
N GLY N 195 -21.50 4.33 -25.57
CA GLY N 195 -22.28 4.59 -24.38
C GLY N 195 -22.23 3.42 -23.41
N TYR N 196 -22.87 3.58 -22.24
CA TYR N 196 -22.78 2.62 -21.16
C TYR N 196 -23.12 1.23 -21.68
N ASP N 197 -24.30 1.12 -22.30
CA ASP N 197 -24.94 -0.15 -22.61
C ASP N 197 -24.01 -1.07 -23.38
N ALA N 198 -23.30 -0.52 -24.36
CA ALA N 198 -22.45 -1.33 -25.22
C ALA N 198 -21.27 -1.88 -24.46
N GLU N 199 -20.73 -1.09 -23.52
CA GLU N 199 -19.61 -1.53 -22.71
C GLU N 199 -20.06 -2.70 -21.85
N ILE N 200 -21.19 -2.56 -21.17
CA ILE N 200 -21.78 -3.62 -20.35
C ILE N 200 -21.89 -4.86 -21.23
N ASP N 201 -22.45 -4.68 -22.43
CA ASP N 201 -22.72 -5.78 -23.34
C ASP N 201 -21.44 -6.53 -23.69
N SER N 202 -20.33 -5.80 -23.83
CA SER N 202 -19.10 -6.39 -24.36
C SER N 202 -18.60 -7.48 -23.44
N TYR N 203 -18.70 -7.27 -22.13
CA TYR N 203 -18.15 -8.22 -21.18
C TYR N 203 -18.92 -9.53 -21.33
N ILE N 204 -20.26 -9.47 -21.21
CA ILE N 204 -21.10 -10.64 -21.30
C ILE N 204 -20.90 -11.30 -22.67
N ASP N 205 -20.79 -10.48 -23.72
CA ASP N 205 -20.62 -10.96 -25.09
C ASP N 205 -19.28 -11.67 -25.27
N SER N 206 -18.25 -11.17 -24.59
CA SER N 206 -16.88 -11.63 -24.81
C SER N 206 -16.81 -13.14 -24.63
N ASP N 207 -15.91 -13.78 -25.39
CA ASP N 207 -15.76 -15.23 -25.41
C ASP N 207 -15.28 -15.76 -24.07
N GLU N 208 -14.46 -14.97 -23.35
CA GLU N 208 -13.94 -15.43 -22.06
C GLU N 208 -15.16 -15.73 -21.18
N TYR N 209 -16.13 -14.83 -21.16
CA TYR N 209 -17.36 -15.04 -20.42
C TYR N 209 -18.09 -16.28 -20.92
N ILE N 210 -17.99 -16.56 -22.22
CA ILE N 210 -18.64 -17.73 -22.81
C ILE N 210 -17.85 -18.99 -22.49
N GLN N 211 -16.52 -18.90 -22.47
CA GLN N 211 -15.70 -20.09 -22.31
C GLN N 211 -15.85 -20.67 -20.90
N ALA N 212 -15.96 -19.80 -19.89
CA ALA N 212 -16.26 -20.23 -18.54
C ALA N 212 -17.58 -19.62 -18.10
N PHE N 213 -18.50 -20.45 -17.63
CA PHE N 213 -19.86 -20.05 -17.27
C PHE N 213 -20.53 -19.29 -18.41
N GLY N 214 -20.52 -19.87 -19.60
CA GLY N 214 -21.02 -19.22 -20.80
C GLY N 214 -22.50 -18.87 -20.74
N GLU N 215 -23.33 -19.88 -20.49
CA GLU N 215 -24.76 -19.66 -20.37
C GLU N 215 -25.29 -20.48 -19.20
N ASN N 216 -26.25 -19.90 -18.48
CA ASN N 216 -27.01 -20.58 -17.45
C ASN N 216 -26.11 -21.03 -16.30
N VAL N 217 -24.96 -20.38 -16.14
CA VAL N 217 -24.06 -20.61 -15.01
C VAL N 217 -23.81 -19.24 -14.44
N VAL N 218 -24.11 -19.01 -13.16
CA VAL N 218 -23.82 -17.71 -12.60
C VAL N 218 -22.30 -17.54 -12.60
N PRO N 219 -21.78 -16.33 -12.85
CA PRO N 219 -20.34 -16.09 -12.80
C PRO N 219 -19.71 -16.38 -11.43
N TYR N 220 -18.49 -16.95 -11.46
CA TYR N 220 -17.74 -17.29 -10.26
C TYR N 220 -16.31 -16.80 -10.42
N TYR N 221 -15.55 -16.71 -9.32
CA TYR N 221 -14.25 -16.06 -9.35
C TYR N 221 -13.21 -16.95 -10.02
N ARG N 222 -12.92 -16.67 -11.29
CA ARG N 222 -11.85 -17.34 -12.00
C ARG N 222 -10.51 -16.87 -11.42
N GLY N 223 -10.42 -15.60 -11.01
CA GLY N 223 -9.22 -15.08 -10.36
C GLY N 223 -8.91 -15.85 -9.07
N PHE N 224 -7.63 -15.93 -8.71
CA PHE N 224 -7.19 -16.65 -7.53
C PHE N 224 -6.92 -18.11 -7.91
N LYS N 225 -7.09 -18.44 -9.19
CA LYS N 225 -6.56 -19.67 -9.75
C LYS N 225 -6.01 -19.33 -11.14
N SER N 226 -5.08 -20.13 -11.65
CA SER N 226 -4.39 -19.83 -12.89
C SER N 226 -5.35 -19.91 -14.08
N GLN N 227 -5.26 -18.91 -14.98
CA GLN N 227 -6.14 -18.78 -16.13
C GLN N 227 -5.29 -18.59 -17.39
N SER N 228 -5.85 -18.95 -18.54
CA SER N 228 -5.18 -18.79 -19.81
C SER N 228 -5.03 -17.31 -20.15
N GLY N 229 -3.86 -16.95 -20.67
CA GLY N 229 -3.55 -15.59 -21.12
C GLY N 229 -3.70 -14.56 -19.99
N GLN N 230 -3.33 -14.96 -18.77
CA GLN N 230 -3.43 -14.10 -17.60
C GLN N 230 -2.01 -13.83 -17.12
N THR N 231 -1.65 -12.55 -17.00
CA THR N 231 -0.34 -12.18 -16.50
C THR N 231 -0.27 -12.48 -15.01
N VAL N 232 0.90 -12.91 -14.55
CA VAL N 232 1.06 -13.31 -13.16
C VAL N 232 0.64 -12.15 -12.26
N GLU N 233 0.89 -10.91 -12.69
CA GLU N 233 0.60 -9.75 -11.85
C GLU N 233 -0.89 -9.61 -11.59
N SER N 234 -1.69 -10.08 -12.55
CA SER N 234 -3.12 -10.07 -12.39
C SER N 234 -3.51 -10.79 -11.10
N PHE N 235 -2.87 -11.94 -10.84
CA PHE N 235 -3.18 -12.70 -9.64
C PHE N 235 -3.01 -11.81 -8.42
N ASN N 236 -1.90 -11.07 -8.38
CA ASN N 236 -1.62 -10.19 -7.26
C ASN N 236 -2.68 -9.10 -7.23
N ARG N 237 -3.13 -8.64 -8.40
CA ARG N 237 -4.12 -7.59 -8.48
C ARG N 237 -5.42 -8.06 -7.83
N MET N 238 -5.72 -9.35 -8.01
CA MET N 238 -6.96 -9.91 -7.49
C MET N 238 -7.02 -9.66 -5.98
N PHE N 239 -5.89 -9.87 -5.30
CA PHE N 239 -5.78 -9.64 -3.88
C PHE N 239 -6.09 -8.18 -3.53
N LYS N 240 -5.81 -7.27 -4.46
CA LYS N 240 -6.07 -5.86 -4.19
C LYS N 240 -7.55 -5.56 -4.45
N LEU N 241 -8.13 -6.20 -5.47
CA LEU N 241 -9.53 -5.97 -5.82
C LEU N 241 -10.43 -6.63 -4.80
N TYR N 242 -10.03 -7.80 -4.32
CA TYR N 242 -10.80 -8.59 -3.38
C TYR N 242 -10.18 -8.55 -1.99
N ARG N 243 -10.85 -7.87 -1.06
CA ARG N 243 -10.33 -7.84 0.30
C ARG N 243 -11.30 -8.62 1.16
N GLY N 244 -10.93 -9.88 1.44
CA GLY N 244 -11.59 -10.61 2.48
C GLY N 244 -12.98 -11.04 2.01
N ASP N 245 -13.73 -11.61 2.94
CA ASP N 245 -15.13 -11.88 2.71
C ASP N 245 -15.85 -10.99 3.70
N ALA N 246 -17.03 -10.52 3.34
CA ALA N 246 -17.62 -9.43 4.08
C ALA N 246 -16.98 -8.10 3.73
N GLY N 247 -16.15 -8.08 2.69
CA GLY N 247 -15.62 -6.84 2.17
C GLY N 247 -16.17 -6.56 0.78
N SER N 248 -16.75 -5.38 0.60
CA SER N 248 -17.57 -5.11 -0.56
C SER N 248 -17.11 -3.86 -1.30
N ASP N 249 -17.61 -3.72 -2.50
CA ASP N 249 -17.38 -2.54 -3.31
C ASP N 249 -18.41 -1.50 -2.91
N THR N 250 -18.00 -0.50 -2.15
CA THR N 250 -18.98 0.35 -1.50
C THR N 250 -18.80 1.80 -1.91
N ASN N 251 -19.85 2.37 -2.49
CA ASN N 251 -19.95 3.80 -2.70
C ASN N 251 -20.24 4.51 -1.37
N LEU N 252 -20.75 3.76 -0.39
CA LEU N 252 -21.14 4.30 0.90
C LEU N 252 -19.97 4.84 1.71
N ASN N 253 -18.80 4.15 1.72
CA ASN N 253 -17.74 4.49 2.67
C ASN N 253 -17.09 5.80 2.27
N LEU N 254 -16.35 6.39 3.21
CA LEU N 254 -15.67 7.66 3.03
C LEU N 254 -14.79 7.56 1.78
N GLN N 255 -14.89 8.55 0.88
CA GLN N 255 -14.21 8.50 -0.41
C GLN N 255 -14.38 7.10 -1.02
N GLY N 256 -15.63 6.71 -1.25
CA GLY N 256 -16.01 5.31 -1.29
C GLY N 256 -15.43 4.58 -2.49
N GLN N 257 -15.45 5.26 -3.63
CA GLN N 257 -15.00 4.62 -4.84
C GLN N 257 -13.64 5.18 -5.22
N LYS N 258 -12.64 4.29 -5.18
CA LYS N 258 -11.27 4.65 -5.48
C LYS N 258 -10.72 3.45 -6.23
N ARG N 259 -9.42 3.47 -6.49
CA ARG N 259 -8.84 2.41 -7.29
C ARG N 259 -8.15 1.41 -6.39
N ARG N 260 -8.58 0.15 -6.50
CA ARG N 260 -7.92 -0.93 -5.81
C ARG N 260 -6.59 -1.22 -6.50
N VAL N 261 -6.56 -1.11 -7.84
CA VAL N 261 -5.35 -1.40 -8.58
C VAL N 261 -4.73 -0.08 -9.03
N ASP N 262 -3.53 0.22 -8.50
CA ASP N 262 -2.78 1.42 -8.84
C ASP N 262 -2.36 1.35 -10.30
N PRO N 263 -2.37 2.48 -11.04
CA PRO N 263 -2.20 2.43 -12.48
C PRO N 263 -0.83 1.91 -12.89
N LYS N 264 0.18 2.13 -12.05
CA LYS N 264 1.53 1.74 -12.38
C LYS N 264 1.60 0.23 -12.46
N ASN N 265 0.84 -0.45 -11.59
CA ASN N 265 0.86 -1.89 -11.54
C ASN N 265 0.39 -2.44 -12.89
N LEU N 266 -0.67 -1.86 -13.45
CA LEU N 266 -1.18 -2.27 -14.75
C LEU N 266 -0.05 -2.11 -15.78
N LEU N 267 0.62 -0.97 -15.74
CA LEU N 267 1.64 -0.67 -16.73
C LEU N 267 2.75 -1.70 -16.66
N ARG N 268 3.05 -2.19 -15.45
CA ARG N 268 4.11 -3.17 -15.27
C ARG N 268 3.84 -4.38 -16.16
N SER N 269 2.60 -4.89 -16.09
CA SER N 269 2.25 -6.14 -16.75
C SER N 269 2.38 -6.00 -18.27
N GLY N 270 1.84 -4.89 -18.81
CA GLY N 270 1.92 -4.63 -20.23
C GLY N 270 1.81 -3.13 -20.54
N ARG N 271 2.57 -2.71 -21.57
CA ARG N 271 2.50 -1.36 -22.10
C ARG N 271 2.72 -1.46 -23.61
N GLY N 272 2.18 -0.48 -24.34
CA GLY N 272 2.36 -0.42 -25.79
C GLY N 272 1.49 0.68 -26.40
N ILE N 273 0.19 0.57 -26.13
CA ILE N 273 -0.83 1.50 -26.62
C ILE N 273 -0.16 2.61 -27.45
N MET O 1 -1.49 1.95 30.44
CA MET O 1 -2.03 2.28 31.78
C MET O 1 -1.08 1.79 32.87
N LYS O 2 -0.84 2.64 33.86
CA LYS O 2 0.12 2.36 34.90
C LYS O 2 -0.57 1.67 36.07
N THR O 3 -0.30 0.36 36.20
CA THR O 3 -0.50 -0.35 37.46
C THR O 3 0.81 -1.03 37.81
N VAL O 4 0.91 -1.52 39.05
CA VAL O 4 2.10 -2.22 39.49
C VAL O 4 2.47 -3.27 38.43
N ILE O 5 1.49 -4.13 38.11
CA ILE O 5 1.76 -5.31 37.30
C ILE O 5 2.27 -4.89 35.95
N THR O 6 1.58 -3.92 35.31
CA THR O 6 1.95 -3.48 33.98
C THR O 6 3.39 -2.98 33.97
N GLU O 7 3.78 -2.21 35.01
CA GLU O 7 5.07 -1.54 35.01
C GLU O 7 6.20 -2.55 34.99
N VAL O 8 6.16 -3.50 35.94
CA VAL O 8 7.23 -4.44 36.08
C VAL O 8 7.41 -5.17 34.75
N ILE O 9 6.29 -5.61 34.16
CA ILE O 9 6.34 -6.22 32.84
C ILE O 9 7.08 -5.27 31.91
N ALA O 10 6.60 -4.03 31.83
CA ALA O 10 7.21 -3.03 30.96
C ALA O 10 8.72 -3.01 31.17
N SER O 11 9.14 -2.76 32.43
CA SER O 11 10.56 -2.65 32.74
C SER O 11 11.28 -3.92 32.31
N ALA O 12 10.79 -5.08 32.73
CA ALA O 12 11.34 -6.35 32.28
C ALA O 12 11.51 -6.35 30.77
N ASP O 13 10.42 -5.94 30.08
CA ASP O 13 10.37 -6.01 28.64
C ASP O 13 11.47 -5.14 28.02
N SER O 14 11.57 -3.90 28.49
CA SER O 14 12.54 -2.95 27.96
C SER O 14 13.94 -3.54 27.97
N GLN O 15 14.37 -4.01 29.15
CA GLN O 15 15.71 -4.57 29.33
C GLN O 15 15.87 -5.81 28.44
N GLY O 16 14.75 -6.49 28.14
CA GLY O 16 14.77 -7.68 27.31
C GLY O 16 15.07 -8.94 28.12
N ARG O 17 14.71 -8.88 29.40
CA ARG O 17 15.10 -9.87 30.39
C ARG O 17 13.85 -10.52 30.95
N PHE O 18 14.00 -11.78 31.37
CA PHE O 18 12.92 -12.52 32.00
C PHE O 18 12.52 -11.83 33.31
N LEU O 19 11.24 -12.00 33.69
CA LEU O 19 10.80 -11.65 35.01
C LEU O 19 11.60 -12.44 36.03
N ASN O 20 12.41 -11.74 36.83
CA ASN O 20 13.16 -12.40 37.89
C ASN O 20 12.49 -12.10 39.22
N ASN O 21 13.15 -12.54 40.31
CA ASN O 21 12.60 -12.39 41.64
C ASN O 21 12.23 -10.93 41.92
N THR O 22 13.11 -10.00 41.53
CA THR O 22 12.93 -8.58 41.84
C THR O 22 11.48 -8.20 41.63
N GLU O 23 10.98 -8.44 40.42
CA GLU O 23 9.70 -7.91 40.00
C GLU O 23 8.58 -8.60 40.79
N LEU O 24 8.70 -9.92 40.91
CA LEU O 24 7.67 -10.70 41.56
C LEU O 24 7.43 -10.14 42.96
N GLN O 25 8.51 -9.93 43.72
CA GLN O 25 8.40 -9.27 45.02
C GLN O 25 7.41 -8.11 44.91
N ALA O 26 7.67 -7.20 43.97
CA ALA O 26 6.82 -6.04 43.78
C ALA O 26 5.37 -6.48 43.60
N ALA O 27 5.13 -7.32 42.58
CA ALA O 27 3.78 -7.81 42.31
C ALA O 27 3.13 -8.27 43.60
N ASN O 28 3.82 -9.15 44.33
CA ASN O 28 3.30 -9.71 45.57
C ASN O 28 2.70 -8.60 46.43
N GLY O 29 3.45 -7.50 46.58
CA GLY O 29 2.98 -6.32 47.31
C GLY O 29 1.55 -5.94 46.90
N ARG O 30 1.41 -5.65 45.60
CA ARG O 30 0.09 -5.42 44.99
C ARG O 30 -0.61 -6.77 45.14
N PHE O 31 -1.92 -6.81 45.00
CA PHE O 31 -2.70 -8.02 45.24
C PHE O 31 -2.71 -8.35 46.74
N GLN O 32 -1.58 -8.23 47.46
CA GLN O 32 -1.72 -8.32 48.92
C GLN O 32 -2.53 -7.12 49.40
N ARG O 33 -2.17 -5.94 48.85
CA ARG O 33 -2.86 -4.70 49.20
C ARG O 33 -4.33 -4.77 48.76
N ALA O 34 -4.55 -5.38 47.58
CA ALA O 34 -5.83 -5.36 46.90
C ALA O 34 -6.99 -5.58 47.86
N THR O 35 -6.86 -6.53 48.78
CA THR O 35 -7.95 -6.89 49.68
C THR O 35 -8.54 -5.63 50.31
N ALA O 36 -7.66 -4.78 50.86
CA ALA O 36 -8.07 -3.49 51.43
C ALA O 36 -8.68 -2.62 50.33
N SER O 37 -7.93 -2.42 49.23
CA SER O 37 -8.37 -1.60 48.10
C SER O 37 -9.80 -1.96 47.71
N MET O 38 -10.00 -3.26 47.42
CA MET O 38 -11.27 -3.78 46.94
C MET O 38 -12.41 -3.37 47.86
N GLU O 39 -12.17 -3.55 49.17
CA GLU O 39 -13.14 -3.20 50.18
C GLU O 39 -13.58 -1.75 50.01
N ALA O 40 -12.58 -0.85 49.94
CA ALA O 40 -12.83 0.58 49.81
C ALA O 40 -13.75 0.85 48.62
N ALA O 41 -13.42 0.25 47.47
CA ALA O 41 -14.19 0.45 46.25
C ALA O 41 -15.66 0.07 46.48
N ARG O 42 -15.91 -1.09 47.08
CA ARG O 42 -17.27 -1.53 47.36
C ARG O 42 -18.02 -0.47 48.17
N ALA O 43 -17.32 0.17 49.11
CA ALA O 43 -17.93 1.18 49.97
C ALA O 43 -18.28 2.43 49.19
N LEU O 44 -17.35 2.94 48.35
CA LEU O 44 -17.61 4.14 47.57
C LEU O 44 -18.74 3.89 46.58
N THR O 45 -18.63 2.77 45.84
CA THR O 45 -19.58 2.42 44.80
C THR O 45 -21.00 2.51 45.34
N SER O 46 -21.21 2.00 46.56
CA SER O 46 -22.53 1.89 47.16
C SER O 46 -23.10 3.27 47.50
N ASN O 47 -22.28 4.13 48.12
CA ASN O 47 -22.74 5.42 48.63
C ASN O 47 -22.61 6.50 47.55
N ALA O 48 -22.25 6.11 46.33
CA ALA O 48 -21.86 7.05 45.28
C ALA O 48 -22.74 8.30 45.32
N ASP O 49 -23.85 8.26 44.56
CA ASP O 49 -24.98 9.19 44.67
C ASP O 49 -24.88 10.15 45.87
N SER O 50 -25.00 9.61 47.08
CA SER O 50 -25.15 10.41 48.29
C SER O 50 -23.95 11.33 48.45
N LEU O 51 -22.76 10.77 48.19
CA LEU O 51 -21.51 11.52 48.18
C LEU O 51 -21.62 12.64 47.16
N VAL O 52 -22.08 12.31 45.95
CA VAL O 52 -22.19 13.27 44.87
C VAL O 52 -23.10 14.41 45.33
N LYS O 53 -24.37 14.12 45.66
CA LYS O 53 -25.28 15.15 46.12
C LYS O 53 -24.53 16.08 47.07
N GLY O 54 -24.03 15.49 48.17
CA GLY O 54 -23.43 16.24 49.27
C GLY O 54 -22.36 17.19 48.74
N ALA O 55 -21.49 16.67 47.87
CA ALA O 55 -20.41 17.46 47.29
C ALA O 55 -20.98 18.64 46.52
N VAL O 56 -21.64 18.38 45.38
CA VAL O 56 -22.24 19.43 44.58
C VAL O 56 -22.72 20.52 45.52
N GLN O 57 -23.61 20.11 46.41
CA GLN O 57 -24.22 20.99 47.38
C GLN O 57 -23.13 21.88 47.98
N GLU O 58 -22.25 21.25 48.77
CA GLU O 58 -21.15 21.90 49.45
C GLU O 58 -20.62 23.06 48.61
N VAL O 59 -20.15 22.73 47.40
CA VAL O 59 -19.56 23.70 46.49
C VAL O 59 -20.38 25.00 46.51
N TYR O 60 -21.71 24.88 46.39
CA TYR O 60 -22.59 26.04 46.36
C TYR O 60 -22.54 26.83 47.66
N ASN O 61 -22.50 26.13 48.81
CA ASN O 61 -22.39 26.81 50.08
C ASN O 61 -21.09 27.61 50.11
N LYS O 62 -20.03 26.95 49.67
CA LYS O 62 -18.69 27.51 49.66
C LYS O 62 -18.61 28.73 48.77
N PHE O 63 -19.33 28.70 47.64
CA PHE O 63 -19.23 29.76 46.63
C PHE O 63 -20.63 30.23 46.25
N PRO O 64 -21.34 30.93 47.16
CA PRO O 64 -22.77 31.19 46.99
C PRO O 64 -23.05 31.78 45.61
N TYR O 65 -22.23 32.76 45.22
CA TYR O 65 -22.46 33.57 44.03
C TYR O 65 -22.69 32.70 42.79
N LEU O 66 -22.16 31.48 42.78
CA LEU O 66 -22.28 30.59 41.62
C LEU O 66 -23.74 30.37 41.23
N THR O 67 -24.63 30.36 42.23
CA THR O 67 -26.04 30.03 42.02
C THR O 67 -26.81 31.25 41.52
N GLN O 68 -26.19 32.44 41.54
CA GLN O 68 -26.83 33.66 41.07
C GLN O 68 -26.96 33.61 39.54
N PRO O 69 -27.99 34.26 38.95
CA PRO O 69 -28.14 34.29 37.50
C PRO O 69 -27.00 35.02 36.80
N GLY O 70 -26.62 34.49 35.63
CA GLY O 70 -25.50 35.00 34.85
C GLY O 70 -24.17 34.34 35.24
N GLN O 71 -24.21 33.44 36.24
CA GLN O 71 -23.03 32.71 36.68
C GLN O 71 -23.05 31.31 36.10
N MET O 72 -22.04 30.52 36.47
CA MET O 72 -21.83 29.17 35.96
C MET O 72 -22.71 28.18 36.72
N GLY O 73 -22.80 28.36 38.04
CA GLY O 73 -23.56 27.46 38.90
C GLY O 73 -25.07 27.57 38.65
N TYR O 74 -25.47 28.51 37.78
CA TYR O 74 -26.86 28.87 37.64
C TYR O 74 -27.49 28.18 36.44
N GLY O 75 -28.74 27.74 36.63
CA GLY O 75 -29.48 27.08 35.57
C GLY O 75 -29.10 25.61 35.48
N ASP O 76 -30.12 24.76 35.34
CA ASP O 76 -30.10 23.35 35.69
C ASP O 76 -29.02 22.60 34.90
N THR O 77 -28.94 22.92 33.60
CA THR O 77 -27.99 22.35 32.68
C THR O 77 -26.64 22.25 33.38
N ASN O 78 -26.21 23.39 33.92
CA ASN O 78 -24.91 23.54 34.53
C ASN O 78 -24.84 22.62 35.74
N GLN O 79 -25.89 22.66 36.58
CA GLN O 79 -25.98 21.83 37.76
C GLN O 79 -25.82 20.36 37.37
N ALA O 80 -26.61 19.94 36.36
CA ALA O 80 -26.51 18.59 35.83
C ALA O 80 -25.04 18.26 35.52
N LYS O 81 -24.43 19.09 34.66
CA LYS O 81 -23.02 18.93 34.32
C LYS O 81 -22.22 18.75 35.59
N CYS O 82 -22.28 19.75 36.48
CA CYS O 82 -21.54 19.72 37.73
C CYS O 82 -21.65 18.34 38.38
N ALA O 83 -22.88 17.82 38.49
CA ALA O 83 -23.10 16.49 39.05
C ALA O 83 -22.31 15.45 38.25
N ARG O 84 -22.68 15.31 36.98
CA ARG O 84 -22.00 14.40 36.06
C ARG O 84 -20.51 14.37 36.39
N ASP O 85 -19.87 15.54 36.26
CA ASP O 85 -18.43 15.65 36.37
C ASP O 85 -17.95 14.93 37.63
N ILE O 86 -18.51 15.34 38.78
CA ILE O 86 -18.05 14.76 40.03
C ILE O 86 -18.24 13.24 39.99
N SER O 87 -19.43 12.78 39.58
CA SER O 87 -19.61 11.35 39.39
C SER O 87 -18.34 10.79 38.77
N HIS O 88 -17.96 11.32 37.60
CA HIS O 88 -16.78 10.85 36.89
C HIS O 88 -15.63 10.67 37.87
N TYR O 89 -15.19 11.79 38.47
CA TYR O 89 -14.05 11.75 39.38
C TYR O 89 -14.16 10.50 40.25
N LEU O 90 -15.32 10.36 40.89
CA LEU O 90 -15.56 9.25 41.77
C LEU O 90 -15.31 7.95 41.01
N ARG O 91 -16.10 7.75 39.95
CA ARG O 91 -16.00 6.56 39.13
C ARG O 91 -14.53 6.16 38.99
N PHE O 92 -13.73 7.06 38.43
CA PHE O 92 -12.33 6.77 38.20
C PHE O 92 -11.66 6.32 39.48
N ILE O 93 -11.84 7.09 40.55
CA ILE O 93 -11.19 6.73 41.78
C ILE O 93 -11.41 5.24 42.04
N THR O 94 -12.69 4.82 42.08
CA THR O 94 -12.98 3.41 42.30
C THR O 94 -12.08 2.60 41.39
N TYR O 95 -12.17 2.85 40.08
CA TYR O 95 -11.37 2.12 39.11
C TYR O 95 -9.97 1.94 39.67
N SER O 96 -9.32 3.07 39.99
CA SER O 96 -7.92 3.05 40.36
C SER O 96 -7.67 2.14 41.56
N LEU O 97 -8.56 2.19 42.56
CA LEU O 97 -8.45 1.31 43.71
C LEU O 97 -8.32 -0.13 43.24
N VAL O 98 -9.23 -0.51 42.33
CA VAL O 98 -9.36 -1.88 41.87
C VAL O 98 -8.14 -2.28 41.04
N ALA O 99 -7.76 -1.39 40.11
CA ALA O 99 -6.63 -1.64 39.23
C ALA O 99 -5.33 -1.74 40.02
N GLY O 100 -5.29 -1.10 41.19
CA GLY O 100 -4.09 -1.06 42.00
C GLY O 100 -2.97 -0.17 41.48
N GLY O 101 -3.32 1.00 40.95
CA GLY O 101 -2.39 1.93 40.33
C GLY O 101 -3.12 3.24 40.05
N THR O 102 -2.36 4.31 39.79
CA THR O 102 -2.97 5.59 39.46
C THR O 102 -3.46 5.55 38.01
N GLY O 103 -2.85 4.65 37.22
CA GLY O 103 -3.15 4.53 35.80
C GLY O 103 -4.49 5.18 35.44
N PRO O 104 -5.61 4.53 35.78
CA PRO O 104 -6.92 4.99 35.32
C PRO O 104 -7.07 6.50 35.48
N LEU O 105 -6.73 7.00 36.66
CA LEU O 105 -6.81 8.43 36.95
C LEU O 105 -6.03 9.22 35.93
N ASP O 106 -4.75 8.88 35.78
CA ASP O 106 -3.82 9.64 34.95
C ASP O 106 -4.46 9.91 33.58
N ASP O 107 -4.94 8.84 32.95
CA ASP O 107 -5.24 8.85 31.53
C ASP O 107 -6.58 9.52 31.25
N TYR O 108 -7.54 9.31 32.14
CA TYR O 108 -8.86 9.88 31.95
C TYR O 108 -8.84 11.31 32.47
N ILE O 109 -8.51 11.46 33.75
CA ILE O 109 -8.72 12.72 34.43
C ILE O 109 -7.57 13.68 34.15
N VAL O 110 -6.35 13.25 34.48
CA VAL O 110 -5.26 14.17 34.75
C VAL O 110 -4.73 14.77 33.46
N ALA O 111 -4.36 13.88 32.53
CA ALA O 111 -3.71 14.31 31.31
C ALA O 111 -4.65 15.25 30.56
N GLY O 112 -4.20 16.48 30.32
CA GLY O 112 -4.99 17.46 29.60
C GLY O 112 -5.96 18.20 30.52
N LEU O 113 -5.88 17.93 31.83
CA LEU O 113 -6.78 18.54 32.77
C LEU O 113 -6.80 20.05 32.57
N ARG O 114 -5.60 20.65 32.67
CA ARG O 114 -5.43 22.09 32.67
C ARG O 114 -6.23 22.76 31.56
N GLU O 115 -6.02 22.29 30.33
CA GLU O 115 -6.39 23.03 29.13
C GLU O 115 -7.90 23.01 28.98
N VAL O 116 -8.46 21.80 29.10
CA VAL O 116 -9.88 21.64 29.25
C VAL O 116 -10.39 22.76 30.17
N ASN O 117 -9.93 22.72 31.42
CA ASN O 117 -10.42 23.61 32.46
C ASN O 117 -10.26 25.07 32.04
N ARG O 118 -9.14 25.38 31.38
CA ARG O 118 -8.86 26.74 30.98
C ARG O 118 -9.86 27.19 29.94
N THR O 119 -10.09 26.35 28.94
CA THR O 119 -10.85 26.74 27.76
C THR O 119 -12.34 26.89 28.10
N PHE O 120 -12.80 26.14 29.11
CA PHE O 120 -14.17 26.23 29.57
C PHE O 120 -14.30 27.06 30.85
N ASN O 121 -13.18 27.53 31.40
CA ASN O 121 -13.18 28.44 32.53
C ASN O 121 -13.77 27.75 33.76
N LEU O 122 -13.46 26.46 33.91
CA LEU O 122 -13.78 25.75 35.13
C LEU O 122 -12.66 26.04 36.12
N SER O 123 -13.03 26.54 37.31
CA SER O 123 -12.05 26.84 38.34
C SER O 123 -11.70 25.57 39.09
N PRO O 124 -10.42 25.14 39.09
CA PRO O 124 -10.02 23.92 39.80
C PRO O 124 -10.63 23.92 41.20
N SER O 125 -10.40 25.00 41.94
CA SER O 125 -10.94 25.20 43.27
C SER O 125 -12.22 24.39 43.48
N TRP O 126 -13.25 24.65 42.66
CA TRP O 126 -14.53 23.97 42.84
C TRP O 126 -14.30 22.49 43.06
N TYR O 127 -13.87 21.80 42.00
CA TYR O 127 -13.64 20.37 42.09
C TYR O 127 -13.05 20.07 43.44
N ILE O 128 -11.94 20.75 43.75
CA ILE O 128 -11.23 20.46 44.98
C ILE O 128 -12.25 20.32 46.12
N GLU O 129 -13.04 21.36 46.36
CA GLU O 129 -13.99 21.32 47.47
C GLU O 129 -14.76 20.01 47.42
N ALA O 130 -15.43 19.78 46.29
CA ALA O 130 -16.13 18.53 46.07
C ALA O 130 -15.32 17.43 46.73
N LEU O 131 -14.10 17.20 46.22
CA LEU O 131 -13.25 16.14 46.73
C LEU O 131 -13.17 16.22 48.25
N LYS O 132 -12.69 17.35 48.78
CA LYS O 132 -12.51 17.47 50.22
C LYS O 132 -13.75 17.02 50.96
N HIS O 133 -14.90 17.63 50.64
CA HIS O 133 -16.15 17.24 51.27
C HIS O 133 -16.28 15.72 51.24
N ILE O 134 -16.09 15.13 50.06
CA ILE O 134 -16.12 13.68 49.90
C ILE O 134 -15.21 13.05 50.95
N LYS O 135 -13.92 13.41 50.88
CA LYS O 135 -12.91 12.81 51.74
C LYS O 135 -13.45 12.72 53.17
N GLY O 136 -14.03 13.84 53.64
CA GLY O 136 -14.59 13.94 54.98
C GLY O 136 -15.66 12.88 55.25
N LYS O 137 -16.59 12.68 54.28
CA LYS O 137 -17.63 11.68 54.42
C LYS O 137 -17.02 10.29 54.46
N VAL O 138 -16.18 10.00 53.45
CA VAL O 138 -15.49 8.71 53.35
C VAL O 138 -14.82 8.40 54.68
N GLY O 139 -14.30 9.45 55.35
CA GLY O 139 -13.64 9.30 56.64
C GLY O 139 -14.54 8.79 57.76
N SER O 140 -15.77 8.38 57.44
CA SER O 140 -16.69 7.78 58.40
C SER O 140 -16.99 6.31 58.04
N GLN O 141 -17.30 6.07 56.76
CA GLN O 141 -17.77 4.78 56.28
C GLN O 141 -16.63 3.76 56.30
N LEU O 142 -15.40 4.28 56.21
CA LEU O 142 -14.20 3.45 56.12
C LEU O 142 -13.32 3.65 57.35
N SER O 143 -12.29 2.80 57.43
CA SER O 143 -11.40 2.75 58.58
C SER O 143 -10.17 1.91 58.24
N GLY O 144 -9.06 2.19 58.95
CA GLY O 144 -7.83 1.44 58.77
C GLY O 144 -7.30 1.54 57.34
N GLN O 145 -6.70 0.46 56.86
CA GLN O 145 -6.04 0.48 55.56
C GLN O 145 -7.03 0.86 54.47
N PRO O 146 -8.22 0.21 54.39
CA PRO O 146 -9.22 0.59 53.40
C PRO O 146 -9.29 2.11 53.26
N LEU O 147 -9.53 2.79 54.39
CA LEU O 147 -9.56 4.24 54.43
C LEU O 147 -8.30 4.80 53.78
N THR O 148 -7.14 4.46 54.36
CA THR O 148 -5.87 5.02 53.92
C THR O 148 -5.84 5.03 52.39
N GLU O 149 -6.11 3.86 51.78
CA GLU O 149 -6.11 3.74 50.33
C GLU O 149 -7.01 4.81 49.72
N ALA O 150 -8.29 4.81 50.12
CA ALA O 150 -9.25 5.77 49.61
C ALA O 150 -8.61 7.15 49.54
N ASN O 151 -8.09 7.61 50.68
CA ASN O 151 -7.46 8.92 50.76
C ASN O 151 -6.45 9.07 49.63
N ALA O 152 -5.34 8.32 49.72
CA ALA O 152 -4.27 8.39 48.75
C ALA O 152 -4.80 8.86 47.39
N TYR O 153 -5.72 8.07 46.83
CA TYR O 153 -6.20 8.33 45.49
C TYR O 153 -6.93 9.65 45.44
N ILE O 154 -7.91 9.86 46.34
CA ILE O 154 -8.63 11.13 46.37
C ILE O 154 -7.63 12.27 46.28
N ASP O 155 -6.65 12.27 47.20
CA ASP O 155 -5.63 13.32 47.26
C ASP O 155 -4.97 13.47 45.90
N TYR O 156 -4.36 12.39 45.43
CA TYR O 156 -3.63 12.39 44.18
C TYR O 156 -4.27 13.35 43.18
N CYS O 157 -5.60 13.39 43.13
CA CYS O 157 -6.34 14.30 42.28
C CYS O 157 -6.24 15.74 42.77
N ILE O 158 -6.54 15.95 44.06
CA ILE O 158 -6.37 17.26 44.65
C ILE O 158 -5.06 17.85 44.12
N ASN O 159 -3.97 17.10 44.27
CA ASN O 159 -2.64 17.57 43.89
C ASN O 159 -2.60 17.87 42.39
N ALA O 160 -3.20 17.00 41.58
CA ALA O 160 -3.18 17.17 40.14
C ALA O 160 -4.00 18.40 39.74
N LEU O 161 -5.12 18.62 40.43
CA LEU O 161 -6.02 19.73 40.16
C LEU O 161 -5.34 21.05 40.49
N SER O 162 -4.80 21.12 41.71
CA SER O 162 -3.99 22.25 42.15
C SER O 162 -2.59 22.16 41.53
N MET P 1 0.33 -0.85 28.63
CA MET P 1 -0.28 -1.98 27.87
C MET P 1 -1.58 -2.39 28.54
N GLN P 2 -1.88 -3.67 28.76
CA GLN P 2 -3.12 -4.10 29.34
C GLN P 2 -2.89 -5.33 30.20
N ASP P 3 -3.88 -5.60 31.07
CA ASP P 3 -3.92 -6.84 31.84
C ASP P 3 -5.34 -7.02 32.34
N ALA P 4 -5.58 -8.14 33.03
CA ALA P 4 -6.91 -8.56 33.44
C ALA P 4 -7.69 -7.41 34.08
N PHE P 5 -7.10 -6.78 35.11
CA PHE P 5 -7.76 -5.71 35.85
C PHE P 5 -8.12 -4.59 34.89
N THR P 6 -7.08 -3.93 34.38
CA THR P 6 -7.22 -2.77 33.51
C THR P 6 -8.35 -3.03 32.52
N LYS P 7 -8.29 -4.21 31.88
CA LYS P 7 -9.25 -4.61 30.87
C LYS P 7 -10.68 -4.37 31.36
N ALA P 8 -11.02 -5.05 32.47
CA ALA P 8 -12.37 -5.01 33.01
C ALA P 8 -12.80 -3.56 33.19
N ILE P 9 -11.90 -2.77 33.80
CA ILE P 9 -12.09 -1.32 33.92
C ILE P 9 -12.57 -0.78 32.59
N VAL P 10 -11.73 -0.93 31.55
CA VAL P 10 -11.96 -0.27 30.27
C VAL P 10 -13.38 -0.55 29.83
N ALA P 11 -13.75 -1.84 29.77
CA ALA P 11 -15.10 -2.24 29.43
C ALA P 11 -16.10 -1.38 30.20
N ALA P 12 -15.99 -1.40 31.53
CA ALA P 12 -16.90 -0.69 32.42
C ALA P 12 -17.00 0.78 32.01
N ASP P 13 -15.86 1.37 31.64
CA ASP P 13 -15.78 2.78 31.30
C ASP P 13 -16.75 3.13 30.18
N LEU P 14 -16.79 2.29 29.15
CA LEU P 14 -17.52 2.64 27.92
C LEU P 14 -19.02 2.59 28.17
N ARG P 15 -19.44 1.65 29.02
CA ARG P 15 -20.80 1.61 29.53
C ARG P 15 -21.07 2.88 30.35
N GLY P 16 -20.01 3.43 30.96
CA GLY P 16 -20.09 4.70 31.67
C GLY P 16 -20.43 4.48 33.15
N SER P 17 -20.19 3.26 33.64
CA SER P 17 -20.71 2.83 34.92
C SER P 17 -19.59 2.45 35.87
N PHE P 18 -19.92 2.45 37.17
CA PHE P 18 -19.10 1.80 38.17
C PHE P 18 -19.09 0.30 37.88
N LEU P 19 -18.09 -0.39 38.43
CA LEU P 19 -17.96 -1.81 38.21
C LEU P 19 -19.13 -2.55 38.84
N SER P 20 -19.71 -3.47 38.06
CA SER P 20 -20.76 -4.36 38.55
C SER P 20 -20.18 -5.24 39.68
N GLU P 21 -21.04 -5.58 40.65
CA GLU P 21 -20.61 -6.38 41.79
C GLU P 21 -20.14 -7.74 41.26
N GLN P 22 -20.93 -8.35 40.37
CA GLN P 22 -20.54 -9.57 39.68
C GLN P 22 -19.08 -9.45 39.22
N GLU P 23 -18.74 -8.36 38.52
CA GLU P 23 -17.44 -8.17 37.89
C GLU P 23 -16.32 -8.11 38.92
N LEU P 24 -16.56 -7.37 40.01
CA LEU P 24 -15.64 -7.35 41.14
C LEU P 24 -15.27 -8.78 41.52
N ASN P 25 -16.28 -9.66 41.61
CA ASN P 25 -16.08 -11.02 42.11
C ASN P 25 -15.17 -11.83 41.18
N GLN P 26 -15.07 -11.44 39.90
CA GLN P 26 -14.07 -12.04 39.01
C GLN P 26 -12.69 -11.68 39.53
N LEU P 27 -12.51 -10.38 39.81
CA LEU P 27 -11.22 -9.85 40.20
C LEU P 27 -10.88 -10.35 41.60
N THR P 28 -11.85 -10.28 42.53
CA THR P 28 -11.67 -10.75 43.89
C THR P 28 -11.05 -12.15 43.88
N ASN P 29 -11.67 -13.07 43.13
CA ASN P 29 -11.20 -14.44 43.07
C ASN P 29 -9.83 -14.49 42.38
N LEU P 30 -9.65 -13.70 41.31
CA LEU P 30 -8.40 -13.66 40.58
C LEU P 30 -7.24 -13.40 41.55
N VAL P 31 -7.45 -12.43 42.45
CA VAL P 31 -6.51 -12.08 43.51
C VAL P 31 -6.11 -13.34 44.29
N LYS P 32 -7.13 -14.06 44.77
CA LYS P 32 -6.92 -15.22 45.62
C LYS P 32 -5.92 -16.18 45.00
N GLU P 33 -6.01 -16.36 43.67
CA GLU P 33 -5.17 -17.29 42.94
C GLU P 33 -3.75 -16.76 42.79
N SER P 34 -3.59 -15.42 42.85
CA SER P 34 -2.29 -14.79 42.71
C SER P 34 -1.16 -15.77 43.03
N ASN P 35 -1.08 -16.15 44.31
CA ASN P 35 0.05 -16.91 44.81
C ASN P 35 0.36 -18.03 43.83
N LYS P 36 -0.66 -18.83 43.50
CA LYS P 36 -0.51 -19.88 42.51
C LYS P 36 0.05 -19.25 41.24
N ARG P 37 -0.70 -18.30 40.66
CA ARG P 37 -0.27 -17.62 39.45
C ARG P 37 1.24 -17.37 39.51
N LEU P 38 1.68 -16.66 40.55
CA LEU P 38 3.08 -16.26 40.66
C LEU P 38 3.99 -17.47 40.49
N ASP P 39 3.85 -18.47 41.37
CA ASP P 39 4.71 -19.65 41.34
C ASP P 39 4.84 -20.17 39.93
N ALA P 40 3.70 -20.26 39.22
CA ALA P 40 3.72 -20.71 37.83
C ALA P 40 4.81 -19.94 37.08
N VAL P 41 4.67 -18.60 37.05
CA VAL P 41 5.63 -17.75 36.38
C VAL P 41 7.04 -18.13 36.84
N ASN P 42 7.23 -18.10 38.17
CA ASN P 42 8.54 -18.37 38.76
C ASN P 42 9.14 -19.63 38.16
N ALA P 43 8.33 -20.69 38.06
CA ALA P 43 8.79 -21.97 37.54
C ALA P 43 9.37 -21.79 36.14
N ILE P 44 8.65 -21.09 35.26
CA ILE P 44 9.12 -20.87 33.90
C ILE P 44 10.48 -20.19 33.96
N THR P 45 10.48 -18.97 34.51
CA THR P 45 11.67 -18.14 34.56
C THR P 45 12.86 -18.94 35.11
N GLY P 46 12.61 -19.72 36.17
CA GLY P 46 13.65 -20.51 36.81
C GLY P 46 14.29 -21.51 35.86
N ASN P 47 13.49 -22.09 34.96
CA ASN P 47 13.97 -23.19 34.13
C ASN P 47 14.31 -22.67 32.73
N ALA P 48 14.01 -21.39 32.47
CA ALA P 48 14.07 -20.81 31.14
C ALA P 48 15.12 -21.51 30.29
N ALA P 49 16.40 -21.23 30.54
CA ALA P 49 17.49 -21.74 29.70
C ALA P 49 17.14 -23.13 29.17
N GLU P 50 16.85 -24.02 30.12
CA GLU P 50 16.57 -25.42 29.86
C GLU P 50 15.44 -25.55 28.84
N ILE P 51 14.26 -25.03 29.20
CA ILE P 51 13.08 -25.12 28.35
C ILE P 51 13.54 -25.01 26.90
N ILE P 52 14.14 -23.86 26.58
CA ILE P 52 14.63 -23.60 25.25
C ILE P 52 15.56 -24.74 24.84
N SER P 53 16.74 -24.81 25.48
CA SER P 53 17.73 -25.81 25.10
C SER P 53 17.00 -27.05 24.63
N ASP P 54 16.18 -27.61 25.52
CA ASP P 54 15.43 -28.82 25.27
C ASP P 54 14.70 -28.70 23.93
N ALA P 55 13.72 -27.79 23.87
CA ALA P 55 12.88 -27.65 22.69
C ALA P 55 13.71 -27.69 21.42
N ALA P 56 14.77 -26.87 21.38
CA ALA P 56 15.66 -26.80 20.22
C ALA P 56 16.10 -28.20 19.80
N HIS P 57 16.80 -28.91 20.70
CA HIS P 57 17.29 -30.25 20.41
C HIS P 57 16.25 -31.03 19.60
N LYS P 58 15.04 -31.08 20.16
CA LYS P 58 13.95 -31.84 19.58
C LYS P 58 13.58 -31.24 18.23
N LEU P 59 13.47 -29.92 18.15
CA LEU P 59 13.14 -29.27 16.89
C LEU P 59 14.07 -29.76 15.79
N PHE P 60 15.37 -29.82 16.08
CA PHE P 60 16.37 -30.06 15.05
C PHE P 60 16.50 -31.54 14.73
N ALA P 61 16.26 -32.39 15.72
CA ALA P 61 16.19 -33.82 15.48
C ALA P 61 15.08 -34.12 14.46
N GLU P 62 13.95 -33.40 14.57
CA GLU P 62 12.80 -33.61 13.68
C GLU P 62 13.10 -33.08 12.29
N GLN P 63 13.35 -31.77 12.18
CA GLN P 63 13.48 -31.10 10.88
C GLN P 63 14.96 -30.90 10.56
N THR P 64 15.62 -32.01 10.24
CA THR P 64 17.06 -32.02 10.02
C THR P 64 17.50 -31.00 8.99
N ASP P 65 16.67 -30.75 7.96
CA ASP P 65 17.03 -29.84 6.87
C ASP P 65 17.35 -28.43 7.36
N LEU P 66 16.67 -27.98 8.42
CA LEU P 66 16.82 -26.62 8.89
C LEU P 66 18.30 -26.32 9.13
N ILE P 67 19.02 -27.34 9.62
CA ILE P 67 20.42 -27.21 10.00
C ILE P 67 21.33 -27.61 8.84
N ARG P 68 20.77 -28.02 7.69
CA ARG P 68 21.62 -28.39 6.58
C ARG P 68 21.82 -27.19 5.67
N PRO P 69 22.95 -27.16 4.91
CA PRO P 69 23.23 -26.04 4.02
C PRO P 69 22.02 -25.84 3.12
N GLY P 70 21.58 -24.58 2.98
CA GLY P 70 20.40 -24.25 2.19
C GLY P 70 19.14 -24.12 3.05
N GLY P 71 19.16 -24.71 4.26
CA GLY P 71 18.04 -24.61 5.19
C GLY P 71 18.00 -23.22 5.81
N ASN P 72 17.03 -23.00 6.70
CA ASN P 72 16.86 -21.65 7.24
C ASN P 72 17.67 -21.45 8.52
N ALA P 73 17.98 -22.52 9.27
CA ALA P 73 18.71 -22.38 10.53
C ALA P 73 20.22 -22.31 10.30
N TYR P 74 20.66 -22.69 9.10
CA TYR P 74 22.04 -22.57 8.68
C TYR P 74 22.29 -21.19 8.08
N PRO P 75 23.50 -20.58 8.18
CA PRO P 75 24.61 -21.06 9.02
C PRO P 75 24.48 -20.59 10.46
N ASN P 76 25.61 -20.56 11.19
CA ASN P 76 25.59 -20.10 12.58
C ASN P 76 24.72 -18.87 12.73
N ARG P 77 25.08 -17.79 12.06
CA ARG P 77 24.37 -16.52 12.20
C ARG P 77 22.89 -16.79 12.36
N ARG P 78 22.32 -17.47 11.36
CA ARG P 78 20.89 -17.71 11.34
C ARG P 78 20.52 -18.49 12.58
N MET P 79 21.16 -19.63 12.78
CA MET P 79 20.90 -20.44 13.95
C MET P 79 20.68 -19.53 15.14
N ALA P 80 21.66 -18.67 15.41
CA ALA P 80 21.62 -17.80 16.57
C ALA P 80 20.26 -17.11 16.65
N ALA P 81 19.93 -16.38 15.57
CA ALA P 81 18.65 -15.71 15.50
C ALA P 81 17.56 -16.67 15.97
N CYS P 82 17.46 -17.83 15.33
CA CYS P 82 16.37 -18.76 15.58
C CYS P 82 16.27 -19.06 17.07
N LEU P 83 17.40 -19.26 17.74
CA LEU P 83 17.41 -19.49 19.17
C LEU P 83 16.84 -18.28 19.88
N ARG P 84 17.46 -17.13 19.63
CA ARG P 84 17.02 -15.88 20.19
C ARG P 84 15.50 -15.79 20.07
N ASP P 85 14.97 -15.95 18.86
CA ASP P 85 13.53 -15.83 18.62
C ASP P 85 12.77 -16.67 19.64
N MET P 86 13.02 -17.97 19.64
CA MET P 86 12.31 -18.87 20.54
C MET P 86 12.21 -18.21 21.91
N GLU P 87 13.38 -17.92 22.47
CA GLU P 87 13.48 -17.28 23.76
C GLU P 87 12.45 -16.16 23.85
N ILE P 88 12.56 -15.19 22.94
CA ILE P 88 11.71 -14.01 23.00
C ILE P 88 10.28 -14.46 23.26
N ILE P 89 9.75 -15.21 22.30
CA ILE P 89 8.38 -15.69 22.37
C ILE P 89 8.12 -16.14 23.80
N LEU P 90 8.98 -17.02 24.31
CA LEU P 90 8.83 -17.52 25.65
C LEU P 90 8.67 -16.34 26.62
N ARG P 91 9.68 -15.48 26.62
CA ARG P 91 9.69 -14.32 27.50
C ARG P 91 8.30 -13.71 27.53
N TYR P 92 7.78 -13.34 26.36
CA TYR P 92 6.47 -12.74 26.28
C TYR P 92 5.45 -13.62 26.98
N VAL P 93 5.31 -14.85 26.49
CA VAL P 93 4.34 -15.75 27.07
C VAL P 93 4.34 -15.53 28.58
N SER P 94 5.51 -15.72 29.21
CA SER P 94 5.61 -15.51 30.64
C SER P 94 4.87 -14.22 31.00
N TYR P 95 5.32 -13.08 30.44
CA TYR P 95 4.71 -11.79 30.74
C TYR P 95 3.19 -11.96 30.81
N ALA P 96 2.61 -12.38 29.68
CA ALA P 96 1.17 -12.56 29.62
C ALA P 96 0.71 -13.27 30.89
N LEU P 97 1.32 -14.43 31.14
CA LEU P 97 0.89 -15.30 32.22
C LEU P 97 0.70 -14.53 33.51
N LEU P 98 1.64 -13.62 33.79
CA LEU P 98 1.57 -12.79 34.97
C LEU P 98 0.37 -11.85 34.84
N ALA P 99 0.32 -11.09 33.74
CA ALA P 99 -0.71 -10.09 33.54
C ALA P 99 -2.09 -10.70 33.74
N GLY P 100 -2.25 -11.94 33.25
CA GLY P 100 -3.55 -12.57 33.17
C GLY P 100 -4.28 -12.13 31.91
N ASP P 101 -3.51 -11.86 30.85
CA ASP P 101 -4.05 -11.36 29.60
C ASP P 101 -3.08 -11.63 28.45
N ALA P 102 -3.65 -12.02 27.31
CA ALA P 102 -2.91 -12.28 26.09
C ALA P 102 -2.25 -11.02 25.55
N SER P 103 -2.96 -9.88 25.63
CA SER P 103 -2.59 -8.65 24.93
C SER P 103 -1.08 -8.54 24.79
N VAL P 104 -0.40 -8.11 25.86
CA VAL P 104 1.04 -7.86 25.84
C VAL P 104 1.71 -8.77 24.82
N LEU P 105 1.46 -10.09 24.90
CA LEU P 105 2.04 -11.07 24.01
C LEU P 105 1.69 -10.75 22.55
N GLU P 106 0.39 -10.58 22.28
CA GLU P 106 -0.09 -10.34 20.94
C GLU P 106 0.59 -9.11 20.33
N ASP P 107 0.65 -8.03 21.09
CA ASP P 107 0.87 -6.69 20.59
C ASP P 107 2.36 -6.52 20.33
N ARG P 108 3.17 -6.73 21.37
CA ARG P 108 4.60 -6.50 21.29
C ARG P 108 5.31 -7.68 20.64
N CYS P 109 4.69 -8.86 20.51
CA CYS P 109 5.43 -9.96 19.95
C CYS P 109 4.80 -10.45 18.65
N LEU P 110 3.59 -10.99 18.74
CA LEU P 110 3.02 -11.82 17.69
C LEU P 110 2.60 -11.00 16.47
N ASN P 111 2.16 -9.77 16.66
CA ASN P 111 1.43 -9.10 15.57
C ASN P 111 2.40 -8.77 14.46
N GLY P 112 2.14 -9.29 13.25
CA GLY P 112 2.99 -9.06 12.10
C GLY P 112 4.20 -9.98 12.06
N LEU P 113 4.34 -10.83 13.08
CA LEU P 113 5.43 -11.78 13.11
C LEU P 113 5.33 -12.68 11.89
N LYS P 114 4.12 -13.22 11.65
CA LYS P 114 3.90 -14.08 10.51
C LYS P 114 4.56 -13.49 9.26
N GLU P 115 4.21 -12.24 9.00
CA GLU P 115 4.50 -11.59 7.74
C GLU P 115 6.00 -11.45 7.58
N THR P 116 6.64 -10.97 8.64
CA THR P 116 8.09 -10.95 8.73
C THR P 116 8.62 -12.27 8.25
N TYR P 117 8.25 -13.35 8.97
CA TYR P 117 8.79 -14.65 8.71
C TYR P 117 8.63 -14.97 7.24
N VAL P 118 7.44 -14.68 6.71
CA VAL P 118 7.16 -14.91 5.31
C VAL P 118 8.20 -14.20 4.44
N ALA P 119 8.33 -12.89 4.63
CA ALA P 119 9.19 -12.08 3.80
C ALA P 119 10.61 -12.64 3.78
N LEU P 120 11.07 -13.09 4.95
CA LEU P 120 12.42 -13.62 5.11
C LEU P 120 12.56 -14.95 4.37
N GLY P 121 11.47 -15.71 4.29
CA GLY P 121 11.50 -17.05 3.76
C GLY P 121 11.65 -18.09 4.87
N THR P 122 11.63 -17.62 6.13
CA THR P 122 11.51 -18.52 7.27
C THR P 122 10.22 -19.32 7.13
N PRO P 123 10.25 -20.66 7.32
CA PRO P 123 9.04 -21.47 7.28
C PRO P 123 8.24 -21.33 8.59
N THR P 124 7.12 -20.62 8.50
CA THR P 124 6.29 -20.31 9.65
C THR P 124 5.93 -21.59 10.41
N ARG P 125 5.63 -22.63 9.66
CA ARG P 125 5.25 -23.96 10.12
C ARG P 125 6.18 -24.38 11.27
N SER P 126 7.47 -24.42 10.93
CA SER P 126 8.49 -24.91 11.82
C SER P 126 8.51 -24.06 13.09
N VAL P 127 8.43 -22.74 12.93
CA VAL P 127 8.40 -21.84 14.08
C VAL P 127 7.30 -22.32 15.01
N ALA P 128 6.07 -22.41 14.49
CA ALA P 128 4.94 -22.84 15.27
C ALA P 128 5.31 -24.11 16.04
N ARG P 129 5.81 -25.11 15.31
CA ARG P 129 6.21 -26.37 15.91
C ARG P 129 7.03 -26.10 17.18
N ALA P 130 8.12 -25.35 17.01
CA ALA P 130 9.01 -25.02 18.11
C ALA P 130 8.20 -24.52 19.31
N VAL P 131 7.31 -23.55 19.06
CA VAL P 131 6.49 -22.98 20.12
C VAL P 131 5.86 -24.10 20.93
N GLN P 132 5.21 -25.05 20.25
CA GLN P 132 4.56 -26.16 20.95
C GLN P 132 5.60 -26.91 21.76
N LEU P 133 6.67 -27.38 21.09
CA LEU P 133 7.72 -28.12 21.78
C LEU P 133 7.99 -27.44 23.11
N MET P 134 8.28 -26.13 23.04
CA MET P 134 8.45 -25.34 24.23
C MET P 134 7.27 -25.58 25.16
N LYS P 135 6.05 -25.27 24.71
CA LYS P 135 4.88 -25.39 25.55
C LYS P 135 5.00 -26.58 26.48
N GLU P 136 5.13 -27.78 25.89
CA GLU P 136 5.03 -29.05 26.61
C GLU P 136 6.04 -29.12 27.74
N THR P 137 7.30 -28.81 27.39
CA THR P 137 8.40 -28.81 28.33
C THR P 137 8.06 -27.88 29.50
N ALA P 138 7.65 -26.65 29.16
CA ALA P 138 7.35 -25.61 30.12
C ALA P 138 6.31 -26.12 31.12
N ILE P 139 5.15 -26.53 30.59
CA ILE P 139 4.10 -27.08 31.42
C ILE P 139 4.71 -28.11 32.37
N GLY P 140 5.49 -29.05 31.81
CA GLY P 140 6.24 -30.02 32.58
C GLY P 140 6.72 -29.47 33.92
N TYR P 141 7.38 -28.32 33.91
CA TYR P 141 7.91 -27.70 35.12
C TYR P 141 6.80 -27.08 35.95
N VAL P 142 6.02 -26.18 35.31
CA VAL P 142 4.92 -25.52 35.99
C VAL P 142 4.20 -26.54 36.88
N ASN P 143 4.04 -27.77 36.37
CA ASN P 143 3.04 -28.68 36.91
C ASN P 143 3.64 -29.70 37.88
N SER P 144 4.98 -29.76 38.00
CA SER P 144 5.63 -30.80 38.79
C SER P 144 6.67 -30.25 39.74
N PRO P 145 6.46 -29.08 40.40
CA PRO P 145 7.50 -28.47 41.20
C PRO P 145 7.75 -29.19 42.54
N SER P 146 8.77 -28.69 43.24
CA SER P 146 9.27 -29.27 44.47
C SER P 146 9.36 -28.16 45.51
N GLY P 147 8.84 -28.43 46.72
CA GLY P 147 8.97 -27.50 47.83
C GLY P 147 7.85 -26.45 47.84
N VAL P 148 6.99 -26.48 46.82
CA VAL P 148 5.78 -25.68 46.84
C VAL P 148 4.70 -26.50 47.54
N THR P 149 3.85 -25.78 48.28
CA THR P 149 2.63 -26.31 48.86
C THR P 149 1.79 -26.95 47.77
N ARG P 150 1.36 -28.21 48.01
CA ARG P 150 0.68 -28.99 46.99
C ARG P 150 -0.77 -28.53 46.90
N GLY P 151 -1.27 -28.41 45.66
CA GLY P 151 -2.64 -28.07 45.36
C GLY P 151 -2.94 -28.27 43.87
N ASP P 152 -4.05 -27.70 43.39
CA ASP P 152 -4.41 -27.78 41.97
C ASP P 152 -4.07 -26.50 41.22
N CYS P 153 -3.24 -26.63 40.17
CA CYS P 153 -2.87 -25.47 39.37
C CYS P 153 -3.55 -25.49 38.00
N SER P 154 -4.28 -26.57 37.68
CA SER P 154 -4.88 -26.78 36.37
C SER P 154 -5.30 -25.46 35.72
N ALA P 155 -6.21 -24.74 36.39
CA ALA P 155 -6.78 -23.49 35.87
C ALA P 155 -5.70 -22.66 35.18
N LEU P 156 -4.61 -22.42 35.92
CA LEU P 156 -3.47 -21.66 35.43
C LEU P 156 -2.79 -22.40 34.28
N VAL P 157 -2.52 -23.69 34.48
CA VAL P 157 -1.90 -24.53 33.47
C VAL P 157 -2.58 -24.31 32.11
N ASN P 158 -3.92 -24.36 32.08
CA ASN P 158 -4.66 -24.29 30.83
C ASN P 158 -4.47 -22.93 30.18
N GLU P 159 -4.66 -21.87 30.98
CA GLU P 159 -4.43 -20.50 30.54
C GLU P 159 -3.04 -20.36 29.93
N ALA P 160 -2.02 -20.89 30.62
CA ALA P 160 -0.68 -20.97 30.06
C ALA P 160 -0.76 -21.55 28.65
N ALA P 161 -1.23 -22.80 28.55
CA ALA P 161 -1.40 -23.44 27.25
C ALA P 161 -1.92 -22.41 26.25
N THR P 162 -3.11 -21.85 26.50
CA THR P 162 -3.78 -20.97 25.55
C THR P 162 -2.79 -19.96 25.00
N TYR P 163 -2.01 -19.33 25.88
CA TYR P 163 -1.05 -18.32 25.47
C TYR P 163 -0.13 -18.92 24.43
N PHE P 164 0.59 -19.99 24.80
CA PHE P 164 1.40 -20.70 23.84
C PHE P 164 0.68 -20.86 22.51
N ASP P 165 -0.61 -21.21 22.56
CA ASP P 165 -1.35 -21.58 21.37
C ASP P 165 -1.64 -20.35 20.52
N LYS P 166 -2.15 -19.27 21.13
CA LYS P 166 -2.29 -18.02 20.41
C LYS P 166 -1.00 -17.76 19.64
N ALA P 167 0.13 -17.91 20.32
CA ALA P 167 1.44 -17.75 19.67
C ALA P 167 1.49 -18.65 18.45
N ALA P 168 1.43 -19.96 18.68
CA ALA P 168 1.52 -20.94 17.60
C ALA P 168 0.66 -20.51 16.42
N ALA P 169 -0.61 -20.20 16.70
CA ALA P 169 -1.61 -19.91 15.67
C ALA P 169 -1.21 -18.70 14.83
N SER P 170 -0.89 -17.59 15.48
CA SER P 170 -0.70 -16.33 14.79
C SER P 170 0.58 -16.35 13.96
N ILE P 171 1.59 -17.08 14.45
CA ILE P 171 2.82 -17.32 13.71
C ILE P 171 2.51 -18.17 12.48
N ALA P 172 1.89 -19.32 12.75
CA ALA P 172 1.46 -20.25 11.72
C ALA P 172 0.43 -19.59 10.80
N MET Q 1 14.96 38.32 23.28
CA MET Q 1 13.69 39.09 23.24
C MET Q 1 13.27 39.28 21.78
N LYS Q 2 11.97 39.06 21.54
CA LYS Q 2 11.43 39.07 20.19
C LYS Q 2 10.97 40.48 19.83
N THR Q 3 11.73 41.14 18.97
CA THR Q 3 11.24 42.29 18.21
C THR Q 3 11.49 42.01 16.74
N VAL Q 4 10.88 42.82 15.87
CA VAL Q 4 11.08 42.68 14.44
C VAL Q 4 12.57 42.57 14.15
N ILE Q 5 13.34 43.53 14.65
CA ILE Q 5 14.74 43.68 14.28
C ILE Q 5 15.50 42.43 14.71
N THR Q 6 15.28 41.98 15.96
CA THR Q 6 16.00 40.84 16.48
C THR Q 6 15.72 39.61 15.63
N GLU Q 7 14.46 39.42 15.21
CA GLU Q 7 14.06 38.21 14.53
C GLU Q 7 14.79 38.06 13.20
N VAL Q 8 14.73 39.11 12.38
CA VAL Q 8 15.33 39.04 11.06
C VAL Q 8 16.81 38.70 11.23
N ILE Q 9 17.48 39.39 12.16
CA ILE Q 9 18.87 39.05 12.47
C ILE Q 9 18.94 37.55 12.74
N ALA Q 10 18.13 37.08 13.71
CA ALA Q 10 18.12 35.68 14.07
C ALA Q 10 18.02 34.81 12.82
N SER Q 11 16.96 35.01 12.03
CA SER Q 11 16.73 34.20 10.84
C SER Q 11 17.95 34.28 9.93
N ALA Q 12 18.40 35.50 9.60
CA ALA Q 12 19.61 35.67 8.81
C ALA Q 12 20.73 34.82 9.40
N ASP Q 13 20.90 34.93 10.72
CA ASP Q 13 22.01 34.30 11.42
C ASP Q 13 21.95 32.78 11.24
N SER Q 14 20.76 32.20 11.49
CA SER Q 14 20.57 30.76 11.43
C SER Q 14 21.06 30.24 10.07
N GLN Q 15 20.53 30.82 8.99
CA GLN Q 15 20.86 30.40 7.64
C GLN Q 15 22.36 30.59 7.39
N GLY Q 16 22.96 31.56 8.09
CA GLY Q 16 24.39 31.83 7.97
C GLY Q 16 24.69 32.81 6.84
N ARG Q 17 23.70 33.66 6.54
CA ARG Q 17 23.79 34.56 5.41
C ARG Q 17 23.74 36.00 5.90
N PHE Q 18 24.29 36.88 5.06
CA PHE Q 18 24.26 38.30 5.31
C PHE Q 18 22.82 38.80 5.27
N LEU Q 19 22.58 39.89 5.99
CA LEU Q 19 21.35 40.64 5.87
C LEU Q 19 21.21 41.12 4.44
N ASN Q 20 20.22 40.60 3.70
CA ASN Q 20 19.99 41.06 2.34
C ASN Q 20 18.77 41.99 2.35
N ASN Q 21 18.37 42.41 1.15
CA ASN Q 21 17.27 43.34 0.99
C ASN Q 21 16.02 42.84 1.72
N THR Q 22 15.73 41.54 1.57
CA THR Q 22 14.52 40.96 2.12
C THR Q 22 14.26 41.50 3.52
N GLU Q 23 15.25 41.34 4.39
CA GLU Q 23 15.07 41.60 5.81
C GLU Q 23 14.91 43.10 6.04
N LEU Q 24 15.74 43.88 5.35
CA LEU Q 24 15.71 45.33 5.53
C LEU Q 24 14.29 45.85 5.29
N GLN Q 25 13.69 45.43 4.18
CA GLN Q 25 12.30 45.75 3.91
C GLN Q 25 11.49 45.60 5.20
N ALA Q 26 11.58 44.41 5.81
CA ALA Q 26 10.87 44.12 7.06
C ALA Q 26 11.19 45.18 8.10
N ALA Q 27 12.47 45.35 8.42
CA ALA Q 27 12.90 46.33 9.40
C ALA Q 27 12.20 47.65 9.13
N ASN Q 28 12.31 48.14 7.88
CA ASN Q 28 11.73 49.43 7.50
C ASN Q 28 10.29 49.51 8.04
N GLY Q 29 9.51 48.45 7.81
CA GLY Q 29 8.15 48.37 8.31
C GLY Q 29 8.05 48.76 9.78
N ARG Q 30 8.82 48.07 10.62
CA ARG Q 30 8.86 48.34 12.04
C ARG Q 30 9.05 49.83 12.32
N PHE Q 31 10.00 50.46 11.61
CA PHE Q 31 10.36 51.84 11.87
C PHE Q 31 9.25 52.80 11.47
N GLN Q 32 8.62 52.55 10.33
CA GLN Q 32 7.56 53.41 9.86
C GLN Q 32 6.44 53.41 10.90
N ARG Q 33 6.06 52.22 11.36
CA ARG Q 33 5.00 52.05 12.33
C ARG Q 33 5.30 52.79 13.64
N ALA Q 34 6.57 52.73 14.07
CA ALA Q 34 6.99 53.22 15.38
C ALA Q 34 6.33 54.54 15.76
N THR Q 35 6.28 55.49 14.81
CA THR Q 35 5.76 56.82 15.09
C THR Q 35 4.40 56.72 15.78
N ALA Q 36 3.50 55.89 15.24
CA ALA Q 36 2.21 55.64 15.86
C ALA Q 36 2.40 54.97 17.21
N SER Q 37 3.16 53.85 17.24
CA SER Q 37 3.42 53.11 18.47
C SER Q 37 3.84 54.06 19.59
N MET Q 38 4.89 54.85 19.32
CA MET Q 38 5.49 55.76 20.27
C MET Q 38 4.44 56.67 20.89
N GLU Q 39 3.60 57.24 20.01
CA GLU Q 39 2.53 58.13 20.43
C GLU Q 39 1.68 57.43 21.48
N ALA Q 40 1.22 56.21 21.16
CA ALA Q 40 0.36 55.45 22.05
C ALA Q 40 1.00 55.33 23.43
N ALA Q 41 2.29 54.95 23.47
CA ALA Q 41 3.01 54.77 24.71
C ALA Q 41 2.96 56.05 25.55
N ARG Q 42 3.25 57.20 24.93
CA ARG Q 42 3.21 58.47 25.64
C ARG Q 42 1.84 58.68 26.30
N ALA Q 43 0.77 58.27 25.61
CA ALA Q 43 -0.58 58.45 26.10
C ALA Q 43 -0.85 57.55 27.31
N LEU Q 44 -0.47 56.25 27.22
CA LEU Q 44 -0.68 55.33 28.33
C LEU Q 44 0.13 55.77 29.54
N THR Q 45 1.42 56.03 29.31
CA THR Q 45 2.36 56.39 30.36
C THR Q 45 1.77 57.51 31.23
N SER Q 46 1.15 58.51 30.58
CA SER Q 46 0.66 59.70 31.25
C SER Q 46 -0.54 59.38 32.14
N ASN Q 47 -1.50 58.61 31.60
CA ASN Q 47 -2.75 58.35 32.30
C ASN Q 47 -2.65 57.11 33.19
N ALA Q 48 -1.42 56.56 33.32
CA ALA Q 48 -1.22 55.25 33.94
C ALA Q 48 -2.13 55.08 35.15
N ASP Q 49 -1.63 55.47 36.33
CA ASP Q 49 -2.40 55.68 37.55
C ASP Q 49 -3.92 55.56 37.34
N SER Q 50 -4.51 56.53 36.61
CA SER Q 50 -5.95 56.67 36.53
C SER Q 50 -6.57 55.40 35.96
N LEU Q 51 -5.91 54.86 34.93
CA LEU Q 51 -6.29 53.60 34.32
C LEU Q 51 -6.26 52.50 35.40
N VAL Q 52 -5.15 52.46 36.16
CA VAL Q 52 -4.95 51.45 37.18
C VAL Q 52 -6.12 51.54 38.18
N LYS Q 53 -6.28 52.69 38.85
CA LYS Q 53 -7.37 52.86 39.80
C LYS Q 53 -8.63 52.23 39.21
N GLY Q 54 -9.05 52.77 38.06
CA GLY Q 54 -10.30 52.41 37.43
C GLY Q 54 -10.43 50.90 37.29
N ALA Q 55 -9.36 50.26 36.80
CA ALA Q 55 -9.33 48.82 36.62
C ALA Q 55 -9.56 48.11 37.94
N VAL Q 56 -8.57 48.18 38.85
CA VAL Q 56 -8.68 47.56 40.16
C VAL Q 56 -10.14 47.62 40.58
N GLN Q 57 -10.64 48.86 40.66
CA GLN Q 57 -11.99 49.12 41.07
C GLN Q 57 -12.92 48.15 40.37
N GLU Q 58 -13.05 48.33 39.05
CA GLU Q 58 -13.89 47.51 38.19
C GLU Q 58 -13.95 46.08 38.70
N VAL Q 59 -12.78 45.44 38.75
CA VAL Q 59 -12.66 44.05 39.17
C VAL Q 59 -13.58 43.78 40.37
N TYR Q 60 -13.53 44.65 41.39
CA TYR Q 60 -14.32 44.48 42.59
C TYR Q 60 -15.81 44.54 42.32
N ASN Q 61 -16.23 45.47 41.44
CA ASN Q 61 -17.63 45.57 41.07
C ASN Q 61 -18.06 44.25 40.43
N LYS Q 62 -17.21 43.77 39.53
CA LYS Q 62 -17.46 42.57 38.75
C LYS Q 62 -17.56 41.34 39.67
N PHE Q 63 -16.74 41.31 40.72
CA PHE Q 63 -16.64 40.15 41.60
C PHE Q 63 -16.77 40.58 43.05
N PRO Q 64 -17.97 41.02 43.47
CA PRO Q 64 -18.13 41.69 44.76
C PRO Q 64 -17.48 40.89 45.90
N TYR Q 65 -17.74 39.57 45.88
CA TYR Q 65 -17.38 38.68 46.98
C TYR Q 65 -15.90 38.80 47.34
N LEU Q 66 -15.06 39.21 46.38
CA LEU Q 66 -13.62 39.30 46.62
C LEU Q 66 -13.31 40.20 47.81
N THR Q 67 -14.12 41.25 48.02
CA THR Q 67 -13.86 42.25 49.04
C THR Q 67 -14.34 41.76 50.42
N GLN Q 68 -15.07 40.64 50.46
CA GLN Q 68 -15.54 40.08 51.72
C GLN Q 68 -14.37 39.49 52.50
N PRO Q 69 -14.43 39.49 53.86
CA PRO Q 69 -13.36 38.90 54.67
C PRO Q 69 -13.20 37.40 54.44
N GLY Q 70 -11.93 36.95 54.46
CA GLY Q 70 -11.59 35.56 54.19
C GLY Q 70 -11.35 35.30 52.72
N GLN Q 71 -11.53 36.33 51.88
CA GLN Q 71 -11.30 36.22 50.44
C GLN Q 71 -9.95 36.84 50.10
N MET Q 72 -9.62 36.85 48.80
CA MET Q 72 -8.35 37.32 48.29
C MET Q 72 -8.37 38.84 48.15
N GLY Q 73 -9.50 39.38 47.68
CA GLY Q 73 -9.64 40.82 47.45
C GLY Q 73 -9.65 41.60 48.76
N TYR Q 74 -9.62 40.89 49.90
CA TYR Q 74 -9.87 41.50 51.18
C TYR Q 74 -8.57 41.80 51.91
N GLY Q 75 -8.54 42.95 52.58
CA GLY Q 75 -7.37 43.36 53.34
C GLY Q 75 -6.34 44.01 52.43
N ASP Q 76 -5.82 45.15 52.87
CA ASP Q 76 -5.14 46.15 52.05
C ASP Q 76 -3.96 45.56 51.28
N THR Q 77 -3.18 44.72 51.98
CA THR Q 77 -2.02 44.06 51.42
C THR Q 77 -2.37 43.56 50.02
N ASN Q 78 -3.47 42.82 49.96
CA ASN Q 78 -3.91 42.15 48.75
C ASN Q 78 -4.25 43.23 47.71
N GLN Q 79 -4.99 44.26 48.14
CA GLN Q 79 -5.38 45.36 47.28
C GLN Q 79 -4.12 46.00 46.69
N ALA Q 80 -3.15 46.31 47.56
CA ALA Q 80 -1.87 46.84 47.13
C ALA Q 80 -1.30 45.97 46.01
N LYS Q 81 -1.12 44.67 46.32
CA LYS Q 81 -0.62 43.73 45.34
C LYS Q 81 -1.41 43.89 44.06
N CYS Q 82 -2.73 43.69 44.14
CA CYS Q 82 -3.60 43.79 42.97
C CYS Q 82 -3.24 45.02 42.13
N ALA Q 83 -3.09 46.19 42.79
CA ALA Q 83 -2.69 47.41 42.10
C ALA Q 83 -1.35 47.19 41.40
N ARG Q 84 -0.31 46.95 42.21
CA ARG Q 84 1.03 46.68 41.71
C ARG Q 84 0.93 45.88 40.41
N ASP Q 85 0.34 44.68 40.51
CA ASP Q 85 0.31 43.73 39.40
C ASP Q 85 -0.15 44.45 38.14
N ILE Q 86 -1.33 45.07 38.19
CA ILE Q 86 -1.87 45.69 37.00
C ILE Q 86 -0.88 46.74 36.50
N SER Q 87 -0.38 47.62 37.38
CA SER Q 87 0.67 48.52 36.96
C SER Q 87 1.61 47.78 36.02
N HIS Q 88 2.20 46.69 36.54
CA HIS Q 88 3.14 45.91 35.75
C HIS Q 88 2.60 45.70 34.34
N TYR Q 89 1.48 44.99 34.23
CA TYR Q 89 0.91 44.68 32.92
C TYR Q 89 1.03 45.91 32.03
N LEU Q 90 0.54 47.03 32.55
CA LEU Q 90 0.55 48.27 31.80
C LEU Q 90 1.99 48.58 31.39
N ARG Q 91 2.86 48.74 32.39
CA ARG Q 91 4.25 49.03 32.16
C ARG Q 91 4.73 48.28 30.93
N PHE Q 92 4.65 46.94 31.00
CA PHE Q 92 5.15 46.11 29.93
C PHE Q 92 4.52 46.54 28.61
N ILE Q 93 3.19 46.65 28.59
CA ILE Q 93 2.54 47.01 27.35
C ILE Q 93 3.29 48.17 26.73
N THR Q 94 3.42 49.27 27.47
CA THR Q 94 4.14 50.43 26.95
C THR Q 94 5.43 49.93 26.31
N TYR Q 95 6.26 49.25 27.12
CA TYR Q 95 7.54 48.74 26.65
C TYR Q 95 7.34 48.18 25.25
N SER Q 96 6.42 47.22 25.13
CA SER Q 96 6.28 46.46 23.90
C SER Q 96 5.98 47.39 22.72
N LEU Q 97 5.12 48.39 22.93
CA LEU Q 97 4.83 49.37 21.89
C LEU Q 97 6.13 49.95 21.37
N VAL Q 98 6.99 50.35 22.30
CA VAL Q 98 8.22 51.07 21.99
C VAL Q 98 9.21 50.13 21.30
N ALA Q 99 9.37 48.94 21.87
CA ALA Q 99 10.30 47.94 21.35
C ALA Q 99 9.87 47.48 19.95
N GLY Q 100 8.57 47.60 19.65
CA GLY Q 100 8.06 47.14 18.37
C GLY Q 100 8.20 45.62 18.29
N GLY Q 101 7.52 44.94 19.22
CA GLY Q 101 7.49 43.50 19.28
C GLY Q 101 6.78 43.06 20.55
N THR Q 102 6.33 41.80 20.60
CA THR Q 102 5.69 41.28 21.80
C THR Q 102 6.76 40.97 22.83
N GLY Q 103 7.99 40.74 22.35
CA GLY Q 103 9.11 40.36 23.20
C GLY Q 103 8.86 40.71 24.65
N PRO Q 104 8.94 42.00 25.04
CA PRO Q 104 8.91 42.38 26.45
C PRO Q 104 7.80 41.64 27.18
N LEU Q 105 6.61 41.64 26.59
CA LEU Q 105 5.47 40.96 27.18
C LEU Q 105 5.79 39.50 27.44
N ASP Q 106 6.21 38.81 26.38
CA ASP Q 106 6.45 37.37 26.42
C ASP Q 106 7.27 36.99 27.65
N ASP Q 107 8.40 37.68 27.82
CA ASP Q 107 9.45 37.22 28.71
C ASP Q 107 9.13 37.55 30.17
N TYR Q 108 8.51 38.71 30.38
CA TYR Q 108 8.18 39.13 31.73
C TYR Q 108 6.87 38.46 32.12
N ILE Q 109 5.83 38.74 31.34
CA ILE Q 109 4.48 38.40 31.78
C ILE Q 109 4.17 36.95 31.46
N VAL Q 110 4.28 36.59 30.18
CA VAL Q 110 3.57 35.44 29.65
C VAL Q 110 4.24 34.15 30.10
N ALA Q 111 5.54 34.04 29.85
CA ALA Q 111 6.26 32.81 30.13
C ALA Q 111 6.13 32.50 31.61
N GLY Q 112 5.57 31.32 31.92
CA GLY Q 112 5.39 30.89 33.30
C GLY Q 112 4.12 31.45 33.91
N LEU Q 113 3.32 32.16 33.11
CA LEU Q 113 2.12 32.79 33.63
C LEU Q 113 1.29 31.77 34.39
N ARG Q 114 0.94 30.69 33.70
CA ARG Q 114 0.02 29.67 34.19
C ARG Q 114 0.36 29.26 35.61
N GLU Q 115 1.61 28.86 35.83
CA GLU Q 115 2.01 28.09 37.00
C GLU Q 115 2.00 29.00 38.23
N VAL Q 116 2.64 30.15 38.05
CA VAL Q 116 2.51 31.24 39.02
C VAL Q 116 1.05 31.28 39.45
N ASN Q 117 0.17 31.60 38.50
CA ASN Q 117 -1.24 31.82 38.78
C ASN Q 117 -1.85 30.63 39.49
N ARG Q 118 -1.46 29.42 39.09
CA ARG Q 118 -2.00 28.21 39.67
C ARG Q 118 -1.60 28.11 41.14
N THR Q 119 -0.31 28.32 41.41
CA THR Q 119 0.25 28.02 42.72
C THR Q 119 -0.24 29.03 43.75
N PHE Q 120 -0.56 30.25 43.30
CA PHE Q 120 -1.07 31.31 44.16
C PHE Q 120 -2.58 31.47 44.03
N ASN Q 121 -3.21 30.70 43.12
CA ASN Q 121 -4.66 30.67 43.00
C ASN Q 121 -5.19 32.03 42.56
N LEU Q 122 -4.43 32.69 41.68
CA LEU Q 122 -4.92 33.90 41.03
C LEU Q 122 -5.76 33.45 39.84
N SER Q 123 -7.00 33.92 39.77
CA SER Q 123 -7.89 33.57 38.67
C SER Q 123 -7.60 34.48 37.48
N PRO Q 124 -7.19 33.93 36.32
CA PRO Q 124 -6.92 34.75 35.14
C PRO Q 124 -8.04 35.78 34.96
N SER Q 125 -9.28 35.28 34.91
CA SER Q 125 -10.47 36.11 34.79
C SER Q 125 -10.22 37.53 35.30
N TRP Q 126 -9.85 37.66 36.59
CA TRP Q 126 -9.67 38.98 37.17
C TRP Q 126 -8.87 39.86 36.23
N TYR Q 127 -7.58 39.52 36.10
CA TYR Q 127 -6.70 40.30 35.24
C TYR Q 127 -7.49 40.71 34.01
N ILE Q 128 -8.07 39.72 33.33
CA ILE Q 128 -8.75 40.00 32.09
C ILE Q 128 -9.61 41.25 32.26
N GLU Q 129 -10.54 41.23 33.23
CA GLU Q 129 -11.43 42.38 33.41
C GLU Q 129 -10.61 43.66 33.42
N ALA Q 130 -9.66 43.72 34.37
CA ALA Q 130 -8.75 44.85 34.43
C ALA Q 130 -8.47 45.30 33.01
N LEU Q 131 -7.84 44.41 32.22
CA LEU Q 131 -7.46 44.76 30.86
C LEU Q 131 -8.66 45.35 30.12
N LYS Q 132 -9.75 44.58 30.01
CA LYS Q 132 -10.90 45.03 29.25
C LYS Q 132 -11.27 46.45 29.64
N HIS Q 133 -11.53 46.67 30.93
CA HIS Q 133 -11.87 47.99 31.41
C HIS Q 133 -10.89 49.01 30.84
N ILE Q 134 -9.58 48.71 31.00
CA ILE Q 134 -8.53 49.56 30.44
C ILE Q 134 -8.84 49.84 28.98
N LYS Q 135 -8.89 48.75 28.19
CA LYS Q 135 -9.08 48.85 26.75
C LYS Q 135 -10.14 49.89 26.44
N GLY Q 136 -11.27 49.80 27.15
CA GLY Q 136 -12.40 50.71 27.00
C GLY Q 136 -12.00 52.17 27.20
N LYS Q 137 -11.23 52.45 28.26
CA LYS Q 137 -10.78 53.81 28.54
C LYS Q 137 -9.83 54.28 27.44
N VAL Q 138 -8.82 53.46 27.15
CA VAL Q 138 -7.86 53.75 26.10
C VAL Q 138 -8.60 54.12 24.82
N GLY Q 139 -9.73 53.45 24.58
CA GLY Q 139 -10.55 53.69 23.40
C GLY Q 139 -11.15 55.10 23.32
N SER Q 140 -10.74 56.00 24.23
CA SER Q 140 -11.15 57.40 24.19
C SER Q 140 -9.95 58.32 23.94
N GLN Q 141 -8.86 58.10 24.68
CA GLN Q 141 -7.70 58.98 24.68
C GLN Q 141 -6.94 58.88 23.35
N LEU Q 142 -7.10 57.72 22.69
CA LEU Q 142 -6.39 57.42 21.45
C LEU Q 142 -7.37 57.31 20.29
N SER Q 143 -6.79 57.21 19.08
CA SER Q 143 -7.55 57.21 17.85
C SER Q 143 -6.65 56.78 16.69
N GLY Q 144 -7.27 56.23 15.63
CA GLY Q 144 -6.55 55.82 14.45
C GLY Q 144 -5.50 54.75 14.76
N GLN Q 145 -4.38 54.79 14.05
CA GLN Q 145 -3.37 53.75 14.15
C GLN Q 145 -2.88 53.66 15.59
N PRO Q 146 -2.48 54.78 16.25
CA PRO Q 146 -2.06 54.73 17.64
C PRO Q 146 -2.96 53.79 18.44
N LEU Q 147 -4.27 54.05 18.39
CA LEU Q 147 -5.26 53.19 19.05
C LEU Q 147 -5.03 51.75 18.64
N THR Q 148 -5.15 51.47 17.33
CA THR Q 148 -5.09 50.10 16.83
C THR Q 148 -3.94 49.38 17.52
N GLU Q 149 -2.74 49.98 17.49
CA GLU Q 149 -1.57 49.39 18.12
C GLU Q 149 -1.88 49.04 19.56
N ALA Q 150 -2.28 50.04 20.36
CA ALA Q 150 -2.59 49.84 21.76
C ALA Q 150 -3.40 48.55 21.93
N ASN Q 151 -4.52 48.46 21.20
CA ASN Q 151 -5.39 47.30 21.28
C ASN Q 151 -4.56 46.04 21.10
N ALA Q 152 -4.03 45.83 19.89
CA ALA Q 152 -3.26 44.63 19.56
C ALA Q 152 -2.59 44.07 20.80
N TYR Q 153 -1.73 44.89 21.41
CA TYR Q 153 -0.91 44.44 22.52
C TYR Q 153 -1.81 44.08 23.70
N ILE Q 154 -2.69 44.99 24.11
CA ILE Q 154 -3.60 44.70 25.22
C ILE Q 154 -4.18 43.31 25.02
N ASP Q 155 -4.79 43.08 23.84
CA ASP Q 155 -5.44 41.82 23.53
C ASP Q 155 -4.45 40.68 23.74
N TYR Q 156 -3.35 40.74 22.99
CA TYR Q 156 -2.34 39.71 23.02
C TYR Q 156 -2.26 39.06 24.41
N CYS Q 157 -2.33 39.89 25.46
CA CYS Q 157 -2.33 39.42 26.83
C CYS Q 157 -3.63 38.69 27.17
N ILE Q 158 -4.77 39.33 26.90
CA ILE Q 158 -6.05 38.68 27.11
C ILE Q 158 -5.91 37.23 26.64
N ASN Q 159 -5.46 37.05 25.39
CA ASN Q 159 -5.35 35.73 24.79
C ASN Q 159 -4.38 34.84 25.56
N ALA Q 160 -3.26 35.42 26.01
CA ALA Q 160 -2.26 34.67 26.74
C ALA Q 160 -2.80 34.25 28.11
N LEU Q 161 -3.56 35.15 28.74
CA LEU Q 161 -4.14 34.91 30.05
C LEU Q 161 -5.16 33.79 30.00
N SER Q 162 -6.10 33.94 29.06
CA SER Q 162 -7.10 32.93 28.75
C SER Q 162 -6.44 31.80 27.93
N MET R 1 18.50 37.64 22.67
CA MET R 1 19.45 38.64 22.13
C MET R 1 19.06 40.03 22.66
N GLN R 2 19.69 41.05 22.08
CA GLN R 2 19.49 42.43 22.47
C GLN R 2 19.69 43.35 21.27
N ASP R 3 19.17 44.57 21.41
CA ASP R 3 19.45 45.66 20.48
C ASP R 3 19.09 46.97 21.20
N ALA R 4 19.33 48.10 20.51
CA ALA R 4 19.21 49.42 21.11
C ALA R 4 17.93 49.58 21.92
N PHE R 5 16.79 49.32 21.29
CA PHE R 5 15.48 49.49 21.89
C PHE R 5 15.39 48.61 23.13
N THR R 6 15.40 47.30 22.90
CA THR R 6 15.26 46.30 23.95
C THR R 6 16.09 46.72 25.16
N LYS R 7 17.35 47.07 24.89
CA LYS R 7 18.30 47.47 25.91
C LYS R 7 17.70 48.51 26.84
N ALA R 8 17.29 49.65 26.26
CA ALA R 8 16.77 50.77 27.03
C ALA R 8 15.63 50.27 27.92
N ILE R 9 14.72 49.51 27.32
CA ILE R 9 13.66 48.83 28.07
C ILE R 9 14.27 48.21 29.32
N VAL R 10 15.19 47.26 29.12
CA VAL R 10 15.71 46.43 30.20
C VAL R 10 16.13 47.33 31.35
N ALA R 11 16.99 48.31 31.05
CA ALA R 11 17.42 49.30 32.03
C ALA R 11 16.20 49.79 32.82
N ALA R 12 15.21 50.33 32.10
CA ALA R 12 14.02 50.90 32.71
C ALA R 12 13.37 49.89 33.66
N ASP R 13 13.34 48.62 33.24
CA ASP R 13 12.69 47.57 34.00
C ASP R 13 13.26 47.46 35.40
N LEU R 14 14.59 47.52 35.53
CA LEU R 14 15.25 47.23 36.79
C LEU R 14 14.99 48.35 37.80
N ARG R 15 14.92 49.58 37.28
CA ARG R 15 14.47 50.73 38.06
C ARG R 15 13.02 50.51 38.49
N GLY R 16 12.27 49.76 37.67
CA GLY R 16 10.90 49.37 37.97
C GLY R 16 9.89 50.40 37.46
N SER R 17 10.32 51.20 36.49
CA SER R 17 9.63 52.44 36.16
C SER R 17 9.21 52.42 34.69
N PHE R 18 8.22 53.27 34.39
CA PHE R 18 7.89 53.60 33.02
C PHE R 18 9.07 54.35 32.43
N LEU R 19 9.14 54.36 31.08
CA LEU R 19 10.25 55.01 30.42
C LEU R 19 10.20 56.52 30.66
N SER R 20 11.35 57.08 31.01
CA SER R 20 11.58 58.51 31.09
C SER R 20 11.23 59.17 29.77
N GLU R 21 10.70 60.40 29.80
CA GLU R 21 10.41 61.12 28.57
C GLU R 21 11.73 61.37 27.84
N GLN R 22 12.73 61.84 28.59
CA GLN R 22 14.09 62.00 28.07
C GLN R 22 14.47 60.75 27.26
N GLU R 23 14.29 59.55 27.85
CA GLU R 23 14.72 58.28 27.27
C GLU R 23 14.01 57.98 25.96
N LEU R 24 12.69 58.21 25.93
CA LEU R 24 11.92 58.10 24.71
C LEU R 24 12.63 58.89 23.60
N ASN R 25 13.07 60.12 23.91
CA ASN R 25 13.62 61.02 22.91
C ASN R 25 14.92 60.48 22.32
N GLN R 26 15.62 59.59 23.05
CA GLN R 26 16.75 58.87 22.47
C GLN R 26 16.25 58.00 21.34
N LEU R 27 15.19 57.23 21.65
CA LEU R 27 14.66 56.25 20.72
C LEU R 27 13.98 56.98 19.55
N THR R 28 13.18 58.01 19.87
CA THR R 28 12.50 58.80 18.85
C THR R 28 13.51 59.24 17.77
N ASN R 29 14.62 59.85 18.21
CA ASN R 29 15.63 60.32 17.26
C ASN R 29 16.28 59.13 16.56
N LEU R 30 16.54 58.04 17.29
CA LEU R 30 17.16 56.86 16.71
C LEU R 30 16.37 56.41 15.47
N VAL R 31 15.04 56.39 15.62
CA VAL R 31 14.10 56.09 14.55
C VAL R 31 14.40 56.95 13.33
N LYS R 32 14.46 58.27 13.54
CA LYS R 32 14.63 59.24 12.48
C LYS R 32 15.81 58.85 11.59
N GLU R 33 16.90 58.39 12.22
CA GLU R 33 18.13 58.04 11.53
C GLU R 33 17.98 56.73 10.77
N SER R 34 17.04 55.87 11.18
CA SER R 34 16.81 54.58 10.54
C SER R 34 17.31 54.61 9.09
N ASN R 35 16.65 55.41 8.26
CA ASN R 35 16.87 55.41 6.83
C ASN R 35 18.38 55.38 6.57
N LYS R 36 19.10 56.33 7.17
CA LYS R 36 20.54 56.38 7.08
C LYS R 36 21.07 55.01 7.53
N ARG R 37 20.80 54.64 8.78
CA ARG R 37 21.24 53.36 9.31
C ARG R 37 21.13 52.30 8.23
N LEU R 38 19.92 52.10 7.69
CA LEU R 38 19.68 51.04 6.74
C LEU R 38 20.71 51.09 5.61
N ASP R 39 20.73 52.21 4.86
CA ASP R 39 21.61 52.34 3.71
C ASP R 39 23.02 51.89 4.07
N ALA R 40 23.51 52.31 5.23
CA ALA R 40 24.82 51.91 5.69
C ALA R 40 24.94 50.40 5.56
N VAL R 41 24.06 49.67 6.25
CA VAL R 41 24.07 48.22 6.22
C VAL R 41 24.08 47.77 4.77
N ASN R 42 23.11 48.25 3.99
CA ASN R 42 22.94 47.85 2.60
C ASN R 42 24.27 47.92 1.89
N ALA R 43 24.99 49.03 2.08
CA ALA R 43 26.26 49.25 1.41
C ALA R 43 27.22 48.10 1.71
N ILE R 44 27.36 47.74 2.99
CA ILE R 44 28.27 46.65 3.35
C ILE R 44 27.87 45.39 2.61
N THR R 45 26.64 44.93 2.89
CA THR R 45 26.15 43.68 2.34
C THR R 45 26.35 43.65 0.82
N GLY R 46 26.06 44.78 0.16
CA GLY R 46 26.17 44.88 -1.28
C GLY R 46 27.59 44.61 -1.77
N ASN R 47 28.59 45.05 -1.01
CA ASN R 47 29.97 45.00 -1.46
C ASN R 47 30.68 43.82 -0.82
N ALA R 48 30.01 43.12 0.09
CA ALA R 48 30.62 42.12 0.95
C ALA R 48 31.82 41.47 0.25
N ALA R 49 31.54 40.57 -0.72
CA ALA R 49 32.57 39.78 -1.36
C ALA R 49 33.86 40.59 -1.50
N GLU R 50 33.70 41.76 -2.13
CA GLU R 50 34.80 42.65 -2.45
C GLU R 50 35.57 43.01 -1.18
N ILE R 51 34.89 43.63 -0.22
CA ILE R 51 35.51 44.04 1.03
C ILE R 51 36.57 43.01 1.41
N ILE R 52 36.09 41.79 1.62
CA ILE R 52 36.97 40.68 1.98
C ILE R 52 38.08 40.58 0.94
N SER R 53 37.73 40.16 -0.28
CA SER R 53 38.73 39.95 -1.31
C SER R 53 39.86 40.97 -1.11
N ASP R 54 39.48 42.25 -1.15
CA ASP R 54 40.41 43.36 -1.00
C ASP R 54 41.28 43.12 0.23
N ALA R 55 40.67 43.17 1.42
CA ALA R 55 41.39 43.07 2.68
C ALA R 55 42.45 41.97 2.61
N ALA R 56 42.04 40.77 2.17
CA ALA R 56 42.94 39.63 2.03
C ALA R 56 44.19 40.04 1.27
N HIS R 57 44.03 40.45 0.00
CA HIS R 57 45.16 40.83 -0.84
C HIS R 57 46.19 41.61 -0.02
N LYS R 58 45.70 42.65 0.64
CA LYS R 58 46.54 43.56 1.40
C LYS R 58 47.16 42.80 2.58
N LEU R 59 46.36 41.99 3.28
CA LEU R 59 46.87 41.21 4.40
C LEU R 59 48.10 40.42 3.97
N PHE R 60 48.01 39.77 2.79
CA PHE R 60 49.03 38.80 2.40
C PHE R 60 50.24 39.49 1.78
N ALA R 61 50.02 40.65 1.14
CA ALA R 61 51.13 41.47 0.69
C ALA R 61 52.00 41.87 1.88
N GLU R 62 51.37 42.19 3.02
CA GLU R 62 52.08 42.63 4.21
C GLU R 62 52.83 41.47 4.85
N GLN R 63 52.08 40.44 5.29
CA GLN R 63 52.65 39.33 6.05
C GLN R 63 52.86 38.14 5.13
N THR R 64 53.90 38.26 4.29
CA THR R 64 54.25 37.27 3.29
C THR R 64 54.27 35.85 3.86
N ASP R 65 54.79 35.69 5.06
CA ASP R 65 55.00 34.38 5.69
C ASP R 65 53.73 33.55 5.78
N LEU R 66 52.58 34.22 6.00
CA LEU R 66 51.34 33.52 6.23
C LEU R 66 51.10 32.55 5.08
N ILE R 67 51.46 32.99 3.87
CA ILE R 67 51.21 32.26 2.64
C ILE R 67 52.41 31.40 2.25
N ARG R 68 53.47 31.43 3.05
CA ARG R 68 54.66 30.65 2.72
C ARG R 68 54.56 29.30 3.41
N PRO R 69 55.18 28.24 2.85
CA PRO R 69 55.14 26.92 3.41
C PRO R 69 55.50 26.96 4.88
N GLY R 70 54.66 26.35 5.72
CA GLY R 70 54.87 26.34 7.15
C GLY R 70 54.13 27.47 7.87
N GLY R 71 53.68 28.49 7.12
CA GLY R 71 52.94 29.60 7.70
C GLY R 71 51.53 29.18 8.08
N ASN R 72 50.70 30.11 8.57
CA ASN R 72 49.40 29.72 9.08
C ASN R 72 48.34 29.67 7.98
N ALA R 73 48.48 30.49 6.92
CA ALA R 73 47.49 30.52 5.85
C ALA R 73 47.75 29.40 4.83
N TYR R 74 48.93 28.80 4.87
CA TYR R 74 49.28 27.69 4.02
C TYR R 74 48.89 26.38 4.69
N PRO R 75 48.50 25.29 3.98
CA PRO R 75 48.23 25.30 2.54
C PRO R 75 46.80 25.73 2.23
N ASN R 76 46.29 25.37 1.04
CA ASN R 76 44.95 25.75 0.62
C ASN R 76 43.96 25.60 1.77
N ARG R 77 43.80 24.38 2.29
CA ARG R 77 42.78 24.14 3.29
C ARG R 77 42.79 25.26 4.31
N ARG R 78 43.96 25.53 4.90
CA ARG R 78 44.06 26.57 5.90
C ARG R 78 43.58 27.88 5.31
N MET R 79 44.20 28.29 4.21
CA MET R 79 43.82 29.52 3.55
C MET R 79 42.32 29.67 3.63
N ALA R 80 41.61 28.66 3.11
CA ALA R 80 40.16 28.71 3.02
C ALA R 80 39.59 29.15 4.37
N ALA R 81 39.91 28.39 5.40
CA ALA R 81 39.46 28.72 6.75
C ALA R 81 39.65 30.22 6.98
N CYS R 82 40.88 30.68 6.84
CA CYS R 82 41.21 32.05 7.19
C CYS R 82 40.26 33.03 6.48
N LEU R 83 39.97 32.78 5.22
CA LEU R 83 39.04 33.61 4.47
C LEU R 83 37.67 33.53 5.11
N ARG R 84 37.17 32.31 5.23
CA ARG R 84 35.89 32.07 5.88
C ARG R 84 35.81 32.91 7.14
N ASP R 85 36.79 32.76 8.03
CA ASP R 85 36.77 33.46 9.31
C ASP R 85 36.48 34.94 9.09
N MET R 86 37.35 35.60 8.33
CA MET R 86 37.20 37.03 8.09
C MET R 86 35.74 37.33 7.82
N GLU R 87 35.21 36.67 6.78
CA GLU R 87 33.83 36.83 6.38
C GLU R 87 32.95 36.85 7.64
N ILE R 88 33.01 35.76 8.40
CA ILE R 88 32.12 35.60 9.53
C ILE R 88 32.11 36.90 10.34
N ILE R 89 33.28 37.24 10.84
CA ILE R 89 33.44 38.42 11.66
C ILE R 89 32.65 39.56 11.02
N LEU R 90 32.92 39.79 9.73
CA LEU R 90 32.22 40.83 9.00
C LEU R 90 30.72 40.66 9.19
N ARG R 91 30.21 39.50 8.79
CA ARG R 91 28.79 39.19 8.89
C ARG R 91 28.26 39.73 10.20
N TYR R 92 28.85 39.28 11.31
CA TYR R 92 28.40 39.71 12.61
C TYR R 92 28.37 41.24 12.68
N VAL R 93 29.55 41.84 12.49
CA VAL R 93 29.64 43.29 12.57
C VAL R 93 28.37 43.88 11.94
N SER R 94 28.12 43.53 10.67
CA SER R 94 26.92 44.01 10.00
C SER R 94 25.74 43.87 10.95
N TYR R 95 25.44 42.63 11.38
CA TYR R 95 24.31 42.38 12.25
C TYR R 95 24.23 43.51 13.29
N ALA R 96 25.29 43.60 14.10
CA ALA R 96 25.33 44.62 15.14
C ALA R 96 24.84 45.95 14.56
N LEU R 97 25.48 46.36 13.46
CA LEU R 97 25.24 47.67 12.88
C LEU R 97 23.74 47.93 12.74
N LEU R 98 23.02 46.91 12.28
CA LEU R 98 21.58 47.02 12.13
C LEU R 98 20.93 47.18 13.50
N ALA R 99 21.23 46.25 14.42
CA ALA R 99 20.63 46.23 15.73
C ALA R 99 20.78 47.60 16.41
N GLY R 100 21.96 48.20 16.21
CA GLY R 100 22.34 49.39 16.94
C GLY R 100 22.92 49.04 18.30
N ASP R 101 23.58 47.87 18.35
CA ASP R 101 24.12 47.36 19.60
C ASP R 101 25.23 46.34 19.35
N ALA R 102 26.27 46.43 20.18
CA ALA R 102 27.41 45.53 20.14
C ALA R 102 27.00 44.09 20.48
N SER R 103 26.10 43.94 21.46
CA SER R 103 25.83 42.65 22.09
C SER R 103 25.98 41.51 21.09
N VAL R 104 24.96 41.32 20.24
CA VAL R 104 24.92 40.21 19.29
C VAL R 104 26.34 39.82 18.89
N LEU R 105 27.13 40.81 18.45
CA LEU R 105 28.49 40.61 18.01
C LEU R 105 29.34 39.98 19.10
N GLU R 106 29.33 40.60 20.28
CA GLU R 106 30.14 40.15 21.41
C GLU R 106 29.87 38.68 21.72
N ASP R 107 28.56 38.34 21.81
CA ASP R 107 28.19 37.04 22.34
C ASP R 107 28.52 35.92 21.34
N ARG R 108 27.87 35.95 20.18
CA ARG R 108 28.03 34.85 19.25
C ARG R 108 29.43 34.85 18.65
N CYS R 109 29.92 36.03 18.28
CA CYS R 109 31.11 36.10 17.45
C CYS R 109 32.42 36.21 18.24
N LEU R 110 32.48 37.13 19.22
CA LEU R 110 33.76 37.49 19.80
C LEU R 110 34.13 36.61 20.96
N ASN R 111 33.17 36.26 21.81
CA ASN R 111 33.53 35.76 23.15
C ASN R 111 34.25 34.42 23.02
N GLY R 112 35.49 34.32 23.48
CA GLY R 112 36.25 33.08 23.41
C GLY R 112 36.92 32.86 22.04
N LEU R 113 36.76 33.83 21.14
CA LEU R 113 37.42 33.77 19.85
C LEU R 113 38.94 33.71 20.07
N LYS R 114 39.42 34.64 20.89
CA LYS R 114 40.84 34.72 21.21
C LYS R 114 41.38 33.33 21.53
N GLU R 115 40.69 32.65 22.45
CA GLU R 115 41.17 31.43 23.04
C GLU R 115 41.28 30.35 21.99
N THR R 116 40.22 30.22 21.19
CA THR R 116 40.24 29.38 20.01
C THR R 116 41.54 29.62 19.27
N TYR R 117 41.74 30.85 18.82
CA TYR R 117 42.89 31.19 18.00
C TYR R 117 44.16 30.69 18.67
N VAL R 118 44.24 30.96 19.97
CA VAL R 118 45.39 30.53 20.75
C VAL R 118 45.58 29.02 20.61
N ALA R 119 44.54 28.26 20.94
CA ALA R 119 44.62 26.81 20.97
C ALA R 119 45.13 26.28 19.64
N LEU R 120 44.63 26.87 18.54
CA LEU R 120 45.00 26.46 17.20
C LEU R 120 46.46 26.76 16.91
N GLY R 121 46.97 27.85 17.50
CA GLY R 121 48.30 28.35 17.19
C GLY R 121 48.23 29.45 16.14
N THR R 122 47.02 29.81 15.71
CA THR R 122 46.85 30.94 14.79
C THR R 122 47.34 32.18 15.55
N PRO R 123 48.15 33.06 14.91
CA PRO R 123 48.61 34.30 15.51
C PRO R 123 47.49 35.35 15.56
N THR R 124 47.02 35.61 16.79
CA THR R 124 45.91 36.50 17.04
C THR R 124 46.17 37.85 16.36
N ARG R 125 47.42 38.32 16.43
CA ARG R 125 47.79 39.63 15.93
C ARG R 125 47.32 39.78 14.49
N SER R 126 47.70 38.81 13.64
CA SER R 126 47.41 38.87 12.23
C SER R 126 45.90 38.96 12.03
N VAL R 127 45.15 38.12 12.75
CA VAL R 127 43.70 38.14 12.64
C VAL R 127 43.23 39.58 12.83
N ALA R 128 43.61 40.16 13.99
CA ALA R 128 43.22 41.52 14.32
C ALA R 128 43.51 42.43 13.13
N ARG R 129 44.74 42.37 12.62
CA ARG R 129 45.14 43.17 11.48
C ARG R 129 44.08 43.10 10.40
N ALA R 130 43.78 41.87 9.96
CA ALA R 130 42.79 41.64 8.92
C ALA R 130 41.51 42.42 9.23
N VAL R 131 40.99 42.27 10.46
CA VAL R 131 39.78 42.95 10.87
C VAL R 131 39.87 44.42 10.48
N GLN R 132 40.96 45.09 10.88
CA GLN R 132 41.12 46.50 10.57
C GLN R 132 41.08 46.69 9.05
N LEU R 133 41.96 46.00 8.34
CA LEU R 133 42.00 46.10 6.89
C LEU R 133 40.57 46.13 6.37
N MET R 134 39.79 45.13 6.76
CA MET R 134 38.37 45.09 6.43
C MET R 134 37.75 46.44 6.80
N LYS R 135 37.82 46.80 8.08
CA LYS R 135 37.18 48.02 8.56
C LYS R 135 37.28 49.12 7.50
N GLU R 136 38.52 49.48 7.13
CA GLU R 136 38.80 50.66 6.32
C GLU R 136 38.07 50.59 4.98
N THR R 137 38.22 49.43 4.33
CA THR R 137 37.59 49.17 3.04
C THR R 137 36.08 49.38 3.18
N ALA R 138 35.50 48.73 4.20
CA ALA R 138 34.08 48.77 4.45
C ALA R 138 33.60 50.21 4.54
N ILE R 139 34.18 50.96 5.48
CA ILE R 139 33.85 52.36 5.65
C ILE R 139 33.87 53.03 4.27
N GLY R 140 34.96 52.82 3.53
CA GLY R 140 35.10 53.28 2.16
C GLY R 140 33.77 53.28 1.40
N TYR R 141 33.06 52.14 1.43
CA TYR R 141 31.79 52.00 0.73
C TYR R 141 30.68 52.71 1.46
N VAL R 142 30.50 52.39 2.75
CA VAL R 142 29.49 53.04 3.57
C VAL R 142 29.43 54.52 3.20
N ASN R 143 30.61 55.13 3.01
CA ASN R 143 30.71 56.58 3.07
C ASN R 143 30.69 57.23 1.68
N SER R 144 30.75 56.43 0.61
CA SER R 144 30.91 56.98 -0.74
C SER R 144 29.91 56.38 -1.73
N PRO R 145 28.63 56.11 -1.35
CA PRO R 145 27.73 55.38 -2.23
C PRO R 145 27.20 56.24 -3.39
N SER R 146 26.38 55.60 -4.22
CA SER R 146 25.88 56.15 -5.47
C SER R 146 24.35 56.11 -5.48
N GLY R 147 23.74 57.25 -5.80
CA GLY R 147 22.30 57.34 -5.96
C GLY R 147 21.59 57.62 -4.63
N VAL R 148 22.37 57.71 -3.55
CA VAL R 148 21.80 58.01 -2.25
C VAL R 148 21.74 59.52 -2.11
N THR R 149 20.67 59.99 -1.45
CA THR R 149 20.51 61.37 -1.04
C THR R 149 21.71 61.78 -0.19
N ARG R 150 22.35 62.90 -0.54
CA ARG R 150 23.58 63.32 0.13
C ARG R 150 23.21 63.98 1.45
N GLY R 151 23.98 63.63 2.50
CA GLY R 151 23.82 64.15 3.85
C GLY R 151 24.96 63.64 4.74
N ASP R 152 24.78 63.66 6.07
CA ASP R 152 25.84 63.28 6.99
C ASP R 152 25.62 61.89 7.57
N CYS R 153 26.55 60.96 7.33
CA CYS R 153 26.44 59.63 7.88
C CYS R 153 27.44 59.38 9.02
N SER R 154 28.34 60.36 9.26
CA SER R 154 29.42 60.22 10.23
C SER R 154 28.98 59.37 11.43
N ALA R 155 27.94 59.84 12.13
CA ALA R 155 27.44 59.21 13.35
C ALA R 155 27.48 57.70 13.22
N LEU R 156 26.86 57.20 12.15
CA LEU R 156 26.80 55.78 11.83
C LEU R 156 28.19 55.24 11.54
N VAL R 157 28.92 55.94 10.67
CA VAL R 157 30.28 55.55 10.30
C VAL R 157 31.09 55.22 11.56
N ASN R 158 31.04 56.10 12.57
CA ASN R 158 31.88 55.94 13.76
C ASN R 158 31.46 54.69 14.53
N GLU R 159 30.15 54.56 14.77
CA GLU R 159 29.58 53.39 15.42
C GLU R 159 30.04 52.12 14.71
N ALA R 160 29.95 52.11 13.37
CA ALA R 160 30.52 51.02 12.59
C ALA R 160 31.94 50.76 13.07
N ALA R 161 32.82 51.76 12.92
CA ALA R 161 34.20 51.63 13.39
C ALA R 161 34.22 50.89 14.72
N THR R 162 33.56 51.44 15.75
CA THR R 162 33.63 50.89 17.10
C THR R 162 33.45 49.38 17.07
N TYR R 163 32.42 48.92 16.33
CA TYR R 163 32.13 47.51 16.25
C TYR R 163 33.38 46.77 15.77
N PHE R 164 33.86 47.12 14.58
CA PHE R 164 35.12 46.59 14.09
C PHE R 164 36.16 46.52 15.20
N ASP R 165 36.26 47.59 15.99
CA ASP R 165 37.35 47.74 16.95
C ASP R 165 37.16 46.78 18.12
N LYS R 166 35.96 46.75 18.70
CA LYS R 166 35.66 45.74 19.72
C LYS R 166 36.17 44.40 19.22
N ALA R 167 35.83 44.08 17.96
CA ALA R 167 36.30 42.85 17.35
C ALA R 167 37.82 42.77 17.45
N ALA R 168 38.50 43.71 16.80
CA ALA R 168 39.96 43.74 16.77
C ALA R 168 40.52 43.47 18.16
N ALA R 169 40.02 44.23 19.15
CA ALA R 169 40.55 44.20 20.50
C ALA R 169 40.42 42.81 21.13
N SER R 170 39.22 42.23 21.08
CA SER R 170 38.94 41.03 21.83
C SER R 170 39.66 39.83 21.21
N ILE R 171 39.81 39.85 19.88
CA ILE R 171 40.61 38.86 19.15
C ILE R 171 42.07 38.99 19.56
N ALA R 172 42.58 40.21 19.39
CA ALA R 172 43.94 40.56 19.78
C ALA R 172 44.14 40.36 21.28
N MET S 1 22.52 -0.13 41.45
CA MET S 1 22.20 -1.54 41.81
C MET S 1 20.69 -1.75 41.83
N LYS S 2 20.24 -2.87 41.26
CA LYS S 2 18.84 -3.12 41.06
C LYS S 2 18.25 -3.85 42.27
N THR S 3 17.46 -3.12 43.06
CA THR S 3 16.58 -3.71 44.05
C THR S 3 15.20 -3.14 43.81
N VAL S 4 14.19 -3.74 44.43
CA VAL S 4 12.82 -3.24 44.33
C VAL S 4 12.82 -1.75 44.60
N ILE S 5 13.39 -1.35 45.74
CA ILE S 5 13.28 0.01 46.22
C ILE S 5 13.91 0.97 45.21
N THR S 6 15.11 0.64 44.74
CA THR S 6 15.82 1.49 43.80
C THR S 6 15.00 1.69 42.53
N GLU S 7 14.38 0.62 42.04
CA GLU S 7 13.68 0.65 40.76
C GLU S 7 12.53 1.64 40.80
N VAL S 8 11.66 1.51 41.80
CA VAL S 8 10.47 2.35 41.88
C VAL S 8 10.93 3.81 41.92
N ILE S 9 11.95 4.10 42.74
CA ILE S 9 12.53 5.43 42.75
C ILE S 9 12.88 5.80 41.30
N ALA S 10 13.68 4.96 40.65
CA ALA S 10 14.10 5.21 39.29
C ALA S 10 12.89 5.56 38.41
N SER S 11 11.90 4.66 38.37
CA SER S 11 10.72 4.88 37.53
C SER S 11 10.07 6.20 37.90
N ALA S 12 9.77 6.41 39.19
CA ALA S 12 9.23 7.67 39.65
C ALA S 12 10.08 8.82 39.10
N ASP S 13 11.40 8.69 39.25
CA ASP S 13 12.33 9.75 38.89
C ASP S 13 12.20 10.09 37.41
N SER S 14 12.24 9.05 36.55
CA SER S 14 12.20 9.23 35.12
C SER S 14 11.00 10.09 34.73
N GLN S 15 9.80 9.68 35.17
CA GLN S 15 8.57 10.39 34.85
C GLN S 15 8.62 11.80 35.42
N GLY S 16 9.39 12.01 36.49
CA GLY S 16 9.58 13.30 37.11
C GLY S 16 8.49 13.59 38.15
N ARG S 17 7.94 12.52 38.72
CA ARG S 17 6.77 12.63 39.57
C ARG S 17 7.10 12.08 40.95
N PHE S 18 6.36 12.56 41.96
CA PHE S 18 6.47 12.04 43.30
C PHE S 18 6.06 10.57 43.35
N LEU S 19 6.63 9.86 44.32
CA LEU S 19 6.18 8.52 44.63
C LEU S 19 4.72 8.58 45.04
N ASN S 20 3.86 7.95 44.21
CA ASN S 20 2.44 7.84 44.52
C ASN S 20 2.16 6.43 45.05
N ASN S 21 0.88 6.14 45.24
CA ASN S 21 0.46 4.87 45.80
C ASN S 21 1.07 3.71 45.03
N THR S 22 1.05 3.79 43.69
CA THR S 22 1.48 2.69 42.85
C THR S 22 2.75 2.08 43.40
N GLU S 23 3.77 2.93 43.55
CA GLU S 23 5.11 2.46 43.86
C GLU S 23 5.15 1.89 45.27
N LEU S 24 4.51 2.59 46.20
CA LEU S 24 4.56 2.20 47.59
C LEU S 24 4.06 0.78 47.72
N GLN S 25 2.92 0.47 47.10
CA GLN S 25 2.42 -0.90 47.04
C GLN S 25 3.60 -1.84 46.79
N ALA S 26 4.33 -1.58 45.69
CA ALA S 26 5.46 -2.41 45.32
C ALA S 26 6.44 -2.53 46.48
N ALA S 27 6.94 -1.37 46.95
CA ALA S 27 7.88 -1.35 48.05
C ALA S 27 7.39 -2.26 49.18
N ASN S 28 6.14 -2.05 49.61
CA ASN S 28 5.55 -2.82 50.70
C ASN S 28 5.86 -4.30 50.49
N GLY S 29 5.60 -4.78 49.26
CA GLY S 29 5.88 -6.16 48.89
C GLY S 29 7.27 -6.59 49.32
N ARG S 30 8.29 -5.84 48.86
CA ARG S 30 9.67 -6.11 49.20
C ARG S 30 9.83 -6.31 50.71
N PHE S 31 9.24 -5.42 51.51
CA PHE S 31 9.44 -5.41 52.95
C PHE S 31 8.80 -6.64 53.60
N GLN S 32 7.58 -6.97 53.17
CA GLN S 32 6.90 -8.08 53.79
C GLN S 32 7.68 -9.35 53.50
N ARG S 33 8.15 -9.52 52.27
CA ARG S 33 8.92 -10.70 51.87
C ARG S 33 10.21 -10.81 52.69
N ALA S 34 10.86 -9.67 52.97
CA ALA S 34 12.20 -9.65 53.58
C ALA S 34 12.34 -10.67 54.71
N THR S 35 11.32 -10.76 55.58
CA THR S 35 11.40 -11.63 56.74
C THR S 35 11.84 -13.03 56.33
N ALA S 36 11.20 -13.58 55.29
CA ALA S 36 11.58 -14.87 54.73
C ALA S 36 12.99 -14.79 54.16
N SER S 37 13.24 -13.81 53.27
CA SER S 37 14.55 -13.62 52.65
C SER S 37 15.65 -13.68 53.71
N MET S 38 15.53 -12.81 54.72
CA MET S 38 16.51 -12.65 55.78
C MET S 38 16.85 -14.00 56.41
N GLU S 39 15.78 -14.74 56.73
CA GLU S 39 15.92 -16.06 57.33
C GLU S 39 16.83 -16.92 56.48
N ALA S 40 16.54 -17.00 55.18
CA ALA S 40 17.30 -17.80 54.23
C ALA S 40 18.77 -17.45 54.33
N ALA S 41 19.08 -16.15 54.27
CA ALA S 41 20.45 -15.67 54.33
C ALA S 41 21.17 -16.20 55.57
N ARG S 42 20.53 -16.08 56.74
CA ARG S 42 21.12 -16.55 57.99
C ARG S 42 21.49 -18.03 57.86
N ALA S 43 20.63 -18.81 57.17
CA ALA S 43 20.85 -20.24 57.03
C ALA S 43 22.05 -20.53 56.11
N LEU S 44 22.13 -19.85 54.96
CA LEU S 44 23.24 -20.07 54.04
C LEU S 44 24.55 -19.63 54.68
N THR S 45 24.55 -18.42 55.26
CA THR S 45 25.74 -17.83 55.86
C THR S 45 26.40 -18.83 56.82
N SER S 46 25.56 -19.52 57.61
CA SER S 46 26.03 -20.40 58.68
C SER S 46 26.70 -21.65 58.09
N ASN S 47 26.05 -22.28 57.09
CA ASN S 47 26.50 -23.54 56.55
C ASN S 47 27.48 -23.34 55.41
N ALA S 48 27.89 -22.08 55.17
CA ALA S 48 28.64 -21.71 53.97
C ALA S 48 29.66 -22.79 53.61
N ASP S 49 30.88 -22.65 54.14
CA ASP S 49 31.91 -23.69 54.20
C ASP S 49 31.42 -25.07 53.72
N SER S 50 30.51 -25.69 54.49
CA SER S 50 30.13 -27.08 54.29
C SER S 50 29.55 -27.26 52.89
N LEU S 51 28.71 -26.28 52.50
CA LEU S 51 28.16 -26.22 51.15
C LEU S 51 29.30 -26.17 50.15
N VAL S 52 30.27 -25.28 50.39
CA VAL S 52 31.39 -25.09 49.48
C VAL S 52 32.11 -26.42 49.33
N LYS S 53 32.64 -26.99 50.42
CA LYS S 53 33.34 -28.27 50.34
C LYS S 53 32.56 -29.20 49.41
N GLY S 54 31.31 -29.47 49.81
CA GLY S 54 30.47 -30.45 49.13
C GLY S 54 30.44 -30.19 47.63
N ALA S 55 30.22 -28.92 47.26
CA ALA S 55 30.15 -28.53 45.87
C ALA S 55 31.45 -28.86 45.16
N VAL S 56 32.53 -28.13 45.50
CA VAL S 56 33.83 -28.37 44.89
C VAL S 56 33.95 -29.86 44.61
N GLN S 57 33.83 -30.63 45.70
CA GLN S 57 33.94 -32.08 45.64
C GLN S 57 33.14 -32.58 44.45
N GLU S 58 31.81 -32.45 44.55
CA GLU S 58 30.86 -32.89 43.53
C GLU S 58 31.47 -32.72 42.14
N VAL S 59 31.81 -31.47 41.81
CA VAL S 59 32.36 -31.13 40.50
C VAL S 59 33.36 -32.20 40.06
N TYR S 60 34.28 -32.57 40.94
CA TYR S 60 35.32 -33.54 40.63
C TYR S 60 34.74 -34.91 40.32
N ASN S 61 33.72 -35.33 41.07
CA ASN S 61 33.07 -36.61 40.82
C ASN S 61 32.48 -36.56 39.41
N LYS S 62 31.80 -35.44 39.13
CA LYS S 62 31.11 -35.23 37.87
C LYS S 62 32.08 -35.24 36.70
N PHE S 63 33.28 -34.68 36.90
CA PHE S 63 34.25 -34.51 35.83
C PHE S 63 35.61 -35.05 36.26
N PRO S 64 35.73 -36.39 36.41
CA PRO S 64 36.90 -36.97 37.07
C PRO S 64 38.21 -36.42 36.49
N TYR S 65 38.27 -36.37 35.16
CA TYR S 65 39.48 -36.05 34.42
C TYR S 65 40.13 -34.76 34.91
N LEU S 66 39.32 -33.84 35.47
CA LEU S 66 39.84 -32.55 35.91
C LEU S 66 40.99 -32.71 36.91
N THR S 67 40.94 -33.77 37.73
CA THR S 67 41.89 -33.97 38.81
C THR S 67 43.18 -34.61 38.28
N GLN S 68 43.18 -35.06 37.02
CA GLN S 68 44.36 -35.67 36.42
C GLN S 68 45.41 -34.59 36.18
N PRO S 69 46.73 -34.94 36.23
CA PRO S 69 47.79 -33.97 35.97
C PRO S 69 47.76 -33.42 34.53
N GLY S 70 48.07 -32.14 34.41
CA GLY S 70 48.02 -31.43 33.13
C GLY S 70 46.63 -30.83 32.85
N GLN S 71 45.68 -31.05 33.78
CA GLN S 71 44.35 -30.50 33.66
C GLN S 71 44.24 -29.29 34.59
N MET S 72 43.04 -28.68 34.59
CA MET S 72 42.79 -27.46 35.34
C MET S 72 42.46 -27.78 36.79
N GLY S 73 41.71 -28.88 37.02
CA GLY S 73 41.32 -29.29 38.35
C GLY S 73 42.51 -29.76 39.20
N TYR S 74 43.69 -29.83 38.56
CA TYR S 74 44.83 -30.49 39.16
C TYR S 74 45.78 -29.47 39.80
N GLY S 75 46.32 -29.86 40.96
CA GLY S 75 47.25 -29.02 41.68
C GLY S 75 46.50 -27.98 42.52
N ASP S 76 46.94 -27.85 43.78
CA ASP S 76 46.17 -27.26 44.86
C ASP S 76 45.71 -25.85 44.54
N THR S 77 46.64 -25.06 43.96
CA THR S 77 46.40 -23.68 43.58
C THR S 77 45.02 -23.58 42.95
N ASN S 78 44.80 -24.44 41.95
CA ASN S 78 43.59 -24.45 41.15
C ASN S 78 42.41 -24.77 42.06
N GLN S 79 42.58 -25.82 42.89
CA GLN S 79 41.55 -26.24 43.83
C GLN S 79 41.18 -25.06 44.73
N ALA S 80 42.19 -24.42 45.31
CA ALA S 80 42.00 -23.22 46.13
C ALA S 80 41.11 -22.23 45.37
N LYS S 81 41.56 -21.83 44.17
CA LYS S 81 40.80 -20.91 43.33
C LYS S 81 39.37 -21.42 43.27
N CYS S 82 39.20 -22.64 42.74
CA CYS S 82 37.88 -23.22 42.59
C CYS S 82 37.03 -22.98 43.83
N ALA S 83 37.59 -23.26 45.02
CA ALA S 83 36.89 -23.02 46.28
C ALA S 83 36.51 -21.55 46.37
N ARG S 84 37.53 -20.68 46.44
CA ARG S 84 37.34 -19.24 46.47
C ARG S 84 36.12 -18.87 45.64
N ASP S 85 36.19 -19.16 44.34
CA ASP S 85 35.19 -18.74 43.37
C ASP S 85 33.80 -19.07 43.92
N ILE S 86 33.58 -20.34 44.23
CA ILE S 86 32.26 -20.76 44.67
C ILE S 86 31.87 -19.96 45.90
N SER S 87 32.75 -19.87 46.90
CA SER S 87 32.49 -19.01 48.03
C SER S 87 31.83 -17.74 47.52
N HIS S 88 32.52 -17.02 46.62
CA HIS S 88 32.01 -15.79 46.06
C HIS S 88 30.55 -15.95 45.69
N TYR S 89 30.27 -16.83 44.72
CA TYR S 89 28.91 -17.02 44.25
C TYR S 89 27.96 -17.00 45.45
N LEU S 90 28.28 -17.85 46.44
CA LEU S 90 27.46 -17.96 47.61
C LEU S 90 27.32 -16.59 48.25
N ARG S 91 28.45 -16.01 48.64
CA ARG S 91 28.48 -14.70 49.27
C ARG S 91 27.44 -13.81 48.63
N PHE S 92 27.59 -13.59 47.32
CA PHE S 92 26.71 -12.70 46.61
C PHE S 92 25.26 -13.12 46.82
N ILE S 93 24.97 -14.40 46.62
CA ILE S 93 23.60 -14.85 46.76
C ILE S 93 23.04 -14.29 48.06
N THR S 94 23.72 -14.58 49.18
CA THR S 94 23.27 -14.05 50.46
C THR S 94 22.94 -12.57 50.28
N TYR S 95 23.94 -11.81 49.85
CA TYR S 95 23.76 -10.37 49.65
C TYR S 95 22.39 -10.13 49.02
N SER S 96 22.16 -10.76 47.87
CA SER S 96 20.98 -10.48 47.07
C SER S 96 19.71 -10.75 47.87
N LEU S 97 19.68 -11.85 48.64
CA LEU S 97 18.54 -12.14 49.49
C LEU S 97 18.22 -10.93 50.36
N VAL S 98 19.27 -10.38 50.98
CA VAL S 98 19.13 -9.32 51.96
C VAL S 98 18.70 -8.02 51.26
N ALA S 99 19.38 -7.72 50.14
CA ALA S 99 19.10 -6.51 49.40
C ALA S 99 17.69 -6.53 48.82
N GLY S 100 17.14 -7.74 48.61
CA GLY S 100 15.84 -7.87 48.00
C GLY S 100 15.91 -7.38 46.55
N GLY S 101 16.75 -8.03 45.76
CA GLY S 101 16.90 -7.76 44.35
C GLY S 101 18.06 -8.58 43.79
N THR S 102 18.12 -8.73 42.47
CA THR S 102 19.22 -9.45 41.85
C THR S 102 20.45 -8.55 41.83
N GLY S 103 20.21 -7.23 41.89
CA GLY S 103 21.27 -6.23 41.81
C GLY S 103 22.64 -6.85 42.13
N PRO S 104 22.93 -7.14 43.41
CA PRO S 104 24.29 -7.54 43.81
C PRO S 104 24.86 -8.58 42.84
N LEU S 105 24.07 -9.61 42.55
CA LEU S 105 24.49 -10.66 41.64
C LEU S 105 24.91 -10.06 40.30
N ASP S 106 23.99 -9.29 39.70
CA ASP S 106 24.19 -8.75 38.37
C ASP S 106 25.58 -8.13 38.23
N ASP S 107 25.92 -7.24 39.18
CA ASP S 107 27.02 -6.31 39.01
C ASP S 107 28.36 -7.00 39.29
N TYR S 108 28.37 -7.90 40.27
CA TYR S 108 29.60 -8.58 40.64
C TYR S 108 29.78 -9.76 39.71
N ILE S 109 28.80 -10.67 39.70
CA ILE S 109 28.99 -11.96 39.07
C ILE S 109 28.75 -11.85 37.57
N VAL S 110 27.55 -11.38 37.19
CA VAL S 110 27.00 -11.66 35.88
C VAL S 110 27.70 -10.82 34.83
N ALA S 111 27.72 -9.52 35.05
CA ALA S 111 28.31 -8.58 34.10
C ALA S 111 29.75 -8.98 33.81
N GLY S 112 30.04 -9.27 32.55
CA GLY S 112 31.39 -9.65 32.13
C GLY S 112 31.66 -11.13 32.36
N LEU S 113 30.64 -11.88 32.79
CA LEU S 113 30.84 -13.28 33.13
C LEU S 113 31.49 -13.98 31.95
N ARG S 114 30.82 -13.90 30.80
CA ARG S 114 31.17 -14.65 29.60
C ARG S 114 32.67 -14.54 29.32
N GLU S 115 33.17 -13.30 29.23
CA GLU S 115 34.44 -13.02 28.61
C GLU S 115 35.57 -13.50 29.51
N VAL S 116 35.46 -13.13 30.79
CA VAL S 116 36.30 -13.72 31.82
C VAL S 116 36.41 -15.21 31.51
N ASN S 117 35.28 -15.91 31.58
CA ASN S 117 35.24 -17.36 31.46
C ASN S 117 35.91 -17.81 30.17
N ARG S 118 35.66 -17.07 29.09
CA ARG S 118 36.20 -17.43 27.79
C ARG S 118 37.72 -17.34 27.81
N THR S 119 38.24 -16.23 28.33
CA THR S 119 39.65 -15.90 28.20
C THR S 119 40.49 -16.83 29.09
N PHE S 120 39.91 -17.32 30.17
CA PHE S 120 40.58 -18.25 31.08
C PHE S 120 40.13 -19.69 30.86
N ASN S 121 39.17 -19.90 29.95
CA ASN S 121 38.75 -21.24 29.56
C ASN S 121 38.12 -21.97 30.74
N LEU S 122 37.38 -21.23 31.55
CA LEU S 122 36.55 -21.83 32.59
C LEU S 122 35.25 -22.27 31.92
N SER S 123 34.91 -23.54 32.08
CA SER S 123 33.68 -24.08 31.50
C SER S 123 32.50 -23.75 32.42
N PRO S 124 31.49 -23.00 31.94
CA PRO S 124 30.34 -22.67 32.78
C PRO S 124 29.85 -23.91 33.51
N SER S 125 29.60 -24.97 32.73
CA SER S 125 29.18 -26.27 33.25
C SER S 125 29.61 -26.45 34.70
N TRP S 126 30.93 -26.42 34.96
CA TRP S 126 31.45 -26.66 36.29
C TRP S 126 30.61 -25.89 37.31
N TYR S 127 30.76 -24.58 37.30
CA TYR S 127 30.04 -23.74 38.24
C TYR S 127 28.65 -24.32 38.41
N ILE S 128 27.95 -24.49 37.29
CA ILE S 128 26.58 -24.93 37.36
C ILE S 128 26.47 -26.07 38.37
N GLU S 129 27.23 -27.16 38.15
CA GLU S 129 27.12 -28.31 39.04
C GLU S 129 27.20 -27.84 40.48
N ALA S 130 28.31 -27.16 40.81
CA ALA S 130 28.47 -26.57 42.11
C ALA S 130 27.10 -26.10 42.60
N LEU S 131 26.54 -25.12 41.88
CA LEU S 131 25.25 -24.56 42.26
C LEU S 131 24.25 -25.66 42.51
N LYS S 132 23.97 -26.49 41.50
CA LYS S 132 22.96 -27.54 41.62
C LYS S 132 23.15 -28.30 42.92
N HIS S 133 24.35 -28.88 43.09
CA HIS S 133 24.64 -29.62 44.31
C HIS S 133 24.20 -28.80 45.52
N ILE S 134 24.64 -27.53 45.57
CA ILE S 134 24.24 -26.62 46.63
C ILE S 134 22.72 -26.65 46.78
N LYS S 135 22.03 -26.29 45.70
CA LYS S 135 20.58 -26.17 45.70
C LYS S 135 19.98 -27.36 46.44
N GLY S 136 20.46 -28.57 46.08
CA GLY S 136 20.01 -29.82 46.69
C GLY S 136 20.17 -29.83 48.21
N LYS S 137 21.33 -29.39 48.70
CA LYS S 137 21.60 -29.34 50.13
C LYS S 137 20.67 -28.33 50.80
N VAL S 138 20.65 -27.10 50.24
CA VAL S 138 19.79 -26.04 50.74
C VAL S 138 18.36 -26.56 50.87
N GLY S 139 17.95 -27.42 49.93
CA GLY S 139 16.62 -28.01 49.93
C GLY S 139 16.32 -28.90 51.14
N SER S 140 17.21 -28.90 52.14
CA SER S 140 16.98 -29.62 53.39
C SER S 140 16.90 -28.66 54.58
N GLN S 141 17.85 -27.71 54.65
CA GLN S 141 18.01 -26.82 55.80
C GLN S 141 16.86 -25.81 55.83
N LEU S 142 16.27 -25.55 54.65
CA LEU S 142 15.22 -24.55 54.50
C LEU S 142 13.91 -25.22 54.10
N SER S 143 12.85 -24.40 54.10
CA SER S 143 11.50 -24.87 53.83
C SER S 143 10.57 -23.68 53.60
N GLY S 144 9.48 -23.92 52.86
CA GLY S 144 8.49 -22.90 52.60
C GLY S 144 9.09 -21.72 51.85
N GLN S 145 8.60 -20.51 52.14
CA GLN S 145 8.98 -19.32 51.41
C GLN S 145 10.50 -19.13 51.49
N PRO S 146 11.10 -19.16 52.70
CA PRO S 146 12.56 -19.03 52.81
C PRO S 146 13.25 -19.83 51.72
N LEU S 147 12.93 -21.13 51.63
CA LEU S 147 13.47 -21.98 50.59
C LEU S 147 13.25 -21.34 49.22
N THR S 148 11.97 -21.13 48.87
CA THR S 148 11.61 -20.63 47.55
C THR S 148 12.58 -19.51 47.17
N GLU S 149 12.72 -18.52 48.05
CA GLU S 149 13.61 -17.39 47.79
C GLU S 149 15.01 -17.90 47.44
N ALA S 150 15.60 -18.69 48.34
CA ALA S 150 16.94 -19.23 48.12
C ALA S 150 17.07 -19.73 46.68
N ASN S 151 16.14 -20.62 46.29
CA ASN S 151 16.15 -21.19 44.94
C ASN S 151 16.26 -20.06 43.92
N ALA S 152 15.19 -19.25 43.80
CA ALA S 152 15.14 -18.17 42.83
C ALA S 152 16.54 -17.68 42.50
N TYR S 153 17.23 -17.18 43.53
CA TYR S 153 18.52 -16.54 43.33
C TYR S 153 19.53 -17.55 42.80
N ILE S 154 19.67 -18.70 43.48
CA ILE S 154 20.59 -19.72 43.00
C ILE S 154 20.40 -19.90 41.50
N ASP S 155 19.15 -20.18 41.11
CA ASP S 155 18.82 -20.42 39.71
C ASP S 155 19.30 -19.27 38.86
N TYR S 156 18.80 -18.08 39.17
CA TYR S 156 19.11 -16.88 38.42
C TYR S 156 20.52 -16.95 37.85
N CYS S 157 21.47 -17.45 38.65
CA CYS S 157 22.85 -17.64 38.22
C CYS S 157 22.97 -18.77 37.20
N ILE S 158 22.43 -19.94 37.53
CA ILE S 158 22.41 -21.04 36.59
C ILE S 158 22.09 -20.47 35.21
N ASN S 159 20.96 -19.73 35.14
CA ASN S 159 20.48 -19.19 33.87
C ASN S 159 21.50 -18.23 33.26
N ALA S 160 22.13 -17.40 34.10
CA ALA S 160 23.10 -16.43 33.62
C ALA S 160 24.36 -17.14 33.10
N LEU S 161 24.76 -18.21 33.80
CA LEU S 161 25.94 -18.98 33.46
C LEU S 161 25.75 -19.69 32.13
N SER S 162 24.62 -20.40 32.02
CA SER S 162 24.20 -21.04 30.79
C SER S 162 23.61 -19.98 29.84
N MET T 1 22.33 3.43 41.50
CA MET T 1 21.89 4.16 42.71
C MET T 1 22.28 3.33 43.94
N GLN T 2 21.78 3.79 45.09
CA GLN T 2 22.09 3.18 46.37
C GLN T 2 20.91 3.36 47.33
N ASP T 3 20.92 2.52 48.38
CA ASP T 3 20.01 2.68 49.51
C ASP T 3 20.59 1.89 50.67
N ALA T 4 19.91 1.95 51.83
CA ALA T 4 20.41 1.40 53.08
C ALA T 4 20.96 -0.01 52.90
N PHE T 5 20.13 -0.91 52.35
CA PHE T 5 20.50 -2.31 52.18
C PHE T 5 21.76 -2.40 51.32
N THR T 6 21.61 -2.02 50.04
CA THR T 6 22.67 -2.12 49.06
C THR T 6 23.98 -1.65 49.69
N LYS T 7 23.90 -0.48 50.34
CA LYS T 7 25.06 0.15 50.97
C LYS T 7 25.81 -0.86 51.83
N ALA T 8 25.11 -1.39 52.83
CA ALA T 8 25.71 -2.29 53.80
C ALA T 8 26.41 -3.43 53.07
N ILE T 9 25.70 -4.01 52.09
CA ILE T 9 26.28 -5.01 51.21
C ILE T 9 27.66 -4.53 50.77
N VAL T 10 27.67 -3.40 50.05
CA VAL T 10 28.87 -2.93 49.37
C VAL T 10 30.03 -2.95 50.35
N ALA T 11 29.84 -2.27 51.50
CA ALA T 11 30.83 -2.25 52.56
C ALA T 11 31.35 -3.67 52.80
N ALA T 12 30.43 -4.60 53.10
CA ALA T 12 30.77 -5.98 53.42
C ALA T 12 31.65 -6.57 52.32
N ASP T 13 31.31 -6.25 51.05
CA ASP T 13 31.99 -6.80 49.90
C ASP T 13 33.50 -6.52 49.97
N LEU T 14 33.86 -5.28 50.31
CA LEU T 14 35.24 -4.83 50.20
C LEU T 14 36.10 -5.49 51.27
N ARG T 15 35.50 -5.72 52.44
CA ARG T 15 36.10 -6.54 53.49
C ARG T 15 36.28 -7.96 52.97
N GLY T 16 35.37 -8.38 52.06
CA GLY T 16 35.46 -9.67 51.40
C GLY T 16 34.70 -10.75 52.19
N SER T 17 33.77 -10.30 53.05
CA SER T 17 33.17 -11.16 54.05
C SER T 17 31.67 -11.27 53.85
N PHE T 18 31.11 -12.31 54.44
CA PHE T 18 29.67 -12.45 54.59
C PHE T 18 29.23 -11.37 55.57
N LEU T 19 27.94 -11.02 55.52
CA LEU T 19 27.43 -9.95 56.37
C LEU T 19 27.53 -10.36 57.84
N SER T 20 28.04 -9.42 58.65
CA SER T 20 28.10 -9.62 60.09
C SER T 20 26.68 -9.72 60.63
N GLU T 21 26.52 -10.54 61.69
CA GLU T 21 25.20 -10.75 62.28
C GLU T 21 24.72 -9.42 62.83
N GLN T 22 25.60 -8.70 63.55
CA GLN T 22 25.32 -7.35 64.01
C GLN T 22 24.66 -6.55 62.88
N GLU T 23 25.27 -6.55 61.69
CA GLU T 23 24.84 -5.73 60.56
C GLU T 23 23.44 -6.09 60.08
N LEU T 24 23.20 -7.40 59.97
CA LEU T 24 21.86 -7.90 59.67
C LEU T 24 20.85 -7.22 60.60
N ASN T 25 21.16 -7.15 61.90
CA ASN T 25 20.22 -6.67 62.90
C ASN T 25 19.89 -5.19 62.69
N GLN T 26 20.76 -4.43 62.00
CA GLN T 26 20.42 -3.09 61.58
C GLN T 26 19.26 -3.17 60.59
N LEU T 27 19.44 -4.04 59.61
CA LEU T 27 18.49 -4.17 58.51
C LEU T 27 17.20 -4.80 59.04
N THR T 28 17.32 -5.85 59.84
CA THR T 28 16.17 -6.52 60.43
C THR T 28 15.25 -5.48 61.08
N ASN T 29 15.82 -4.63 61.94
CA ASN T 29 15.10 -3.58 62.64
C ASN T 29 14.51 -2.59 61.62
N LEU T 30 15.32 -2.21 60.63
CA LEU T 30 14.92 -1.25 59.62
C LEU T 30 13.61 -1.70 58.98
N VAL T 31 13.53 -3.00 58.66
CA VAL T 31 12.35 -3.64 58.11
C VAL T 31 11.15 -3.35 59.01
N LYS T 32 11.29 -3.63 60.29
CA LYS T 32 10.21 -3.52 61.25
C LYS T 32 9.56 -2.14 61.16
N GLU T 33 10.38 -1.10 60.98
CA GLU T 33 9.92 0.27 60.94
C GLU T 33 9.22 0.57 59.61
N SER T 34 9.54 -0.19 58.55
CA SER T 34 8.96 0.00 57.23
C SER T 34 7.65 0.75 57.32
N ASN T 35 6.63 0.10 57.90
CA ASN T 35 5.27 0.60 57.88
C ASN T 35 5.30 2.08 58.21
N LYS T 36 5.92 2.42 59.34
CA LYS T 36 6.09 3.80 59.75
C LYS T 36 6.75 4.54 58.59
N ARG T 37 7.96 4.13 58.22
CA ARG T 37 8.70 4.74 57.12
C ARG T 37 7.71 5.11 56.01
N LEU T 38 7.00 4.11 55.50
CA LEU T 38 6.12 4.31 54.36
C LEU T 38 5.17 5.48 54.62
N ASP T 39 4.36 5.39 55.67
CA ASP T 39 3.37 6.41 55.97
C ASP T 39 4.01 7.79 55.92
N ALA T 40 5.20 7.93 56.50
CA ALA T 40 5.92 9.19 56.44
C ALA T 40 5.93 9.69 54.99
N VAL T 41 6.50 8.88 54.09
CA VAL T 41 6.57 9.23 52.67
C VAL T 41 5.18 9.63 52.20
N ASN T 42 4.20 8.74 52.42
CA ASN T 42 2.83 8.95 51.97
C ASN T 42 2.36 10.35 52.36
N ALA T 43 2.62 10.74 53.61
CA ALA T 43 2.19 12.03 54.12
C ALA T 43 2.76 13.16 53.26
N ILE T 44 4.06 13.11 52.95
CA ILE T 44 4.68 14.14 52.14
C ILE T 44 3.95 14.22 50.80
N THR T 45 4.01 13.11 50.05
CA THR T 45 3.44 13.05 48.72
C THR T 45 2.01 13.58 48.72
N GLY T 46 1.23 13.17 49.73
CA GLY T 46 -0.17 13.56 49.83
C GLY T 46 -0.34 15.08 49.91
N ASN T 47 0.58 15.75 50.60
CA ASN T 47 0.41 17.16 50.89
C ASN T 47 1.27 18.00 49.94
N ALA T 48 2.08 17.33 49.11
CA ALA T 48 3.10 17.99 48.32
C ALA T 48 2.71 19.43 47.99
N ALA T 49 1.78 19.60 47.03
CA ALA T 49 1.41 20.91 46.52
C ALA T 49 1.46 21.95 47.64
N GLU T 50 0.73 21.63 48.71
CA GLU T 50 0.55 22.51 49.84
C GLU T 50 1.92 22.89 50.43
N ILE T 51 2.68 21.87 50.87
CA ILE T 51 3.99 22.09 51.48
C ILE T 51 4.64 23.28 50.77
N ILE T 52 4.86 23.11 49.46
CA ILE T 52 5.48 24.15 48.66
C ILE T 52 4.68 25.43 48.83
N SER T 53 3.45 25.46 48.29
CA SER T 53 2.66 26.67 48.32
C SER T 53 2.99 27.43 49.60
N ASP T 54 2.76 26.76 50.74
CA ASP T 54 2.97 27.33 52.05
C ASP T 54 4.36 27.96 52.11
N ALA T 55 5.40 27.12 52.04
CA ALA T 55 6.78 27.59 52.20
C ALA T 55 7.01 28.88 51.40
N ALA T 56 6.62 28.86 50.13
CA ALA T 56 6.77 30.01 49.25
C ALA T 56 6.20 31.27 49.92
N HIS T 57 4.90 31.27 50.22
CA HIS T 57 4.24 32.41 50.86
C HIS T 57 5.16 33.03 51.90
N LYS T 58 5.63 32.18 52.82
CA LYS T 58 6.46 32.61 53.93
C LYS T 58 7.78 33.16 53.40
N LEU T 59 8.39 32.45 52.44
CA LEU T 59 9.64 32.91 51.87
C LEU T 59 9.51 34.36 51.40
N PHE T 60 8.40 34.67 50.71
CA PHE T 60 8.26 35.95 50.02
C PHE T 60 7.81 37.05 50.98
N ALA T 61 7.05 36.67 52.01
CA ALA T 61 6.72 37.61 53.08
C ALA T 61 8.00 38.12 53.74
N GLU T 62 8.98 37.22 53.93
CA GLU T 62 10.24 37.56 54.58
C GLU T 62 11.09 38.45 53.67
N GLN T 63 11.48 37.90 52.51
CA GLN T 63 12.42 38.56 51.61
C GLN T 63 11.68 39.24 50.48
N THR T 64 11.01 40.34 50.82
CA THR T 64 10.17 41.08 49.88
C THR T 64 10.88 41.37 48.56
N ASP T 65 12.18 41.70 48.64
CA ASP T 65 12.96 42.15 47.49
C ASP T 65 12.98 41.12 46.36
N LEU T 66 12.95 39.83 46.71
CA LEU T 66 13.07 38.77 45.72
C LEU T 66 12.03 38.98 44.63
N ILE T 67 10.85 39.46 45.04
CA ILE T 67 9.71 39.63 44.16
C ILE T 67 9.66 41.06 43.60
N ARG T 68 10.61 41.92 43.98
CA ARG T 68 10.61 43.28 43.48
C ARG T 68 11.50 43.36 42.24
N PRO T 69 11.24 44.32 41.32
CA PRO T 69 12.03 44.44 40.10
C PRO T 69 13.50 44.55 40.51
N GLY T 70 14.35 43.78 39.83
CA GLY T 70 15.77 43.73 40.14
C GLY T 70 16.12 42.54 41.04
N GLY T 71 15.12 41.99 41.75
CA GLY T 71 15.33 40.82 42.59
C GLY T 71 15.49 39.56 41.75
N ASN T 72 15.66 38.41 42.40
CA ASN T 72 15.94 37.20 41.64
C ASN T 72 14.66 36.45 41.30
N ALA T 73 13.57 36.62 42.07
CA ALA T 73 12.34 35.88 41.83
C ALA T 73 11.47 36.59 40.76
N TYR T 74 11.80 37.85 40.48
CA TYR T 74 11.17 38.62 39.43
C TYR T 74 11.88 38.38 38.10
N PRO T 75 11.22 38.42 36.92
CA PRO T 75 9.75 38.49 36.79
C PRO T 75 9.10 37.11 36.86
N ASN T 76 7.89 36.96 36.32
CA ASN T 76 7.19 35.69 36.32
C ASN T 76 8.16 34.55 36.00
N ARG T 77 8.73 34.59 34.79
CA ARG T 77 9.60 33.51 34.33
C ARG T 77 10.42 32.98 35.50
N ARG T 78 11.17 33.89 36.13
CA ARG T 78 12.09 33.50 37.19
C ARG T 78 11.27 32.88 38.31
N MET T 79 10.27 33.60 38.79
CA MET T 79 9.41 33.09 39.84
C MET T 79 9.18 31.60 39.59
N ALA T 80 8.65 31.29 38.39
CA ALA T 80 8.30 29.92 38.05
C ALA T 80 9.45 28.99 38.41
N ALA T 81 10.62 29.27 37.82
CA ALA T 81 11.80 28.48 38.10
C ALA T 81 11.89 28.24 39.61
N CYS T 82 11.92 29.32 40.39
CA CYS T 82 12.15 29.22 41.81
C CYS T 82 11.18 28.22 42.44
N LEU T 83 9.91 28.26 42.04
CA LEU T 83 8.94 27.32 42.55
C LEU T 83 9.35 25.91 42.15
N ARG T 84 9.51 25.71 40.84
CA ARG T 84 9.94 24.43 40.31
C ARG T 84 11.07 23.89 41.17
N ASP T 85 12.14 24.68 41.34
CA ASP T 85 13.31 24.22 42.06
C ASP T 85 12.89 23.62 43.40
N MET T 86 12.23 24.44 44.22
CA MET T 86 11.84 23.99 45.56
C MET T 86 11.28 22.58 45.45
N GLU T 87 10.24 22.45 44.63
CA GLU T 87 9.57 21.18 44.39
C GLU T 87 10.63 20.09 44.21
N ILE T 88 11.50 20.27 43.21
CA ILE T 88 12.46 19.24 42.87
C ILE T 88 13.11 18.73 44.15
N ILE T 89 13.80 19.66 44.81
CA ILE T 89 14.51 19.34 46.02
C ILE T 89 13.62 18.44 46.87
N LEU T 90 12.39 18.89 47.12
CA LEU T 90 11.45 18.11 47.90
C LEU T 90 11.39 16.69 47.36
N ARG T 91 11.01 16.58 46.07
CA ARG T 91 10.86 15.30 45.42
C ARG T 91 11.99 14.39 45.88
N TYR T 92 13.23 14.84 45.61
CA TYR T 92 14.38 14.03 45.95
C TYR T 92 14.33 13.64 47.42
N VAL T 93 14.32 14.64 48.30
CA VAL T 93 14.31 14.37 49.72
C VAL T 93 13.42 13.17 49.96
N SER T 94 12.15 13.27 49.54
CA SER T 94 11.23 12.15 49.69
C SER T 94 11.95 10.87 49.29
N TYR T 95 12.40 10.78 48.03
CA TYR T 95 13.06 9.59 47.53
C TYR T 95 13.98 9.06 48.61
N ALA T 96 14.97 9.88 48.98
CA ALA T 96 15.93 9.48 50.00
C ALA T 96 15.19 8.81 51.14
N LEU T 97 14.20 9.53 51.68
CA LEU T 97 13.50 9.11 52.89
C LEU T 97 13.08 7.65 52.77
N LEU T 98 12.55 7.29 51.59
CA LEU T 98 12.13 5.92 51.35
C LEU T 98 13.36 5.00 51.36
N ALA T 99 14.36 5.34 50.54
CA ALA T 99 15.54 4.52 50.38
C ALA T 99 16.16 4.21 51.74
N GLY T 100 16.16 5.21 52.62
CA GLY T 100 16.88 5.15 53.87
C GLY T 100 18.34 5.55 53.66
N ASP T 101 18.58 6.45 52.69
CA ASP T 101 19.93 6.86 52.35
C ASP T 101 19.92 8.22 51.64
N ALA T 102 20.90 9.05 51.98
CA ALA T 102 21.09 10.36 51.38
C ALA T 102 21.42 10.27 49.89
N SER T 103 22.25 9.28 49.51
CA SER T 103 22.89 9.21 48.20
C SER T 103 22.01 9.84 47.12
N VAL T 104 20.99 9.10 46.67
CA VAL T 104 20.13 9.54 45.57
C VAL T 104 20.04 11.07 45.56
N LEU T 105 19.71 11.66 46.72
CA LEU T 105 19.55 13.09 46.86
C LEU T 105 20.84 13.81 46.48
N GLU T 106 21.95 13.39 47.09
CA GLU T 106 23.24 14.02 46.88
C GLU T 106 23.60 14.05 45.40
N ASP T 107 23.44 12.91 44.75
CA ASP T 107 24.05 12.63 43.46
C ASP T 107 23.26 13.33 42.37
N ARG T 108 21.96 13.02 42.27
CA ARG T 108 21.10 13.61 41.28
C ARG T 108 20.95 15.11 41.52
N CYS T 109 20.78 15.53 42.78
CA CYS T 109 20.24 16.85 43.03
C CYS T 109 21.34 17.79 43.49
N LEU T 110 21.94 17.50 44.64
CA LEU T 110 22.76 18.46 45.36
C LEU T 110 24.09 18.74 44.68
N ASN T 111 24.62 17.72 43.99
CA ASN T 111 25.94 17.81 43.39
C ASN T 111 25.96 18.92 42.34
N GLY T 112 26.83 19.91 42.55
CA GLY T 112 26.99 21.01 41.62
C GLY T 112 25.94 22.11 41.80
N LEU T 113 24.97 21.90 42.69
CA LEU T 113 23.83 22.78 42.75
C LEU T 113 24.30 24.18 43.12
N LYS T 114 25.10 24.24 44.19
CA LYS T 114 25.64 25.50 44.67
C LYS T 114 26.16 26.32 43.50
N GLU T 115 27.01 25.68 42.70
CA GLU T 115 27.81 26.35 41.69
C GLU T 115 26.89 26.94 40.64
N THR T 116 25.95 26.12 40.18
CA THR T 116 24.88 26.56 39.32
C THR T 116 24.32 27.88 39.88
N TYR T 117 23.78 27.80 41.09
CA TYR T 117 23.12 28.95 41.69
C TYR T 117 24.03 30.15 41.61
N VAL T 118 25.30 29.94 41.94
CA VAL T 118 26.29 31.01 41.90
C VAL T 118 26.32 31.61 40.49
N ALA T 119 26.56 30.77 39.49
CA ALA T 119 26.73 31.24 38.13
C ALA T 119 25.55 32.09 37.69
N LEU T 120 24.34 31.66 38.07
CA LEU T 120 23.11 32.34 37.72
C LEU T 120 23.02 33.70 38.41
N GLY T 121 23.60 33.79 39.61
CA GLY T 121 23.47 34.97 40.45
C GLY T 121 22.35 34.80 41.48
N THR T 122 21.73 33.61 41.48
CA THR T 122 20.76 33.24 42.49
C THR T 122 21.46 33.29 43.86
N PRO T 123 20.84 33.93 44.86
CA PRO T 123 21.45 34.05 46.20
C PRO T 123 21.29 32.76 46.99
N THR T 124 22.39 32.04 47.17
CA THR T 124 22.37 30.71 47.75
C THR T 124 21.65 30.74 49.11
N ARG T 125 21.93 31.79 49.89
CA ARG T 125 21.37 31.95 51.22
C ARG T 125 19.86 31.71 51.19
N SER T 126 19.19 32.48 50.33
CA SER T 126 17.75 32.47 50.25
C SER T 126 17.27 31.06 49.92
N VAL T 127 17.93 30.41 48.95
CA VAL T 127 17.56 29.06 48.57
C VAL T 127 17.54 28.22 49.84
N ALA T 128 18.66 28.20 50.56
CA ALA T 128 18.78 27.42 51.79
C ALA T 128 17.57 27.70 52.68
N ARG T 129 17.31 28.99 52.93
CA ARG T 129 16.18 29.40 53.75
C ARG T 129 14.93 28.62 53.33
N ALA T 130 14.58 28.73 52.04
CA ALA T 130 13.40 28.07 51.50
C ALA T 130 13.40 26.60 51.92
N VAL T 131 14.52 25.90 51.69
CA VAL T 131 14.63 24.50 52.04
C VAL T 131 14.13 24.29 53.46
N GLN T 132 14.65 25.08 54.42
CA GLN T 132 14.23 24.92 55.79
C GLN T 132 12.73 25.15 55.89
N LEU T 133 12.25 26.31 55.43
CA LEU T 133 10.82 26.60 55.47
C LEU T 133 10.05 25.35 55.10
N MET T 134 10.39 24.78 53.95
CA MET T 134 9.82 23.52 53.53
C MET T 134 9.95 22.52 54.66
N LYS T 135 11.18 22.22 55.09
CA LYS T 135 11.40 21.21 56.12
C LYS T 135 10.28 21.25 57.16
N GLU T 136 10.12 22.41 57.81
CA GLU T 136 9.27 22.54 58.99
C GLU T 136 7.83 22.15 58.67
N THR T 137 7.32 22.71 57.56
CA THR T 137 5.98 22.44 57.08
C THR T 137 5.81 20.94 56.89
N ALA T 138 6.76 20.34 56.16
CA ALA T 138 6.74 18.93 55.83
C ALA T 138 6.60 18.10 57.10
N ILE T 139 7.57 18.27 58.01
CA ILE T 139 7.53 17.58 59.30
C ILE T 139 6.13 17.70 59.88
N GLY T 140 5.62 18.95 59.93
CA GLY T 140 4.26 19.23 60.35
C GLY T 140 3.27 18.12 59.98
N TYR T 141 3.27 17.73 58.70
CA TYR T 141 2.38 16.70 58.20
C TYR T 141 2.83 15.31 58.63
N VAL T 142 4.08 14.98 58.32
CA VAL T 142 4.65 13.69 58.69
C VAL T 142 4.16 13.34 60.11
N ASN T 143 4.13 14.34 60.99
CA ASN T 143 4.11 14.08 62.43
C ASN T 143 2.70 14.15 63.01
N SER T 144 1.71 14.62 62.23
CA SER T 144 0.38 14.90 62.77
C SER T 144 -0.73 14.28 61.90
N PRO T 145 -0.56 13.06 61.32
CA PRO T 145 -1.52 12.57 60.35
C PRO T 145 -2.83 12.09 60.97
N SER T 146 -3.75 11.68 60.10
CA SER T 146 -5.14 11.39 60.44
C SER T 146 -5.49 10.00 59.94
N GLY T 147 -6.07 9.18 60.83
CA GLY T 147 -6.52 7.84 60.50
C GLY T 147 -5.40 6.80 60.64
N VAL T 148 -4.19 7.27 60.95
CA VAL T 148 -3.08 6.37 61.13
C VAL T 148 -3.05 5.93 62.59
N THR T 149 -2.65 4.68 62.78
CA THR T 149 -2.37 4.10 64.09
C THR T 149 -1.35 4.97 64.81
N ARG T 150 -1.64 5.34 66.05
CA ARG T 150 -0.82 6.27 66.81
C ARG T 150 0.41 5.53 67.35
N GLY T 151 1.58 6.17 67.24
CA GLY T 151 2.83 5.67 67.79
C GLY T 151 3.91 6.73 67.69
N ASP T 152 5.19 6.33 67.84
CA ASP T 152 6.31 7.25 67.79
C ASP T 152 7.03 7.20 66.44
N CYS T 153 7.10 8.34 65.75
CA CYS T 153 7.77 8.41 64.46
C CYS T 153 9.11 9.15 64.55
N SER T 154 9.42 9.72 65.73
CA SER T 154 10.61 10.54 65.93
C SER T 154 11.78 10.09 65.06
N ALA T 155 12.22 8.84 65.25
CA ALA T 155 13.37 8.26 64.56
C ALA T 155 13.39 8.70 63.10
N LEU T 156 12.25 8.46 62.42
CA LEU T 156 12.06 8.82 61.02
C LEU T 156 12.10 10.33 60.85
N VAL T 157 11.33 11.05 61.70
CA VAL T 157 11.28 12.50 61.67
C VAL T 157 12.70 13.07 61.61
N ASN T 158 13.61 12.60 62.47
CA ASN T 158 14.95 13.17 62.57
C ASN T 158 15.72 12.93 61.27
N GLU T 159 15.71 11.68 60.81
CA GLU T 159 16.33 11.29 59.56
C GLU T 159 15.83 12.21 58.43
N ALA T 160 14.51 12.41 58.35
CA ALA T 160 13.93 13.39 57.44
C ALA T 160 14.70 14.70 57.57
N ALA T 161 14.64 15.31 58.76
CA ALA T 161 15.36 16.54 59.02
C ALA T 161 16.72 16.48 58.33
N THR T 162 17.57 15.51 58.72
CA THR T 162 18.95 15.44 58.26
C THR T 162 19.00 15.65 56.75
N TYR T 163 18.12 14.96 56.02
CA TYR T 163 18.10 15.04 54.56
C TYR T 163 17.92 16.50 54.17
N PHE T 164 16.82 17.12 54.61
CA PHE T 164 16.62 18.55 54.40
C PHE T 164 17.90 19.32 54.64
N ASP T 165 18.62 18.98 55.71
CA ASP T 165 19.75 19.79 56.17
C ASP T 165 20.93 19.61 55.23
N LYS T 166 21.28 18.35 54.90
CA LYS T 166 22.30 18.13 53.89
C LYS T 166 22.02 19.03 52.71
N ALA T 167 20.75 19.06 52.27
CA ALA T 167 20.35 19.94 51.18
C ALA T 167 20.75 21.36 51.52
N ALA T 168 20.16 21.92 52.58
CA ALA T 168 20.42 23.29 52.99
C ALA T 168 21.91 23.60 52.92
N ALA T 169 22.71 22.73 53.56
CA ALA T 169 24.15 22.95 53.71
C ALA T 169 24.85 23.05 52.36
N SER T 170 24.63 22.06 51.48
CA SER T 170 25.42 21.94 50.26
C SER T 170 25.04 23.06 49.28
N ILE T 171 23.77 23.47 49.31
CA ILE T 171 23.30 24.63 48.54
C ILE T 171 23.97 25.89 49.06
N ALA T 172 23.81 26.10 50.37
CA ALA T 172 24.41 27.23 51.07
C ALA T 172 25.93 27.15 50.99
N MET U 1 9.94 29.45 -1.33
CA MET U 1 10.50 30.71 -1.88
C MET U 1 10.53 31.79 -0.80
N LYS U 2 11.66 32.47 -0.71
CA LYS U 2 11.91 33.40 0.38
C LYS U 2 11.46 34.80 0.01
N THR U 3 10.34 35.22 0.58
CA THR U 3 9.91 36.61 0.55
C THR U 3 9.61 37.01 1.99
N VAL U 4 9.48 38.32 2.22
CA VAL U 4 9.13 38.81 3.55
C VAL U 4 7.96 38.01 4.08
N ILE U 5 6.88 37.95 3.32
CA ILE U 5 5.61 37.41 3.80
C ILE U 5 5.82 35.94 4.19
N THR U 6 6.46 35.17 3.30
CA THR U 6 6.65 33.75 3.54
C THR U 6 7.43 33.54 4.84
N GLU U 7 8.46 34.35 5.08
CA GLU U 7 9.36 34.13 6.20
C GLU U 7 8.62 34.27 7.53
N VAL U 8 7.90 35.39 7.69
CA VAL U 8 7.23 35.64 8.94
C VAL U 8 6.28 34.48 9.22
N ILE U 9 5.51 34.07 8.20
CA ILE U 9 4.67 32.89 8.33
C ILE U 9 5.53 31.75 8.86
N ALA U 10 6.62 31.44 8.15
CA ALA U 10 7.52 30.36 8.54
C ALA U 10 7.86 30.49 10.02
N SER U 11 8.43 31.63 10.42
CA SER U 11 8.86 31.83 11.80
C SER U 11 7.67 31.60 12.74
N ALA U 12 6.55 32.28 12.48
CA ALA U 12 5.34 32.08 13.25
C ALA U 12 5.06 30.58 13.36
N ASP U 13 5.11 29.90 12.21
CA ASP U 13 4.72 28.50 12.12
C ASP U 13 5.61 27.65 13.02
N SER U 14 6.94 27.84 12.90
CA SER U 14 7.90 27.06 13.65
C SER U 14 7.56 27.09 15.14
N GLN U 15 7.44 28.31 15.69
CA GLN U 15 7.15 28.49 17.11
C GLN U 15 5.79 27.88 17.46
N GLY U 16 4.90 27.80 16.47
CA GLY U 16 3.60 27.18 16.64
C GLY U 16 2.55 28.18 17.14
N ARG U 17 2.79 29.46 16.84
CA ARG U 17 1.96 30.52 17.38
C ARG U 17 1.33 31.31 16.25
N PHE U 18 0.19 31.95 16.55
CA PHE U 18 -0.47 32.85 15.63
C PHE U 18 0.44 34.00 15.24
N LEU U 19 0.20 34.51 14.02
CA LEU U 19 0.77 35.78 13.60
C LEU U 19 0.29 36.85 14.56
N ASN U 20 1.21 37.44 15.32
CA ASN U 20 0.90 38.55 16.21
C ASN U 20 1.36 39.85 15.55
N ASN U 21 1.26 40.95 16.32
CA ASN U 21 1.60 42.25 15.81
C ASN U 21 3.00 42.26 15.21
N THR U 22 3.96 41.63 15.90
CA THR U 22 5.36 41.67 15.49
C THR U 22 5.46 41.48 13.98
N GLU U 23 4.90 40.38 13.50
CA GLU U 23 5.10 39.96 12.13
C GLU U 23 4.41 40.93 11.18
N LEU U 24 3.18 41.32 11.53
CA LEU U 24 2.40 42.18 10.67
C LEU U 24 3.19 43.45 10.38
N GLN U 25 3.73 44.08 11.43
CA GLN U 25 4.61 45.22 11.25
C GLN U 25 5.55 44.94 10.07
N ALA U 26 6.27 43.82 10.14
CA ALA U 26 7.22 43.45 9.09
C ALA U 26 6.52 43.44 7.74
N ALA U 27 5.45 42.63 7.62
CA ALA U 27 4.72 42.55 6.37
C ALA U 27 4.43 43.94 5.83
N ASN U 28 3.84 44.80 6.68
CA ASN U 28 3.48 46.15 6.29
C ASN U 28 4.65 46.79 5.54
N GLY U 29 5.85 46.68 6.11
CA GLY U 29 7.06 47.20 5.50
C GLY U 29 7.16 46.81 4.04
N ARG U 30 7.13 45.49 3.78
CA ARG U 30 7.20 44.97 2.43
C ARG U 30 6.20 45.68 1.52
N PHE U 31 4.95 45.86 1.98
CA PHE U 31 3.89 46.41 1.15
C PHE U 31 4.12 47.88 0.85
N GLN U 32 4.55 48.64 1.83
CA GLN U 32 4.80 50.05 1.65
C GLN U 32 5.86 50.22 0.57
N ARG U 33 6.95 49.47 0.69
CA ARG U 33 8.06 49.53 -0.25
C ARG U 33 7.61 49.17 -1.68
N ALA U 34 6.70 48.19 -1.79
CA ALA U 34 6.31 47.61 -3.08
C ALA U 34 6.11 48.68 -4.16
N THR U 35 5.44 49.78 -3.82
CA THR U 35 5.12 50.83 -4.78
C THR U 35 6.37 51.22 -5.56
N ALA U 36 7.48 51.48 -4.85
CA ALA U 36 8.76 51.75 -5.47
C ALA U 36 9.23 50.54 -6.28
N SER U 37 9.28 49.37 -5.64
CA SER U 37 9.70 48.12 -6.28
C SER U 37 9.00 47.96 -7.62
N MET U 38 7.67 48.00 -7.59
CA MET U 38 6.81 47.79 -8.75
C MET U 38 7.22 48.70 -9.89
N GLU U 39 7.41 49.98 -9.56
CA GLU U 39 7.82 50.99 -10.53
C GLU U 39 9.08 50.52 -11.24
N ALA U 40 10.10 50.13 -10.46
CA ALA U 40 11.38 49.69 -11.00
C ALA U 40 11.16 48.58 -12.02
N ALA U 41 10.36 47.57 -11.64
CA ALA U 41 10.09 46.43 -12.51
C ALA U 41 9.53 46.89 -13.85
N ARG U 42 8.52 47.78 -13.81
CA ARG U 42 7.93 48.30 -15.04
C ARG U 42 9.01 48.91 -15.93
N ALA U 43 9.99 49.60 -15.33
CA ALA U 43 11.05 50.26 -16.07
C ALA U 43 11.98 49.24 -16.72
N LEU U 44 12.42 48.21 -15.97
CA LEU U 44 13.31 47.20 -16.52
C LEU U 44 12.60 46.44 -17.63
N THR U 45 11.38 45.97 -17.33
CA THR U 45 10.60 45.15 -18.25
C THR U 45 10.55 45.81 -19.63
N SER U 46 10.36 47.14 -19.65
CA SER U 46 10.16 47.89 -20.88
C SER U 46 11.44 47.95 -21.71
N ASN U 47 12.56 48.27 -21.04
CA ASN U 47 13.84 48.48 -21.73
C ASN U 47 14.61 47.18 -21.88
N ALA U 48 14.00 46.05 -21.52
CA ALA U 48 14.69 44.78 -21.40
C ALA U 48 15.73 44.61 -22.51
N ASP U 49 15.31 44.01 -23.63
CA ASP U 49 16.00 44.02 -24.91
C ASP U 49 17.23 44.93 -24.94
N SER U 50 17.01 46.26 -24.87
CA SER U 50 18.06 47.25 -25.11
C SER U 50 19.19 47.04 -24.11
N LEU U 51 18.81 46.80 -22.85
CA LEU U 51 19.75 46.47 -21.79
C LEU U 51 20.54 45.24 -22.19
N VAL U 52 19.83 44.19 -22.64
CA VAL U 52 20.44 42.94 -23.02
C VAL U 52 21.48 43.21 -24.11
N LYS U 53 21.05 43.75 -25.27
CA LYS U 53 21.98 44.04 -26.34
C LYS U 53 23.25 44.65 -25.74
N GLY U 54 23.06 45.81 -25.06
CA GLY U 54 24.15 46.60 -24.55
C GLY U 54 25.12 45.74 -23.74
N ALA U 55 24.56 44.94 -22.83
CA ALA U 55 25.35 44.07 -21.98
C ALA U 55 26.18 43.11 -22.82
N VAL U 56 25.50 42.15 -23.48
CA VAL U 56 26.19 41.18 -24.33
C VAL U 56 27.38 41.87 -24.96
N GLN U 57 27.06 42.93 -25.70
CA GLN U 57 28.05 43.70 -26.42
C GLN U 57 29.23 43.95 -25.50
N GLU U 58 29.00 44.77 -24.46
CA GLU U 58 30.00 45.14 -23.47
C GLU U 58 30.98 43.99 -23.24
N VAL U 59 30.44 42.86 -22.79
CA VAL U 59 31.23 41.69 -22.47
C VAL U 59 32.32 41.49 -23.53
N TYR U 60 31.94 41.54 -24.81
CA TYR U 60 32.86 41.31 -25.90
C TYR U 60 33.95 42.37 -25.95
N ASN U 61 33.59 43.64 -25.70
CA ASN U 61 34.58 44.70 -25.67
C ASN U 61 35.60 44.41 -24.57
N LYS U 62 35.05 44.02 -23.41
CA LYS U 62 35.84 43.74 -22.22
C LYS U 62 36.78 42.57 -22.46
N PHE U 63 36.32 41.56 -23.20
CA PHE U 63 37.07 40.33 -23.38
C PHE U 63 37.16 39.98 -24.86
N PRO U 64 37.92 40.78 -25.65
CA PRO U 64 37.85 40.68 -27.11
C PRO U 64 37.98 39.24 -27.59
N TYR U 65 38.97 38.54 -27.01
CA TYR U 65 39.38 37.22 -27.46
C TYR U 65 38.20 36.26 -27.57
N LEU U 66 37.13 36.50 -26.80
CA LEU U 66 35.97 35.62 -26.80
C LEU U 66 35.39 35.44 -28.21
N THR U 67 35.47 36.50 -29.03
CA THR U 67 34.85 36.51 -30.35
C THR U 67 35.74 35.81 -31.38
N GLN U 68 36.99 35.48 -31.01
CA GLN U 68 37.91 34.79 -31.91
C GLN U 68 37.45 33.35 -32.10
N PRO U 69 37.74 32.72 -33.27
CA PRO U 69 37.37 31.32 -33.51
C PRO U 69 38.07 30.35 -32.55
N GLY U 70 37.32 29.31 -32.15
CA GLY U 70 37.80 28.33 -31.20
C GLY U 70 37.51 28.74 -29.75
N GLN U 71 36.91 29.92 -29.56
CA GLN U 71 36.56 30.41 -28.23
C GLN U 71 35.06 30.19 -27.99
N MET U 72 34.58 30.64 -26.83
CA MET U 72 33.20 30.46 -26.41
C MET U 72 32.30 31.52 -27.02
N GLY U 73 32.82 32.77 -27.08
CA GLY U 73 32.06 33.89 -27.60
C GLY U 73 31.84 33.78 -29.10
N TYR U 74 32.42 32.75 -29.73
CA TYR U 74 32.49 32.68 -31.17
C TYR U 74 31.40 31.76 -31.73
N GLY U 75 30.82 32.17 -32.86
CA GLY U 75 29.78 31.40 -33.51
C GLY U 75 28.43 31.69 -32.85
N ASP U 76 27.43 31.93 -33.69
CA ASP U 76 26.17 32.58 -33.35
C ASP U 76 25.45 31.88 -32.20
N THR U 77 25.43 30.54 -32.28
CA THR U 77 24.80 29.67 -31.29
C THR U 77 25.12 30.22 -29.90
N ASN U 78 26.43 30.40 -29.68
CA ASN U 78 26.97 30.79 -28.40
C ASN U 78 26.43 32.19 -28.07
N GLN U 79 26.51 33.09 -29.05
CA GLN U 79 26.02 34.46 -28.88
C GLN U 79 24.55 34.43 -28.46
N ALA U 80 23.74 33.65 -29.20
CA ALA U 80 22.34 33.46 -28.85
C ALA U 80 22.22 33.06 -27.39
N LYS U 81 22.89 31.96 -27.01
CA LYS U 81 22.90 31.49 -25.63
C LYS U 81 23.22 32.68 -24.73
N CYS U 82 24.39 33.29 -24.93
CA CYS U 82 24.83 34.42 -24.11
C CYS U 82 23.69 35.41 -23.92
N ALA U 83 22.98 35.77 -24.99
CA ALA U 83 21.84 36.66 -24.91
C ALA U 83 20.80 36.07 -23.96
N ARG U 84 20.24 34.92 -24.38
CA ARG U 84 19.28 34.18 -23.56
C ARG U 84 19.63 34.32 -22.09
N ASP U 85 20.82 33.84 -21.71
CA ASP U 85 21.25 33.78 -20.32
C ASP U 85 20.97 35.11 -19.64
N ILE U 86 21.54 36.18 -20.20
CA ILE U 86 21.41 37.48 -19.56
C ILE U 86 19.93 37.82 -19.43
N SER U 87 19.17 37.69 -20.52
CA SER U 87 17.72 37.85 -20.41
C SER U 87 17.27 37.24 -19.09
N HIS U 88 17.53 35.94 -18.92
CA HIS U 88 17.12 35.23 -17.71
C HIS U 88 17.42 36.10 -16.50
N TYR U 89 18.71 36.36 -16.24
CA TYR U 89 19.10 37.10 -15.06
C TYR U 89 18.14 38.26 -14.87
N LEU U 90 17.96 39.04 -15.93
CA LEU U 90 17.09 40.19 -15.87
C LEU U 90 15.70 39.74 -15.43
N ARG U 91 15.10 38.87 -16.23
CA ARG U 91 13.78 38.34 -15.94
C ARG U 91 13.63 38.14 -14.45
N PHE U 92 14.48 37.29 -13.88
CA PHE U 92 14.40 36.98 -12.46
C PHE U 92 14.42 38.25 -11.65
N ILE U 93 15.38 39.12 -11.92
CA ILE U 93 15.48 40.33 -11.13
C ILE U 93 14.09 40.96 -11.03
N THR U 94 13.47 41.23 -12.18
CA THR U 94 12.13 41.80 -12.17
C THR U 94 11.30 41.03 -11.16
N TYR U 95 11.17 39.71 -11.40
CA TYR U 95 10.39 38.86 -10.53
C TYR U 95 10.63 39.28 -9.08
N SER U 96 11.90 39.26 -8.67
CA SER U 96 12.25 39.46 -7.27
C SER U 96 11.74 40.80 -6.76
N LEU U 97 11.87 41.86 -7.59
CA LEU U 97 11.35 43.16 -7.21
C LEU U 97 9.88 43.04 -6.82
N VAL U 98 9.12 42.34 -7.66
CA VAL U 98 7.68 42.23 -7.51
C VAL U 98 7.34 41.38 -6.29
N ALA U 99 8.02 40.23 -6.17
CA ALA U 99 7.79 39.30 -5.08
C ALA U 99 8.16 39.94 -3.74
N GLY U 100 9.07 40.92 -3.77
CA GLY U 100 9.53 41.55 -2.55
C GLY U 100 10.29 40.53 -1.71
N GLY U 101 11.38 40.03 -2.29
CA GLY U 101 12.27 39.07 -1.66
C GLY U 101 13.28 38.58 -2.69
N THR U 102 14.39 38.02 -2.22
CA THR U 102 15.40 37.46 -3.10
C THR U 102 14.90 36.12 -3.64
N GLY U 103 13.98 35.50 -2.91
CA GLY U 103 13.45 34.20 -3.24
C GLY U 103 13.68 33.84 -4.70
N PRO U 104 12.95 34.44 -5.65
CA PRO U 104 12.99 34.01 -7.05
C PRO U 104 14.43 33.81 -7.51
N LEU U 105 15.28 34.80 -7.22
CA LEU U 105 16.68 34.72 -7.59
C LEU U 105 17.31 33.46 -7.03
N ASP U 106 17.20 33.28 -5.71
CA ASP U 106 17.84 32.20 -4.99
C ASP U 106 17.62 30.88 -5.72
N ASP U 107 16.36 30.57 -6.01
CA ASP U 107 15.94 29.23 -6.37
C ASP U 107 16.27 28.92 -7.82
N TYR U 108 16.13 29.93 -8.69
CA TYR U 108 16.40 29.73 -10.10
C TYR U 108 17.90 29.86 -10.32
N ILE U 109 18.43 31.03 -9.98
CA ILE U 109 19.75 31.42 -10.42
C ILE U 109 20.80 30.84 -9.49
N VAL U 110 20.69 31.12 -8.19
CA VAL U 110 21.83 31.04 -7.28
C VAL U 110 22.13 29.58 -6.97
N ALA U 111 21.10 28.86 -6.52
CA ALA U 111 21.28 27.48 -6.09
C ALA U 111 21.81 26.68 -7.27
N GLY U 112 22.98 26.07 -7.07
CA GLY U 112 23.62 25.27 -8.09
C GLY U 112 24.41 26.12 -9.09
N LEU U 113 24.53 27.41 -8.81
CA LEU U 113 25.20 28.31 -9.73
C LEU U 113 26.58 27.75 -10.07
N ARG U 114 27.37 27.53 -9.02
CA ARG U 114 28.78 27.16 -9.13
C ARG U 114 28.97 26.03 -10.13
N GLU U 115 28.23 24.94 -9.94
CA GLU U 115 28.53 23.65 -10.55
C GLU U 115 28.22 23.72 -12.04
N VAL U 116 27.02 24.21 -12.33
CA VAL U 116 26.66 24.59 -13.70
C VAL U 116 27.89 25.25 -14.32
N ASN U 117 28.27 26.41 -13.76
CA ASN U 117 29.31 27.24 -14.31
C ASN U 117 30.60 26.45 -14.48
N ARG U 118 30.91 25.60 -13.50
CA ARG U 118 32.13 24.82 -13.52
C ARG U 118 32.11 23.85 -14.69
N THR U 119 31.00 23.13 -14.84
CA THR U 119 30.94 21.99 -15.74
C THR U 119 30.95 22.48 -17.19
N PHE U 120 30.42 23.69 -17.42
CA PHE U 120 30.39 24.28 -18.74
C PHE U 120 31.48 25.33 -18.93
N ASN U 121 32.27 25.60 -17.88
CA ASN U 121 33.44 26.47 -17.97
C ASN U 121 32.99 27.89 -18.32
N LEU U 122 31.85 28.31 -17.76
CA LEU U 122 31.43 29.68 -17.84
C LEU U 122 32.16 30.43 -16.73
N SER U 123 32.86 31.51 -17.10
CA SER U 123 33.58 32.32 -16.13
C SER U 123 32.60 33.31 -15.51
N PRO U 124 32.41 33.27 -14.17
CA PRO U 124 31.49 34.20 -13.51
C PRO U 124 31.72 35.62 -14.02
N SER U 125 32.99 36.06 -13.97
CA SER U 125 33.41 37.36 -14.44
C SER U 125 32.47 37.88 -15.53
N TRP U 126 32.35 37.14 -16.64
CA TRP U 126 31.54 37.60 -17.76
C TRP U 126 30.22 38.13 -17.24
N TYR U 127 29.36 37.23 -16.76
CA TYR U 127 28.06 37.62 -16.26
C TYR U 127 28.22 38.94 -15.54
N ILE U 128 29.13 38.96 -14.56
CA ILE U 128 29.28 40.14 -13.73
C ILE U 128 29.27 41.37 -14.63
N GLU U 129 30.19 41.45 -15.61
CA GLU U 129 30.28 42.63 -16.45
C GLU U 129 28.88 42.98 -16.96
N ALA U 130 28.26 42.01 -17.64
CA ALA U 130 26.89 42.19 -18.09
C ALA U 130 26.15 42.99 -17.04
N LEU U 131 26.02 42.43 -15.85
CA LEU U 131 25.28 43.07 -14.77
C LEU U 131 25.76 44.51 -14.60
N LYS U 132 27.05 44.70 -14.32
CA LYS U 132 27.57 46.04 -14.07
C LYS U 132 27.11 47.00 -15.15
N HIS U 133 27.42 46.67 -16.41
CA HIS U 133 26.99 47.51 -17.52
C HIS U 133 25.52 47.87 -17.35
N ILE U 134 24.68 46.84 -17.13
CA ILE U 134 23.27 47.03 -16.89
C ILE U 134 23.09 48.09 -15.81
N LYS U 135 23.63 47.80 -14.62
CA LYS U 135 23.47 48.66 -13.46
C LYS U 135 23.65 50.11 -13.87
N GLY U 136 24.73 50.38 -14.63
CA GLY U 136 25.06 51.70 -15.12
C GLY U 136 23.93 52.33 -15.93
N LYS U 137 23.33 51.55 -16.85
CA LYS U 137 22.23 52.03 -17.68
C LYS U 137 21.02 52.32 -16.80
N VAL U 138 20.64 51.32 -15.99
CA VAL U 138 19.52 51.45 -15.06
C VAL U 138 19.68 52.75 -14.26
N GLY U 139 20.93 53.08 -13.91
CA GLY U 139 21.24 54.29 -13.15
C GLY U 139 20.88 55.59 -13.87
N SER U 140 20.17 55.51 -15.02
CA SER U 140 19.69 56.69 -15.72
C SER U 140 18.15 56.72 -15.75
N GLN U 141 17.55 55.57 -16.10
CA GLN U 141 16.11 55.47 -16.32
C GLN U 141 15.35 55.60 -15.00
N LEU U 142 16.03 55.26 -13.90
CA LEU U 142 15.45 55.25 -12.57
C LEU U 142 16.09 56.30 -11.69
N SER U 143 15.50 56.47 -10.50
CA SER U 143 15.89 57.50 -9.56
C SER U 143 15.26 57.25 -8.19
N GLY U 144 15.91 57.75 -7.15
CA GLY U 144 15.41 57.64 -5.79
C GLY U 144 15.24 56.17 -5.38
N GLN U 145 14.22 55.89 -4.57
CA GLN U 145 14.03 54.56 -4.01
C GLN U 145 13.93 53.53 -5.11
N PRO U 146 13.07 53.72 -6.14
CA PRO U 146 12.97 52.78 -7.25
C PRO U 146 14.37 52.29 -7.65
N LEU U 147 15.24 53.26 -7.96
CA LEU U 147 16.62 52.95 -8.31
C LEU U 147 17.23 52.06 -7.23
N THR U 148 17.30 52.59 -5.99
CA THR U 148 17.96 51.89 -4.90
C THR U 148 17.58 50.41 -4.96
N GLU U 149 16.28 50.13 -5.00
CA GLU U 149 15.79 48.75 -5.04
C GLU U 149 16.47 48.00 -6.20
N ALA U 150 16.33 48.52 -7.42
CA ALA U 150 16.93 47.90 -8.59
C ALA U 150 18.34 47.44 -8.27
N ASN U 151 19.17 48.38 -7.80
CA ASN U 151 20.55 48.10 -7.47
C ASN U 151 20.62 46.87 -6.57
N ALA U 152 20.13 47.01 -5.33
CA ALA U 152 20.17 45.93 -4.35
C ALA U 152 20.17 44.58 -5.04
N TYR U 153 19.09 44.32 -5.80
CA TYR U 153 18.90 43.01 -6.41
C TYR U 153 20.02 42.73 -7.40
N ILE U 154 20.26 43.65 -8.34
CA ILE U 154 21.32 43.46 -9.30
C ILE U 154 22.58 42.98 -8.57
N ASP U 155 23.00 43.76 -7.56
CA ASP U 155 24.20 43.47 -6.79
C ASP U 155 24.12 42.05 -6.25
N TYR U 156 23.08 41.81 -5.45
CA TYR U 156 22.90 40.52 -4.80
C TYR U 156 23.44 39.39 -5.66
N CYS U 157 23.20 39.47 -6.98
CA CYS U 157 23.71 38.49 -7.94
C CYS U 157 25.22 38.61 -8.09
N ILE U 158 25.70 39.82 -8.36
CA ILE U 158 27.14 40.05 -8.44
C ILE U 158 27.79 39.25 -7.32
N ASN U 159 27.32 39.49 -6.08
CA ASN U 159 27.91 38.86 -4.90
C ASN U 159 27.80 37.34 -4.97
N ALA U 160 26.65 36.85 -5.44
CA ALA U 160 26.41 35.41 -5.52
C ALA U 160 27.31 34.79 -6.58
N LEU U 161 27.51 35.51 -7.69
CA LEU U 161 28.32 35.06 -8.81
C LEU U 161 29.78 34.95 -8.39
N SER U 162 30.27 36.05 -7.82
CA SER U 162 31.60 36.12 -7.25
C SER U 162 31.61 35.41 -5.88
N MET V 1 7.31 27.31 0.00
CA MET V 1 5.90 27.73 0.14
C MET V 1 5.52 28.62 -1.05
N GLN V 2 4.37 29.27 -0.93
CA GLN V 2 3.82 30.11 -1.99
C GLN V 2 2.97 31.20 -1.34
N ASP V 3 2.61 32.22 -2.15
CA ASP V 3 1.60 33.20 -1.85
C ASP V 3 1.25 33.92 -3.15
N ALA V 4 0.30 34.86 -3.10
CA ALA V 4 -0.26 35.50 -4.28
C ALA V 4 0.82 35.94 -5.27
N PHE V 5 1.78 36.73 -4.77
CA PHE V 5 2.83 37.29 -5.60
C PHE V 5 3.62 36.14 -6.24
N THR V 6 4.33 35.40 -5.39
CA THR V 6 5.19 34.30 -5.80
C THR V 6 4.49 33.51 -6.90
N LYS V 7 3.23 33.16 -6.62
CA LYS V 7 2.41 32.36 -7.53
C LYS V 7 2.47 32.92 -8.94
N ALA V 8 2.04 34.19 -9.08
CA ALA V 8 1.95 34.83 -10.38
C ALA V 8 3.30 34.71 -11.09
N ILE V 9 4.37 35.03 -10.35
CA ILE V 9 5.73 34.83 -10.83
C ILE V 9 5.81 33.46 -11.49
N VAL V 10 5.58 32.42 -10.69
CA VAL V 10 5.86 31.05 -11.11
C VAL V 10 5.20 30.82 -12.46
N ALA V 11 3.89 31.09 -12.54
CA ALA V 11 3.16 31.00 -13.78
C ALA V 11 3.96 31.64 -14.92
N ALA V 12 4.31 32.93 -14.74
CA ALA V 12 5.03 33.69 -15.74
C ALA V 12 6.29 32.96 -16.17
N ASP V 13 6.98 32.35 -15.20
CA ASP V 13 8.24 31.68 -15.45
C ASP V 13 8.10 30.60 -16.53
N LEU V 14 7.03 29.80 -16.44
CA LEU V 14 6.90 28.62 -17.27
C LEU V 14 6.61 29.02 -18.72
N ARG V 15 5.85 30.11 -18.87
CA ARG V 15 5.66 30.74 -20.17
C ARG V 15 7.01 31.26 -20.68
N GLY V 16 7.91 31.62 -19.75
CA GLY V 16 9.28 32.00 -20.06
C GLY V 16 9.39 33.51 -20.27
N SER V 17 8.41 34.25 -19.74
CA SER V 17 8.23 35.65 -20.09
C SER V 17 8.32 36.54 -18.86
N PHE V 18 8.53 37.82 -19.10
CA PHE V 18 8.35 38.87 -18.12
C PHE V 18 6.86 38.89 -17.75
N LEU V 19 6.56 39.48 -16.61
CA LEU V 19 5.17 39.65 -16.20
C LEU V 19 4.45 40.58 -17.18
N SER V 20 3.25 40.16 -17.61
CA SER V 20 2.40 40.99 -18.44
C SER V 20 1.98 42.22 -17.64
N GLU V 21 1.78 43.35 -18.33
CA GLU V 21 1.40 44.59 -17.67
C GLU V 21 0.03 44.38 -16.99
N GLN V 22 -0.91 43.76 -17.71
CA GLN V 22 -2.19 43.38 -17.15
C GLN V 22 -1.96 42.72 -15.77
N GLU V 23 -1.06 41.73 -15.72
CA GLU V 23 -0.83 40.91 -14.52
C GLU V 23 -0.30 41.74 -13.37
N LEU V 24 0.66 42.64 -13.66
CA LEU V 24 1.13 43.59 -12.68
C LEU V 24 -0.05 44.27 -12.01
N ASN V 25 -1.04 44.70 -12.82
CA ASN V 25 -2.15 45.50 -12.31
C ASN V 25 -3.02 44.69 -11.34
N GLN V 26 -2.97 43.36 -11.41
CA GLN V 26 -3.58 42.52 -10.39
C GLN V 26 -2.87 42.77 -9.06
N LEU V 27 -1.54 42.68 -9.13
CA LEU V 27 -0.71 42.78 -7.95
C LEU V 27 -0.75 44.21 -7.41
N THR V 28 -0.62 45.20 -8.31
CA THR V 28 -0.67 46.61 -7.94
C THR V 28 -1.90 46.86 -7.05
N ASN V 29 -3.08 46.43 -7.54
CA ASN V 29 -4.31 46.65 -6.79
C ASN V 29 -4.29 45.84 -5.50
N LEU V 30 -3.78 44.60 -5.56
CA LEU V 30 -3.72 43.73 -4.39
C LEU V 30 -3.02 44.47 -3.25
N VAL V 31 -1.91 45.13 -3.59
CA VAL V 31 -1.14 45.95 -2.67
C VAL V 31 -2.05 46.97 -1.99
N LYS V 32 -2.80 47.72 -2.79
CA LYS V 32 -3.65 48.80 -2.31
C LYS V 32 -4.55 48.30 -1.17
N GLU V 33 -5.06 47.08 -1.31
CA GLU V 33 -5.97 46.48 -0.33
C GLU V 33 -5.23 46.05 0.92
N SER V 34 -3.92 45.80 0.82
CA SER V 34 -3.11 45.40 1.96
C SER V 34 -3.75 45.82 3.27
N ASN V 35 -3.81 47.14 3.49
CA ASN V 35 -4.21 47.68 4.78
C ASN V 35 -5.46 46.95 5.26
N LYS V 36 -6.48 46.91 4.40
CA LYS V 36 -7.68 46.14 4.71
C LYS V 36 -7.26 44.72 5.08
N ARG V 37 -6.64 44.02 4.12
CA ARG V 37 -6.18 42.67 4.35
C ARG V 37 -5.64 42.54 5.78
N LEU V 38 -4.63 43.35 6.11
CA LEU V 38 -3.96 43.24 7.39
C LEU V 38 -4.98 43.24 8.52
N ASP V 39 -5.76 44.32 8.64
CA ASP V 39 -6.70 44.47 9.74
C ASP V 39 -7.51 43.20 9.91
N ALA V 40 -7.99 42.65 8.78
CA ALA V 40 -8.75 41.40 8.82
C ALA V 40 -7.98 40.39 9.68
N VAL V 41 -6.75 40.08 9.25
CA VAL V 41 -5.91 39.13 9.96
C VAL V 41 -5.86 39.52 11.43
N ASN V 42 -5.48 40.77 11.69
CA ASN V 42 -5.33 41.28 13.05
C ASN V 42 -6.55 40.92 13.88
N ALA V 43 -7.74 41.15 13.32
CA ALA V 43 -8.98 40.88 14.02
C ALA V 43 -9.03 39.41 14.48
N ILE V 44 -8.73 38.48 13.57
CA ILE V 44 -8.76 37.06 13.90
C ILE V 44 -7.82 36.81 15.07
N THR V 45 -6.53 37.08 14.84
CA THR V 45 -5.49 36.82 15.83
C THR V 45 -5.88 37.40 17.18
N GLY V 46 -6.41 38.62 17.18
CA GLY V 46 -6.78 39.31 18.40
C GLY V 46 -7.83 38.54 19.20
N ASN V 47 -8.76 37.88 18.50
CA ASN V 47 -9.91 37.28 19.16
C ASN V 47 -9.70 35.77 19.28
N ALA V 48 -8.60 35.27 18.69
CA ALA V 48 -8.37 33.83 18.54
C ALA V 48 -9.04 33.04 19.66
N ALA V 49 -8.45 33.07 20.86
CA ALA V 49 -8.91 32.27 21.98
C ALA V 49 -10.43 32.12 21.95
N GLU V 50 -11.09 33.28 21.91
CA GLU V 50 -12.54 33.37 21.95
C GLU V 50 -13.16 32.54 20.82
N ILE V 51 -12.82 32.89 19.58
CA ILE V 51 -13.37 32.20 18.42
C ILE V 51 -13.53 30.73 18.77
N ILE V 52 -12.39 30.09 19.07
CA ILE V 52 -12.39 28.69 19.45
C ILE V 52 -13.38 28.48 20.58
N SER V 53 -13.05 28.99 21.77
CA SER V 53 -13.89 28.76 22.94
C SER V 53 -15.34 28.67 22.47
N ASP V 54 -15.80 29.76 21.84
CA ASP V 54 -17.17 29.88 21.36
C ASP V 54 -17.53 28.64 20.56
N ALA V 55 -16.89 28.45 19.41
CA ALA V 55 -17.22 27.36 18.49
C ALA V 55 -17.41 26.06 19.27
N ALA V 56 -16.43 25.72 20.12
CA ALA V 56 -16.50 24.51 20.93
C ALA V 56 -17.84 24.40 21.64
N HIS V 57 -18.15 25.37 22.52
CA HIS V 57 -19.39 25.37 23.27
C HIS V 57 -20.54 24.89 22.39
N LYS V 58 -20.68 25.54 21.23
CA LYS V 58 -21.77 25.27 20.31
C LYS V 58 -21.62 23.85 19.76
N LEU V 59 -20.40 23.45 19.38
CA LEU V 59 -20.17 22.11 18.87
C LEU V 59 -20.74 21.09 19.86
N PHE V 60 -20.47 21.27 21.15
CA PHE V 60 -20.76 20.24 22.15
C PHE V 60 -22.22 20.29 22.58
N ALA V 61 -22.83 21.48 22.55
CA ALA V 61 -24.26 21.61 22.76
C ALA V 61 -25.01 20.78 21.72
N GLU V 62 -24.54 20.80 20.46
CA GLU V 62 -25.17 20.09 19.37
C GLU V 62 -24.97 18.58 19.53
N GLN V 63 -23.71 18.13 19.49
CA GLN V 63 -23.37 16.72 19.47
C GLN V 63 -22.97 16.25 20.86
N THR V 64 -23.97 16.14 21.72
CA THR V 64 -23.79 15.80 23.13
C THR V 64 -22.89 14.57 23.32
N ASP V 65 -23.08 13.57 22.45
CA ASP V 65 -22.43 12.27 22.56
C ASP V 65 -20.90 12.39 22.57
N LEU V 66 -20.36 13.36 21.84
CA LEU V 66 -18.92 13.49 21.70
C LEU V 66 -18.27 13.51 23.08
N ILE V 67 -18.96 14.17 24.02
CA ILE V 67 -18.47 14.38 25.37
C ILE V 67 -18.95 13.27 26.31
N ARG V 68 -19.73 12.32 25.81
CA ARG V 68 -20.20 11.25 26.68
C ARG V 68 -19.25 10.06 26.58
N PRO V 69 -19.18 9.22 27.64
CA PRO V 69 -18.27 8.07 27.64
C PRO V 69 -18.55 7.25 26.39
N GLY V 70 -17.48 6.88 25.68
CA GLY V 70 -17.60 6.13 24.43
C GLY V 70 -17.54 7.05 23.20
N GLY V 71 -17.78 8.35 23.39
CA GLY V 71 -17.69 9.32 22.32
C GLY V 71 -16.23 9.60 21.95
N ASN V 72 -16.00 10.50 21.01
CA ASN V 72 -14.64 10.72 20.55
C ASN V 72 -13.95 11.82 21.36
N ALA V 73 -14.71 12.77 21.92
CA ALA V 73 -14.11 13.90 22.63
C ALA V 73 -13.79 13.54 24.08
N TYR V 74 -14.36 12.41 24.55
CA TYR V 74 -14.08 11.86 25.86
C TYR V 74 -12.87 10.95 25.81
N PRO V 75 -12.02 10.81 26.86
CA PRO V 75 -12.06 11.65 28.07
C PRO V 75 -11.29 12.94 27.89
N ASN V 76 -10.87 13.57 29.00
CA ASN V 76 -10.07 14.78 28.97
C ASN V 76 -9.04 14.70 27.83
N ARG V 77 -8.11 13.74 27.93
CA ARG V 77 -7.02 13.66 26.99
C ARG V 77 -7.52 14.01 25.58
N ARG V 78 -8.52 13.25 25.15
CA ARG V 78 -9.03 13.40 23.81
C ARG V 78 -9.53 14.83 23.64
N MET V 79 -10.45 15.23 24.52
CA MET V 79 -10.98 16.57 24.46
C MET V 79 -9.85 17.53 24.09
N ALA V 80 -8.79 17.52 24.88
CA ALA V 80 -7.68 18.44 24.70
C ALA V 80 -7.26 18.46 23.24
N ALA V 81 -6.90 17.28 22.72
CA ALA V 81 -6.53 17.14 21.33
C ALA V 81 -7.51 17.93 20.48
N CYS V 82 -8.80 17.58 20.59
CA CYS V 82 -9.82 18.14 19.71
C CYS V 82 -9.75 19.66 19.73
N LEU V 83 -9.57 20.26 20.91
CA LEU V 83 -9.45 21.71 21.00
C LEU V 83 -8.22 22.16 20.23
N ARG V 84 -7.07 21.59 20.61
CA ARG V 84 -5.83 21.90 19.96
C ARG V 84 -6.04 21.90 18.44
N ASP V 85 -6.59 20.81 17.90
CA ASP V 85 -6.76 20.69 16.46
C ASP V 85 -7.47 21.92 15.92
N MET V 86 -8.67 22.21 16.42
CA MET V 86 -9.43 23.33 15.93
C MET V 86 -8.50 24.52 15.77
N GLU V 87 -7.87 24.89 16.87
CA GLU V 87 -6.93 26.00 16.91
C GLU V 87 -6.02 25.92 15.68
N ILE V 88 -5.30 24.80 15.53
CA ILE V 88 -4.31 24.67 14.48
C ILE V 88 -4.95 25.16 13.17
N ILE V 89 -6.00 24.46 12.78
CA ILE V 89 -6.68 24.77 11.54
C ILE V 89 -6.83 26.28 11.44
N LEU V 90 -7.38 26.89 12.48
CA LEU V 90 -7.54 28.33 12.51
C LEU V 90 -6.22 29.00 12.16
N ARG V 91 -5.19 28.71 12.96
CA ARG V 91 -3.87 29.28 12.75
C ARG V 91 -3.57 29.32 11.25
N TYR V 92 -3.61 28.16 10.62
CA TYR V 92 -3.32 28.07 9.20
C TYR V 92 -4.20 29.04 8.43
N VAL V 93 -5.51 28.86 8.54
CA VAL V 93 -6.43 29.71 7.82
C VAL V 93 -5.87 31.13 7.85
N SER V 94 -5.65 31.67 9.06
CA SER V 94 -5.08 32.99 9.18
C SER V 94 -3.93 33.13 8.20
N TYR V 95 -2.89 32.29 8.35
CA TYR V 95 -1.71 32.36 7.48
C TYR V 95 -2.17 32.62 6.06
N ALA V 96 -2.95 31.68 5.50
CA ALA V 96 -3.43 31.81 4.16
C ALA V 96 -3.91 33.24 3.92
N LEU V 97 -4.82 33.67 4.79
CA LEU V 97 -5.50 34.94 4.62
C LEU V 97 -4.49 36.06 4.34
N LEU V 98 -3.39 36.03 5.08
CA LEU V 98 -2.34 37.01 4.90
C LEU V 98 -1.68 36.83 3.54
N ALA V 99 -1.23 35.60 3.27
CA ALA V 99 -0.52 35.28 2.05
C ALA V 99 -1.32 35.75 0.83
N GLY V 100 -2.64 35.56 0.91
CA GLY V 100 -3.52 35.77 -0.23
C GLY V 100 -3.55 34.53 -1.11
N ASP V 101 -3.39 33.37 -0.48
CA ASP V 101 -3.32 32.11 -1.21
C ASP V 101 -3.67 30.93 -0.31
N ALA V 102 -4.41 29.97 -0.89
CA ALA V 102 -4.78 28.74 -0.23
C ALA V 102 -3.55 27.88 0.11
N SER V 103 -2.57 27.83 -0.81
CA SER V 103 -1.49 26.85 -0.77
C SER V 103 -1.10 26.53 0.68
N VAL V 104 -0.34 27.43 1.31
CA VAL V 104 0.17 27.23 2.66
C VAL V 104 -0.79 26.35 3.46
N LEU V 105 -2.07 26.72 3.48
CA LEU V 105 -3.09 26.00 4.21
C LEU V 105 -3.17 24.55 3.75
N GLU V 106 -3.32 24.35 2.43
CA GLU V 106 -3.47 23.02 1.87
C GLU V 106 -2.29 22.12 2.26
N ASP V 107 -1.09 22.66 2.11
CA ASP V 107 0.14 21.89 2.03
C ASP V 107 0.57 21.50 3.43
N ARG V 108 0.74 22.48 4.31
CA ARG V 108 1.15 22.25 5.68
C ARG V 108 0.03 21.55 6.43
N CYS V 109 -1.23 21.97 6.23
CA CYS V 109 -2.27 21.67 7.20
C CYS V 109 -3.19 20.57 6.70
N LEU V 110 -3.89 20.81 5.59
CA LEU V 110 -5.00 19.98 5.16
C LEU V 110 -4.55 18.62 4.66
N ASN V 111 -3.35 18.59 4.05
CA ASN V 111 -2.83 17.40 3.44
C ASN V 111 -2.68 16.30 4.49
N GLY V 112 -3.39 15.18 4.27
CA GLY V 112 -3.28 14.03 5.14
C GLY V 112 -4.20 14.14 6.35
N LEU V 113 -4.85 15.29 6.54
CA LEU V 113 -5.61 15.50 7.76
C LEU V 113 -6.76 14.48 7.79
N LYS V 114 -7.50 14.42 6.67
CA LYS V 114 -8.63 13.52 6.58
C LYS V 114 -8.21 12.13 7.04
N GLU V 115 -7.08 11.66 6.51
CA GLU V 115 -6.67 10.28 6.65
C GLU V 115 -6.38 9.98 8.10
N THR V 116 -5.62 10.88 8.74
CA THR V 116 -5.41 10.86 10.17
C THR V 116 -6.75 10.60 10.85
N TYR V 117 -7.69 11.52 10.64
CA TYR V 117 -8.95 11.47 11.33
C TYR V 117 -9.57 10.09 11.15
N VAL V 118 -9.52 9.61 9.91
CA VAL V 118 -10.05 8.31 9.58
C VAL V 118 -9.40 7.25 10.46
N ALA V 119 -8.08 7.18 10.42
CA ALA V 119 -7.34 6.13 11.10
C ALA V 119 -7.71 6.10 12.58
N LEU V 120 -7.86 7.29 13.18
CA LEU V 120 -8.18 7.42 14.59
C LEU V 120 -9.59 6.91 14.87
N GLY V 121 -10.49 7.09 13.90
CA GLY V 121 -11.90 6.82 14.08
C GLY V 121 -12.66 8.10 14.47
N THR V 122 -11.95 9.23 14.45
CA THR V 122 -12.57 10.53 14.60
C THR V 122 -13.59 10.70 13.47
N PRO V 123 -14.83 11.14 13.80
CA PRO V 123 -15.87 11.34 12.79
C PRO V 123 -15.66 12.64 12.01
N THR V 124 -15.25 12.48 10.75
CA THR V 124 -14.83 13.60 9.92
C THR V 124 -15.94 14.66 9.87
N ARG V 125 -17.19 14.19 9.78
CA ARG V 125 -18.36 15.05 9.70
C ARG V 125 -18.28 16.16 10.76
N SER V 126 -18.16 15.71 12.01
CA SER V 126 -18.19 16.59 13.16
C SER V 126 -17.06 17.61 13.05
N VAL V 127 -15.86 17.14 12.68
CA VAL V 127 -14.73 18.04 12.52
C VAL V 127 -15.17 19.18 11.60
N ALA V 128 -15.62 18.80 10.39
CA ALA V 128 -16.05 19.79 9.41
C ALA V 128 -16.99 20.79 10.06
N ARG V 129 -18.03 20.27 10.73
CA ARG V 129 -18.99 21.12 11.42
C ARG V 129 -18.26 22.19 12.23
N ALA V 130 -17.37 21.75 13.12
CA ALA V 130 -16.61 22.65 13.96
C ALA V 130 -15.99 23.76 13.12
N VAL V 131 -15.30 23.37 12.04
CA VAL V 131 -14.64 24.34 11.17
C VAL V 131 -15.63 25.45 10.82
N GLN V 132 -16.82 25.09 10.35
CA GLN V 132 -17.82 26.09 9.99
C GLN V 132 -18.13 26.95 11.20
N LEU V 133 -18.55 26.32 12.31
CA LEU V 133 -18.86 27.05 13.52
C LEU V 133 -17.82 28.16 13.72
N MET V 134 -16.55 27.74 13.70
CA MET V 134 -15.46 28.69 13.76
C MET V 134 -15.67 29.77 12.70
N LYS V 135 -15.74 29.37 11.43
CA LYS V 135 -15.85 30.33 10.34
C LYS V 135 -16.74 31.50 10.77
N GLU V 136 -18.00 31.20 11.12
CA GLU V 136 -19.03 32.20 11.32
C GLU V 136 -18.63 33.20 12.39
N THR V 137 -18.17 32.67 13.52
CA THR V 137 -17.72 33.47 14.65
C THR V 137 -16.62 34.41 14.17
N ALA V 138 -15.63 33.84 13.49
CA ALA V 138 -14.47 34.58 13.00
C ALA V 138 -14.93 35.77 12.16
N ILE V 139 -15.68 35.48 11.10
CA ILE V 139 -16.23 36.52 10.24
C ILE V 139 -16.84 37.61 11.13
N GLY V 140 -17.70 37.20 12.07
CA GLY V 140 -18.28 38.07 13.06
C GLY V 140 -17.35 39.21 13.47
N TYR V 141 -16.11 38.85 13.86
CA TYR V 141 -15.12 39.82 14.30
C TYR V 141 -14.55 40.59 13.12
N VAL V 142 -14.02 39.88 12.13
CA VAL V 142 -13.48 40.50 10.94
C VAL V 142 -14.37 41.69 10.55
N ASN V 143 -15.69 41.50 10.66
CA ASN V 143 -16.63 42.36 9.95
C ASN V 143 -17.19 43.47 10.85
N SER V 144 -16.93 43.42 12.16
CA SER V 144 -17.58 44.33 13.10
C SER V 144 -16.58 44.99 14.05
N PRO V 145 -15.35 45.36 13.61
CA PRO V 145 -14.30 45.75 14.56
C PRO V 145 -14.51 47.16 15.13
N SER V 146 -13.56 47.57 15.96
CA SER V 146 -13.61 48.83 16.69
C SER V 146 -12.36 49.67 16.40
N GLY V 147 -12.58 50.93 16.04
CA GLY V 147 -11.51 51.89 15.85
C GLY V 147 -10.97 51.86 14.42
N VAL V 148 -11.52 50.96 13.59
CA VAL V 148 -11.06 50.86 12.22
C VAL V 148 -11.85 51.85 11.37
N THR V 149 -11.16 52.44 10.40
CA THR V 149 -11.75 53.27 9.36
C THR V 149 -12.84 52.47 8.65
N ARG V 150 -14.03 53.07 8.52
CA ARG V 150 -15.19 52.39 7.95
C ARG V 150 -15.03 52.34 6.42
N GLY V 151 -15.34 51.17 5.85
CA GLY V 151 -15.14 50.87 4.44
C GLY V 151 -15.71 49.47 4.13
N ASP V 152 -15.48 48.99 2.90
CA ASP V 152 -15.98 47.68 2.48
C ASP V 152 -14.88 46.62 2.52
N CYS V 153 -15.10 45.57 3.31
CA CYS V 153 -14.14 44.48 3.40
C CYS V 153 -14.64 43.22 2.71
N SER V 154 -15.89 43.23 2.20
CA SER V 154 -16.52 42.06 1.60
C SER V 154 -15.51 41.17 0.88
N ALA V 155 -14.83 41.73 -0.13
CA ALA V 155 -13.87 41.01 -0.96
C ALA V 155 -13.04 40.05 -0.11
N LEU V 156 -12.43 40.60 0.94
CA LEU V 156 -11.61 39.86 1.88
C LEU V 156 -12.47 38.84 2.64
N VAL V 157 -13.61 39.30 3.18
CA VAL V 157 -14.52 38.44 3.90
C VAL V 157 -14.78 37.14 3.13
N ASN V 158 -15.08 37.26 1.82
CA ASN V 158 -15.46 36.09 1.03
C ASN V 158 -14.28 35.14 0.91
N GLU V 159 -13.11 35.69 0.53
CA GLU V 159 -11.87 34.94 0.45
C GLU V 159 -11.62 34.18 1.75
N ALA V 160 -11.77 34.87 2.89
CA ALA V 160 -11.72 34.22 4.19
C ALA V 160 -12.61 32.99 4.17
N ALA V 161 -13.92 33.20 3.96
CA ALA V 161 -14.86 32.09 3.87
C ALA V 161 -14.21 30.94 3.11
N THR V 162 -13.85 31.17 1.83
CA THR V 162 -13.37 30.12 0.95
C THR V 162 -12.33 29.27 1.68
N TYR V 163 -11.37 29.92 2.35
CA TYR V 163 -10.31 29.22 3.03
C TYR V 163 -10.94 28.25 4.03
N PHE V 164 -11.73 28.77 4.97
CA PHE V 164 -12.48 27.92 5.88
C PHE V 164 -13.07 26.72 5.15
N ASP V 165 -13.66 26.97 3.97
CA ASP V 165 -14.44 25.96 3.28
C ASP V 165 -13.53 24.89 2.70
N LYS V 166 -12.47 25.29 1.99
CA LYS V 166 -11.47 24.33 1.55
C LYS V 166 -11.15 23.40 2.72
N ALA V 167 -10.90 23.99 3.89
CA ALA V 167 -10.63 23.21 5.09
C ALA V 167 -11.78 22.21 5.29
N ALA V 168 -12.98 22.73 5.54
CA ALA V 168 -14.15 21.91 5.80
C ALA V 168 -14.19 20.73 4.83
N ALA V 169 -14.09 21.04 3.53
CA ALA V 169 -14.27 20.07 2.45
C ALA V 169 -13.24 18.95 2.54
N SER V 170 -11.95 19.31 2.64
CA SER V 170 -10.89 18.31 2.51
C SER V 170 -10.86 17.41 3.75
N ILE V 171 -11.22 17.95 4.91
CA ILE V 171 -11.39 17.18 6.14
C ILE V 171 -12.55 16.21 5.97
N ALA V 172 -13.70 16.79 5.61
CA ALA V 172 -14.91 16.03 5.37
C ALA V 172 -14.71 15.08 4.19
N MET W 1 29.76 -9.07 2.17
CA MET W 1 30.92 -9.96 2.43
C MET W 1 32.22 -9.18 2.25
N LYS W 2 33.14 -9.38 3.19
CA LYS W 2 34.37 -8.63 3.25
C LYS W 2 35.45 -9.34 2.41
N THR W 3 35.77 -8.76 1.25
CA THR W 3 36.99 -9.06 0.54
C THR W 3 37.69 -7.74 0.27
N VAL W 4 38.96 -7.82 -0.15
CA VAL W 4 39.73 -6.63 -0.49
C VAL W 4 38.88 -5.75 -1.39
N ILE W 5 38.39 -6.33 -2.49
CA ILE W 5 37.77 -5.57 -3.56
C ILE W 5 36.54 -4.86 -3.01
N THR W 6 35.70 -5.61 -2.29
CA THR W 6 34.45 -5.06 -1.76
C THR W 6 34.75 -3.86 -0.86
N GLU W 7 35.78 -3.98 -0.01
CA GLU W 7 36.04 -2.96 1.00
C GLU W 7 36.37 -1.63 0.35
N VAL W 8 37.33 -1.64 -0.59
CA VAL W 8 37.79 -0.39 -1.18
C VAL W 8 36.58 0.27 -1.84
N ILE W 9 35.78 -0.51 -2.57
CA ILE W 9 34.55 0.01 -3.14
C ILE W 9 33.76 0.69 -2.02
N ALA W 10 33.48 -0.07 -0.96
CA ALA W 10 32.72 0.44 0.17
C ALA W 10 33.27 1.79 0.60
N SER W 11 34.57 1.82 0.95
CA SER W 11 35.19 3.05 1.46
C SER W 11 35.01 4.17 0.43
N ALA W 12 35.41 3.89 -0.83
CA ALA W 12 35.19 4.86 -1.90
C ALA W 12 33.75 5.35 -1.87
N ASP W 13 32.82 4.41 -1.78
CA ASP W 13 31.40 4.71 -1.89
C ASP W 13 30.98 5.66 -0.78
N SER W 14 31.36 5.33 0.47
CA SER W 14 30.99 6.11 1.62
C SER W 14 31.35 7.58 1.41
N GLN W 15 32.63 7.83 1.09
CA GLN W 15 33.14 9.18 0.89
C GLN W 15 32.40 9.85 -0.26
N GLY W 16 31.92 9.04 -1.21
CA GLY W 16 31.17 9.53 -2.36
C GLY W 16 32.09 9.93 -3.51
N ARG W 17 33.25 9.27 -3.55
CA ARG W 17 34.28 9.61 -4.52
C ARG W 17 34.56 8.41 -5.43
N PHE W 18 35.10 8.70 -6.60
CA PHE W 18 35.52 7.66 -7.53
C PHE W 18 36.65 6.85 -6.92
N LEU W 19 36.75 5.59 -7.34
CA LEU W 19 37.95 4.80 -7.09
C LEU W 19 39.13 5.51 -7.77
N ASN W 20 40.07 5.99 -6.96
CA ASN W 20 41.27 6.62 -7.45
C ASN W 20 42.43 5.62 -7.34
N ASN W 21 43.65 6.10 -7.62
CA ASN W 21 44.82 5.25 -7.62
C ASN W 21 44.94 4.48 -6.31
N THR W 22 44.72 5.16 -5.18
CA THR W 22 44.90 4.58 -3.85
C THR W 22 44.35 3.16 -3.84
N GLU W 23 43.07 3.04 -4.19
CA GLU W 23 42.34 1.80 -4.01
C GLU W 23 42.87 0.75 -4.98
N LEU W 24 43.10 1.15 -6.22
CA LEU W 24 43.52 0.24 -7.25
C LEU W 24 44.80 -0.48 -6.79
N GLN W 25 45.77 0.31 -6.31
CA GLN W 25 46.98 -0.27 -5.71
C GLN W 25 46.58 -1.45 -4.85
N ALA W 26 45.67 -1.22 -3.89
CA ALA W 26 45.21 -2.25 -2.98
C ALA W 26 44.72 -3.46 -3.77
N ALA W 27 43.72 -3.24 -4.63
CA ALA W 27 43.17 -4.31 -5.44
C ALA W 27 44.30 -5.13 -6.05
N ASN W 28 45.23 -4.45 -6.74
CA ASN W 28 46.34 -5.11 -7.40
C ASN W 28 46.96 -6.15 -6.47
N GLY W 29 47.23 -5.73 -5.23
CA GLY W 29 47.77 -6.61 -4.21
C GLY W 29 47.00 -7.93 -4.14
N ARG W 30 45.69 -7.83 -3.91
CA ARG W 30 44.81 -8.98 -3.86
C ARG W 30 45.06 -9.92 -5.03
N PHE W 31 45.14 -9.37 -6.25
CA PHE W 31 45.23 -10.17 -7.46
C PHE W 31 46.57 -10.90 -7.55
N GLN W 32 47.65 -10.20 -7.20
CA GLN W 32 48.96 -10.79 -7.26
C GLN W 32 48.99 -12.00 -6.34
N ARG W 33 48.51 -11.81 -5.10
CA ARG W 33 48.49 -12.86 -4.10
C ARG W 33 47.70 -14.07 -4.55
N ALA W 34 46.56 -13.84 -5.23
CA ALA W 34 45.59 -14.86 -5.56
C ALA W 34 46.26 -16.16 -6.03
N THR W 35 47.26 -16.03 -6.92
CA THR W 35 47.90 -17.19 -7.52
C THR W 35 48.30 -18.19 -6.44
N ALA W 36 48.98 -17.69 -5.38
CA ALA W 36 49.33 -18.51 -4.24
C ALA W 36 48.08 -19.04 -3.55
N SER W 37 47.16 -18.12 -3.19
CA SER W 37 45.90 -18.47 -2.52
C SER W 37 45.24 -19.65 -3.23
N MET W 38 45.00 -19.48 -4.54
CA MET W 38 44.30 -20.45 -5.37
C MET W 38 44.93 -21.83 -5.23
N GLU W 39 46.27 -21.84 -5.34
CA GLU W 39 47.03 -23.08 -5.24
C GLU W 39 46.67 -23.79 -3.93
N ALA W 40 46.74 -23.05 -2.82
CA ALA W 40 46.47 -23.59 -1.50
C ALA W 40 45.10 -24.28 -1.48
N ALA W 41 44.08 -23.57 -2.00
CA ALA W 41 42.72 -24.09 -2.02
C ALA W 41 42.67 -25.44 -2.74
N ARG W 42 43.29 -25.52 -3.92
CA ARG W 42 43.31 -26.75 -4.69
C ARG W 42 43.87 -27.90 -3.84
N ALA W 43 44.90 -27.60 -3.02
CA ALA W 43 45.54 -28.60 -2.19
C ALA W 43 44.61 -29.07 -1.07
N LEU W 44 43.96 -28.13 -0.36
CA LEU W 44 43.05 -28.49 0.72
C LEU W 44 41.87 -29.28 0.17
N THR W 45 41.26 -28.76 -0.89
CA THR W 45 40.07 -29.35 -1.49
C THR W 45 40.30 -30.84 -1.74
N SER W 46 41.49 -31.18 -2.26
CA SER W 46 41.81 -32.53 -2.68
C SER W 46 41.93 -33.47 -1.47
N ASN W 47 42.64 -33.03 -0.44
CA ASN W 47 42.95 -33.88 0.71
C ASN W 47 41.86 -33.78 1.78
N ALA W 48 40.75 -33.08 1.46
CA ALA W 48 39.76 -32.70 2.45
C ALA W 48 39.52 -33.85 3.45
N ASP W 49 38.56 -34.73 3.13
CA ASP W 49 38.37 -36.04 3.74
C ASP W 49 39.48 -36.43 4.72
N SER W 50 40.70 -36.68 4.19
CA SER W 50 41.78 -37.27 4.95
C SER W 50 42.12 -36.39 6.15
N LEU W 51 42.14 -35.08 5.89
CA LEU W 51 42.33 -34.07 6.93
C LEU W 51 41.24 -34.23 7.98
N VAL W 52 39.98 -34.31 7.51
CA VAL W 52 38.84 -34.42 8.40
C VAL W 52 39.01 -35.66 9.27
N LYS W 53 39.10 -36.85 8.68
CA LYS W 53 39.28 -38.06 9.46
C LYS W 53 40.30 -37.79 10.57
N GLY W 54 41.51 -37.42 10.15
CA GLY W 54 42.64 -37.25 11.05
C GLY W 54 42.26 -36.37 12.24
N ALA W 55 41.63 -35.22 11.93
CA ALA W 55 41.22 -34.26 12.94
C ALA W 55 40.26 -34.93 13.93
N VAL W 56 39.03 -35.25 13.46
CA VAL W 56 38.03 -35.89 14.32
C VAL W 56 38.77 -36.80 15.28
N GLN W 57 39.50 -37.75 14.68
CA GLN W 57 40.25 -38.74 15.42
C GLN W 57 40.98 -38.05 16.57
N GLU W 58 41.98 -37.24 16.20
CA GLU W 58 42.80 -36.49 17.13
C GLU W 58 41.99 -36.08 18.36
N VAL W 59 40.94 -35.31 18.12
CA VAL W 59 40.09 -34.78 19.19
C VAL W 59 39.85 -35.87 20.23
N TYR W 60 39.47 -37.07 19.79
CA TYR W 60 39.16 -38.18 20.69
C TYR W 60 40.37 -38.59 21.50
N ASN W 61 41.55 -38.64 20.87
CA ASN W 61 42.77 -38.99 21.59
C ASN W 61 43.00 -37.95 22.69
N LYS W 62 42.83 -36.68 22.30
CA LYS W 62 43.06 -35.55 23.17
C LYS W 62 42.10 -35.58 24.37
N PHE W 63 40.85 -36.00 24.12
CA PHE W 63 39.80 -35.94 25.14
C PHE W 63 39.11 -37.29 25.24
N PRO W 64 39.81 -38.32 25.76
CA PRO W 64 39.32 -39.70 25.67
C PRO W 64 37.87 -39.81 26.12
N TYR W 65 37.58 -39.18 27.26
CA TYR W 65 36.31 -39.34 27.96
C TYR W 65 35.11 -39.08 27.03
N LEU W 66 35.31 -38.28 25.97
CA LEU W 66 34.24 -37.94 25.06
C LEU W 66 33.58 -39.18 24.45
N THR W 67 34.37 -40.23 24.25
CA THR W 67 33.90 -41.45 23.57
C THR W 67 33.16 -42.36 24.55
N GLN W 68 33.21 -42.06 25.86
CA GLN W 68 32.52 -42.86 26.86
C GLN W 68 31.01 -42.65 26.73
N PRO W 69 30.18 -43.65 27.08
CA PRO W 69 28.73 -43.50 27.02
C PRO W 69 28.20 -42.44 27.99
N GLY W 70 27.18 -41.70 27.54
CA GLY W 70 26.61 -40.61 28.29
C GLY W 70 27.31 -39.28 28.01
N GLN W 71 28.34 -39.31 27.16
CA GLN W 71 29.07 -38.11 26.77
C GLN W 71 28.61 -37.67 25.38
N MET W 72 29.23 -36.60 24.89
CA MET W 72 28.87 -35.97 23.62
C MET W 72 29.55 -36.72 22.47
N GLY W 73 30.80 -37.13 22.67
CA GLY W 73 31.57 -37.82 21.63
C GLY W 73 31.02 -39.21 21.34
N TYR W 74 30.01 -39.63 22.11
CA TYR W 74 29.58 -41.01 22.11
C TYR W 74 28.34 -41.20 21.24
N GLY W 75 28.32 -42.31 20.50
CA GLY W 75 27.20 -42.64 19.64
C GLY W 75 27.32 -41.91 18.31
N ASP W 76 27.10 -42.67 17.23
CA ASP W 76 27.53 -42.35 15.88
C ASP W 76 27.02 -40.99 15.41
N THR W 77 25.75 -40.72 15.71
CA THR W 77 25.07 -39.48 15.36
C THR W 77 26.02 -38.32 15.62
N ASN W 78 26.53 -38.31 16.85
CA ASN W 78 27.37 -37.24 17.34
C ASN W 78 28.65 -37.20 16.51
N GLN W 79 29.25 -38.38 16.31
CA GLN W 79 30.47 -38.51 15.52
C GLN W 79 30.23 -37.94 14.12
N ALA W 80 29.13 -38.36 13.49
CA ALA W 80 28.74 -37.84 12.19
C ALA W 80 28.73 -36.31 12.24
N LYS W 81 27.96 -35.75 13.17
CA LYS W 81 27.90 -34.30 13.33
C LYS W 81 29.33 -33.76 13.41
N CYS W 82 30.10 -34.24 14.40
CA CYS W 82 31.48 -33.80 14.58
C CYS W 82 32.20 -33.72 13.24
N ALA W 83 32.09 -34.79 12.43
CA ALA W 83 32.71 -34.80 11.11
C ALA W 83 32.17 -33.65 10.28
N ARG W 84 30.86 -33.68 10.00
CA ARG W 84 30.18 -32.64 9.26
C ARG W 84 30.79 -31.28 9.62
N ASP W 85 30.69 -30.92 10.89
CA ASP W 85 31.09 -29.60 11.38
C ASP W 85 32.47 -29.26 10.82
N ILE W 86 33.45 -30.12 11.11
CA ILE W 86 34.80 -29.82 10.69
C ILE W 86 34.85 -29.64 9.18
N SER W 87 34.25 -30.57 8.42
CA SER W 87 34.14 -30.36 6.99
C SER W 87 33.83 -28.90 6.74
N HIS W 88 32.71 -28.41 7.30
CA HIS W 88 32.30 -27.04 7.12
C HIS W 88 33.51 -26.12 7.27
N TYR W 89 34.08 -26.08 8.47
CA TYR W 89 35.19 -25.18 8.74
C TYR W 89 36.12 -25.17 7.54
N LEU W 90 36.53 -26.38 7.14
CA LEU W 90 37.44 -26.53 6.02
C LEU W 90 36.86 -25.83 4.80
N ARG W 91 35.68 -26.31 4.38
CA ARG W 91 34.99 -25.77 3.23
C ARG W 91 35.19 -24.25 3.21
N PHE W 92 34.72 -23.59 4.26
CA PHE W 92 34.78 -22.14 4.30
C PHE W 92 36.20 -21.67 4.08
N ILE W 93 37.15 -22.25 4.81
CA ILE W 93 38.52 -21.80 4.67
C ILE W 93 38.85 -21.72 3.18
N THR W 94 38.67 -22.83 2.46
CA THR W 94 38.94 -22.82 1.02
C THR W 94 38.30 -21.57 0.44
N TYR W 95 36.98 -21.44 0.61
CA TYR W 95 36.24 -20.31 0.09
C TYR W 95 37.08 -19.05 0.30
N SER W 96 37.43 -18.78 1.55
CA SER W 96 38.06 -17.53 1.92
C SER W 96 39.37 -17.33 1.13
N LEU W 97 40.16 -18.39 0.98
CA LEU W 97 41.38 -18.31 0.20
C LEU W 97 41.06 -17.74 -1.19
N VAL W 98 40.01 -18.30 -1.81
CA VAL W 98 39.65 -17.98 -3.18
C VAL W 98 39.12 -16.56 -3.26
N ALA W 99 38.21 -16.22 -2.33
CA ALA W 99 37.58 -14.91 -2.29
C ALA W 99 38.64 -13.83 -2.03
N GLY W 100 39.73 -14.19 -1.37
CA GLY W 100 40.75 -13.23 -0.99
C GLY W 100 40.15 -12.24 0.02
N GLY W 101 39.74 -12.79 1.17
CA GLY W 101 39.22 -12.03 2.28
C GLY W 101 38.69 -13.00 3.33
N THR W 102 38.51 -12.50 4.56
CA THR W 102 37.96 -13.32 5.62
C THR W 102 36.46 -13.45 5.43
N GLY W 103 35.86 -12.50 4.70
CA GLY W 103 34.43 -12.45 4.47
C GLY W 103 33.77 -13.80 4.73
N PRO W 104 33.93 -14.78 3.81
CA PRO W 104 33.17 -16.03 3.91
C PRO W 104 33.18 -16.57 5.33
N LEU W 105 34.36 -16.63 5.94
CA LEU W 105 34.50 -17.13 7.29
C LEU W 105 33.59 -16.36 8.24
N ASP W 106 33.74 -15.03 8.24
CA ASP W 106 33.06 -14.16 9.17
C ASP W 106 31.58 -14.51 9.24
N ASP W 107 30.94 -14.57 8.06
CA ASP W 107 29.49 -14.53 7.96
C ASP W 107 28.89 -15.91 8.26
N TYR W 108 29.58 -16.96 7.83
CA TYR W 108 29.07 -18.30 8.05
C TYR W 108 29.47 -18.74 9.46
N ILE W 109 30.77 -18.75 9.73
CA ILE W 109 31.27 -19.40 10.92
C ILE W 109 31.16 -18.46 12.12
N VAL W 110 31.77 -17.28 12.02
CA VAL W 110 32.20 -16.53 13.18
C VAL W 110 31.02 -15.88 13.86
N ALA W 111 30.26 -15.12 13.07
CA ALA W 111 29.18 -14.32 13.62
C ALA W 111 28.19 -15.26 14.32
N GLY W 112 27.98 -15.03 15.63
CA GLY W 112 27.06 -15.85 16.41
C GLY W 112 27.69 -17.16 16.88
N LEU W 113 29.00 -17.30 16.66
CA LEU W 113 29.68 -18.52 17.03
C LEU W 113 29.39 -18.84 18.49
N ARG W 114 29.70 -17.89 19.35
CA ARG W 114 29.65 -18.02 20.80
C ARG W 114 28.35 -18.71 21.24
N GLU W 115 27.22 -18.13 20.82
CA GLU W 115 25.92 -18.40 21.42
C GLU W 115 25.45 -19.78 21.02
N VAL W 116 25.54 -20.05 19.72
CA VAL W 116 25.40 -21.41 19.21
C VAL W 116 26.11 -22.33 20.19
N ASN W 117 27.44 -22.18 20.28
CA ASN W 117 28.29 -23.08 21.05
C ASN W 117 27.79 -23.18 22.49
N ARG W 118 27.38 -22.04 23.06
CA ARG W 118 26.93 -22.01 24.44
C ARG W 118 25.67 -22.86 24.60
N THR W 119 24.70 -22.66 23.70
CA THR W 119 23.37 -23.22 23.86
C THR W 119 23.40 -24.73 23.65
N PHE W 120 24.35 -25.21 22.84
CA PHE W 120 24.51 -26.63 22.58
C PHE W 120 25.66 -27.23 23.39
N ASN W 121 26.39 -26.39 24.14
CA ASN W 121 27.43 -26.87 25.05
C ASN W 121 28.56 -27.51 24.25
N LEU W 122 28.86 -26.96 23.08
CA LEU W 122 30.05 -27.35 22.35
C LEU W 122 31.22 -26.57 22.94
N SER W 123 32.27 -27.29 23.36
CA SER W 123 33.44 -26.65 23.93
C SER W 123 34.35 -26.17 22.78
N PRO W 124 34.64 -24.86 22.68
CA PRO W 124 35.50 -24.36 21.61
C PRO W 124 36.74 -25.23 21.48
N SER W 125 37.43 -25.43 22.62
CA SER W 125 38.61 -26.27 22.71
C SER W 125 38.61 -27.33 21.61
N TRP W 126 37.58 -28.21 21.60
CA TRP W 126 37.55 -29.30 20.64
C TRP W 126 37.93 -28.78 19.26
N TYR W 127 37.03 -27.98 18.67
CA TYR W 127 37.27 -27.46 17.34
C TYR W 127 38.74 -27.11 17.23
N ILE W 128 39.21 -26.29 18.17
CA ILE W 128 40.57 -25.81 18.09
C ILE W 128 41.48 -26.98 17.73
N GLU W 129 41.49 -28.04 18.56
CA GLU W 129 42.38 -29.15 18.31
C GLU W 129 42.29 -29.56 16.84
N ALA W 130 41.06 -29.91 16.44
CA ALA W 130 40.80 -30.24 15.05
C ALA W 130 41.69 -29.34 14.19
N LEU W 131 41.45 -28.03 14.25
CA LEU W 131 42.18 -27.08 13.44
C LEU W 131 43.68 -27.34 13.57
N LYS W 132 44.22 -27.26 14.80
CA LYS W 132 45.66 -27.40 15.00
C LYS W 132 46.17 -28.64 14.26
N HIS W 133 45.59 -29.79 14.57
CA HIS W 133 45.99 -31.03 13.91
C HIS W 133 46.05 -30.79 12.40
N ILE W 134 44.96 -30.24 11.85
CA ILE W 134 44.90 -29.89 10.43
C ILE W 134 46.15 -29.11 10.06
N LYS W 135 46.31 -27.95 10.72
CA LYS W 135 47.39 -27.03 10.40
C LYS W 135 48.68 -27.80 10.21
N GLY W 136 48.95 -28.71 11.16
CA GLY W 136 50.15 -29.55 11.15
C GLY W 136 50.27 -30.37 9.87
N LYS W 137 49.17 -31.00 9.42
CA LYS W 137 49.16 -31.80 8.21
C LYS W 137 49.40 -30.90 7.00
N VAL W 138 48.61 -29.82 6.91
CA VAL W 138 48.74 -28.84 5.84
C VAL W 138 50.20 -28.41 5.71
N GLY W 139 50.88 -28.30 6.86
CA GLY W 139 52.28 -27.90 6.91
C GLY W 139 53.23 -28.89 6.22
N SER W 140 52.69 -29.89 5.50
CA SER W 140 53.50 -30.82 4.72
C SER W 140 53.18 -30.69 3.23
N GLN W 141 51.88 -30.67 2.89
CA GLN W 141 51.42 -30.70 1.51
C GLN W 141 51.73 -29.39 0.80
N LEU W 142 51.86 -28.31 1.60
CA LEU W 142 52.08 -26.97 1.09
C LEU W 142 53.46 -26.46 1.51
N SER W 143 53.82 -25.30 0.95
CA SER W 143 55.13 -24.70 1.15
C SER W 143 55.14 -23.27 0.65
N GLY W 144 56.03 -22.44 1.21
CA GLY W 144 56.18 -21.06 0.80
C GLY W 144 54.89 -20.27 1.00
N GLN W 145 54.63 -19.32 0.09
CA GLN W 145 53.51 -18.42 0.24
C GLN W 145 52.20 -19.21 0.34
N PRO W 146 51.93 -20.15 -0.58
CA PRO W 146 50.71 -20.97 -0.49
C PRO W 146 50.45 -21.37 0.95
N LEU W 147 51.45 -22.01 1.58
CA LEU W 147 51.37 -22.40 2.97
C LEU W 147 50.96 -21.19 3.81
N THR W 148 51.79 -20.14 3.80
CA THR W 148 51.58 -18.98 4.65
C THR W 148 50.11 -18.62 4.63
N GLU W 149 49.54 -18.46 3.42
CA GLU W 149 48.14 -18.10 3.27
C GLU W 149 47.27 -19.08 4.07
N ALA W 150 47.40 -20.38 3.75
CA ALA W 150 46.61 -21.41 4.44
C ALA W 150 46.58 -21.12 5.94
N ASN W 151 47.77 -20.99 6.54
CA ASN W 151 47.89 -20.74 7.96
C ASN W 151 46.99 -19.57 8.34
N ALA W 152 47.35 -18.37 7.89
CA ALA W 152 46.62 -17.15 8.23
C ALA W 152 45.15 -17.48 8.51
N TYR W 153 44.47 -18.03 7.50
CA TYR W 153 43.05 -18.25 7.60
C TYR W 153 42.76 -19.27 8.70
N ILE W 154 43.41 -20.43 8.67
CA ILE W 154 43.20 -21.43 9.71
C ILE W 154 43.23 -20.73 11.07
N ASP W 155 44.31 -20.00 11.34
CA ASP W 155 44.51 -19.31 12.60
C ASP W 155 43.29 -18.43 12.89
N TYR W 156 43.06 -17.49 11.98
CA TYR W 156 41.98 -16.53 12.13
C TYR W 156 40.80 -17.15 12.88
N CYS W 157 40.48 -18.41 12.56
CA CYS W 157 39.42 -19.14 13.25
C CYS W 157 39.81 -19.49 14.68
N ILE W 158 40.99 -20.10 14.84
CA ILE W 158 41.48 -20.39 16.18
C ILE W 158 41.16 -19.19 17.06
N ASN W 159 41.61 -18.00 16.61
CA ASN W 159 41.46 -16.79 17.39
C ASN W 159 39.98 -16.47 17.63
N ALA W 160 39.15 -16.67 16.61
CA ALA W 160 37.73 -16.38 16.73
C ALA W 160 37.06 -17.34 17.70
N LEU W 161 37.49 -18.62 17.65
CA LEU W 161 36.94 -19.67 18.49
C LEU W 161 37.28 -19.40 19.95
N SER W 162 38.56 -19.18 20.20
CA SER W 162 39.06 -18.78 21.51
C SER W 162 38.74 -17.29 21.75
N MET X 1 28.02 -6.40 0.25
CA MET X 1 27.92 -6.24 -1.24
C MET X 1 28.11 -7.62 -1.89
N GLN X 2 28.41 -7.61 -3.19
CA GLN X 2 28.77 -8.80 -3.93
C GLN X 2 29.78 -8.45 -5.01
N ASP X 3 30.46 -9.49 -5.50
CA ASP X 3 31.29 -9.38 -6.69
C ASP X 3 31.51 -10.79 -7.23
N ALA X 4 32.22 -10.89 -8.36
CA ALA X 4 32.36 -12.12 -9.11
C ALA X 4 32.74 -13.30 -8.20
N PHE X 5 33.82 -13.12 -7.42
CA PHE X 5 34.34 -14.16 -6.55
C PHE X 5 33.26 -14.57 -5.56
N THR X 6 32.93 -13.64 -4.66
CA THR X 6 31.97 -13.86 -3.60
C THR X 6 30.79 -14.64 -4.15
N LYS X 7 30.26 -14.16 -5.28
CA LYS X 7 29.11 -14.76 -5.94
C LYS X 7 29.28 -16.26 -6.06
N ALA X 8 30.34 -16.66 -6.78
CA ALA X 8 30.58 -18.06 -7.08
C ALA X 8 30.56 -18.86 -5.77
N ILE X 9 31.28 -18.35 -4.77
CA ILE X 9 31.25 -18.90 -3.43
C ILE X 9 29.80 -19.20 -3.06
N VAL X 10 28.98 -18.14 -3.00
CA VAL X 10 27.64 -18.24 -2.45
C VAL X 10 26.92 -19.40 -3.11
N ALA X 11 26.90 -19.40 -4.44
CA ALA X 11 26.32 -20.51 -5.20
C ALA X 11 26.78 -21.84 -4.62
N ALA X 12 28.11 -22.04 -4.56
CA ALA X 12 28.71 -23.27 -4.08
C ALA X 12 28.15 -23.63 -2.70
N ASP X 13 27.99 -22.61 -1.85
CA ASP X 13 27.54 -22.81 -0.48
C ASP X 13 26.21 -23.55 -0.43
N LEU X 14 25.27 -23.15 -1.29
CA LEU X 14 23.90 -23.62 -1.20
C LEU X 14 23.82 -25.09 -1.64
N ARG X 15 24.65 -25.45 -2.63
CA ARG X 15 24.87 -26.83 -3.00
C ARG X 15 25.46 -27.59 -1.81
N GLY X 16 26.23 -26.87 -0.98
CA GLY X 16 26.79 -27.42 0.25
C GLY X 16 28.17 -28.02 0.01
N SER X 17 28.81 -27.62 -1.09
CA SER X 17 29.95 -28.34 -1.64
C SER X 17 31.16 -27.42 -1.73
N PHE X 18 32.33 -28.04 -1.89
CA PHE X 18 33.53 -27.34 -2.29
C PHE X 18 33.31 -26.81 -3.70
N LEU X 19 34.12 -25.83 -4.09
CA LEU X 19 34.02 -25.24 -5.41
C LEU X 19 34.38 -26.28 -6.47
N SER X 20 33.55 -26.34 -7.51
CA SER X 20 33.80 -27.13 -8.70
C SER X 20 35.15 -26.73 -9.32
N GLU X 21 35.87 -27.70 -9.89
CA GLU X 21 37.14 -27.38 -10.54
C GLU X 21 36.84 -26.45 -11.73
N GLN X 22 35.82 -26.81 -12.52
CA GLN X 22 35.34 -25.96 -13.60
C GLN X 22 35.24 -24.52 -13.10
N GLU X 23 34.56 -24.32 -11.96
CA GLU X 23 34.24 -22.99 -11.43
C GLU X 23 35.50 -22.21 -11.08
N LEU X 24 36.45 -22.89 -10.43
CA LEU X 24 37.76 -22.31 -10.16
C LEU X 24 38.31 -21.70 -11.44
N ASN X 25 38.22 -22.44 -12.56
CA ASN X 25 38.84 -22.03 -13.81
C ASN X 25 38.21 -20.75 -14.35
N GLN X 26 36.97 -20.44 -13.95
CA GLN X 26 36.39 -19.14 -14.26
C GLN X 26 37.20 -18.06 -13.54
N LEU X 27 37.43 -18.29 -12.26
CA LEU X 27 38.09 -17.32 -11.39
C LEU X 27 39.56 -17.24 -11.78
N THR X 28 40.21 -18.39 -11.99
CA THR X 28 41.62 -18.44 -12.40
C THR X 28 41.84 -17.50 -13.58
N ASN X 29 41.02 -17.66 -14.63
CA ASN X 29 41.09 -16.86 -15.85
C ASN X 29 40.82 -15.39 -15.50
N LEU X 30 39.80 -15.15 -14.67
CA LEU X 30 39.41 -13.79 -14.30
C LEU X 30 40.63 -13.04 -13.76
N VAL X 31 41.39 -13.72 -12.89
CA VAL X 31 42.62 -13.20 -12.31
C VAL X 31 43.54 -12.71 -13.43
N LYS X 32 43.79 -13.60 -14.40
CA LYS X 32 44.73 -13.34 -15.48
C LYS X 32 44.43 -11.99 -16.14
N GLU X 33 43.14 -11.70 -16.32
CA GLU X 33 42.69 -10.49 -16.99
C GLU X 33 42.88 -9.26 -16.09
N SER X 34 42.89 -9.47 -14.77
CA SER X 34 42.97 -8.38 -13.81
C SER X 34 43.60 -7.14 -14.44
N ASN X 35 44.90 -7.27 -14.76
CA ASN X 35 45.68 -6.11 -15.19
C ASN X 35 44.87 -5.30 -16.20
N LYS X 36 44.39 -5.98 -17.24
CA LYS X 36 43.53 -5.36 -18.23
C LYS X 36 42.37 -4.70 -17.48
N ARG X 37 41.57 -5.52 -16.78
CA ARG X 37 40.44 -5.02 -16.01
C ARG X 37 40.81 -3.68 -15.38
N LEU X 38 41.87 -3.68 -14.56
CA LEU X 38 42.25 -2.50 -13.81
C LEU X 38 42.37 -1.30 -14.74
N ASP X 39 43.27 -1.38 -15.73
CA ASP X 39 43.51 -0.25 -16.62
C ASP X 39 42.19 0.33 -17.12
N ALA X 40 41.27 -0.55 -17.51
CA ALA X 40 39.96 -0.11 -17.96
C ALA X 40 39.40 0.88 -16.95
N VAL X 41 39.24 0.42 -15.70
CA VAL X 41 38.71 1.26 -14.63
C VAL X 41 39.50 2.56 -14.61
N ASN X 42 40.82 2.44 -14.51
CA ASN X 42 41.69 3.61 -14.40
C ASN X 42 41.35 4.63 -15.47
N ALA X 43 41.16 4.16 -16.71
CA ALA X 43 40.86 5.03 -17.83
C ALA X 43 39.61 5.85 -17.54
N ILE X 44 38.54 5.20 -17.08
CA ILE X 44 37.29 5.90 -16.79
C ILE X 44 37.57 6.99 -15.77
N THR X 45 38.01 6.56 -14.58
CA THR X 45 38.24 7.46 -13.46
C THR X 45 39.09 8.65 -13.91
N GLY X 46 40.14 8.37 -14.68
CA GLY X 46 41.05 9.41 -15.15
C GLY X 46 40.36 10.48 -15.98
N ASN X 47 39.36 10.08 -16.76
CA ASN X 47 38.74 11.00 -17.72
C ASN X 47 37.40 11.50 -17.18
N ALA X 48 36.98 10.95 -16.03
CA ALA X 48 35.64 11.15 -15.50
C ALA X 48 35.08 12.51 -15.92
N ALA X 49 35.56 13.60 -15.29
CA ALA X 49 35.01 14.92 -15.51
C ALA X 49 34.57 15.09 -16.96
N GLU X 50 35.52 14.83 -17.85
CA GLU X 50 35.34 14.99 -19.29
C GLU X 50 34.13 14.20 -19.76
N ILE X 51 34.19 12.86 -19.57
CA ILE X 51 33.13 11.98 -20.02
C ILE X 51 31.80 12.71 -19.85
N ILE X 52 31.49 13.05 -18.59
CA ILE X 52 30.28 13.75 -18.27
C ILE X 52 30.18 15.01 -19.13
N SER X 53 31.05 15.98 -18.85
CA SER X 53 30.99 17.26 -19.55
C SER X 53 30.50 16.99 -20.98
N ASP X 54 31.27 16.17 -21.70
CA ASP X 54 31.00 15.82 -23.07
C ASP X 54 29.54 15.41 -23.21
N ALA X 55 29.17 14.27 -22.61
CA ALA X 55 27.85 13.70 -22.77
C ALA X 55 26.78 14.79 -22.63
N ALA X 56 26.87 15.59 -21.56
CA ALA X 56 25.93 16.67 -21.30
C ALA X 56 25.75 17.53 -22.56
N HIS X 57 26.84 18.16 -23.01
CA HIS X 57 26.79 19.03 -24.18
C HIS X 57 25.88 18.44 -25.24
N LYS X 58 26.17 17.18 -25.59
CA LYS X 58 25.45 16.49 -26.64
C LYS X 58 24.00 16.29 -26.23
N LEU X 59 23.77 15.89 -24.98
CA LEU X 59 22.41 15.70 -24.51
C LEU X 59 21.58 16.95 -24.77
N PHE X 60 22.15 18.13 -24.47
CA PHE X 60 21.38 19.37 -24.47
C PHE X 60 21.24 19.95 -25.87
N ALA X 61 22.25 19.70 -26.72
CA ALA X 61 22.13 20.04 -28.13
C ALA X 61 20.92 19.31 -28.74
N GLU X 62 20.72 18.04 -28.35
CA GLU X 62 19.64 17.21 -28.88
C GLU X 62 18.29 17.69 -28.35
N GLN X 63 18.11 17.63 -27.03
CA GLN X 63 16.82 17.88 -26.40
C GLN X 63 16.78 19.30 -25.84
N THR X 64 16.70 20.27 -26.75
CA THR X 64 16.76 21.69 -26.43
C THR X 64 15.81 22.06 -25.28
N ASP X 65 14.60 21.46 -25.28
CA ASP X 65 13.53 21.81 -24.35
C ASP X 65 13.95 21.65 -22.89
N LEU X 66 14.81 20.66 -22.61
CA LEU X 66 15.20 20.35 -21.25
C LEU X 66 15.71 21.62 -20.57
N ILE X 67 16.41 22.45 -21.35
CA ILE X 67 17.05 23.65 -20.85
C ILE X 67 16.14 24.86 -21.01
N ARG X 68 14.95 24.68 -21.58
CA ARG X 68 14.04 25.82 -21.74
C ARG X 68 13.10 25.91 -20.56
N PRO X 69 12.59 27.12 -20.24
CA PRO X 69 11.69 27.29 -19.10
C PRO X 69 10.54 26.31 -19.26
N GLY X 70 10.21 25.59 -18.18
CA GLY X 70 9.18 24.57 -18.21
C GLY X 70 9.74 23.16 -18.40
N GLY X 71 10.97 23.07 -18.93
CA GLY X 71 11.65 21.80 -19.11
C GLY X 71 12.15 21.26 -17.78
N ASN X 72 12.82 20.10 -17.81
CA ASN X 72 13.20 19.48 -16.56
C ASN X 72 14.59 19.92 -16.09
N ALA X 73 15.47 20.33 -16.99
CA ALA X 73 16.84 20.71 -16.64
C ALA X 73 16.91 22.16 -16.19
N TYR X 74 15.87 22.93 -16.46
CA TYR X 74 15.74 24.30 -15.99
C TYR X 74 15.08 24.32 -14.62
N PRO X 75 15.37 25.27 -13.70
CA PRO X 75 16.47 26.24 -13.83
C PRO X 75 17.80 25.67 -13.33
N ASN X 76 18.75 26.55 -12.95
CA ASN X 76 20.04 26.10 -12.46
C ASN X 76 19.88 24.91 -11.53
N ARG X 77 19.17 25.10 -10.41
CA ARG X 77 19.06 24.07 -9.40
C ARG X 77 18.93 22.72 -10.08
N ARG X 78 17.91 22.60 -10.94
CA ARG X 78 17.61 21.34 -11.57
C ARG X 78 18.82 20.92 -12.38
N MET X 79 19.26 21.79 -13.27
CA MET X 79 20.43 21.49 -14.09
C MET X 79 21.43 20.74 -13.25
N ALA X 80 21.82 21.37 -12.13
CA ALA X 80 22.85 20.81 -11.27
C ALA X 80 22.54 19.34 -10.99
N ALA X 81 21.36 19.11 -10.42
CA ALA X 81 20.90 17.77 -10.14
C ALA X 81 21.22 16.87 -11.33
N CYS X 82 20.70 17.24 -12.49
CA CYS X 82 20.80 16.38 -13.67
C CYS X 82 22.25 15.98 -13.92
N LEU X 83 23.16 16.94 -13.79
CA LEU X 83 24.58 16.64 -13.95
C LEU X 83 25.01 15.64 -12.89
N ARG X 84 24.79 16.01 -11.64
CA ARG X 84 25.10 15.16 -10.51
C ARG X 84 24.65 13.75 -10.81
N ASP X 85 23.37 13.56 -11.17
CA ASP X 85 22.83 12.24 -11.41
C ASP X 85 23.74 11.48 -12.36
N MET X 86 23.93 12.02 -13.56
CA MET X 86 24.72 11.34 -14.56
C MET X 86 25.97 10.78 -13.88
N GLU X 87 26.74 11.69 -13.28
CA GLU X 87 27.97 11.36 -12.59
C GLU X 87 27.72 10.10 -11.75
N ILE X 88 26.77 10.17 -10.83
CA ILE X 88 26.55 9.09 -9.89
C ILE X 88 26.54 7.78 -10.67
N ILE X 89 25.58 7.68 -11.58
CA ILE X 89 25.42 6.48 -12.38
C ILE X 89 26.80 6.02 -12.83
N LEU X 90 27.56 6.93 -13.43
CA LEU X 90 28.91 6.62 -13.87
C LEU X 90 29.68 5.98 -12.73
N ARG X 91 29.81 6.71 -11.62
CA ARG X 91 30.52 6.24 -10.44
C ARG X 91 30.23 4.76 -10.25
N TYR X 92 28.94 4.44 -10.09
CA TYR X 92 28.55 3.06 -9.85
C TYR X 92 29.11 2.18 -10.95
N VAL X 93 28.72 2.46 -12.19
CA VAL X 93 29.17 1.65 -13.30
C VAL X 93 30.62 1.26 -13.04
N SER X 94 31.49 2.27 -12.88
CA SER X 94 32.88 2.00 -12.58
C SER X 94 32.96 0.90 -11.54
N TYR X 95 32.39 1.16 -10.34
CA TYR X 95 32.46 0.19 -9.25
C TYR X 95 32.24 -1.20 -9.83
N ALA X 96 31.05 -1.41 -10.41
CA ALA X 96 30.71 -2.70 -10.98
C ALA X 96 31.91 -3.23 -11.74
N LEU X 97 32.39 -2.41 -12.69
CA LEU X 97 33.41 -2.83 -13.62
C LEU X 97 34.56 -3.51 -12.88
N LEU X 98 34.96 -2.91 -11.76
CA LEU X 98 36.03 -3.45 -10.94
C LEU X 98 35.60 -4.78 -10.34
N ALA X 99 34.44 -4.77 -9.66
CA ALA X 99 33.95 -5.94 -8.96
C ALA X 99 33.90 -7.14 -9.91
N GLY X 100 33.49 -6.88 -11.16
CA GLY X 100 33.19 -7.92 -12.12
C GLY X 100 31.75 -8.42 -11.91
N ASP X 101 30.87 -7.52 -11.47
CA ASP X 101 29.49 -7.87 -11.17
C ASP X 101 28.58 -6.63 -11.21
N ALA X 102 27.39 -6.84 -11.77
CA ALA X 102 26.37 -5.81 -11.87
C ALA X 102 25.87 -5.38 -10.49
N SER X 103 25.71 -6.35 -9.57
CA SER X 103 24.98 -6.16 -8.32
C SER X 103 25.13 -4.73 -7.82
N VAL X 104 26.27 -4.42 -7.20
CA VAL X 104 26.53 -3.12 -6.59
C VAL X 104 25.73 -2.04 -7.32
N LEU X 105 25.87 -1.98 -8.65
CA LEU X 105 25.21 -0.99 -9.47
C LEU X 105 23.69 -1.07 -9.30
N GLU X 106 23.14 -2.28 -9.48
CA GLU X 106 21.71 -2.48 -9.43
C GLU X 106 21.14 -2.01 -8.08
N ASP X 107 21.81 -2.41 -7.01
CA ASP X 107 21.25 -2.43 -5.68
C ASP X 107 21.30 -1.02 -5.10
N ARG X 108 22.49 -0.43 -5.05
CA ARG X 108 22.68 0.90 -4.51
C ARG X 108 22.03 1.92 -5.44
N CYS X 109 22.18 1.75 -6.76
CA CYS X 109 21.97 2.86 -7.67
C CYS X 109 20.64 2.74 -8.40
N LEU X 110 20.46 1.69 -9.19
CA LEU X 110 19.37 1.60 -10.13
C LEU X 110 18.02 1.37 -9.45
N ASN X 111 18.06 0.67 -8.30
CA ASN X 111 16.84 0.20 -7.68
C ASN X 111 15.97 1.38 -7.25
N GLY X 112 14.74 1.42 -7.78
CA GLY X 112 13.80 2.45 -7.42
C GLY X 112 13.95 3.71 -8.26
N LEU X 113 15.03 3.78 -9.06
CA LEU X 113 15.38 5.02 -9.70
C LEU X 113 14.26 5.43 -10.63
N LYS X 114 13.82 4.47 -11.47
CA LYS X 114 12.77 4.74 -12.43
C LYS X 114 11.62 5.48 -11.75
N GLU X 115 11.17 4.92 -10.62
CA GLU X 115 9.94 5.34 -10.01
C GLU X 115 10.08 6.77 -9.51
N THR X 116 11.20 7.03 -8.84
CA THR X 116 11.58 8.36 -8.45
C THR X 116 11.36 9.29 -9.65
N TYR X 117 12.10 9.01 -10.73
CA TYR X 117 12.09 9.87 -11.89
C TYR X 117 10.65 10.14 -12.31
N VAL X 118 9.86 9.07 -12.34
CA VAL X 118 8.46 9.17 -12.71
C VAL X 118 7.76 10.19 -11.81
N ALA X 119 7.83 9.95 -10.49
CA ALA X 119 7.10 10.77 -9.54
C ALA X 119 7.44 12.24 -9.72
N LEU X 120 8.72 12.52 -9.97
CA LEU X 120 9.19 13.89 -10.14
C LEU X 120 8.64 14.51 -11.42
N GLY X 121 8.44 13.67 -12.44
CA GLY X 121 8.06 14.13 -13.77
C GLY X 121 9.29 14.29 -14.65
N THR X 122 10.46 13.85 -14.15
CA THR X 122 11.64 13.70 -14.99
C THR X 122 11.30 12.72 -16.12
N PRO X 123 11.62 13.06 -17.39
CA PRO X 123 11.40 12.13 -18.50
C PRO X 123 12.46 11.04 -18.53
N THR X 124 12.04 9.82 -18.18
CA THR X 124 12.95 8.69 -18.06
C THR X 124 13.75 8.52 -19.35
N ARG X 125 13.06 8.69 -20.49
CA ARG X 125 13.65 8.54 -21.80
C ARG X 125 14.98 9.28 -21.88
N SER X 126 14.92 10.57 -21.60
CA SER X 126 16.06 11.45 -21.73
C SER X 126 17.20 10.93 -20.85
N VAL X 127 16.88 10.57 -19.60
CA VAL X 127 17.89 10.05 -18.70
C VAL X 127 18.62 8.92 -19.41
N ALA X 128 17.85 7.91 -19.85
CA ALA X 128 18.42 6.76 -20.53
C ALA X 128 19.38 7.24 -21.61
N ARG X 129 18.89 8.14 -22.49
CA ARG X 129 19.69 8.69 -23.56
C ARG X 129 21.06 9.10 -23.03
N ALA X 130 21.06 9.97 -22.01
CA ALA X 130 22.29 10.46 -21.40
C ALA X 130 23.22 9.30 -21.09
N VAL X 131 22.68 8.28 -20.40
CA VAL X 131 23.48 7.12 -20.02
C VAL X 131 24.24 6.62 -21.24
N GLN X 132 23.53 6.40 -22.35
CA GLN X 132 24.19 5.89 -23.54
C GLN X 132 25.27 6.87 -23.97
N LEU X 133 24.89 8.15 -24.19
CA LEU X 133 25.87 9.15 -24.57
C LEU X 133 27.15 8.94 -23.79
N MET X 134 27.01 8.90 -22.46
CA MET X 134 28.12 8.59 -21.60
C MET X 134 28.81 7.32 -22.10
N LYS X 135 28.06 6.21 -22.14
CA LYS X 135 28.65 4.94 -22.53
C LYS X 135 29.68 5.13 -23.63
N GLU X 136 29.27 5.69 -24.77
CA GLU X 136 30.06 5.73 -25.98
C GLU X 136 31.38 6.46 -25.74
N THR X 137 31.28 7.64 -25.12
CA THR X 137 32.43 8.45 -24.79
C THR X 137 33.40 7.63 -23.95
N ALA X 138 32.86 7.02 -22.89
CA ALA X 138 33.65 6.25 -21.94
C ALA X 138 34.44 5.16 -22.68
N ILE X 139 33.71 4.30 -23.40
CA ILE X 139 34.35 3.26 -24.19
C ILE X 139 35.50 3.88 -24.98
N GLY X 140 35.20 4.98 -25.68
CA GLY X 140 36.20 5.77 -26.40
C GLY X 140 37.56 5.77 -25.71
N TYR X 141 37.58 6.10 -24.40
CA TYR X 141 38.81 6.16 -23.65
C TYR X 141 39.33 4.76 -23.32
N VAL X 142 38.47 3.95 -22.69
CA VAL X 142 38.84 2.60 -22.33
C VAL X 142 39.64 1.99 -23.47
N ASN X 143 39.21 2.26 -24.72
CA ASN X 143 39.60 1.42 -25.84
C ASN X 143 40.75 2.00 -26.64
N SER X 144 41.16 3.25 -26.35
CA SER X 144 42.15 3.94 -27.18
C SER X 144 43.26 4.57 -26.34
N PRO X 145 43.76 3.93 -25.25
CA PRO X 145 44.71 4.61 -24.37
C PRO X 145 46.12 4.71 -24.96
N SER X 146 46.99 5.38 -24.19
CA SER X 146 48.33 5.71 -24.60
C SER X 146 49.30 5.24 -23.53
N GLY X 147 50.37 4.53 -23.96
CA GLY X 147 51.42 4.09 -23.06
C GLY X 147 51.09 2.74 -22.43
N VAL X 148 49.90 2.21 -22.72
CA VAL X 148 49.56 0.87 -22.29
C VAL X 148 50.05 -0.10 -23.37
N THR X 149 50.50 -1.27 -22.89
CA THR X 149 50.85 -2.40 -23.72
C THR X 149 49.65 -2.76 -24.61
N ARG X 150 49.90 -2.89 -25.92
CA ARG X 150 48.83 -3.12 -26.89
C ARG X 150 48.41 -4.60 -26.81
N GLY X 151 47.10 -4.81 -26.86
CA GLY X 151 46.48 -6.12 -26.80
C GLY X 151 44.97 -6.00 -26.96
N ASP X 152 44.21 -7.08 -26.65
CA ASP X 152 42.77 -7.10 -26.85
C ASP X 152 42.02 -6.91 -25.54
N CYS X 153 41.18 -5.86 -25.47
CA CYS X 153 40.40 -5.59 -24.27
C CYS X 153 38.92 -5.90 -24.49
N SER X 154 38.54 -6.25 -25.73
CA SER X 154 37.14 -6.47 -26.11
C SER X 154 36.32 -7.02 -24.95
N ALA X 155 36.70 -8.22 -24.45
CA ALA X 155 35.98 -8.92 -23.41
C ALA X 155 35.48 -7.94 -22.35
N LEU X 156 36.42 -7.14 -21.82
CA LEU X 156 36.13 -6.13 -20.82
C LEU X 156 35.22 -5.05 -21.38
N VAL X 157 35.58 -4.54 -22.56
CA VAL X 157 34.79 -3.52 -23.25
C VAL X 157 33.30 -3.90 -23.25
N ASN X 158 32.99 -5.15 -23.63
CA ASN X 158 31.60 -5.57 -23.78
C ASN X 158 30.91 -5.57 -22.42
N GLU X 159 31.55 -6.18 -21.43
CA GLU X 159 31.05 -6.19 -20.06
C GLU X 159 30.74 -4.76 -19.60
N ALA X 160 31.69 -3.84 -19.84
CA ALA X 160 31.43 -2.43 -19.59
C ALA X 160 30.09 -2.04 -20.21
N ALA X 161 30.00 -2.17 -21.54
CA ALA X 161 28.76 -1.88 -22.23
C ALA X 161 27.58 -2.38 -21.40
N THR X 162 27.51 -3.70 -21.15
CA THR X 162 26.38 -4.32 -20.49
C THR X 162 25.96 -3.50 -19.28
N TYR X 163 26.94 -3.12 -18.45
CA TYR X 163 26.65 -2.37 -17.25
C TYR X 163 25.88 -1.11 -17.62
N PHE X 164 26.49 -0.27 -18.45
CA PHE X 164 25.79 0.89 -18.98
C PHE X 164 24.35 0.56 -19.35
N ASP X 165 24.16 -0.58 -20.02
CA ASP X 165 22.89 -0.91 -20.62
C ASP X 165 21.88 -1.29 -19.55
N LYS X 166 22.26 -2.17 -18.61
CA LYS X 166 21.41 -2.44 -17.47
C LYS X 166 20.90 -1.12 -16.91
N ALA X 167 21.83 -0.17 -16.74
CA ALA X 167 21.46 1.16 -16.27
C ALA X 167 20.36 1.72 -17.18
N ALA X 168 20.71 1.94 -18.44
CA ALA X 168 19.78 2.51 -19.41
C ALA X 168 18.40 1.88 -19.27
N ALA X 169 18.37 0.54 -19.29
CA ALA X 169 17.12 -0.23 -19.29
C ALA X 169 16.28 0.05 -18.06
N SER X 170 16.87 -0.06 -16.87
CA SER X 170 16.11 -0.03 -15.63
C SER X 170 15.59 1.38 -15.37
N ILE X 171 16.35 2.40 -15.78
CA ILE X 171 15.92 3.78 -15.74
C ILE X 171 14.74 3.98 -16.69
N ALA X 172 14.98 3.61 -17.95
CA ALA X 172 13.97 3.67 -18.99
C ALA X 172 12.79 2.76 -18.64
N MET Y 1 45.50 11.72 6.63
CA MET Y 1 46.02 11.62 5.23
C MET Y 1 45.74 10.21 4.70
N LYS Y 2 45.24 10.18 3.46
CA LYS Y 2 44.82 8.95 2.84
C LYS Y 2 45.98 8.33 2.07
N THR Y 3 46.54 7.25 2.60
CA THR Y 3 47.34 6.33 1.83
C THR Y 3 46.75 4.93 2.01
N VAL Y 4 47.18 3.99 1.17
CA VAL Y 4 46.75 2.61 1.28
C VAL Y 4 46.86 2.19 2.74
N ILE Y 5 48.07 2.36 3.31
CA ILE Y 5 48.40 1.79 4.61
C ILE Y 5 47.46 2.40 5.66
N THR Y 6 47.31 3.72 5.64
CA THR Y 6 46.49 4.40 6.63
C THR Y 6 45.05 3.87 6.57
N GLU Y 7 44.52 3.67 5.36
CA GLU Y 7 43.12 3.33 5.20
C GLU Y 7 42.81 1.98 5.83
N VAL Y 8 43.60 0.96 5.49
CA VAL Y 8 43.34 -0.37 5.98
C VAL Y 8 43.36 -0.32 7.51
N ILE Y 9 44.35 0.35 8.08
CA ILE Y 9 44.38 0.55 9.52
C ILE Y 9 43.05 1.13 9.95
N ALA Y 10 42.66 2.25 9.33
CA ALA Y 10 41.41 2.92 9.67
C ALA Y 10 40.27 1.90 9.66
N SER Y 11 40.07 1.22 8.53
CA SER Y 11 38.97 0.26 8.41
C SER Y 11 39.07 -0.79 9.50
N ALA Y 12 40.24 -1.41 9.65
CA ALA Y 12 40.47 -2.37 10.73
C ALA Y 12 40.02 -1.74 12.04
N ASP Y 13 40.47 -0.51 12.28
CA ASP Y 13 40.26 0.16 13.56
C ASP Y 13 38.76 0.32 13.82
N SER Y 14 38.04 0.84 12.83
CA SER Y 14 36.61 1.09 12.96
C SER Y 14 35.90 -0.16 13.46
N GLN Y 15 36.08 -1.28 12.74
CA GLN Y 15 35.43 -2.53 13.07
C GLN Y 15 35.89 -3.01 14.47
N GLY Y 16 37.09 -2.60 14.88
CA GLY Y 16 37.62 -2.91 16.20
C GLY Y 16 38.36 -4.23 16.21
N ARG Y 17 38.90 -4.59 15.04
CA ARG Y 17 39.50 -5.90 14.84
C ARG Y 17 40.98 -5.73 14.47
N PHE Y 18 41.74 -6.77 14.73
CA PHE Y 18 43.14 -6.84 14.30
C PHE Y 18 43.24 -6.82 12.79
N LEU Y 19 44.36 -6.32 12.31
CA LEU Y 19 44.73 -6.49 10.91
C LEU Y 19 44.82 -7.97 10.61
N ASN Y 20 43.92 -8.48 9.77
CA ASN Y 20 43.93 -9.87 9.34
C ASN Y 20 44.49 -9.93 7.93
N ASN Y 21 44.42 -11.12 7.32
CA ASN Y 21 44.98 -11.32 5.99
C ASN Y 21 44.44 -10.29 5.01
N THR Y 22 43.13 -10.03 5.05
CA THR Y 22 42.47 -9.16 4.08
C THR Y 22 43.34 -7.94 3.83
N GLU Y 23 43.65 -7.22 4.91
CA GLU Y 23 44.28 -5.91 4.81
C GLU Y 23 45.70 -6.06 4.29
N LEU Y 24 46.41 -7.05 4.83
CA LEU Y 24 47.81 -7.23 4.47
C LEU Y 24 47.92 -7.39 2.96
N GLN Y 25 47.08 -8.25 2.38
CA GLN Y 25 47.03 -8.37 0.93
C GLN Y 25 47.09 -6.98 0.31
N ALA Y 26 46.17 -6.11 0.73
CA ALA Y 26 46.10 -4.76 0.20
C ALA Y 26 47.45 -4.07 0.36
N ALA Y 27 47.94 -3.98 1.59
CA ALA Y 27 49.23 -3.35 1.87
C ALA Y 27 50.26 -3.85 0.87
N ASN Y 28 50.41 -5.19 0.77
CA ASN Y 28 51.39 -5.80 -0.11
C ASN Y 28 51.34 -5.11 -1.47
N GLY Y 29 50.13 -4.96 -2.02
CA GLY Y 29 49.92 -4.28 -3.29
C GLY Y 29 50.67 -2.96 -3.35
N ARG Y 30 50.39 -2.08 -2.39
CA ARG Y 30 51.05 -0.80 -2.30
C ARG Y 30 52.57 -0.93 -2.41
N PHE Y 31 53.15 -1.89 -1.69
CA PHE Y 31 54.60 -2.04 -1.62
C PHE Y 31 55.17 -2.51 -2.95
N GLN Y 32 54.51 -3.47 -3.59
CA GLN Y 32 54.98 -3.99 -4.85
C GLN Y 32 55.04 -2.84 -5.86
N ARG Y 33 53.95 -2.07 -5.93
CA ARG Y 33 53.84 -0.95 -6.86
C ARG Y 33 54.93 0.08 -6.62
N ALA Y 34 55.26 0.35 -5.34
CA ALA Y 34 56.14 1.43 -4.95
C ALA Y 34 57.35 1.56 -5.86
N THR Y 35 57.99 0.43 -6.20
CA THR Y 35 59.20 0.43 -7.00
C THR Y 35 59.02 1.31 -8.24
N ALA Y 36 57.91 1.09 -8.96
CA ALA Y 36 57.55 1.92 -10.11
C ALA Y 36 57.32 3.37 -9.67
N SER Y 37 56.44 3.56 -8.67
CA SER Y 37 56.11 4.88 -8.14
C SER Y 37 57.39 5.67 -7.87
N MET Y 38 58.28 5.08 -7.06
CA MET Y 38 59.51 5.70 -6.63
C MET Y 38 60.32 6.21 -7.82
N GLU Y 39 60.45 5.33 -8.82
CA GLU Y 39 61.17 5.67 -10.04
C GLU Y 39 60.62 6.97 -10.63
N ALA Y 40 59.30 7.01 -10.80
CA ALA Y 40 58.62 8.16 -11.38
C ALA Y 40 59.02 9.43 -10.63
N ALA Y 41 58.93 9.38 -9.30
CA ALA Y 41 59.23 10.52 -8.46
C ALA Y 41 60.64 11.03 -8.73
N ARG Y 42 61.62 10.12 -8.77
CA ARG Y 42 63.00 10.51 -9.04
C ARG Y 42 63.09 11.27 -10.35
N ALA Y 43 62.32 10.85 -11.36
CA ALA Y 43 62.34 11.47 -12.67
C ALA Y 43 61.74 12.89 -12.63
N LEU Y 44 60.59 13.05 -11.97
CA LEU Y 44 59.95 14.37 -11.88
C LEU Y 44 60.84 15.33 -11.09
N THR Y 45 61.29 14.86 -9.92
CA THR Y 45 62.07 15.67 -9.00
C THR Y 45 63.25 16.31 -9.74
N SER Y 46 63.90 15.53 -10.61
CA SER Y 46 65.12 15.96 -11.31
C SER Y 46 64.82 17.05 -12.33
N ASN Y 47 63.77 16.85 -13.13
CA ASN Y 47 63.45 17.75 -14.25
C ASN Y 47 62.54 18.88 -13.79
N ALA Y 48 62.28 18.98 -12.48
CA ALA Y 48 61.26 19.86 -11.93
C ALA Y 48 61.22 21.18 -12.68
N ASP Y 49 61.99 22.16 -12.21
CA ASP Y 49 62.35 23.40 -12.91
C ASP Y 49 61.90 23.42 -14.37
N SER Y 50 62.50 22.57 -15.21
CA SER Y 50 62.34 22.62 -16.66
C SER Y 50 60.86 22.46 -17.01
N LEU Y 51 60.22 21.51 -16.32
CA LEU Y 51 58.79 21.28 -16.44
C LEU Y 51 58.04 22.56 -16.08
N VAL Y 52 58.41 23.17 -14.95
CA VAL Y 52 57.77 24.37 -14.47
C VAL Y 52 57.87 25.44 -15.56
N LYS Y 53 59.10 25.84 -15.93
CA LYS Y 53 59.28 26.85 -16.96
C LYS Y 53 58.28 26.59 -18.09
N GLY Y 54 58.41 25.39 -18.69
CA GLY Y 54 57.67 25.02 -19.88
C GLY Y 54 56.18 25.26 -19.69
N ALA Y 55 55.66 24.81 -18.54
CA ALA Y 55 54.25 24.95 -18.22
C ALA Y 55 53.87 26.43 -18.20
N VAL Y 56 54.36 27.16 -17.19
CA VAL Y 56 54.07 28.59 -17.07
C VAL Y 56 53.97 29.16 -18.48
N GLN Y 57 55.07 29.01 -19.20
CA GLN Y 57 55.18 29.51 -20.57
C GLN Y 57 53.90 29.16 -21.32
N GLU Y 58 53.71 27.87 -21.56
CA GLU Y 58 52.55 27.34 -22.28
C GLU Y 58 51.31 28.18 -21.99
N VAL Y 59 50.94 28.24 -20.71
CA VAL Y 59 49.76 28.96 -20.27
C VAL Y 59 49.64 30.29 -21.03
N TYR Y 60 50.74 31.05 -21.09
CA TYR Y 60 50.74 32.35 -21.73
C TYR Y 60 50.46 32.24 -23.23
N ASN Y 61 51.02 31.24 -23.89
CA ASN Y 61 50.75 31.02 -25.31
C ASN Y 61 49.26 30.78 -25.49
N LYS Y 62 48.73 29.91 -24.62
CA LYS Y 62 47.34 29.49 -24.65
C LYS Y 62 46.41 30.68 -24.44
N PHE Y 63 46.80 31.61 -23.55
CA PHE Y 63 45.95 32.71 -23.15
C PHE Y 63 46.71 34.03 -23.26
N PRO Y 64 47.02 34.47 -24.50
CA PRO Y 64 47.96 35.57 -24.70
C PRO Y 64 47.63 36.77 -23.82
N TYR Y 65 46.35 37.12 -23.80
CA TYR Y 65 45.84 38.34 -23.19
C TYR Y 65 46.32 38.49 -21.74
N LEU Y 66 46.61 37.36 -21.07
CA LEU Y 66 47.02 37.40 -19.68
C LEU Y 66 48.25 38.29 -19.47
N THR Y 67 49.14 38.33 -20.47
CA THR Y 67 50.41 39.04 -20.36
C THR Y 67 50.23 40.53 -20.63
N GLN Y 68 49.05 40.94 -21.12
CA GLN Y 68 48.77 42.35 -21.39
C GLN Y 68 48.65 43.11 -20.07
N PRO Y 69 49.00 44.42 -20.04
CA PRO Y 69 48.87 45.22 -18.82
C PRO Y 69 47.42 45.37 -18.36
N GLY Y 70 47.24 45.35 -17.03
CA GLY Y 70 45.91 45.40 -16.42
C GLY Y 70 45.30 44.01 -16.24
N GLN Y 71 46.02 42.97 -16.68
CA GLN Y 71 45.57 41.59 -16.52
C GLN Y 71 46.31 40.95 -15.34
N MET Y 72 46.02 39.66 -15.11
CA MET Y 72 46.57 38.91 -14.00
C MET Y 72 47.97 38.40 -14.35
N GLY Y 73 48.13 37.93 -15.59
CA GLY Y 73 49.40 37.38 -16.05
C GLY Y 73 50.50 38.43 -16.14
N TYR Y 74 50.14 39.70 -15.88
CA TYR Y 74 51.02 40.81 -16.17
C TYR Y 74 51.74 41.29 -14.91
N GLY Y 75 53.02 41.64 -15.07
CA GLY Y 75 53.81 42.16 -13.97
C GLY Y 75 54.35 41.03 -13.11
N ASP Y 76 55.65 41.11 -12.81
CA ASP Y 76 56.49 40.00 -12.41
C ASP Y 76 55.94 39.25 -11.19
N THR Y 77 55.47 40.03 -10.21
CA THR Y 77 54.91 39.52 -8.97
C THR Y 77 54.00 38.34 -9.31
N ASN Y 78 53.08 38.61 -10.23
CA ASN Y 78 52.05 37.66 -10.61
C ASN Y 78 52.72 36.45 -11.24
N GLN Y 79 53.67 36.70 -12.17
CA GLN Y 79 54.41 35.66 -12.85
C GLN Y 79 55.08 34.76 -11.80
N ALA Y 80 55.79 35.39 -10.85
CA ALA Y 80 56.42 34.69 -9.75
C ALA Y 80 55.40 33.76 -9.10
N LYS Y 81 54.28 34.34 -8.62
CA LYS Y 81 53.22 33.56 -8.01
C LYS Y 81 52.90 32.38 -8.93
N CYS Y 82 52.49 32.68 -10.15
CA CYS Y 82 52.12 31.65 -11.11
C CYS Y 82 53.13 30.50 -11.10
N ALA Y 83 54.43 30.83 -11.15
CA ALA Y 83 55.49 29.83 -11.08
C ALA Y 83 55.36 29.04 -9.78
N ARG Y 84 55.55 29.74 -8.66
CA ARG Y 84 55.41 29.15 -7.33
C ARG Y 84 54.31 28.11 -7.35
N ASP Y 85 53.08 28.55 -7.66
CA ASP Y 85 51.91 27.72 -7.56
C ASP Y 85 52.19 26.39 -8.24
N ILE Y 86 52.55 26.44 -9.53
CA ILE Y 86 52.74 25.22 -10.28
C ILE Y 86 53.80 24.35 -9.59
N SER Y 87 54.95 24.95 -9.24
CA SER Y 87 55.93 24.20 -8.46
C SER Y 87 55.17 23.36 -7.44
N HIS Y 88 54.39 24.03 -6.58
CA HIS Y 88 53.64 23.34 -5.53
C HIS Y 88 53.00 22.09 -6.12
N TYR Y 89 52.07 22.28 -7.04
CA TYR Y 89 51.33 21.17 -7.61
C TYR Y 89 52.28 20.01 -7.84
N LEU Y 90 53.38 20.31 -8.56
CA LEU Y 90 54.36 19.30 -8.87
C LEU Y 90 54.83 18.65 -7.58
N ARG Y 91 55.42 19.47 -6.71
CA ARG Y 91 55.94 19.01 -5.43
C ARG Y 91 55.01 17.94 -4.88
N PHE Y 92 53.76 18.33 -4.64
CA PHE Y 92 52.81 17.43 -4.03
C PHE Y 92 52.73 16.14 -4.83
N ILE Y 93 52.56 16.25 -6.15
CA ILE Y 93 52.45 15.06 -6.95
C ILE Y 93 53.55 14.08 -6.54
N THR Y 94 54.81 14.53 -6.61
CA THR Y 94 55.92 13.67 -6.22
C THR Y 94 55.56 13.02 -4.90
N TYR Y 95 55.30 13.85 -3.88
CA TYR Y 95 54.96 13.36 -2.56
C TYR Y 95 54.03 12.15 -2.71
N SER Y 96 52.90 12.38 -3.39
CA SER Y 96 51.84 11.39 -3.46
C SER Y 96 52.35 10.08 -4.05
N LEU Y 97 53.18 10.16 -5.10
CA LEU Y 97 53.78 8.96 -5.68
C LEU Y 97 54.46 8.14 -4.58
N VAL Y 98 55.25 8.84 -3.76
CA VAL Y 98 56.09 8.21 -2.75
C VAL Y 98 55.21 7.64 -1.64
N ALA Y 99 54.26 8.45 -1.17
CA ALA Y 99 53.37 8.07 -0.08
C ALA Y 99 52.49 6.89 -0.50
N GLY Y 100 52.27 6.74 -1.82
CA GLY Y 100 51.39 5.69 -2.30
C GLY Y 100 49.96 5.96 -1.83
N GLY Y 101 49.43 7.11 -2.27
CA GLY Y 101 48.06 7.52 -2.00
C GLY Y 101 47.85 8.94 -2.48
N THR Y 102 46.59 9.34 -2.66
CA THR Y 102 46.29 10.70 -3.08
C THR Y 102 46.46 11.63 -1.90
N GLY Y 103 46.35 11.08 -0.69
CA GLY Y 103 46.41 11.84 0.54
C GLY Y 103 47.10 13.17 0.35
N PRO Y 104 48.43 13.22 0.19
CA PRO Y 104 49.16 14.49 0.19
C PRO Y 104 48.44 15.53 -0.66
N LEU Y 105 48.07 15.12 -1.88
CA LEU Y 105 47.37 16.02 -2.78
C LEU Y 105 46.12 16.56 -2.13
N ASP Y 106 45.26 15.64 -1.67
CA ASP Y 106 43.96 15.97 -1.12
C ASP Y 106 44.06 17.13 -0.14
N ASP Y 107 44.97 16.99 0.83
CA ASP Y 107 44.97 17.81 2.03
C ASP Y 107 45.59 19.17 1.77
N TYR Y 108 46.63 19.20 0.93
CA TYR Y 108 47.27 20.46 0.62
C TYR Y 108 46.46 21.17 -0.46
N ILE Y 109 46.35 20.50 -1.60
CA ILE Y 109 45.92 21.16 -2.82
C ILE Y 109 44.40 21.21 -2.88
N VAL Y 110 43.76 20.05 -2.78
CA VAL Y 110 42.39 19.88 -3.24
C VAL Y 110 41.42 20.54 -2.27
N ALA Y 111 41.53 20.19 -1.01
CA ALA Y 111 40.64 20.69 0.03
C ALA Y 111 40.70 22.21 0.03
N GLY Y 112 39.55 22.84 -0.20
CA GLY Y 112 39.45 24.28 -0.21
C GLY Y 112 39.85 24.88 -1.54
N LEU Y 113 40.12 24.02 -2.54
CA LEU Y 113 40.59 24.50 -3.82
C LEU Y 113 39.64 25.58 -4.33
N ARG Y 114 38.36 25.21 -4.44
CA ARG Y 114 37.32 26.03 -5.06
C ARG Y 114 37.40 27.46 -4.56
N GLU Y 115 37.35 27.63 -3.24
CA GLU Y 115 37.03 28.90 -2.60
C GLU Y 115 38.20 29.84 -2.76
N VAL Y 116 39.39 29.34 -2.45
CA VAL Y 116 40.63 30.00 -2.79
C VAL Y 116 40.45 30.59 -4.19
N ASN Y 117 40.29 29.70 -5.17
CA ASN Y 117 40.27 30.08 -6.58
C ASN Y 117 39.20 31.13 -6.83
N ARG Y 118 38.05 30.98 -6.18
CA ARG Y 118 36.95 31.89 -6.38
C ARG Y 118 37.31 33.29 -5.89
N THR Y 119 37.87 33.34 -4.67
CA THR Y 119 38.04 34.61 -3.97
C THR Y 119 39.14 35.43 -4.64
N PHE Y 120 40.11 34.73 -5.25
CA PHE Y 120 41.23 35.37 -5.93
C PHE Y 120 41.04 35.37 -7.45
N ASN Y 121 39.95 34.77 -7.93
CA ASN Y 121 39.58 34.85 -9.33
C ASN Y 121 40.62 34.15 -10.19
N LEU Y 122 41.18 33.06 -9.67
CA LEU Y 122 42.03 32.20 -10.46
C LEU Y 122 41.12 31.28 -11.27
N SER Y 123 41.32 31.27 -12.59
CA SER Y 123 40.55 30.41 -13.45
C SER Y 123 41.17 29.00 -13.45
N PRO Y 124 40.42 27.96 -13.04
CA PRO Y 124 40.96 26.60 -13.01
C PRO Y 124 41.69 26.32 -14.32
N SER Y 125 40.98 26.53 -15.43
CA SER Y 125 41.52 26.36 -16.78
C SER Y 125 43.04 26.51 -16.79
N TRP Y 126 43.56 27.67 -16.37
CA TRP Y 126 45.00 27.91 -16.42
C TRP Y 126 45.73 26.69 -15.89
N TYR Y 127 45.63 26.48 -14.58
CA TYR Y 127 46.31 25.37 -13.95
C TYR Y 127 46.23 24.18 -14.89
N ILE Y 128 45.01 23.83 -15.29
CA ILE Y 128 44.82 22.65 -16.10
C ILE Y 128 45.90 22.62 -17.19
N GLU Y 129 45.96 23.67 -18.02
CA GLU Y 129 46.90 23.67 -19.13
C GLU Y 129 48.28 23.29 -18.61
N ALA Y 130 48.76 24.06 -17.63
CA ALA Y 130 50.02 23.75 -16.98
C ALA Y 130 50.14 22.23 -16.91
N LEU Y 131 49.22 21.60 -16.15
CA LEU Y 131 49.27 20.17 -15.95
C LEU Y 131 49.40 19.45 -17.30
N LYS Y 132 48.43 19.67 -18.21
CA LYS Y 132 48.44 18.97 -19.47
C LYS Y 132 49.83 19.05 -20.11
N HIS Y 133 50.32 20.28 -20.32
CA HIS Y 133 51.64 20.47 -20.91
C HIS Y 133 52.64 19.55 -20.19
N ILE Y 134 52.64 19.62 -18.86
CA ILE Y 134 53.50 18.75 -18.05
C ILE Y 134 53.32 17.31 -18.51
N LYS Y 135 52.09 16.82 -18.39
CA LYS Y 135 51.78 15.43 -18.68
C LYS Y 135 52.48 15.01 -19.97
N GLY Y 136 52.35 15.86 -21.01
CA GLY Y 136 52.95 15.63 -22.31
C GLY Y 136 54.46 15.43 -22.24
N LYS Y 137 55.16 16.30 -21.47
CA LYS Y 137 56.60 16.19 -21.31
C LYS Y 137 56.94 14.89 -20.58
N VAL Y 138 56.30 14.69 -19.43
CA VAL Y 138 56.49 13.48 -18.63
C VAL Y 138 56.36 12.25 -19.54
N GLY Y 139 55.43 12.32 -20.50
CA GLY Y 139 55.19 11.23 -21.44
C GLY Y 139 56.39 10.90 -22.34
N SER Y 140 57.56 11.51 -22.07
CA SER Y 140 58.79 11.19 -22.80
C SER Y 140 59.83 10.58 -21.87
N GLN Y 141 60.03 11.20 -20.70
CA GLN Y 141 61.09 10.85 -19.76
C GLN Y 141 60.79 9.49 -19.12
N LEU Y 142 59.50 9.14 -19.06
CA LEU Y 142 59.03 7.93 -18.41
C LEU Y 142 58.42 6.97 -19.42
N SER Y 143 58.11 5.76 -18.93
CA SER Y 143 57.63 4.67 -19.75
C SER Y 143 57.08 3.55 -18.88
N GLY Y 144 56.15 2.76 -19.45
CA GLY Y 144 55.58 1.62 -18.75
C GLY Y 144 54.86 2.06 -17.47
N GLN Y 145 54.93 1.20 -16.45
CA GLN Y 145 54.20 1.42 -15.21
C GLN Y 145 54.59 2.76 -14.60
N PRO Y 146 55.90 3.06 -14.43
CA PRO Y 146 56.32 4.36 -13.89
C PRO Y 146 55.46 5.48 -14.49
N LEU Y 147 55.44 5.54 -15.83
CA LEU Y 147 54.62 6.52 -16.53
C LEU Y 147 53.19 6.45 -16.01
N THR Y 148 52.54 5.28 -16.18
CA THR Y 148 51.15 5.13 -15.84
C THR Y 148 50.88 5.81 -14.51
N GLU Y 149 51.68 5.48 -13.48
CA GLU Y 149 51.52 6.07 -12.16
C GLU Y 149 51.52 7.59 -12.26
N ALA Y 150 52.59 8.16 -12.83
CA ALA Y 150 52.70 9.60 -12.98
C ALA Y 150 51.38 10.18 -13.46
N ASN Y 151 50.88 9.65 -14.58
CA ASN Y 151 49.62 10.11 -15.16
C ASN Y 151 48.55 10.14 -14.08
N ALA Y 152 48.13 8.96 -13.62
CA ALA Y 152 47.07 8.84 -12.62
C ALA Y 152 47.00 10.08 -11.75
N TYR Y 153 48.10 10.37 -11.06
CA TYR Y 153 48.12 11.45 -10.09
C TYR Y 153 47.91 12.78 -10.79
N ILE Y 154 48.71 13.07 -11.82
CA ILE Y 154 48.54 14.31 -12.56
C ILE Y 154 47.05 14.52 -12.85
N ASP Y 155 46.42 13.52 -13.47
CA ASP Y 155 45.02 13.58 -13.84
C ASP Y 155 44.18 13.92 -12.63
N TYR Y 156 44.26 13.07 -11.61
CA TYR Y 156 43.48 13.22 -10.40
C TYR Y 156 43.25 14.70 -10.08
N CYS Y 157 44.28 15.52 -10.28
CA CYS Y 157 44.19 16.96 -10.09
C CYS Y 157 43.33 17.62 -11.17
N ILE Y 158 43.65 17.33 -12.43
CA ILE Y 158 42.83 17.84 -13.52
C ILE Y 158 41.37 17.71 -13.10
N ASN Y 159 40.97 16.49 -12.70
CA ASN Y 159 39.59 16.20 -12.36
C ASN Y 159 39.13 17.05 -11.17
N ALA Y 160 40.01 17.21 -10.18
CA ALA Y 160 39.69 17.98 -8.98
C ALA Y 160 39.53 19.45 -9.33
N LEU Y 161 40.38 19.95 -10.22
CA LEU Y 161 40.39 21.34 -10.66
C LEU Y 161 39.12 21.66 -11.41
N SER Y 162 38.84 20.83 -12.42
CA SER Y 162 37.60 20.90 -13.19
C SER Y 162 36.45 20.29 -12.36
N MET Z 1 45.86 10.88 10.25
CA MET Z 1 46.87 9.88 10.72
C MET Z 1 48.19 10.13 9.99
N GLN Z 2 49.13 9.24 10.26
CA GLN Z 2 50.49 9.35 9.73
C GLN Z 2 51.10 7.96 9.65
N ASP Z 3 52.19 7.85 8.90
CA ASP Z 3 53.03 6.67 8.83
C ASP Z 3 54.37 7.08 8.22
N ALA Z 4 55.31 6.15 8.13
CA ALA Z 4 56.69 6.42 7.75
C ALA Z 4 56.77 7.34 6.53
N PHE Z 5 56.10 6.94 5.44
CA PHE Z 5 56.14 7.67 4.18
C PHE Z 5 55.62 9.09 4.42
N THR Z 6 54.33 9.19 4.72
CA THR Z 6 53.63 10.45 4.93
C THR Z 6 54.53 11.39 5.73
N LYS Z 7 55.06 10.85 6.84
CA LYS Z 7 55.91 11.60 7.75
C LYS Z 7 57.00 12.33 6.99
N ALA Z 8 57.83 11.56 6.29
CA ALA Z 8 58.98 12.10 5.58
C ALA Z 8 58.52 13.24 4.68
N ILE Z 9 57.44 13.00 3.92
CA ILE Z 9 56.78 14.03 3.14
C ILE Z 9 56.68 15.30 3.98
N VAL Z 10 55.93 15.19 5.08
CA VAL Z 10 55.54 16.35 5.86
C VAL Z 10 56.79 17.17 6.18
N ALA Z 11 57.80 16.51 6.76
CA ALA Z 11 59.08 17.13 7.04
C ALA Z 11 59.55 17.93 5.83
N ALA Z 12 59.66 17.26 4.67
CA ALA Z 12 60.12 17.88 3.43
C ALA Z 12 59.34 19.15 3.14
N ASP Z 13 58.01 19.09 3.36
CA ASP Z 13 57.12 20.19 3.06
C ASP Z 13 57.56 21.47 3.77
N LEU Z 14 57.92 21.37 5.05
CA LEU Z 14 58.15 22.54 5.87
C LEU Z 14 59.45 23.23 5.47
N ARG Z 15 60.42 22.42 5.07
CA ARG Z 15 61.64 22.92 4.46
C ARG Z 15 61.29 23.62 3.14
N GLY Z 16 60.20 23.16 2.49
CA GLY Z 16 59.66 23.80 1.30
C GLY Z 16 60.27 23.20 0.04
N SER Z 17 60.81 21.98 0.16
CA SER Z 17 61.66 21.41 -0.86
C SER Z 17 61.07 20.11 -1.38
N PHE Z 18 61.56 19.72 -2.56
CA PHE Z 18 61.39 18.38 -3.08
C PHE Z 18 62.14 17.43 -2.16
N LEU Z 19 61.80 16.15 -2.23
CA LEU Z 19 62.43 15.14 -1.39
C LEU Z 19 63.89 15.01 -1.78
N SER Z 20 64.77 15.01 -0.76
CA SER Z 20 66.19 14.72 -0.91
C SER Z 20 66.37 13.34 -1.54
N GLU Z 21 67.40 13.17 -2.37
CA GLU Z 21 67.67 11.85 -2.92
C GLU Z 21 68.03 10.91 -1.77
N GLN Z 22 68.91 11.38 -0.86
CA GLN Z 22 69.24 10.66 0.35
C GLN Z 22 67.95 10.12 0.99
N GLU Z 23 66.95 11.00 1.17
CA GLU Z 23 65.72 10.68 1.89
C GLU Z 23 64.91 9.59 1.19
N LEU Z 24 64.81 9.69 -0.13
CA LEU Z 24 64.21 8.64 -0.94
C LEU Z 24 64.81 7.30 -0.56
N ASN Z 25 66.15 7.24 -0.43
CA ASN Z 25 66.85 5.99 -0.20
C ASN Z 25 66.50 5.38 1.15
N GLN Z 26 66.03 6.19 2.11
CA GLN Z 26 65.47 5.67 3.34
C GLN Z 26 64.22 4.86 3.02
N LEU Z 27 63.34 5.48 2.22
CA LEU Z 27 62.06 4.89 1.89
C LEU Z 27 62.27 3.69 0.97
N THR Z 28 63.14 3.84 -0.04
CA THR Z 28 63.45 2.77 -0.97
C THR Z 28 63.79 1.50 -0.19
N ASN Z 29 64.74 1.61 0.76
CA ASN Z 29 65.18 0.51 1.60
C ASN Z 29 64.01 -0.01 2.44
N LEU Z 30 63.23 0.92 3.02
CA LEU Z 30 62.11 0.57 3.88
C LEU Z 30 61.19 -0.40 3.14
N VAL Z 31 60.92 -0.08 1.87
CA VAL Z 31 60.13 -0.92 0.98
C VAL Z 31 60.68 -2.34 0.97
N LYS Z 32 61.98 -2.46 0.70
CA LYS Z 32 62.64 -3.75 0.56
C LYS Z 32 62.30 -4.65 1.74
N GLU Z 33 62.28 -4.08 2.96
CA GLU Z 33 62.02 -4.81 4.18
C GLU Z 33 60.56 -5.22 4.31
N SER Z 34 59.66 -4.48 3.64
CA SER Z 34 58.24 -4.78 3.67
C SER Z 34 57.98 -6.23 4.06
N ASN Z 35 58.37 -7.15 3.18
CA ASN Z 35 58.02 -8.56 3.32
C ASN Z 35 58.26 -8.98 4.77
N LYS Z 36 59.48 -8.72 5.26
CA LYS Z 36 59.81 -8.99 6.66
C LYS Z 36 58.76 -8.30 7.52
N ARG Z 37 58.69 -6.96 7.42
CA ARG Z 37 57.73 -6.18 8.19
C ARG Z 37 56.41 -6.95 8.26
N LEU Z 38 55.82 -7.27 7.10
CA LEU Z 38 54.51 -7.89 7.06
C LEU Z 38 54.48 -9.10 7.98
N ASP Z 39 55.33 -10.10 7.70
CA ASP Z 39 55.32 -11.35 8.44
C ASP Z 39 55.29 -11.06 9.94
N ALA Z 40 56.12 -10.11 10.38
CA ALA Z 40 56.12 -9.71 11.79
C ALA Z 40 54.69 -9.50 12.24
N VAL Z 41 54.01 -8.54 11.60
CA VAL Z 41 52.64 -8.22 11.93
C VAL Z 41 51.82 -9.51 11.96
N ASN Z 42 51.87 -10.26 10.86
CA ASN Z 42 51.10 -11.49 10.71
C ASN Z 42 51.26 -12.36 11.94
N ALA Z 43 52.50 -12.52 12.40
CA ALA Z 43 52.79 -13.36 13.55
C ALA Z 43 51.99 -12.89 14.77
N ILE Z 44 52.01 -11.58 15.05
CA ILE Z 44 51.27 -11.05 16.19
C ILE Z 44 49.79 -11.43 16.05
N THR Z 45 49.18 -10.93 14.98
CA THR Z 45 47.76 -11.10 14.74
C THR Z 45 47.38 -12.58 14.88
N GLY Z 46 48.21 -13.46 14.31
CA GLY Z 46 47.94 -14.89 14.34
C GLY Z 46 47.85 -15.44 15.77
N ASN Z 47 48.66 -14.90 16.67
CA ASN Z 47 48.79 -15.47 18.00
C ASN Z 47 47.99 -14.63 19.01
N ALA Z 48 47.45 -13.49 18.54
CA ALA Z 48 46.87 -12.48 19.40
C ALA Z 48 46.29 -13.09 20.67
N ALA Z 49 45.12 -13.74 20.55
CA ALA Z 49 44.39 -14.25 21.69
C ALA Z 49 45.35 -14.72 22.76
N GLU Z 50 46.24 -15.65 22.33
CA GLU Z 50 47.15 -16.31 23.24
C GLU Z 50 48.04 -15.28 23.94
N ILE Z 51 48.77 -14.46 23.18
CA ILE Z 51 49.65 -13.45 23.76
C ILE Z 51 48.99 -12.90 25.01
N ILE Z 52 47.81 -12.30 24.82
CA ILE Z 52 47.05 -11.75 25.93
C ILE Z 52 46.88 -12.83 26.99
N SER Z 53 46.07 -13.84 26.69
CA SER Z 53 45.77 -14.88 27.67
C SER Z 53 47.00 -15.06 28.55
N ASP Z 54 48.10 -15.43 27.90
CA ASP Z 54 49.37 -15.69 28.57
C ASP Z 54 49.69 -14.54 29.52
N ALA Z 55 49.94 -13.34 28.97
CA ALA Z 55 50.37 -12.20 29.76
C ALA Z 55 49.52 -12.07 31.02
N ALA Z 56 48.18 -12.10 30.85
CA ALA Z 56 47.25 -12.01 31.96
C ALA Z 56 47.64 -12.99 33.08
N HIS Z 57 47.63 -14.29 32.77
CA HIS Z 57 47.96 -15.31 33.76
C HIS Z 57 49.11 -14.85 34.63
N LYS Z 58 50.20 -14.45 33.96
CA LYS Z 58 51.42 -14.05 34.64
C LYS Z 58 51.17 -12.78 35.45
N LEU Z 59 50.46 -11.81 34.86
CA LEU Z 59 50.14 -10.58 35.58
C LEU Z 59 49.50 -10.92 36.93
N PHE Z 60 48.55 -11.85 36.93
CA PHE Z 60 47.74 -12.09 38.11
C PHE Z 60 48.44 -12.97 39.13
N ALA Z 61 49.30 -13.88 38.63
CA ALA Z 61 50.16 -14.65 39.51
C ALA Z 61 51.05 -13.71 40.34
N GLU Z 62 51.55 -12.64 39.68
CA GLU Z 62 52.45 -11.69 40.33
C GLU Z 62 51.69 -10.83 41.34
N GLN Z 63 50.71 -10.07 40.85
CA GLN Z 63 50.03 -9.04 41.62
C GLN Z 63 48.68 -9.60 42.10
N THR Z 64 48.75 -10.54 43.05
CA THR Z 64 47.60 -11.26 43.58
C THR Z 64 46.45 -10.32 43.95
N ASP Z 65 46.78 -9.19 44.55
CA ASP Z 65 45.81 -8.23 45.08
C ASP Z 65 44.80 -7.76 44.05
N LEU Z 66 45.23 -7.64 42.79
CA LEU Z 66 44.38 -7.10 41.73
C LEU Z 66 43.08 -7.89 41.70
N ILE Z 67 43.19 -9.20 41.94
CA ILE Z 67 42.06 -10.11 41.84
C ILE Z 67 41.39 -10.30 43.20
N ARG Z 68 41.89 -9.64 44.26
CA ARG Z 68 41.28 -9.80 45.56
C ARG Z 68 40.28 -8.69 45.79
N PRO Z 69 39.25 -8.92 46.64
CA PRO Z 69 38.21 -7.91 46.87
C PRO Z 69 38.92 -6.62 47.31
N GLY Z 70 38.51 -5.49 46.72
CA GLY Z 70 39.13 -4.21 47.00
C GLY Z 70 40.20 -3.83 45.96
N GLY Z 71 40.74 -4.84 45.26
CA GLY Z 71 41.72 -4.61 44.21
C GLY Z 71 41.06 -4.03 42.97
N ASN Z 72 41.83 -3.78 41.90
CA ASN Z 72 41.28 -3.08 40.77
C ASN Z 72 40.67 -4.06 39.75
N ALA Z 73 41.17 -5.31 39.67
CA ALA Z 73 40.71 -6.25 38.67
C ALA Z 73 39.45 -6.98 39.14
N TYR Z 74 39.12 -6.88 40.43
CA TYR Z 74 37.88 -7.40 40.99
C TYR Z 74 36.78 -6.36 40.88
N PRO Z 75 35.48 -6.72 40.70
CA PRO Z 75 35.03 -8.08 40.40
C PRO Z 75 35.08 -8.36 38.89
N ASN Z 76 34.29 -9.35 38.42
CA ASN Z 76 34.26 -9.68 37.01
C ASN Z 76 34.28 -8.41 36.15
N ARG Z 77 33.26 -7.58 36.29
CA ARG Z 77 33.13 -6.36 35.48
C ARG Z 77 34.51 -5.82 35.17
N ARG Z 78 35.21 -5.47 36.25
CA ARG Z 78 36.49 -4.81 36.16
C ARG Z 78 37.44 -5.72 35.40
N MET Z 79 37.59 -6.95 35.88
CA MET Z 79 38.44 -7.91 35.22
C MET Z 79 38.30 -7.74 33.71
N ALA Z 80 37.07 -7.85 33.23
CA ALA Z 80 36.78 -7.80 31.82
C ALA Z 80 37.47 -6.59 31.20
N ALA Z 81 37.16 -5.41 31.73
CA ALA Z 81 37.80 -4.18 31.27
C ALA Z 81 39.28 -4.44 31.08
N CYS Z 82 39.94 -4.86 32.17
CA CYS Z 82 41.38 -4.97 32.17
C CYS Z 82 41.85 -5.82 31.00
N LEU Z 83 41.16 -6.93 30.73
CA LEU Z 83 41.51 -7.77 29.61
C LEU Z 83 41.35 -6.98 28.32
N ARG Z 84 40.14 -6.47 28.11
CA ARG Z 84 39.86 -5.66 26.94
C ARG Z 84 40.99 -4.67 26.72
N ASP Z 85 41.32 -3.88 27.75
CA ASP Z 85 42.34 -2.86 27.60
C ASP Z 85 43.59 -3.45 26.99
N MET Z 86 44.16 -4.46 27.66
CA MET Z 86 45.40 -5.05 27.18
C MET Z 86 45.31 -5.24 25.69
N GLU Z 87 44.29 -5.99 25.27
CA GLU Z 87 44.03 -6.26 23.87
C GLU Z 87 44.22 -4.98 23.08
N ILE Z 88 43.42 -3.96 23.41
CA ILE Z 88 43.40 -2.74 22.63
C ILE Z 88 44.83 -2.31 22.36
N ILE Z 89 45.53 -2.03 23.46
CA ILE Z 89 46.90 -1.57 23.39
C ILE Z 89 47.62 -2.40 22.33
N LEU Z 90 47.55 -3.72 22.49
CA LEU Z 90 48.19 -4.61 21.54
C LEU Z 90 47.78 -4.23 20.12
N ARG Z 91 46.47 -4.28 19.87
CA ARG Z 91 45.92 -3.96 18.57
C ARG Z 91 46.68 -2.78 17.98
N TYR Z 92 46.66 -1.66 18.71
CA TYR Z 92 47.32 -0.46 18.23
C TYR Z 92 48.77 -0.77 17.90
N VAL Z 93 49.52 -1.23 18.89
CA VAL Z 93 50.92 -1.52 18.68
C VAL Z 93 51.05 -2.13 17.29
N SER Z 94 50.35 -3.25 17.04
CA SER Z 94 50.39 -3.88 15.74
C SER Z 94 50.27 -2.80 14.67
N TYR Z 95 49.16 -2.06 14.68
CA TYR Z 95 48.94 -1.02 13.67
C TYR Z 95 50.25 -0.28 13.43
N ALA Z 96 50.75 0.36 14.47
CA ALA Z 96 51.99 1.11 14.38
C ALA Z 96 53.00 0.30 13.58
N LEU Z 97 53.23 -0.94 14.03
CA LEU Z 97 54.28 -1.77 13.49
C LEU Z 97 54.19 -1.80 11.97
N LEU Z 98 52.97 -1.93 11.46
CA LEU Z 98 52.75 -1.94 10.02
C LEU Z 98 53.11 -0.57 9.43
N ALA Z 99 52.51 0.49 10.00
CA ALA Z 99 52.70 1.84 9.51
C ALA Z 99 54.19 2.16 9.38
N GLY Z 100 54.96 1.69 10.37
CA GLY Z 100 56.36 2.07 10.52
C GLY Z 100 56.48 3.39 11.25
N ASP Z 101 55.52 3.66 12.17
CA ASP Z 101 55.47 4.91 12.88
C ASP Z 101 54.68 4.78 14.19
N ALA Z 102 55.19 5.43 15.24
CA ALA Z 102 54.55 5.47 16.54
C ALA Z 102 53.20 6.18 16.48
N SER Z 103 53.13 7.27 15.72
CA SER Z 103 52.01 8.21 15.79
C SER Z 103 50.70 7.49 16.10
N VAL Z 104 50.11 6.83 15.10
CA VAL Z 104 48.82 6.18 15.23
C VAL Z 104 48.62 5.70 16.67
N LEU Z 105 49.61 4.97 17.20
CA LEU Z 105 49.55 4.43 18.55
C LEU Z 105 49.38 5.56 19.57
N GLU Z 106 50.27 6.56 19.50
CA GLU Z 106 50.28 7.66 20.45
C GLU Z 106 48.92 8.34 20.48
N ASP Z 107 48.37 8.65 19.30
CA ASP Z 107 47.21 9.51 19.21
C ASP Z 107 45.95 8.79 19.69
N ARG Z 108 45.56 7.73 18.99
CA ARG Z 108 44.30 7.08 19.30
C ARG Z 108 44.39 6.33 20.62
N CYS Z 109 45.50 5.64 20.84
CA CYS Z 109 45.57 4.69 21.94
C CYS Z 109 46.09 5.29 23.26
N LEU Z 110 47.23 5.98 23.19
CA LEU Z 110 47.91 6.39 24.40
C LEU Z 110 47.35 7.72 24.88
N ASN Z 111 46.85 8.56 23.97
CA ASN Z 111 46.48 9.92 24.29
C ASN Z 111 45.36 9.90 25.32
N GLY Z 112 45.61 10.55 26.46
CA GLY Z 112 44.64 10.67 27.52
C GLY Z 112 44.58 9.43 28.41
N LEU Z 113 45.32 8.38 28.05
CA LEU Z 113 45.15 7.10 28.70
C LEU Z 113 45.52 7.26 30.15
N LYS Z 114 46.69 7.84 30.40
CA LYS Z 114 47.16 8.01 31.77
C LYS Z 114 46.04 8.60 32.63
N GLU Z 115 45.43 9.67 32.14
CA GLU Z 115 44.49 10.47 32.93
C GLU Z 115 43.27 9.62 33.28
N THR Z 116 42.74 8.95 32.26
CA THR Z 116 41.70 7.95 32.45
C THR Z 116 42.09 7.07 33.63
N TYR Z 117 43.21 6.38 33.50
CA TYR Z 117 43.65 5.42 34.50
C TYR Z 117 43.61 6.06 35.87
N VAL Z 118 44.13 7.29 35.93
CA VAL Z 118 44.14 8.03 37.18
C VAL Z 118 42.72 8.15 37.72
N ALA Z 119 41.81 8.70 36.91
CA ALA Z 119 40.46 8.98 37.34
C ALA Z 119 39.81 7.71 37.90
N LEU Z 120 40.05 6.58 37.24
CA LEU Z 120 39.49 5.30 37.62
C LEU Z 120 40.06 4.84 38.97
N GLY Z 121 41.31 5.20 39.23
CA GLY Z 121 42.05 4.71 40.39
C GLY Z 121 42.91 3.51 40.02
N THR Z 122 42.91 3.15 38.74
CA THR Z 122 43.71 2.05 38.26
C THR Z 122 45.17 2.37 38.54
N PRO Z 123 45.96 1.43 39.12
CA PRO Z 123 47.38 1.63 39.38
C PRO Z 123 48.20 1.54 38.09
N THR Z 124 48.69 2.69 37.64
CA THR Z 124 49.33 2.82 36.34
C THR Z 124 50.48 1.82 36.24
N ARG Z 125 51.22 1.67 37.33
CA ARG Z 125 52.40 0.81 37.34
C ARG Z 125 52.04 -0.58 36.83
N SER Z 126 51.01 -1.18 37.41
CA SER Z 126 50.61 -2.52 37.06
C SER Z 126 50.27 -2.60 35.57
N VAL Z 127 49.52 -1.61 35.07
CA VAL Z 127 49.18 -1.57 33.66
C VAL Z 127 50.48 -1.71 32.87
N ALA Z 128 51.42 -0.80 33.12
CA ALA Z 128 52.70 -0.82 32.43
C ALA Z 128 53.27 -2.22 32.44
N ARG Z 129 53.37 -2.81 33.64
CA ARG Z 129 53.88 -4.18 33.80
C ARG Z 129 53.25 -5.08 32.73
N ALA Z 130 51.92 -5.13 32.72
CA ALA Z 130 51.17 -5.97 31.78
C ALA Z 130 51.69 -5.74 30.36
N VAL Z 131 51.79 -4.47 29.96
CA VAL Z 131 52.26 -4.13 28.62
C VAL Z 131 53.55 -4.89 28.34
N GLN Z 132 54.52 -4.81 29.25
CA GLN Z 132 55.79 -5.49 29.05
C GLN Z 132 55.54 -6.98 28.91
N LEU Z 133 54.88 -7.59 29.90
CA LEU Z 133 54.59 -9.01 29.86
C LEU Z 133 54.18 -9.37 28.43
N MET Z 134 53.17 -8.65 27.92
CA MET Z 134 52.76 -8.82 26.54
C MET Z 134 53.99 -8.74 25.64
N LYS Z 135 54.69 -7.60 25.67
CA LYS Z 135 55.82 -7.38 24.79
C LYS Z 135 56.59 -8.69 24.59
N GLU Z 136 57.10 -9.26 25.69
CA GLU Z 136 58.04 -10.36 25.65
C GLU Z 136 57.47 -11.56 24.91
N THR Z 137 56.23 -11.92 25.29
CA THR Z 137 55.51 -13.03 24.67
C THR Z 137 55.43 -12.79 23.18
N ALA Z 138 54.97 -11.58 22.80
CA ALA Z 138 54.77 -11.20 21.41
C ALA Z 138 56.05 -11.42 20.62
N ILE Z 139 57.12 -10.74 21.06
CA ILE Z 139 58.42 -10.90 20.43
C ILE Z 139 58.70 -12.39 20.22
N GLY Z 140 58.53 -13.18 21.29
CA GLY Z 140 58.63 -14.62 21.24
C GLY Z 140 58.16 -15.20 19.89
N TYR Z 141 56.95 -14.82 19.48
CA TYR Z 141 56.37 -15.31 18.23
C TYR Z 141 57.01 -14.65 17.04
N VAL Z 142 56.99 -13.30 17.01
CA VAL Z 142 57.61 -12.56 15.93
C VAL Z 142 58.91 -13.25 15.50
N ASN Z 143 59.68 -13.72 16.50
CA ASN Z 143 61.08 -14.01 16.29
C ASN Z 143 61.34 -15.50 16.02
N SER Z 144 60.32 -16.36 16.19
CA SER Z 144 60.53 -17.80 16.14
C SER Z 144 59.51 -18.50 15.23
N PRO Z 145 59.09 -17.92 14.08
CA PRO Z 145 57.98 -18.50 13.32
C PRO Z 145 58.40 -19.75 12.55
N SER Z 146 57.39 -20.35 11.88
CA SER Z 146 57.50 -21.66 11.25
C SER Z 146 57.03 -21.55 9.81
N GLY Z 147 57.85 -22.07 8.88
CA GLY Z 147 57.52 -22.07 7.46
C GLY Z 147 57.93 -20.77 6.77
N VAL Z 148 58.45 -19.82 7.54
CA VAL Z 148 58.96 -18.59 6.97
C VAL Z 148 60.42 -18.82 6.58
N THR Z 149 60.81 -18.20 5.47
CA THR Z 149 62.18 -18.13 5.02
C THR Z 149 63.04 -17.53 6.12
N ARG Z 150 64.16 -18.22 6.46
CA ARG Z 150 65.03 -17.78 7.53
C ARG Z 150 65.86 -16.58 7.08
N GLY Z 151 65.98 -15.61 7.98
CA GLY Z 151 66.70 -14.37 7.79
C GLY Z 151 66.74 -13.58 9.11
N ASP Z 152 67.17 -12.30 9.05
CA ASP Z 152 67.30 -11.49 10.25
C ASP Z 152 66.14 -10.50 10.36
N CYS Z 153 65.39 -10.59 11.47
CA CYS Z 153 64.29 -9.66 11.69
C CYS Z 153 64.59 -8.66 12.80
N SER Z 154 65.76 -8.79 13.46
CA SER Z 154 66.13 -7.95 14.59
C SER Z 154 65.60 -6.52 14.44
N ALA Z 155 66.02 -5.85 13.35
CA ALA Z 155 65.66 -4.46 13.08
C ALA Z 155 64.20 -4.20 13.45
N LEU Z 156 63.32 -5.03 12.90
CA LEU Z 156 61.88 -4.95 13.15
C LEU Z 156 61.58 -5.26 14.62
N VAL Z 157 62.15 -6.36 15.13
CA VAL Z 157 61.98 -6.75 16.52
C VAL Z 157 62.18 -5.54 17.44
N ASN Z 158 63.27 -4.79 17.25
CA ASN Z 158 63.60 -3.70 18.15
C ASN Z 158 62.55 -2.60 18.08
N GLU Z 159 62.22 -2.20 16.85
CA GLU Z 159 61.19 -1.21 16.59
C GLU Z 159 59.90 -1.63 17.29
N ALA Z 160 59.51 -2.90 17.14
CA ALA Z 160 58.39 -3.44 17.89
C ALA Z 160 58.55 -3.07 19.36
N ALA Z 161 59.63 -3.56 19.99
CA ALA Z 161 59.91 -3.24 21.38
C ALA Z 161 59.55 -1.78 21.64
N THR Z 162 60.22 -0.85 20.94
CA THR Z 162 60.09 0.57 21.20
C THR Z 162 58.61 0.94 21.34
N TYR Z 163 57.78 0.46 20.41
CA TYR Z 163 56.36 0.77 20.44
C TYR Z 163 55.78 0.35 21.78
N PHE Z 164 55.89 -0.95 22.11
CA PHE Z 164 55.50 -1.42 23.42
C PHE Z 164 55.93 -0.44 24.51
N ASP Z 165 57.17 0.06 24.42
CA ASP Z 165 57.76 0.83 25.49
C ASP Z 165 57.13 2.22 25.56
N LYS Z 166 57.03 2.91 24.43
CA LYS Z 166 56.28 4.16 24.40
C LYS Z 166 54.97 3.97 25.13
N ALA Z 167 54.27 2.87 24.83
CA ALA Z 167 53.05 2.53 25.53
C ALA Z 167 53.30 2.52 27.03
N ALA Z 168 54.15 1.59 27.48
CA ALA Z 168 54.47 1.45 28.89
C ALA Z 168 54.69 2.81 29.54
N ALA Z 169 55.56 3.62 28.92
CA ALA Z 169 55.99 4.90 29.47
C ALA Z 169 54.81 5.86 29.65
N SER Z 170 54.02 6.06 28.60
CA SER Z 170 53.00 7.11 28.60
C SER Z 170 51.86 6.73 29.54
N ILE Z 171 51.58 5.43 29.67
CA ILE Z 171 50.62 4.92 30.65
C ILE Z 171 51.15 5.18 32.05
N ALA Z 172 52.37 4.69 32.29
CA ALA Z 172 53.06 4.86 33.54
C ALA Z 172 53.30 6.35 33.81
N MET AA 1 -37.71 -29.29 -3.90
CA MET AA 1 -38.05 -29.35 -2.46
C MET AA 1 -36.83 -29.80 -1.66
N LYS AA 2 -36.56 -29.13 -0.54
CA LYS AA 2 -35.39 -29.40 0.27
C LYS AA 2 -35.71 -30.47 1.31
N THR AA 3 -35.20 -31.68 1.10
CA THR AA 3 -35.06 -32.67 2.16
C THR AA 3 -33.61 -33.13 2.17
N VAL AA 4 -33.21 -33.84 3.23
CA VAL AA 4 -31.86 -34.37 3.31
C VAL AA 4 -31.52 -35.06 2.00
N ILE AA 5 -32.38 -36.01 1.60
CA ILE AA 5 -32.08 -36.90 0.49
C ILE AA 5 -31.90 -36.09 -0.78
N THR AA 6 -32.83 -35.17 -1.04
CA THR AA 6 -32.77 -34.37 -2.26
C THR AA 6 -31.47 -33.59 -2.32
N GLU AA 7 -31.03 -33.02 -1.19
CA GLU AA 7 -29.89 -32.13 -1.17
C GLU AA 7 -28.62 -32.85 -1.59
N VAL AA 8 -28.36 -33.98 -0.95
CA VAL AA 8 -27.13 -34.71 -1.21
C VAL AA 8 -27.11 -35.05 -2.70
N ILE AA 9 -28.24 -35.55 -3.24
CA ILE AA 9 -28.33 -35.78 -4.66
C ILE AA 9 -27.90 -34.51 -5.39
N ALA AA 10 -28.57 -33.39 -5.06
CA ALA AA 10 -28.29 -32.12 -5.71
C ALA AA 10 -26.78 -31.86 -5.70
N SER AA 11 -26.19 -31.84 -4.49
CA SER AA 11 -24.78 -31.54 -4.36
C SER AA 11 -23.96 -32.50 -5.21
N ALA AA 12 -24.19 -33.81 -5.04
CA ALA AA 12 -23.54 -34.80 -5.87
C ALA AA 12 -23.66 -34.42 -7.33
N ASP AA 13 -24.88 -34.09 -7.74
CA ASP AA 13 -25.20 -33.83 -9.13
C ASP AA 13 -24.38 -32.66 -9.65
N SER AA 14 -24.39 -31.55 -8.90
CA SER AA 14 -23.69 -30.34 -9.30
C SER AA 14 -22.23 -30.64 -9.64
N GLN AA 15 -21.52 -31.28 -8.69
CA GLN AA 15 -20.11 -31.61 -8.86
C GLN AA 15 -19.93 -32.56 -10.04
N GLY AA 16 -20.97 -33.34 -10.35
CA GLY AA 16 -20.96 -34.28 -11.45
C GLY AA 16 -20.36 -35.63 -11.05
N ARG AA 17 -20.47 -35.94 -9.76
CA ARG AA 17 -19.76 -37.05 -9.13
C ARG AA 17 -20.79 -38.03 -8.57
N PHE AA 18 -20.40 -39.31 -8.51
CA PHE AA 18 -21.21 -40.32 -7.89
C PHE AA 18 -21.44 -40.02 -6.42
N LEU AA 19 -22.56 -40.51 -5.89
CA LEU AA 19 -22.76 -40.56 -4.45
C LEU AA 19 -21.65 -41.40 -3.82
N ASN AA 20 -20.80 -40.76 -3.03
CA ASN AA 20 -19.75 -41.46 -2.31
C ASN AA 20 -20.16 -41.59 -0.85
N ASN AA 21 -19.25 -42.10 -0.03
CA ASN AA 21 -19.52 -42.34 1.38
C ASN AA 21 -20.08 -41.09 2.05
N THR AA 22 -19.46 -39.93 1.76
CA THR AA 22 -19.81 -38.69 2.43
C THR AA 22 -21.33 -38.58 2.55
N GLU AA 23 -22.00 -38.66 1.40
CA GLU AA 23 -23.42 -38.35 1.32
C GLU AA 23 -24.22 -39.41 2.07
N LEU AA 24 -23.84 -40.68 1.85
CA LEU AA 24 -24.58 -41.78 2.45
C LEU AA 24 -24.63 -41.59 3.95
N GLN AA 25 -23.49 -41.31 4.57
CA GLN AA 25 -23.45 -40.98 6.00
C GLN AA 25 -24.62 -40.06 6.32
N ALA AA 26 -24.72 -38.94 5.60
CA ALA AA 26 -25.78 -37.97 5.81
C ALA AA 26 -27.14 -38.66 5.74
N ALA AA 27 -27.43 -39.30 4.61
CA ALA AA 27 -28.69 -39.99 4.42
C ALA AA 27 -28.99 -40.85 5.65
N ASN AA 28 -28.03 -41.69 6.04
CA ASN AA 28 -28.19 -42.59 7.16
C ASN AA 28 -28.79 -41.85 8.35
N GLY AA 29 -28.23 -40.67 8.64
CA GLY AA 29 -28.73 -39.79 9.70
C GLY AA 29 -30.24 -39.62 9.61
N ARG AA 30 -30.68 -39.12 8.47
CA ARG AA 30 -32.10 -39.03 8.11
C ARG AA 30 -32.53 -40.50 8.03
N PHE AA 31 -33.82 -40.77 8.07
CA PHE AA 31 -34.33 -42.15 8.13
C PHE AA 31 -34.00 -42.77 9.49
N GLN AA 32 -32.79 -42.58 10.05
CA GLN AA 32 -32.62 -42.99 11.45
C GLN AA 32 -33.52 -42.11 12.31
N ARG AA 33 -33.46 -40.80 12.02
CA ARG AA 33 -34.26 -39.82 12.75
C ARG AA 33 -35.74 -40.08 12.51
N ALA AA 34 -36.08 -40.47 11.27
CA ALA AA 34 -37.46 -40.58 10.80
C ALA AA 34 -38.36 -41.21 11.85
N THR AA 35 -37.90 -42.30 12.49
CA THR AA 35 -38.73 -43.05 13.43
C THR AA 35 -39.38 -42.09 14.44
N ALA AA 36 -38.56 -41.20 15.03
CA ALA AA 36 -39.06 -40.18 15.93
C ALA AA 36 -40.01 -39.23 15.17
N SER AA 37 -39.51 -38.67 14.06
CA SER AA 37 -40.30 -37.75 13.24
C SER AA 37 -41.69 -38.31 12.98
N MET AA 38 -41.74 -39.52 12.43
CA MET AA 38 -42.97 -40.20 12.03
C MET AA 38 -43.95 -40.23 13.20
N GLU AA 39 -43.44 -40.62 14.36
CA GLU AA 39 -44.25 -40.70 15.57
C GLU AA 39 -44.94 -39.37 15.81
N ALA AA 40 -44.16 -38.28 15.80
CA ALA AA 40 -44.66 -36.93 16.04
C ALA AA 40 -45.82 -36.64 15.10
N ALA AA 41 -45.63 -36.91 13.80
CA ALA AA 41 -46.64 -36.64 12.79
C ALA AA 41 -47.95 -37.35 13.15
N ARG AA 42 -47.87 -38.64 13.49
CA ARG AA 42 -49.06 -39.40 13.86
C ARG AA 42 -49.81 -38.70 14.99
N ALA AA 43 -49.05 -38.14 15.94
CA ALA AA 43 -49.66 -37.48 17.09
C ALA AA 43 -50.37 -36.18 16.69
N LEU AA 44 -49.71 -35.33 15.87
CA LEU AA 44 -50.31 -34.08 15.44
C LEU AA 44 -51.55 -34.37 14.58
N THR AA 45 -51.39 -35.26 13.60
CA THR AA 45 -52.45 -35.59 12.65
C THR AA 45 -53.73 -35.91 13.40
N SER AA 46 -53.62 -36.68 14.49
CA SER AA 46 -54.76 -37.18 15.24
C SER AA 46 -55.50 -36.05 15.96
N ASN AA 47 -54.73 -35.19 16.65
CA ASN AA 47 -55.29 -34.15 17.50
C ASN AA 47 -55.55 -32.87 16.70
N ALA AA 48 -55.37 -32.92 15.37
CA ALA AA 48 -55.33 -31.73 14.54
C ALA AA 48 -56.40 -30.72 15.00
N ASP AA 49 -57.60 -30.82 14.42
CA ASP AA 49 -58.83 -30.19 14.91
C ASP AA 49 -58.67 -29.50 16.28
N SER AA 50 -58.46 -30.29 17.33
CA SER AA 50 -58.53 -29.81 18.71
C SER AA 50 -57.49 -28.71 18.91
N LEU AA 51 -56.29 -28.95 18.35
CA LEU AA 51 -55.22 -27.97 18.34
C LEU AA 51 -55.71 -26.70 17.66
N VAL AA 52 -56.32 -26.87 16.48
CA VAL AA 52 -56.78 -25.74 15.68
C VAL AA 52 -57.78 -24.94 16.52
N LYS AA 53 -58.89 -25.56 16.96
CA LYS AA 53 -59.87 -24.86 17.78
C LYS AA 53 -59.13 -24.02 18.81
N GLY AA 54 -58.34 -24.70 19.65
CA GLY AA 54 -57.67 -24.08 20.79
C GLY AA 54 -56.91 -22.84 20.36
N ALA AA 55 -56.14 -22.98 19.27
CA ALA AA 55 -55.34 -21.88 18.75
C ALA AA 55 -56.25 -20.70 18.38
N VAL AA 56 -57.05 -20.87 17.30
CA VAL AA 56 -57.96 -19.82 16.87
C VAL AA 56 -58.43 -19.07 18.11
N GLN AA 57 -59.06 -19.84 19.00
CA GLN AA 57 -59.62 -19.30 20.22
C GLN AA 57 -58.60 -18.36 20.85
N GLU AA 58 -57.50 -18.94 21.33
CA GLU AA 58 -56.41 -18.22 21.98
C GLU AA 58 -56.26 -16.83 21.37
N VAL AA 59 -55.97 -16.80 20.06
CA VAL AA 59 -55.74 -15.57 19.33
C VAL AA 59 -56.75 -14.50 19.79
N TYR AA 60 -58.04 -14.86 19.83
CA TYR AA 60 -59.09 -13.93 20.20
C TYR AA 60 -58.93 -13.42 21.64
N ASN AA 61 -58.56 -14.32 22.55
CA ASN AA 61 -58.33 -13.92 23.94
C ASN AA 61 -57.21 -12.89 23.97
N LYS AA 62 -56.15 -13.21 23.23
CA LYS AA 62 -54.95 -12.40 23.17
C LYS AA 62 -55.25 -11.01 22.59
N PHE AA 63 -56.14 -10.97 21.60
CA PHE AA 63 -56.42 -9.73 20.87
C PHE AA 63 -57.92 -9.49 20.82
N PRO AA 64 -58.56 -9.17 21.97
CA PRO AA 64 -60.01 -9.16 22.06
C PRO AA 64 -60.65 -8.40 20.92
N TYR AA 65 -60.09 -7.20 20.65
CA TYR AA 65 -60.68 -6.23 19.73
C TYR AA 65 -60.98 -6.85 18.37
N LEU AA 66 -60.26 -7.91 18.00
CA LEU AA 66 -60.44 -8.55 16.70
C LEU AA 66 -61.89 -8.98 16.47
N THR AA 67 -62.56 -9.39 17.56
CA THR AA 67 -63.91 -9.94 17.47
C THR AA 67 -64.96 -8.84 17.39
N GLN AA 68 -64.55 -7.57 17.61
CA GLN AA 68 -65.47 -6.44 17.52
C GLN AA 68 -65.85 -6.20 16.07
N PRO AA 69 -67.08 -5.67 15.80
CA PRO AA 69 -67.50 -5.37 14.43
C PRO AA 69 -66.63 -4.30 13.76
N GLY AA 70 -66.40 -4.49 12.45
CA GLY AA 70 -65.54 -3.62 11.67
C GLY AA 70 -64.07 -4.05 11.70
N GLN AA 71 -63.78 -5.13 12.46
CA GLN AA 71 -62.43 -5.67 12.55
C GLN AA 71 -62.32 -6.91 11.66
N MET AA 72 -61.14 -7.53 11.68
CA MET AA 72 -60.82 -8.68 10.85
C MET AA 72 -61.35 -9.96 11.48
N GLY AA 73 -61.23 -10.08 12.81
CA GLY AA 73 -61.66 -11.26 13.53
C GLY AA 73 -63.17 -11.42 13.53
N TYR AA 74 -63.88 -10.43 12.96
CA TYR AA 74 -65.32 -10.33 13.12
C TYR AA 74 -66.04 -10.89 11.89
N GLY AA 75 -67.14 -11.59 12.14
CA GLY AA 75 -67.95 -12.17 11.09
C GLY AA 75 -67.35 -13.48 10.60
N ASP AA 76 -68.23 -14.46 10.43
CA ASP AA 76 -67.89 -15.89 10.41
C ASP AA 76 -66.88 -16.21 9.31
N THR AA 77 -67.11 -15.62 8.13
CA THR AA 77 -66.26 -15.79 6.97
C THR AA 77 -64.80 -15.75 7.41
N ASN AA 78 -64.48 -14.67 8.14
CA ASN AA 78 -63.13 -14.39 8.58
C ASN AA 78 -62.68 -15.51 9.51
N GLN AA 79 -63.55 -15.86 10.47
CA GLN AA 79 -63.26 -16.92 11.43
C GLN AA 79 -62.95 -18.22 10.67
N ALA AA 80 -63.82 -18.56 9.72
CA ALA AA 80 -63.60 -19.73 8.86
C ALA AA 80 -62.19 -19.67 8.28
N LYS AA 81 -61.89 -18.58 7.56
CA LYS AA 81 -60.57 -18.37 6.99
C LYS AA 81 -59.53 -18.64 8.06
N CYS AA 82 -59.59 -17.87 9.16
CA CYS AA 82 -58.62 -18.00 10.25
C CYS AA 82 -58.39 -19.48 10.57
N ALA AA 83 -59.48 -20.26 10.71
CA ALA AA 83 -59.36 -21.69 10.97
C ALA AA 83 -58.57 -22.35 9.85
N ARG AA 84 -59.14 -22.32 8.63
CA ARG AA 84 -58.51 -22.86 7.44
C ARG AA 84 -57.00 -22.63 7.52
N ASP AA 85 -56.60 -21.36 7.58
CA ASP AA 85 -55.20 -20.97 7.51
C ASP AA 85 -54.39 -21.83 8.47
N ILE AA 86 -54.77 -21.80 9.76
CA ILE AA 86 -54.00 -22.52 10.75
C ILE AA 86 -53.94 -23.99 10.37
N SER AA 87 -55.10 -24.60 10.05
CA SER AA 87 -55.07 -25.97 9.55
C SER AA 87 -53.86 -26.11 8.63
N HIS AA 88 -53.80 -25.29 7.58
CA HIS AA 88 -52.72 -25.36 6.62
C HIS AA 88 -51.39 -25.48 7.35
N TYR AA 89 -51.03 -24.44 8.12
CA TYR AA 89 -49.76 -24.43 8.81
C TYR AA 89 -49.49 -25.82 9.37
N LEU AA 90 -50.47 -26.32 10.12
CA LEU AA 90 -50.34 -27.62 10.76
C LEU AA 90 -50.04 -28.66 9.69
N ARG AA 91 -50.96 -28.80 8.74
CA ARG AA 91 -50.83 -29.76 7.65
C ARG AA 91 -49.37 -29.81 7.22
N PHE AA 92 -48.85 -28.66 6.77
CA PHE AA 92 -47.50 -28.61 6.25
C PHE AA 92 -46.54 -29.16 7.29
N ILE AA 93 -46.63 -28.67 8.52
CA ILE AA 93 -45.70 -29.13 9.53
C ILE AA 93 -45.62 -30.65 9.46
N THR AA 94 -46.77 -31.32 9.60
CA THR AA 94 -46.78 -32.78 9.52
C THR AA 94 -45.93 -33.18 8.32
N TYR AA 95 -46.33 -32.71 7.13
CA TYR AA 95 -45.62 -33.05 5.91
C TYR AA 95 -44.12 -33.03 6.19
N SER AA 96 -43.63 -31.88 6.68
CA SER AA 96 -42.21 -31.65 6.80
C SER AA 96 -41.57 -32.71 7.71
N LEU AA 97 -42.24 -33.06 8.82
CA LEU AA 97 -41.76 -34.11 9.70
C LEU AA 97 -41.48 -35.37 8.89
N VAL AA 98 -42.45 -35.74 8.05
CA VAL AA 98 -42.42 -36.99 7.31
C VAL AA 98 -41.35 -36.93 6.24
N ALA AA 99 -41.32 -35.81 5.50
CA ALA AA 99 -40.36 -35.62 4.42
C ALA AA 99 -38.93 -35.60 4.97
N GLY AA 100 -38.78 -35.21 6.23
CA GLY AA 100 -37.46 -35.07 6.83
C GLY AA 100 -36.66 -33.86 6.38
N GLY AA 101 -37.31 -32.71 6.20
CA GLY AA 101 -36.70 -31.49 5.71
C GLY AA 101 -37.70 -30.35 5.86
N THR AA 102 -37.22 -29.11 5.76
CA THR AA 102 -38.10 -27.95 5.84
C THR AA 102 -38.83 -27.80 4.50
N GLY AA 103 -38.24 -28.35 3.44
CA GLY AA 103 -38.77 -28.24 2.09
C GLY AA 103 -40.25 -27.85 2.09
N PRO AA 104 -41.15 -28.80 2.43
CA PRO AA 104 -42.59 -28.55 2.27
C PRO AA 104 -42.98 -27.17 2.80
N LEU AA 105 -42.51 -26.86 4.01
CA LEU AA 105 -42.81 -25.58 4.63
C LEU AA 105 -42.37 -24.44 3.72
N ASP AA 106 -41.09 -24.46 3.32
CA ASP AA 106 -40.49 -23.38 2.55
C ASP AA 106 -41.40 -22.98 1.39
N ASP AA 107 -41.81 -23.98 0.60
CA ASP AA 107 -42.37 -23.73 -0.72
C ASP AA 107 -43.82 -23.31 -0.63
N TYR AA 108 -44.55 -23.91 0.32
CA TYR AA 108 -45.96 -23.60 0.46
C TYR AA 108 -46.10 -22.35 1.29
N ILE AA 109 -45.56 -22.38 2.51
CA ILE AA 109 -45.85 -21.35 3.49
C ILE AA 109 -44.95 -20.13 3.27
N VAL AA 110 -43.64 -20.36 3.30
CA VAL AA 110 -42.68 -19.30 3.61
C VAL AA 110 -42.53 -18.37 2.42
N ALA AA 111 -42.21 -18.95 1.27
CA ALA AA 111 -41.89 -18.17 0.09
C ALA AA 111 -43.10 -17.29 -0.25
N GLY AA 112 -42.89 -15.98 -0.25
CA GLY AA 112 -43.94 -15.02 -0.57
C GLY AA 112 -44.81 -14.70 0.64
N LEU AA 113 -44.44 -15.23 1.82
CA LEU AA 113 -45.24 -15.04 3.01
C LEU AA 113 -45.54 -13.55 3.19
N ARG AA 114 -44.45 -12.76 3.26
CA ARG AA 114 -44.51 -11.35 3.60
C ARG AA 114 -45.59 -10.63 2.82
N GLU AA 115 -45.54 -10.76 1.49
CA GLU AA 115 -46.24 -9.86 0.58
C GLU AA 115 -47.73 -10.15 0.63
N VAL AA 116 -48.05 -11.43 0.54
CA VAL AA 116 -49.40 -11.91 0.83
C VAL AA 116 -49.88 -11.14 2.06
N ASN AA 117 -49.21 -11.38 3.19
CA ASN AA 117 -49.63 -10.85 4.49
C ASN AA 117 -49.77 -9.33 4.42
N ARG AA 118 -48.85 -8.67 3.72
CA ARG AA 118 -48.88 -7.22 3.62
C ARG AA 118 -50.13 -6.76 2.89
N THR AA 119 -50.40 -7.39 1.75
CA THR AA 119 -51.42 -6.92 0.83
C THR AA 119 -52.82 -7.15 1.41
N PHE AA 120 -52.96 -8.16 2.26
CA PHE AA 120 -54.22 -8.46 2.93
C PHE AA 120 -54.23 -7.97 4.38
N ASN AA 121 -53.11 -7.41 4.85
CA ASN AA 121 -53.05 -6.79 6.17
C ASN AA 121 -53.26 -7.84 7.26
N LEU AA 122 -52.73 -9.04 7.04
CA LEU AA 122 -52.68 -10.04 8.09
C LEU AA 122 -51.45 -9.75 8.94
N SER AA 123 -51.64 -9.59 10.24
CA SER AA 123 -50.54 -9.32 11.15
C SER AA 123 -49.86 -10.63 11.51
N PRO AA 124 -48.55 -10.79 11.20
CA PRO AA 124 -47.83 -12.03 11.54
C PRO AA 124 -48.15 -12.43 12.98
N SER AA 125 -47.96 -11.48 13.91
CA SER AA 125 -48.25 -11.68 15.33
C SER AA 125 -49.31 -12.76 15.52
N TRP AA 126 -50.51 -12.55 14.96
CA TRP AA 126 -51.61 -13.48 15.17
C TRP AA 126 -51.10 -14.90 14.98
N TYR AA 127 -50.79 -15.25 13.74
CA TYR AA 127 -50.32 -16.60 13.45
C TYR AA 127 -49.43 -17.05 14.59
N ILE AA 128 -48.41 -16.24 14.88
CA ILE AA 128 -47.43 -16.62 15.89
C ILE AA 128 -48.18 -17.19 17.08
N GLU AA 129 -49.08 -16.41 17.70
CA GLU AA 129 -49.77 -16.87 18.89
C GLU AA 129 -50.31 -18.28 18.65
N ALA AA 130 -51.14 -18.39 17.62
CA ALA AA 130 -51.66 -19.69 17.22
C ALA AA 130 -50.56 -20.72 17.46
N LEU AA 131 -49.45 -20.58 16.73
CA LEU AA 131 -48.35 -21.53 16.83
C LEU AA 131 -47.99 -21.75 18.29
N LYS AA 132 -47.61 -20.69 19.00
CA LYS AA 132 -47.16 -20.82 20.37
C LYS AA 132 -48.14 -21.67 21.17
N HIS AA 133 -49.40 -21.24 21.19
CA HIS AA 133 -50.42 -22.00 21.90
C HIS AA 133 -50.31 -23.48 21.53
N ILE AA 134 -50.27 -23.76 20.22
CA ILE AA 134 -50.10 -25.12 19.73
C ILE AA 134 -48.90 -25.75 20.44
N LYS AA 135 -47.74 -25.14 20.26
CA LYS AA 135 -46.49 -25.67 20.78
C LYS AA 135 -46.70 -26.16 22.21
N GLY AA 136 -47.35 -25.31 23.02
CA GLY AA 136 -47.65 -25.60 24.41
C GLY AA 136 -48.45 -26.89 24.58
N LYS AA 137 -49.50 -27.08 23.76
CA LYS AA 137 -50.31 -28.28 23.82
C LYS AA 137 -49.49 -29.49 23.42
N VAL AA 138 -48.83 -29.40 22.25
CA VAL AA 138 -47.96 -30.45 21.75
C VAL AA 138 -47.00 -30.89 22.86
N GLY AA 139 -46.54 -29.92 23.66
CA GLY AA 139 -45.61 -30.18 24.75
C GLY AA 139 -46.19 -31.08 25.86
N SER AA 140 -47.38 -31.68 25.63
CA SER AA 140 -47.96 -32.64 26.55
C SER AA 140 -48.08 -34.02 25.90
N GLN AA 141 -48.60 -34.06 24.67
CA GLN AA 141 -48.92 -35.30 23.97
C GLN AA 141 -47.64 -36.04 23.58
N LEU AA 142 -46.55 -35.27 23.43
CA LEU AA 142 -45.27 -35.80 22.98
C LEU AA 142 -44.22 -35.67 24.08
N SER AA 143 -43.06 -36.28 23.80
CA SER AA 143 -41.97 -36.36 24.77
C SER AA 143 -40.70 -36.83 24.07
N GLY AA 144 -39.55 -36.48 24.64
CA GLY AA 144 -38.25 -36.88 24.12
C GLY AA 144 -38.04 -36.38 22.69
N GLN AA 145 -37.35 -37.19 21.88
CA GLN AA 145 -36.96 -36.77 20.55
C GLN AA 145 -38.20 -36.40 19.73
N PRO AA 146 -39.25 -37.25 19.67
CA PRO AA 146 -40.48 -36.91 18.96
C PRO AA 146 -40.85 -35.45 19.20
N LEU AA 147 -40.97 -35.08 20.48
CA LEU AA 147 -41.25 -33.70 20.86
C LEU AA 147 -40.26 -32.77 20.17
N THR AA 148 -38.96 -32.95 20.49
CA THR AA 148 -37.93 -32.06 20.01
C THR AA 148 -38.20 -31.74 18.54
N GLU AA 149 -38.37 -32.79 17.72
CA GLU AA 149 -38.61 -32.61 16.29
C GLU AA 149 -39.80 -31.67 16.08
N ALA AA 150 -40.96 -32.02 16.67
CA ALA AA 150 -42.16 -31.20 16.52
C ALA AA 150 -41.80 -29.73 16.69
N ASN AA 151 -41.16 -29.41 17.84
CA ASN AA 151 -40.78 -28.05 18.13
C ASN AA 151 -40.03 -27.45 16.94
N ALA AA 152 -38.82 -27.95 16.68
CA ALA AA 152 -37.98 -27.45 15.60
C ALA AA 152 -38.83 -26.85 14.49
N TYR AA 153 -39.69 -27.68 13.90
CA TYR AA 153 -40.46 -27.26 12.73
C TYR AA 153 -41.41 -26.13 13.12
N ILE AA 154 -42.22 -26.33 14.17
CA ILE AA 154 -43.12 -25.28 14.61
C ILE AA 154 -42.36 -23.95 14.64
N ASP AA 155 -41.25 -23.94 15.37
CA ASP AA 155 -40.43 -22.74 15.54
C ASP AA 155 -40.07 -22.17 14.17
N TYR AA 156 -39.39 -22.99 13.38
CA TYR AA 156 -38.92 -22.58 12.07
C TYR AA 156 -39.88 -21.58 11.43
N CYS AA 157 -41.18 -21.81 11.59
CA CYS AA 157 -42.22 -20.92 11.09
C CYS AA 157 -42.25 -19.62 11.90
N ILE AA 158 -42.34 -19.74 13.22
CA ILE AA 158 -42.29 -18.56 14.08
C ILE AA 158 -41.23 -17.63 13.51
N ASN AA 159 -40.02 -18.16 13.32
CA ASN AA 159 -38.88 -17.35 12.86
C ASN AA 159 -39.16 -16.77 11.49
N ALA AA 160 -39.76 -17.56 10.60
CA ALA AA 160 -40.04 -17.11 9.24
C ALA AA 160 -41.11 -16.01 9.26
N LEU AA 161 -42.10 -16.17 10.15
CA LEU AA 161 -43.21 -15.24 10.27
C LEU AA 161 -42.70 -13.89 10.79
N SER AA 162 -41.97 -13.96 11.90
CA SER AA 162 -41.29 -12.81 12.47
C SER AA 162 -40.03 -12.49 11.64
CHA CYC BA . -27.99 -54.15 6.72
NA CYC BA . -26.54 -52.40 5.82
C1A CYC BA . -27.24 -52.99 6.84
C2A CYC BA . -27.07 -52.27 8.08
C3A CYC BA . -26.26 -51.21 7.79
C4A CYC BA . -25.96 -51.29 6.36
CMA CYC BA . -25.72 -50.23 8.79
CAA CYC BA . -27.62 -52.68 9.41
CBA CYC BA . -26.93 -53.93 9.97
CGA CYC BA . -25.56 -54.26 9.38
O1A CYC BA . -24.55 -54.11 10.14
O2A CYC BA . -25.48 -54.70 8.17
CHB CYC BA . -25.16 -50.43 5.66
NB CYC BA . -25.98 -48.31 6.54
C1B CYC BA . -25.12 -49.08 5.76
C2B CYC BA . -24.19 -48.23 5.09
C3B CYC BA . -24.49 -46.95 5.43
C4B CYC BA . -25.63 -46.98 6.41
CMB CYC BA . -23.07 -48.62 4.17
CAB CYC BA . -23.90 -45.66 4.93
CBB CYC BA . -23.22 -44.86 6.03
OB CYC BA . -26.17 -46.06 6.97
NC CYC BA . -27.02 -57.90 1.90
C1C CYC BA . -27.54 -58.91 1.14
C2C CYC BA . -27.86 -58.38 -0.23
C3C CYC BA . -27.62 -56.86 -0.11
C4C CYC BA . -27.45 -56.69 1.37
CMC CYC BA . -27.07 -59.11 -1.31
CAC CYC BA . -28.71 -55.88 -0.52
CBC CYC BA . -28.54 -55.31 -1.91
OC CYC BA . -27.71 -60.06 1.52
CHD CYC BA . -27.76 -55.55 2.09
ND CYC BA . -27.72 -54.62 4.35
C1D CYC BA . -28.12 -55.56 3.45
C2D CYC BA . -28.94 -56.50 4.16
C3D CYC BA . -28.99 -56.10 5.47
C4D CYC BA . -28.21 -54.90 5.58
CMD CYC BA . -29.60 -57.70 3.56
CAD CYC BA . -29.71 -56.77 6.60
CBD CYC BA . -31.14 -56.26 6.76
CGD CYC BA . -31.28 -54.94 7.51
O1D CYC BA . -31.89 -54.00 6.96
O2D CYC BA . -30.79 -54.86 8.67
CHA CYC CA . -22.25 -36.69 -27.77
NA CYC CA . -24.02 -37.10 -26.20
C1A CYC CA . -23.24 -36.26 -26.92
C2A CYC CA . -23.67 -34.88 -26.75
C3A CYC CA . -24.63 -34.92 -25.79
C4A CYC CA . -24.77 -36.31 -25.39
CMA CYC CA . -25.42 -33.73 -25.32
CAA CYC CA . -23.23 -33.72 -27.59
CBA CYC CA . -21.98 -32.99 -27.06
CGA CYC CA . -20.90 -33.89 -26.49
O1A CYC CA . -19.70 -33.68 -26.82
O2A CYC CA . -21.24 -34.78 -25.69
CHB CYC CA . -25.49 -36.80 -24.33
NB CYC CA . -26.55 -34.86 -23.34
C1B CYC CA . -26.03 -36.14 -23.31
C2B CYC CA . -26.10 -36.64 -21.99
C3B CYC CA . -26.65 -35.69 -21.20
C4B CYC CA . -26.88 -34.49 -22.08
CMB CYC CA . -25.69 -37.98 -21.43
CAB CYC CA . -26.99 -35.75 -19.76
CBB CYC CA . -28.36 -35.18 -19.44
OB CYC CA . -27.23 -33.38 -21.76
NC CYC CA . -22.77 -42.44 -29.26
C1C CYC CA . -22.23 -43.57 -29.80
C2C CYC CA . -22.30 -44.67 -28.78
C3C CYC CA . -22.81 -43.95 -27.51
C4C CYC CA . -22.66 -42.52 -27.89
CMC CYC CA . -23.10 -45.87 -29.23
CAC CYC CA . -22.07 -44.39 -26.24
CBC CYC CA . -22.75 -45.56 -25.58
OC CYC CA . -21.77 -43.68 -30.94
CHD CYC CA . -22.42 -41.46 -27.07
ND CYC CA . -22.50 -39.03 -27.22
C1D CYC CA . -21.95 -40.22 -27.57
C2D CYC CA . -20.94 -39.96 -28.55
C3D CYC CA . -20.91 -38.60 -28.75
C4D CYC CA . -21.90 -38.02 -27.92
CMD CYC CA . -20.07 -40.97 -29.22
CAD CYC CA . -19.99 -37.83 -29.66
CBD CYC CA . -20.71 -37.10 -30.79
CGD CYC CA . -19.84 -36.11 -31.53
O1D CYC CA . -18.97 -35.47 -30.89
O2D CYC CA . -20.02 -35.97 -32.76
CHA CYC DA . -39.30 2.02 17.44
NA CYC DA . -39.68 2.91 15.25
C1A CYC DA . -38.87 2.32 16.18
C2A CYC DA . -37.57 1.99 15.62
C3A CYC DA . -37.55 2.56 14.38
C4A CYC DA . -38.85 3.20 14.20
CMA CYC DA . -36.41 2.58 13.40
CAA CYC DA . -36.57 1.07 16.22
CBA CYC DA . -35.48 1.77 17.05
CGA CYC DA . -35.97 2.95 17.87
O1A CYC DA . -35.77 2.91 19.12
O2A CYC DA . -36.52 3.90 17.28
CHB CYC DA . -39.15 4.08 13.23
NB CYC DA . -37.07 5.31 13.37
C1B CYC DA . -38.25 4.95 12.74
C2B CYC DA . -38.30 5.52 11.47
C3B CYC DA . -37.11 6.13 11.23
C4B CYC DA . -36.29 6.01 12.47
CMB CYC DA . -39.46 5.50 10.52
CAB CYC DA . -36.63 6.87 10.03
CBB CYC DA . -36.36 8.33 10.36
OB CYC DA . -35.17 6.41 12.67
NC CYC DA . -45.23 4.12 19.53
C1C CYC DA . -46.55 4.06 19.85
C2C CYC DA . -47.36 3.84 18.59
C3C CYC DA . -46.34 4.10 17.48
C4C CYC DA . -45.03 3.92 18.18
CMC CYC DA . -48.06 2.49 18.54
CAC CYC DA . -46.45 5.46 16.78
CBC CYC DA . -47.47 5.46 15.67
OC CYC DA . -47.02 4.19 20.97
CHD CYC DA . -43.85 3.64 17.53
ND CYC DA . -41.55 2.95 17.25
C1D CYC DA . -42.66 3.08 18.03
C2D CYC DA . -42.35 2.47 19.30
C3D CYC DA . -41.06 2.01 19.23
C4D CYC DA . -40.55 2.31 17.94
CMD CYC DA . -43.24 2.38 20.49
CAD CYC DA . -40.27 1.39 20.33
CBD CYC DA . -40.27 -0.13 20.31
CGD CYC DA . -38.98 -0.77 20.78
O1D CYC DA . -38.16 -0.06 21.41
O2D CYC DA . -38.80 -1.97 20.50
CHA CYC EA . -34.32 34.52 -19.38
NA CYC EA . -33.80 32.39 -20.46
C1A CYC EA . -34.67 33.28 -19.88
C2A CYC EA . -36.03 32.78 -19.94
C3A CYC EA . -35.96 31.55 -20.48
C4A CYC EA . -34.55 31.29 -20.74
CMA CYC EA . -37.14 30.69 -20.82
CAA CYC EA . -37.26 33.57 -19.59
CBA CYC EA . -37.61 34.51 -20.75
CGA CYC EA . -36.42 35.21 -21.38
O1A CYC EA . -35.81 34.63 -22.33
O2A CYC EA . -36.09 36.33 -20.93
CHB CYC EA . -34.03 30.14 -21.25
NB CYC EA . -35.49 28.59 -20.10
C1B CYC EA . -34.45 28.90 -20.98
C2B CYC EA . -33.98 27.73 -21.58
C3B CYC EA . -34.75 26.70 -21.16
C4B CYC EA . -35.79 27.26 -20.23
CMB CYC EA . -32.83 27.57 -22.54
CAB CYC EA . -34.63 25.23 -21.46
CBB CYC EA . -35.57 24.79 -22.57
OB CYC EA . -36.73 26.70 -19.73
NC CYC EA . -28.49 36.95 -20.37
C1C CYC EA . -27.20 37.37 -20.40
C2C CYC EA . -26.46 36.28 -21.11
C3C CYC EA . -27.11 35.05 -20.47
C4C CYC EA . -28.49 35.57 -20.17
CMC CYC EA . -26.65 36.43 -22.60
CAC CYC EA . -26.48 34.46 -19.19
CBC CYC EA . -25.17 33.76 -19.45
OC CYC EA . -26.76 38.44 -20.00
CHD CYC EA . -29.54 34.81 -19.77
ND CYC EA . -31.92 34.44 -19.69
C1D CYC EA . -30.84 35.23 -19.48
C2D CYC EA . -31.34 36.45 -18.90
C3D CYC EA . -32.70 36.35 -18.80
C4D CYC EA . -33.07 35.06 -19.30
CMD CYC EA . -30.52 37.64 -18.49
CAD CYC EA . -33.66 37.38 -18.29
CBD CYC EA . -33.53 37.60 -16.79
CGD CYC EA . -34.21 36.53 -15.94
O1D CYC EA . -34.48 36.82 -14.75
O2D CYC EA . -34.48 35.43 -16.45
CHA CYC FA . -4.74 8.30 -21.71
NA CYC FA . -6.61 9.20 -20.44
C1A CYC FA . -5.78 8.16 -20.82
C2A CYC FA . -6.19 6.93 -20.20
C3A CYC FA . -7.24 7.24 -19.38
C4A CYC FA . -7.39 8.69 -19.45
CMA CYC FA . -8.04 6.31 -18.54
CAA CYC FA . -5.46 5.65 -20.35
CBA CYC FA . -6.14 4.69 -21.31
CGA CYC FA . -6.61 5.33 -22.62
O1A CYC FA . -7.83 5.38 -22.87
O2A CYC FA . -5.73 5.77 -23.40
CHB CYC FA . -8.22 9.47 -18.70
NB CYC FA . -10.38 8.37 -18.20
C1B CYC FA . -9.51 9.43 -18.34
C2B CYC FA . -10.18 10.61 -17.94
C3B CYC FA . -11.38 10.29 -17.43
C4B CYC FA . -11.57 8.84 -17.68
CMB CYC FA . -9.78 12.04 -18.05
CAB CYC FA . -12.35 11.11 -16.65
CBB CYC FA . -12.48 10.58 -15.25
OB CYC FA . -12.58 8.20 -17.51
NC CYC FA . -1.76 13.80 -23.24
C1C CYC FA . -1.18 14.83 -23.91
C2C CYC FA . -1.96 16.08 -23.60
C3C CYC FA . -3.27 15.55 -22.98
C4C CYC FA . -3.09 14.06 -22.95
CMC CYC FA . -1.21 17.08 -22.73
CAC CYC FA . -4.57 16.00 -23.62
CBC CYC FA . -5.04 17.35 -23.12
OC CYC FA . -0.17 14.75 -24.58
CHD CYC FA . -4.07 13.10 -22.58
ND CYC FA . -4.68 10.75 -21.95
C1D CYC FA . -3.98 11.67 -22.68
C2D CYC FA . -3.07 10.95 -23.50
C3D CYC FA . -3.24 9.62 -23.24
C4D CYC FA . -4.25 9.48 -22.27
CMD CYC FA . -2.16 11.53 -24.53
CAD CYC FA . -2.59 8.51 -23.99
CBD CYC FA . -1.30 8.01 -23.40
CGD CYC FA . -1.27 6.49 -23.30
O1D CYC FA . -2.22 5.92 -22.71
O2D CYC FA . -0.32 5.89 -23.85
CHA CYC GA . 7.89 -41.35 -7.57
NA CYC GA . 5.79 -41.34 -6.38
C1A CYC GA . 6.85 -40.70 -6.97
C2A CYC GA . 6.67 -39.25 -6.93
C3A CYC GA . 5.52 -39.04 -6.24
C4A CYC GA . 5.00 -40.36 -5.87
CMA CYC GA . 4.86 -37.72 -6.02
CAA CYC GA . 7.48 -38.26 -7.71
CBA CYC GA . 8.64 -37.63 -6.96
CGA CYC GA . 9.60 -38.62 -6.31
O1A CYC GA . 10.81 -38.58 -6.65
O2A CYC GA . 9.14 -39.42 -5.46
CHB CYC GA . 3.92 -40.58 -5.10
NB CYC GA . 4.14 -38.71 -3.58
C1B CYC GA . 3.43 -39.74 -4.19
C2B CYC GA . 2.08 -39.69 -3.79
C3B CYC GA . 1.91 -38.56 -3.05
C4B CYC GA . 3.24 -37.90 -2.92
CMB CYC GA . 0.99 -40.65 -4.13
CAB CYC GA . 0.65 -37.97 -2.49
CBB CYC GA . 0.65 -37.92 -0.97
OB CYC GA . 3.50 -36.85 -2.39
NC CYC GA . 8.33 -48.06 -7.37
C1C CYC GA . 8.17 -49.39 -7.64
C2C CYC GA . 6.77 -49.62 -8.17
C3C CYC GA . 6.01 -48.39 -7.62
C4C CYC GA . 7.11 -47.39 -7.35
CMC CYC GA . 6.71 -49.82 -9.67
CAC CYC GA . 5.16 -48.62 -6.37
CBC CYC GA . 3.80 -49.18 -6.68
OC CYC GA . 9.03 -50.25 -7.47
CHD CYC GA . 6.87 -46.06 -7.11
ND CYC GA . 7.18 -43.66 -7.18
C1D CYC GA . 7.63 -44.92 -7.45
C2D CYC GA . 8.88 -44.78 -8.15
C3D CYC GA . 9.14 -43.43 -8.29
C4D CYC GA . 8.06 -42.72 -7.68
CMD CYC GA . 9.74 -45.88 -8.66
CAD CYC GA . 10.35 -42.80 -8.88
CBD CYC GA . 10.13 -42.15 -10.24
CGD CYC GA . 11.29 -41.29 -10.73
O1D CYC GA . 12.05 -40.76 -9.88
O2D CYC GA . 11.43 -41.15 -11.96
CHA CYC HA . -29.14 -35.57 24.78
NA CYC HA . -30.12 -34.47 22.86
C1A CYC HA . -29.67 -35.58 23.52
C2A CYC HA . -29.96 -36.78 22.75
C3A CYC HA . -30.45 -36.36 21.56
C4A CYC HA . -30.46 -34.89 21.60
CMA CYC HA . -30.90 -37.25 20.44
CAA CYC HA . -29.80 -38.19 23.21
CBA CYC HA . -31.12 -38.72 23.79
CGA CYC HA . -31.67 -37.88 24.94
O1A CYC HA . -32.32 -36.85 24.67
O2A CYC HA . -31.43 -38.25 26.11
CHB CYC HA . -30.77 -34.06 20.58
NB CYC HA . -29.82 -35.30 18.69
C1B CYC HA . -30.47 -34.21 19.27
C2B CYC HA . -30.82 -33.28 18.26
C3B CYC HA . -30.48 -33.82 17.07
C4B CYC HA . -29.85 -35.15 17.33
CMB CYC HA . -31.42 -31.91 18.41
CAB CYC HA . -30.66 -33.25 15.70
CBB CYC HA . -31.54 -34.14 14.83
OB CYC HA . -29.44 -35.97 16.54
NC CYC HA . -29.60 -30.39 28.28
C1C CYC HA . -29.20 -29.61 29.32
C2C CYC HA . -28.51 -28.38 28.79
C3C CYC HA . -28.39 -28.66 27.28
C4C CYC HA . -28.90 -30.06 27.13
CMC CYC HA . -29.23 -27.11 29.18
CAC CYC HA . -26.98 -28.56 26.67
CBC CYC HA . -26.68 -27.19 26.08
OC CYC HA . -29.40 -29.86 30.50
CHD CYC HA . -28.65 -30.91 26.08
ND CYC HA . -29.01 -33.16 25.18
C1D CYC HA . -28.59 -32.32 26.17
C2D CYC HA . -28.12 -33.14 27.25
C3D CYC HA . -28.26 -34.45 26.87
C4D CYC HA . -28.83 -34.46 25.56
CMD CYC HA . -27.53 -32.64 28.53
CAD CYC HA . -27.86 -35.68 27.63
CBD CYC HA . -26.37 -36.01 27.44
CGD CYC HA . -26.03 -36.96 26.31
O1D CYC HA . -24.87 -37.42 26.24
O2D CYC HA . -26.92 -37.28 25.49
CHA CYC IA . -22.34 -1.68 6.15
NA CYC IA . -21.31 -3.71 6.90
C1A CYC IA . -21.67 -2.84 5.91
C2A CYC IA . -21.21 -3.30 4.61
C3A CYC IA . -20.61 -4.49 4.84
C4A CYC IA . -20.83 -4.81 6.25
CMA CYC IA . -19.91 -5.26 3.76
CAA CYC IA . -21.29 -2.60 3.29
CBA CYC IA . -22.62 -2.77 2.55
CGA CYC IA . -23.75 -1.98 3.18
O1A CYC IA . -23.58 -0.72 3.31
O2A CYC IA . -24.84 -2.63 3.58
CHB CYC IA . -20.76 -6.03 6.84
NB CYC IA . -20.95 -7.61 4.97
C1B CYC IA . -20.82 -7.26 6.30
C2B CYC IA . -20.73 -8.41 7.08
C3B CYC IA . -20.57 -9.48 6.24
C4B CYC IA . -20.87 -8.99 4.87
CMB CYC IA . -20.88 -8.45 8.56
CAB CYC IA . -20.01 -10.83 6.58
CBB CYC IA . -20.12 -11.87 5.46
OB CYC IA . -21.09 -9.62 3.86
NC CYC IA . -23.36 0.64 12.21
C1C CYC IA . -23.95 1.05 13.36
C2C CYC IA . -23.97 -0.10 14.33
C3C CYC IA . -23.53 -1.31 13.48
C4C CYC IA . -23.35 -0.75 12.10
CMC CYC IA . -23.15 0.19 15.59
CAC CYC IA . -24.46 -2.53 13.50
CBC CYC IA . -23.96 -3.58 14.46
OC CYC IA . -24.34 2.16 13.59
CHD CYC IA . -23.14 -1.50 10.95
ND CYC IA . -22.66 -1.88 8.57
C1D CYC IA . -23.19 -1.12 9.57
C2D CYC IA . -23.73 0.06 8.94
C3D CYC IA . -23.45 -0.04 7.60
C4D CYC IA . -22.79 -1.24 7.37
CMD CYC IA . -24.43 1.19 9.61
CAD CYC IA . -23.88 0.88 6.49
CBD CYC IA . -22.88 1.96 6.10
CGD CYC IA . -23.44 3.37 6.06
O1D CYC IA . -24.46 3.56 5.39
O2D CYC IA . -22.84 4.26 6.69
CHA CYC JA . -25.60 11.60 -52.04
NA CYC JA . -26.89 12.25 -50.11
C1A CYC JA . -26.28 11.31 -50.89
C2A CYC JA . -26.38 10.00 -50.29
C3A CYC JA . -27.19 10.14 -49.21
C4A CYC JA . -27.42 11.57 -49.07
CMA CYC JA . -27.72 9.05 -48.31
CAA CYC JA . -25.52 8.84 -50.70
CBA CYC JA . -25.97 8.11 -51.96
CGA CYC JA . -27.36 8.48 -52.50
O1A CYC JA . -27.90 9.54 -52.15
O2A CYC JA . -27.89 7.67 -53.28
CHB CYC JA . -28.06 12.16 -48.05
NB CYC JA . -29.92 10.65 -47.95
C1B CYC JA . -29.16 11.70 -47.46
C2B CYC JA . -29.65 12.12 -46.22
C3B CYC JA . -30.56 11.20 -45.81
C4B CYC JA . -30.80 10.27 -46.97
CMB CYC JA . -29.35 13.39 -45.48
CAB CYC JA . -31.13 10.99 -44.46
CBB CYC JA . -32.59 11.41 -44.37
OB CYC JA . -31.62 9.38 -47.07
NC CYC JA . -24.56 17.80 -54.12
C1C CYC JA . -23.55 18.72 -54.13
C2C CYC JA . -22.91 18.74 -52.76
C3C CYC JA . -24.04 18.20 -51.88
C4C CYC JA . -24.85 17.39 -52.85
CMC CYC JA . -21.58 17.98 -52.72
CAC CYC JA . -24.96 19.14 -51.07
CBC CYC JA . -24.23 19.90 -49.97
OC CYC JA . -23.24 19.41 -55.06
CHD CYC JA . -25.69 16.39 -52.51
ND CYC JA . -25.85 14.01 -52.04
C1D CYC JA . -25.46 15.06 -52.83
C2D CYC JA . -24.71 14.52 -53.92
C3D CYC JA . -24.68 13.16 -53.75
C4D CYC JA . -25.39 12.84 -52.58
CMD CYC JA . -24.04 15.29 -54.99
CAD CYC JA . -24.08 12.15 -54.68
CBD CYC JA . -22.65 11.80 -54.31
CGD CYC JA . -22.16 10.53 -54.98
O1D CYC JA . -23.02 9.74 -55.41
O2D CYC JA . -20.95 10.35 -55.06
CHA CYC KA . -46.91 -16.61 -13.27
NA CYC KA . -47.12 -14.51 -14.44
C1A CYC KA . -46.43 -15.62 -14.06
C2A CYC KA . -45.13 -15.67 -14.66
C3A CYC KA . -44.98 -14.48 -15.31
C4A CYC KA . -46.21 -13.73 -15.07
CMA CYC KA . -43.75 -13.99 -16.02
CAA CYC KA . -44.24 -16.86 -14.49
CBA CYC KA . -43.24 -16.75 -13.32
CGA CYC KA . -43.74 -16.10 -12.04
O1A CYC KA . -43.20 -16.42 -10.95
O2A CYC KA . -44.63 -15.22 -12.13
CHB CYC KA . -46.43 -12.41 -15.36
NB CYC KA . -45.15 -12.03 -17.40
C1B CYC KA . -45.77 -11.63 -16.21
C2B CYC KA . -45.61 -10.25 -16.04
C3B CYC KA . -44.88 -9.78 -17.06
C4B CYC KA . -44.56 -10.92 -17.96
CMB CYC KA . -46.12 -9.36 -14.96
CAB CYC KA . -44.51 -8.36 -17.33
CBB CYC KA . -43.02 -8.17 -17.54
OB CYC KA . -43.94 -10.91 -19.00
NC CYC KA . -52.84 -16.69 -12.34
C1C CYC KA . -53.94 -16.95 -11.58
C2C CYC KA . -54.62 -15.66 -11.22
C3C CYC KA . -53.67 -14.58 -11.76
C4C CYC KA . -52.44 -15.41 -12.03
CMC CYC KA . -56.02 -15.60 -11.80
CAC CYC KA . -53.37 -13.36 -10.89
CBC CYC KA . -54.35 -12.25 -11.05
OC CYC KA . -54.33 -18.06 -11.27
CHD CYC KA . -51.17 -14.99 -11.97
ND CYC KA . -48.97 -15.57 -12.76
C1D CYC KA . -50.08 -15.83 -12.02
C2D CYC KA . -49.89 -17.13 -11.44
C3D CYC KA . -48.67 -17.59 -11.84
C4D CYC KA . -48.10 -16.60 -12.67
CMD CYC KA . -50.83 -17.83 -10.52
CAD CYC KA . -48.01 -18.86 -11.41
CBD CYC KA . -47.78 -19.84 -12.54
CGD CYC KA . -46.59 -20.76 -12.29
O1D CYC KA . -45.45 -20.26 -12.32
O2D CYC KA . -46.81 -21.98 -12.07
CHA CYC LA . -55.75 21.36 -14.18
NA CYC LA . -54.07 19.88 -13.23
C1A CYC LA . -54.47 21.09 -13.74
C2A CYC LA . -53.39 22.05 -13.71
C3A CYC LA . -52.32 21.40 -13.19
C4A CYC LA . -52.75 20.03 -12.95
CMA CYC LA . -50.99 22.03 -12.86
CAA CYC LA . -53.49 23.50 -14.06
CBA CYC LA . -54.01 24.29 -12.86
CGA CYC LA . -55.11 23.58 -12.06
O1A CYC LA . -54.77 22.66 -11.26
O2A CYC LA . -56.29 23.96 -12.22
CHB CYC LA . -51.96 19.03 -12.48
NB CYC LA . -49.91 19.58 -13.62
C1B CYC LA . -50.68 18.80 -12.76
C2B CYC LA . -49.88 17.81 -12.17
C3B CYC LA . -48.60 18.01 -12.57
C4B CYC LA . -48.59 19.21 -13.47
CMB CYC LA . -50.31 16.71 -11.23
CAB CYC LA . -47.36 17.23 -12.26
CBB CYC LA . -46.51 17.87 -11.18
OB CYC LA . -47.65 19.79 -13.95
NC CYC LA . -60.74 17.72 -12.77
C1C CYC LA . -61.93 17.05 -12.77
C2C CYC LA . -61.67 15.58 -12.99
C3C CYC LA . -60.14 15.49 -13.16
C4C CYC LA . -59.71 16.92 -13.26
CMC CYC LA . -62.26 14.70 -11.90
CAC CYC LA . -59.64 14.72 -14.38
CBC CYC LA . -59.71 13.21 -14.25
OC CYC LA . -63.03 17.55 -12.59
CHD CYC LA . -58.50 17.37 -13.75
ND CYC LA . -56.89 19.21 -13.87
C1D CYC LA . -58.14 18.70 -14.06
C2D CYC LA . -58.95 19.74 -14.61
C3D CYC LA . -58.16 20.87 -14.72
C4D CYC LA . -56.85 20.53 -14.24
CMD CYC LA . -60.39 19.63 -15.01
CAD CYC LA . -58.56 22.21 -15.25
CBD CYC LA . -58.58 22.24 -16.78
CGD CYC LA . -57.21 22.12 -17.44
O1D CYC LA . -57.14 21.50 -18.52
O2D CYC LA . -56.23 22.66 -16.88
CHA CYC MA . -8.06 -50.84 -28.25
NA CYC MA . -7.00 -48.89 -29.17
C1A CYC MA . -8.10 -49.56 -28.70
C2A CYC MA . -9.26 -48.68 -28.66
C3A CYC MA . -8.87 -47.53 -29.26
C4A CYC MA . -7.49 -47.74 -29.69
CMA CYC MA . -9.73 -46.30 -29.44
CAA CYC MA . -10.58 -48.98 -28.01
CBA CYC MA . -11.58 -49.64 -28.96
CGA CYC MA . -11.25 -51.07 -29.34
O1A CYC MA . -10.67 -51.80 -28.47
O2A CYC MA . -11.59 -51.47 -30.48
CHB CYC MA . -6.80 -46.96 -30.56
NB CYC MA . -8.64 -46.31 -31.98
C1B CYC MA . -7.35 -46.16 -31.47
C2B CYC MA . -6.81 -44.94 -31.89
C3B CYC MA . -7.79 -44.24 -32.51
C4B CYC MA . -9.00 -45.12 -32.58
CMB CYC MA . -5.39 -44.50 -31.69
CAB CYC MA . -7.78 -42.84 -33.04
CBB CYC MA . -8.32 -42.76 -34.46
OB CYC MA . -10.09 -44.88 -33.02
NC CYC MA . -2.54 -54.61 -28.19
C1C CYC MA . -1.33 -55.16 -28.44
C2C CYC MA . -0.30 -54.10 -28.16
C3C CYC MA . -1.07 -52.82 -28.50
C4C CYC MA . -2.50 -53.29 -28.61
CMC CYC MA . 0.25 -54.18 -26.74
CAC CYC MA . -0.60 -52.09 -29.77
CBC CYC MA . 0.42 -51.00 -29.48
OC CYC MA . -1.11 -56.31 -28.80
CHD CYC MA . -3.57 -52.51 -29.04
ND CYC MA . -5.75 -51.45 -28.78
C1D CYC MA . -4.94 -52.53 -28.63
C2D CYC MA . -5.72 -53.55 -27.99
C3D CYC MA . -6.97 -53.04 -27.77
C4D CYC MA . -6.99 -51.72 -28.27
CMD CYC MA . -5.28 -54.94 -27.64
CAD CYC MA . -8.16 -53.75 -27.19
CBD CYC MA . -8.17 -53.78 -25.67
CGD CYC MA . -9.45 -54.36 -25.07
O1D CYC MA . -10.50 -54.31 -25.74
O2D CYC MA . -9.37 -54.84 -23.91
CHA CYC NA . -30.08 -5.24 -41.59
NA CYC NA . -28.72 -7.05 -42.36
C1A CYC NA . -29.32 -6.34 -41.37
C2A CYC NA . -29.14 -6.98 -40.09
C3A CYC NA . -28.24 -7.98 -40.31
C4A CYC NA . -27.93 -7.96 -41.72
CMA CYC NA . -27.57 -8.83 -39.29
CAA CYC NA . -29.87 -6.63 -38.83
CBA CYC NA . -28.99 -6.09 -37.71
CGA CYC NA . -27.78 -5.30 -38.20
O1A CYC NA . -27.99 -4.31 -38.93
O2A CYC NA . -26.65 -5.66 -37.83
CHB CYC NA . -26.95 -8.71 -42.35
NB CYC NA . -26.55 -10.73 -41.04
C1B CYC NA . -26.18 -9.72 -41.90
C2B CYC NA . -24.86 -9.97 -42.35
C3B CYC NA . -24.40 -11.10 -41.77
C4B CYC NA . -25.50 -11.63 -40.93
CMB CYC NA . -24.06 -9.24 -43.38
CAB CYC NA . -23.07 -11.78 -41.96
CBB CYC NA . -23.07 -13.26 -41.57
OB CYC NA . -25.53 -12.67 -40.32
NC CYC NA . -31.37 -3.91 -47.50
C1C CYC NA . -31.44 -2.94 -48.46
C2C CYC NA . -30.38 -3.25 -49.50
C3C CYC NA . -29.41 -4.18 -48.76
C4C CYC NA . -30.05 -4.28 -47.41
CMC CYC NA . -30.94 -3.83 -50.77
CAC CYC NA . -27.94 -3.75 -48.66
CBC CYC NA . -27.12 -4.47 -49.72
OC CYC NA . -32.22 -2.01 -48.49
CHD CYC NA . -29.42 -4.63 -46.26
ND CYC NA . -29.58 -5.13 -43.92
C1D CYC NA . -29.89 -4.34 -44.98
C2D CYC NA . -30.76 -3.30 -44.52
C3D CYC NA . -30.94 -3.50 -43.17
C4D CYC NA . -30.21 -4.65 -42.80
CMD CYC NA . -31.27 -2.13 -45.31
CAD CYC NA . -31.72 -2.63 -42.25
CBD CYC NA . -32.93 -3.35 -41.70
CGD CYC NA . -33.98 -2.38 -41.16
O1D CYC NA . -33.67 -1.68 -40.18
O2D CYC NA . -35.08 -2.32 -41.75
CHA CYC OA . 3.23 -14.75 -59.97
NA CYC OA . 2.53 -13.61 -57.95
C1A CYC OA . 3.41 -14.37 -58.67
C2A CYC OA . 4.61 -14.65 -57.89
C3A CYC OA . 4.39 -14.12 -56.66
C4A CYC OA . 3.05 -13.54 -56.68
CMA CYC OA . 5.38 -14.10 -55.52
CAA CYC OA . 5.82 -15.35 -58.42
CBA CYC OA . 6.87 -14.39 -59.03
CGA CYC OA . 6.33 -13.37 -60.04
O1A CYC OA . 5.20 -12.86 -59.85
O2A CYC OA . 7.06 -13.07 -61.01
CHB CYC OA . 2.42 -12.94 -55.64
NB CYC OA . 3.11 -14.33 -53.76
C1B CYC OA . 2.45 -13.24 -54.33
C2B CYC OA . 1.92 -12.42 -53.30
C3B CYC OA . 2.33 -12.92 -52.11
C4B CYC OA . 3.13 -14.16 -52.40
CMB CYC OA . 1.06 -11.18 -53.41
CAB CYC OA . 2.07 -12.42 -50.72
CBB CYC OA . 3.30 -11.77 -50.10
OB CYC OA . 3.72 -14.87 -51.62
NC CYC OA . -1.03 -11.80 -63.34
C1C CYC OA . -1.89 -11.07 -64.10
C2C CYC OA . -3.28 -11.60 -63.84
C3C CYC OA . -3.16 -12.02 -62.36
C4C CYC OA . -1.72 -12.42 -62.28
CMC CYC OA . -4.41 -10.65 -64.18
CAC CYC OA . -4.02 -13.18 -61.84
CBC CYC OA . -5.44 -12.75 -61.54
OC CYC OA . -1.60 -10.15 -64.85
CHD CYC OA . -1.17 -13.26 -61.34
ND CYC OA . 0.98 -13.90 -60.37
C1D CYC OA . 0.09 -13.85 -61.41
C2D CYC OA . 0.71 -14.52 -62.52
C3D CYC OA . 1.96 -14.92 -62.12
C4D CYC OA . 2.13 -14.53 -60.76
CMD CYC OA . 0.09 -14.69 -63.87
CAD CYC OA . 2.99 -15.65 -62.93
CBD CYC OA . 2.73 -17.15 -62.98
CGD CYC OA . 3.14 -17.89 -61.72
O1D CYC OA . 2.30 -18.60 -61.13
O2D CYC OA . 4.33 -17.76 -61.32
CHA CYC PA . -2.39 18.97 -38.48
NA CYC PA . -2.00 16.70 -39.13
C1A CYC PA . -2.24 17.65 -38.19
C2A CYC PA . -2.46 17.04 -36.90
C3A CYC PA . -2.02 15.77 -37.01
C4A CYC PA . -1.81 15.54 -38.43
CMA CYC PA . -1.65 14.82 -35.91
CAA CYC PA . -3.32 17.64 -35.82
CBA CYC PA . -2.50 18.28 -34.72
CGA CYC PA . -1.65 19.45 -35.19
O1A CYC PA . -1.89 20.57 -34.71
O2A CYC PA . -0.75 19.23 -36.03
CHB CYC PA . -1.41 14.39 -38.94
NB CYC PA . 0.43 14.12 -37.41
C1B CYC PA . -0.43 13.68 -38.41
C2B CYC PA . -0.18 12.34 -38.68
C3B CYC PA . 0.69 11.87 -37.76
C4B CYC PA . 1.11 13.03 -36.93
CMB CYC PA . -0.75 11.53 -39.80
CAB CYC PA . 1.08 10.46 -37.48
CBB CYC PA . 2.57 10.21 -37.51
OB CYC PA . 1.89 13.05 -36.00
NC CYC PA . -1.46 21.26 -44.71
C1C CYC PA . -1.80 21.65 -45.98
C2C CYC PA . -2.77 20.65 -46.55
C3C CYC PA . -2.49 19.39 -45.71
C4C CYC PA . -1.90 19.96 -44.45
CMC CYC PA . -4.21 21.14 -46.50
CAC CYC PA . -1.58 18.28 -46.26
CBC CYC PA . -2.26 17.41 -47.29
OC CYC PA . -1.38 22.63 -46.54
CHD CYC PA . -1.80 19.27 -43.26
ND CYC PA . -2.01 18.86 -40.87
C1D CYC PA . -2.01 19.71 -41.94
C2D CYC PA . -2.32 21.01 -41.41
C3D CYC PA . -2.50 20.88 -40.06
C4D CYC PA . -2.30 19.53 -39.72
CMD CYC PA . -2.46 22.27 -42.20
CAD CYC PA . -2.76 21.98 -39.08
CBD CYC PA . -4.18 22.00 -38.54
CGD CYC PA . -4.56 23.36 -37.96
O1D CYC PA . -5.63 23.87 -38.34
O2D CYC PA . -3.78 23.89 -37.15
CHA CYC QA . 1.71 -22.33 -7.76
NA CYC QA . 2.49 -20.81 -9.49
C1A CYC QA . 1.53 -21.25 -8.63
C2A CYC QA . 0.32 -20.46 -8.76
C3A CYC QA . 0.61 -19.49 -9.64
C4A CYC QA . 1.91 -19.80 -10.20
CMA CYC QA . -0.17 -18.22 -9.84
CAA CYC QA . -1.01 -20.73 -8.12
CBA CYC QA . -1.73 -21.87 -8.84
CGA CYC QA . -3.10 -22.23 -8.28
O1A CYC QA . -3.80 -21.29 -7.83
O2A CYC QA . -3.46 -23.44 -8.30
CHB CYC QA . 2.52 -19.19 -11.25
NB CYC QA . 0.87 -18.27 -12.91
C1B CYC QA . 2.08 -18.81 -12.48
C2B CYC QA . 2.98 -18.90 -13.57
C3B CYC QA . 2.37 -18.36 -14.66
C4B CYC QA . 1.00 -17.93 -14.24
CMB CYC QA . 4.36 -19.49 -13.58
CAB CYC QA . 2.90 -18.20 -16.05
CBB CYC QA . 3.07 -16.74 -16.45
OB CYC QA . 0.16 -17.36 -14.90
NC CYC QA . 7.49 -24.92 -6.23
C1C CYC QA . 8.30 -25.99 -5.97
C2C CYC QA . 9.19 -26.23 -7.17
C3C CYC QA . 8.54 -25.34 -8.26
C4C CYC QA . 7.29 -24.82 -7.60
CMC CYC QA . 10.68 -26.00 -6.93
CAC CYC QA . 8.26 -26.06 -9.56
CBC CYC QA . 9.44 -26.03 -10.51
OC CYC QA . 8.32 -26.62 -4.94
CHD CYC QA . 6.19 -24.27 -8.23
ND CYC QA . 4.03 -23.09 -8.22
C1D CYC QA . 4.87 -24.08 -7.75
C2D CYC QA . 4.16 -24.82 -6.75
C3D CYC QA . 2.91 -24.25 -6.65
C4D CYC QA . 2.82 -23.16 -7.57
CMD CYC QA . 4.68 -25.99 -5.98
CAD CYC QA . 1.79 -24.69 -5.76
CBD CYC QA . 1.56 -23.79 -4.55
CGD CYC QA . 0.10 -23.43 -4.30
O1D CYC QA . -0.61 -23.12 -5.28
O2D CYC QA . -0.32 -23.44 -3.13
CHA CYC RA . 19.36 -24.98 -42.48
NA CYC RA . 17.18 -25.42 -41.50
C1A CYC RA . 17.99 -25.08 -42.55
C2A CYC RA . 17.23 -24.91 -43.77
C3A CYC RA . 15.92 -25.05 -43.43
C4A CYC RA . 15.91 -25.38 -42.00
CMA CYC RA . 14.75 -24.95 -44.36
CAA CYC RA . 17.82 -24.79 -45.14
CBA CYC RA . 18.33 -26.14 -45.67
CGA CYC RA . 19.10 -26.99 -44.66
O1A CYC RA . 18.46 -27.75 -43.89
O2A CYC RA . 20.35 -26.91 -44.66
CHB CYC RA . 14.80 -25.64 -41.26
NB CYC RA . 13.36 -23.90 -42.17
C1B CYC RA . 13.63 -24.99 -41.34
C2B CYC RA . 12.47 -25.34 -40.63
C3B CYC RA . 11.45 -24.53 -41.03
C4B CYC RA . 12.02 -23.61 -42.08
CMB CYC RA . 12.33 -26.43 -39.59
CAB CYC RA . 10.03 -24.45 -40.57
CBB CYC RA . 9.06 -24.94 -41.64
OB CYC RA . 11.43 -22.80 -42.76
NC CYC RA . 22.57 -27.50 -37.70
C1C CYC RA . 23.44 -27.89 -36.73
C2C CYC RA . 23.18 -27.09 -35.48
C3C CYC RA . 21.74 -26.60 -35.70
C4C CYC RA . 21.62 -26.61 -37.19
CMC CYC RA . 23.43 -27.83 -34.18
CAC CYC RA . 21.40 -25.21 -35.15
CBC CYC RA . 20.92 -25.23 -33.72
OC CYC RA . 24.30 -28.76 -36.86
CHD CYC RA . 20.73 -25.85 -37.91
ND CYC RA . 19.77 -25.45 -40.12
C1D CYC RA . 20.85 -25.54 -39.28
C2D CYC RA . 22.02 -25.26 -40.06
C3D CYC RA . 21.61 -25.03 -41.35
C4D CYC RA . 20.18 -25.14 -41.39
CMD CYC RA . 23.43 -25.24 -39.56
CAD CYC RA . 22.48 -24.68 -42.54
CBD CYC RA . 22.93 -23.22 -42.51
CGD CYC RA . 21.87 -22.20 -42.92
O1D CYC RA . 22.24 -21.00 -43.01
O2D CYC RA . 20.71 -22.57 -43.13
CHA CYC SA . -18.27 21.51 31.29
NA CYC SA . -17.09 19.68 32.28
C1A CYC SA . -17.43 20.46 31.21
C2A CYC SA . -16.79 19.99 30.00
C3A CYC SA . -16.06 18.91 30.36
C4A CYC SA . -16.21 18.76 31.81
CMA CYC SA . -15.17 18.12 29.44
CAA CYC SA . -16.83 20.68 28.67
CBA CYC SA . -18.20 20.64 28.01
CGA CYC SA . -19.10 19.58 28.63
O1A CYC SA . -20.02 19.95 29.40
O2A CYC SA . -18.81 18.37 28.40
CHB CYC SA . -15.61 17.84 32.59
NB CYC SA . -15.65 15.98 31.06
C1B CYC SA . -15.22 16.64 32.19
C2B CYC SA . -14.21 15.89 32.82
C3B CYC SA . -13.93 14.82 32.03
C4B CYC SA . -14.85 14.88 30.85
CMB CYC SA . -13.56 16.22 34.13
CAB CYC SA . -12.90 13.74 32.16
CBB CYC SA . -13.53 12.37 32.32
OB CYC SA . -14.89 14.14 29.91
NC CYC SA . -21.21 23.13 36.92
C1C CYC SA . -21.51 24.00 37.94
C2C CYC SA . -20.29 24.16 38.82
C3C CYC SA . -19.34 23.05 38.31
C4C CYC SA . -19.90 22.68 36.98
CMC CYC SA . -19.72 25.56 38.84
CAC CYC SA . -19.20 21.84 39.24
CBC CYC SA . -18.29 22.10 40.42
OC CYC SA . -22.60 24.51 38.11
CHD CYC SA . -19.23 22.01 35.99
ND CYC SA . -18.61 21.54 33.68
C1D CYC SA . -19.32 22.26 34.60
C2D CYC SA . -20.02 23.27 33.87
C3D CYC SA . -19.72 23.12 32.54
C4D CYC SA . -18.83 22.02 32.43
CMD CYC SA . -20.93 24.32 34.43
CAD CYC SA . -20.27 23.90 31.39
CBD CYC SA . -19.39 25.06 30.92
CGD CYC SA . -19.73 25.55 29.53
O1D CYC SA . -19.79 24.72 28.59
O2D CYC SA . -19.91 26.79 29.37
CHA CYC TA . 1.02 -20.98 47.49
NA CYC TA . 2.96 -19.78 46.56
C1A CYC TA . 1.99 -19.98 47.51
C2A CYC TA . 2.13 -19.01 48.59
C3A CYC TA . 3.17 -18.22 48.26
C4A CYC TA . 3.66 -18.68 46.96
CMA CYC TA . 3.74 -17.13 49.12
CAA CYC TA . 1.29 -19.00 49.83
CBA CYC TA . 1.60 -20.18 50.76
CGA CYC TA . 2.94 -20.87 50.53
O1A CYC TA . 3.72 -20.94 51.51
O2A CYC TA . 3.20 -21.37 49.41
CHB CYC TA . 4.75 -18.15 46.28
NB CYC TA . 4.30 -15.77 46.57
C1B CYC TA . 5.04 -16.85 46.06
C2B CYC TA . 6.13 -16.34 45.29
C3B CYC TA . 6.10 -14.99 45.35
C4B CYC TA . 4.91 -14.59 46.19
CMB CYC TA . 7.18 -17.05 44.49
CAB CYC TA . 7.01 -14.00 44.72
CBB CYC TA . 7.69 -13.12 45.76
OB CYC TA . 4.55 -13.49 46.49
NC CYC TA . 2.07 -25.79 43.80
C1C CYC TA . 1.50 -26.87 43.21
C2C CYC TA . 1.52 -26.67 41.71
C3C CYC TA . 1.91 -25.20 41.55
C4C CYC TA . 1.89 -24.70 42.97
CMC CYC TA . 2.39 -27.68 40.99
CAC CYC TA . 1.01 -24.26 40.75
CBC CYC TA . 1.46 -24.08 39.32
OC CYC TA . 1.06 -27.84 43.80
CHD CYC TA . 1.66 -23.41 43.35
ND CYC TA . 1.55 -22.01 45.36
C1D CYC TA . 1.11 -23.05 44.60
C2D CYC TA . 0.02 -23.66 45.29
C3D CYC TA . -0.15 -22.97 46.47
C4D CYC TA . 0.82 -21.93 46.51
CMD CYC TA . -0.74 -24.85 44.81
CAD CYC TA . -1.16 -23.25 47.55
CBD CYC TA . -2.47 -22.50 47.34
CGD CYC TA . -2.46 -21.05 47.80
O1D CYC TA . -2.80 -20.16 46.98
O2D CYC TA . -2.16 -20.79 48.98
CHA CYC UA . 15.02 -13.62 12.01
NA CYC UA . 13.34 -13.45 13.77
C1A CYC UA . 14.18 -12.91 12.79
C2A CYC UA . 14.04 -11.48 12.71
C3A CYC UA . 13.12 -11.13 13.64
C4A CYC UA . 12.69 -12.35 14.29
CMA CYC UA . 12.46 -9.81 13.81
CAA CYC UA . 14.54 -10.68 11.55
CBA CYC UA . 16.01 -10.30 11.56
CGA CYC UA . 16.91 -11.19 12.39
O1A CYC UA . 18.11 -11.34 12.02
O2A CYC UA . 16.45 -11.73 13.42
CHB CYC UA . 11.89 -12.37 15.38
NB CYC UA . 12.36 -10.20 16.36
C1B CYC UA . 11.59 -11.31 16.17
C2B CYC UA . 10.45 -11.22 16.98
C3B CYC UA . 10.49 -10.06 17.66
C4B CYC UA . 11.75 -9.39 17.28
CMB CYC UA . 9.37 -12.22 17.26
CAB CYC UA . 9.56 -9.58 18.72
CBB CYC UA . 9.74 -8.10 19.06
OB CYC UA . 12.23 -8.39 17.74
NC CYC UA . 13.82 -19.64 11.41
C1C CYC UA . 14.23 -20.93 11.52
C2C CYC UA . 13.55 -21.55 12.71
C3C CYC UA . 12.99 -20.35 13.47
C4C CYC UA . 13.51 -19.18 12.68
CMC CYC UA . 12.52 -22.60 12.39
CAC CYC UA . 13.40 -20.33 14.92
CBC CYC UA . 12.31 -20.96 15.76
OC CYC UA . 15.02 -21.49 10.78
CHD CYC UA . 13.67 -17.95 13.16
ND CYC UA . 14.23 -15.69 12.78
C1D CYC UA . 14.47 -17.01 12.59
C2D CYC UA . 15.54 -17.11 11.64
C3D CYC UA . 15.91 -15.84 11.29
C4D CYC UA . 15.07 -14.95 12.01
CMD CYC UA . 16.19 -18.37 11.16
CAD CYC UA . 17.08 -15.47 10.43
CBD CYC UA . 16.64 -14.69 9.21
CGD CYC UA . 17.74 -14.33 8.24
O1D CYC UA . 18.69 -13.64 8.66
O2D CYC UA . 17.65 -14.73 7.06
CHA CYC VA . 0.40 37.43 44.31
NA CYC VA . 0.63 37.99 41.99
C1A CYC VA . 1.10 37.43 43.14
C2A CYC VA . 2.37 36.76 42.91
C3A CYC VA . 2.74 37.11 41.65
C4A CYC VA . 1.67 37.93 41.11
CMA CYC VA . 4.03 36.72 40.96
CAA CYC VA . 3.00 35.75 43.82
CBA CYC VA . 4.04 36.32 44.77
CGA CYC VA . 3.69 37.68 45.37
O1A CYC VA . 3.64 37.77 46.63
O2A CYC VA . 3.48 38.64 44.58
CHB CYC VA . 1.71 38.66 39.97
NB CYC VA . 4.00 39.41 40.22
C1B CYC VA . 2.83 39.21 39.49
C2B CYC VA . 3.05 39.52 38.14
C3B CYC VA . 4.39 39.69 37.97
C4B CYC VA . 5.03 39.67 39.33
CMB CYC VA . 2.01 39.70 37.08
CAB CYC VA . 5.20 39.83 36.72
CBB CYC VA . 5.93 41.16 36.66
OB CYC VA . 6.19 39.84 39.63
NC CYC VA . -5.20 40.93 44.75
C1C CYC VA . -6.54 41.13 44.82
C2C CYC VA . -7.18 40.69 43.53
C3C CYC VA . -5.99 40.50 42.59
C4C CYC VA . -4.83 40.38 43.53
CMC CYC VA . -8.11 39.50 43.69
CAC CYC VA . -5.77 41.59 41.55
CBC CYC VA . -6.55 41.34 40.28
OC CYC VA . -7.12 41.63 45.76
CHD CYC VA . -3.62 39.85 43.20
ND CYC VA . -1.51 38.71 43.52
C1D CYC VA . -2.70 39.17 44.02
C2D CYC VA . -2.78 38.73 45.38
C3D CYC VA . -1.62 38.04 45.66
C4D CYC VA . -0.84 38.02 44.49
CMD CYC VA . -3.89 38.97 46.35
CAD CYC VA . -1.22 37.46 46.98
CBD CYC VA . -1.55 35.98 47.11
CGD CYC VA . -0.57 35.20 47.99
O1D CYC VA . 0.62 35.61 48.08
O2D CYC VA . -1.00 34.17 48.56
CHA CYC WA . 17.42 58.42 2.95
NA CYC WA . 17.59 56.09 2.26
C1A CYC WA . 16.89 57.22 2.57
C2A CYC WA . 15.46 57.02 2.35
C3A CYC WA . 15.31 55.73 2.04
C4A CYC WA . 16.64 55.11 2.11
CMA CYC WA . 13.99 55.08 1.73
CAA CYC WA . 14.45 58.11 2.28
CBA CYC WA . 14.54 58.78 0.90
CGA CYC WA . 15.97 59.02 0.42
O1A CYC WA . 16.56 58.12 -0.22
O2A CYC WA . 16.50 60.11 0.73
CHB CYC WA . 16.90 53.78 2.13
NB CYC WA . 14.93 53.03 3.38
C1B CYC WA . 16.11 52.82 2.67
C2B CYC WA . 16.33 51.45 2.50
C3B CYC WA . 15.24 50.80 2.99
C4B CYC WA . 14.29 51.83 3.52
CMB CYC WA . 17.52 50.79 1.89
CAB CYC WA . 14.96 49.33 3.05
CBB CYC WA . 14.13 48.85 1.87
OB CYC WA . 13.15 51.68 3.92
NC CYC WA . 23.62 59.55 2.54
C1C CYC WA . 24.97 59.77 2.66
C2C CYC WA . 25.62 58.44 2.37
C3C CYC WA . 24.66 57.52 3.14
C4C CYC WA . 23.37 58.27 3.04
CMC CYC WA . 25.66 58.24 0.87
CAC CYC WA . 24.93 57.22 4.62
CBC CYC WA . 26.16 56.35 4.80
OC CYC WA . 25.54 60.83 2.88
CHD CYC WA . 22.17 57.79 3.42
ND CYC WA . 19.78 57.84 3.11
C1D CYC WA . 20.95 58.46 3.41
C2D CYC WA . 20.65 59.83 3.71
C3D CYC WA . 19.29 59.98 3.56
C4D CYC WA . 18.74 58.72 3.18
CMD CYC WA . 21.62 60.86 4.15
CAD CYC WA . 18.48 61.23 3.79
CBD CYC WA . 18.42 61.66 5.26
CGD CYC WA . 17.56 60.77 6.15
O1D CYC WA . 17.31 61.17 7.30
O2D CYC WA . 17.15 59.69 5.69
CHA CYC XA . 40.58 27.79 12.03
NA CYC XA . 39.03 29.27 13.04
C1A CYC XA . 39.46 28.01 12.74
C2A CYC XA . 38.59 27.00 13.29
C3A CYC XA . 37.64 27.71 13.95
C4A CYC XA . 37.94 29.13 13.85
CMA CYC XA . 36.50 27.08 14.67
CAA CYC XA . 38.89 25.52 13.40
CBA CYC XA . 38.29 24.52 12.42
CGA CYC XA . 38.46 24.86 10.96
O1A CYC XA . 37.44 24.98 10.24
O2A CYC XA . 39.62 24.96 10.52
CHB CYC XA . 37.27 30.21 14.35
NB CYC XA . 35.12 29.78 15.46
C1B CYC XA . 35.94 30.47 14.61
C2B CYC XA . 35.26 31.63 14.17
C3B CYC XA . 34.10 31.73 14.84
C4B CYC XA . 34.00 30.54 15.72
CMB CYC XA . 35.66 32.69 13.20
CAB CYC XA . 33.10 32.83 14.82
CBB CYC XA . 32.66 33.21 16.22
OB CYC XA . 33.17 30.33 16.58
NC CYC XA . 45.06 32.23 10.30
C1C CYC XA . 45.64 32.91 9.26
C2C CYC XA . 45.20 34.36 9.41
C3C CYC XA . 43.88 34.24 10.18
C4C CYC XA . 43.81 32.79 10.60
CMC CYC XA . 46.22 35.29 10.02
CAC CYC XA . 42.70 34.63 9.29
CBC CYC XA . 42.38 36.11 9.47
OC CYC XA . 46.36 32.44 8.39
CHD CYC XA . 42.65 32.13 11.10
ND CYC XA . 41.34 30.10 11.74
C1D CYC XA . 42.37 30.72 11.07
C2D CYC XA . 43.10 29.68 10.42
C3D CYC XA . 42.51 28.50 10.70
C4D CYC XA . 41.42 28.74 11.53
CMD CYC XA . 44.20 29.81 9.41
CAD CYC XA . 42.93 27.16 10.17
CBD CYC XA . 43.96 26.52 11.10
CGD CYC XA . 43.60 25.12 11.55
O1D CYC XA . 42.49 24.96 12.09
O2D CYC XA . 44.43 24.20 11.38
CHA CYC YA . 40.55 -18.37 37.78
NA CYC YA . 38.45 -17.63 38.71
C1A CYC YA . 39.63 -17.40 38.07
C2A CYC YA . 39.78 -16.02 37.70
C3A CYC YA . 38.69 -15.38 38.21
C4A CYC YA . 37.85 -16.41 38.78
CMA CYC YA . 38.39 -13.92 38.08
CAA CYC YA . 40.79 -15.49 36.72
CBA CYC YA . 42.05 -14.88 37.35
CGA CYC YA . 42.76 -15.79 38.34
O1A CYC YA . 43.97 -16.04 38.14
O2A CYC YA . 42.10 -16.24 39.30
CHB CYC YA . 36.67 -16.17 39.34
NB CYC YA . 37.07 -13.90 40.20
C1B CYC YA . 36.28 -15.00 39.87
C2B CYC YA . 34.94 -14.70 40.06
C3B CYC YA . 34.84 -13.41 40.44
C4B CYC YA . 36.23 -12.85 40.52
CMB CYC YA . 33.78 -15.63 39.85
CAB CYC YA . 33.62 -12.57 40.65
CBB CYC YA . 33.45 -12.11 42.08
OB CYC YA . 36.58 -11.74 40.79
NC CYC YA . 39.72 -24.81 39.46
C1C CYC YA . 39.42 -26.11 39.26
C2C CYC YA . 38.06 -26.23 38.61
C3C CYC YA . 37.48 -24.81 38.80
C4C CYC YA . 38.66 -23.98 39.15
CMC CYC YA . 38.15 -26.71 37.18
CAC CYC YA . 36.37 -24.54 39.81
CBC CYC YA . 35.00 -24.94 39.33
OC CYC YA . 40.14 -27.04 39.55
CHD CYC YA . 38.66 -22.60 39.17
ND CYC YA . 39.38 -20.34 38.59
C1D CYC YA . 39.61 -21.69 38.67
C2D CYC YA . 40.91 -21.92 38.10
C3D CYC YA . 41.40 -20.70 37.70
C4D CYC YA . 40.46 -19.72 38.01
CMD CYC YA . 41.60 -23.23 37.94
CAD CYC YA . 42.77 -20.43 37.15
CBD CYC YA . 42.85 -20.11 35.67
CGD CYC YA . 44.26 -19.90 35.18
O1D CYC YA . 45.02 -19.14 35.87
O2D CYC YA . 44.63 -20.49 34.14
CHA CYC ZA . 1.40 1.33 60.74
NA CYC ZA . 0.96 2.09 58.49
C1A CYC ZA . 1.04 1.11 59.43
C2A CYC ZA . 0.61 -0.18 58.90
C3A CYC ZA . 0.38 0.04 57.58
C4A CYC ZA . 0.68 1.44 57.32
CMA CYC ZA . -0.11 -1.00 56.60
CAA CYC ZA . 0.36 -1.43 59.67
CBA CYC ZA . -1.12 -1.52 60.10
CGA CYC ZA . -1.61 -0.33 60.92
O1A CYC ZA . -1.98 0.71 60.31
O2A CYC ZA . -1.60 -0.43 62.17
CHB CYC ZA . 0.66 2.04 56.10
NB CYC ZA . 1.75 0.28 54.76
C1B CYC ZA . 1.08 1.50 54.92
C2B CYC ZA . 0.88 2.10 53.66
C3B CYC ZA . 1.38 1.25 52.71
C4B CYC ZA . 1.93 0.04 53.42
CMB CYC ZA . 0.27 3.44 53.36
CAB CYC ZA . 1.43 1.40 51.23
CBB CYC ZA . 0.69 0.29 50.49
OB CYC ZA . 2.44 -0.93 52.95
NC CYC ZA . 1.51 7.08 63.10
C1C CYC ZA . 1.89 8.00 64.05
C2C CYC ZA . 2.83 8.99 63.43
C3C CYC ZA . 3.09 8.43 62.02
C4C CYC ZA . 2.42 7.08 62.05
CMC CYC ZA . 2.31 10.41 63.48
CAC CYC ZA . 4.55 8.22 61.59
CBC CYC ZA . 5.16 9.41 60.88
OC CYC ZA . 1.49 8.03 65.20
CHD CYC ZA . 2.68 6.00 61.23
ND CYC ZA . 2.00 3.71 60.68
C1D CYC ZA . 2.44 4.66 61.57
C2D CYC ZA . 2.56 4.02 62.84
C3D CYC ZA . 2.19 2.71 62.68
C4D CYC ZA . 1.84 2.51 61.33
CMD CYC ZA . 3.03 4.68 64.09
CAD CYC ZA . 2.19 1.64 63.73
CBD CYC ZA . 3.58 1.03 63.94
CGD CYC ZA . 3.89 -0.18 63.06
O1D CYC ZA . 4.95 -0.82 63.30
O2D CYC ZA . 3.10 -0.51 62.16
CHA CYC AB . 17.85 28.58 37.79
NA CYC AB . 18.34 26.56 39.02
C1A CYC AB . 18.36 27.32 37.89
C2A CYC AB . 19.07 26.66 36.82
C3A CYC AB . 19.37 25.44 37.30
C4A CYC AB . 18.78 25.32 38.62
CMA CYC AB . 20.12 24.42 36.51
CAA CYC AB . 19.49 27.26 35.51
CBA CYC AB . 18.40 27.15 34.45
CGA CYC AB . 17.16 27.98 34.75
O1A CYC AB . 17.18 29.19 34.44
O2A CYC AB . 16.19 27.42 35.32
CHB CYC AB . 18.53 24.17 39.31
NB CYC AB . 20.13 22.46 38.47
C1B CYC AB . 19.00 22.90 39.15
C2B CYC AB . 18.38 21.79 39.77
C3B CYC AB . 19.19 20.70 39.61
C4B CYC AB . 20.27 21.10 38.65
CMB CYC AB . 17.04 21.77 40.48
CAB CYC AB . 19.21 19.39 40.33
CBB CYC AB . 18.98 18.21 39.40
OB CYC AB . 21.12 20.40 38.15
NC CYC AB . 16.01 31.99 42.95
C1C CYC AB . 15.28 32.73 43.85
C2C CYC AB . 14.97 31.84 45.03
C3C CYC AB . 15.14 30.42 44.44
C4C CYC AB . 15.63 30.66 43.04
CMC CYC AB . 15.84 32.15 46.25
CAC CYC AB . 13.87 29.55 44.55
CBC CYC AB . 13.78 28.83 45.87
OC CYC AB . 14.97 33.90 43.74
CHD CYC AB . 15.71 29.68 42.03
ND CYC AB . 16.84 28.86 39.99
C1D CYC AB . 16.15 29.83 40.67
C2D CYC AB . 16.02 30.95 39.77
C3D CYC AB . 16.65 30.62 38.59
C4D CYC AB . 17.17 29.30 38.74
CMD CYC AB . 15.29 32.23 40.04
CAD CYC AB . 16.71 31.46 37.35
CBD CYC AB . 18.03 32.19 37.15
CGD CYC AB . 17.96 33.41 36.23
O1D CYC AB . 17.21 33.35 35.23
O2D CYC AB . 18.65 34.41 36.53
CHA CYC BB . 25.59 27.57 -21.44
NA CYC BB . 24.39 28.89 -19.86
C1A CYC BB . 24.77 27.68 -20.36
C2A CYC BB . 24.21 26.59 -19.60
C3A CYC BB . 23.42 27.15 -18.65
C4A CYC BB . 23.63 28.59 -18.76
CMA CYC BB . 22.54 26.46 -17.67
CAA CYC BB . 24.60 25.14 -19.72
CBA CYC BB . 24.01 24.43 -20.93
CGA CYC BB . 22.90 25.19 -21.66
O1A CYC BB . 22.68 26.40 -21.38
O2A CYC BB . 22.26 24.54 -22.54
CHB CYC BB . 23.16 29.48 -17.91
NB CYC BB . 20.95 28.55 -17.84
C1B CYC BB . 21.91 29.48 -17.48
C2B CYC BB . 21.40 30.36 -16.55
C3B CYC BB . 20.18 29.95 -16.20
C4B CYC BB . 19.85 28.75 -17.05
CMB CYC BB . 22.05 31.53 -15.87
CAB CYC BB . 19.38 30.39 -15.02
CBB CYC BB . 18.00 30.91 -15.31
OB CYC BB . 18.87 28.05 -17.01
NC CYC BB . 27.96 32.87 -24.66
C1C CYC BB . 29.05 33.64 -24.99
C2C CYC BB . 29.74 34.09 -23.72
C3C CYC BB . 28.66 33.85 -22.65
C4C CYC BB . 27.75 32.86 -23.29
CMC CYC BB . 31.07 33.38 -23.50
CAC CYC BB . 27.82 35.01 -22.13
CBC CYC BB . 28.58 35.96 -21.22
OC CYC BB . 29.40 33.90 -26.10
CHD CYC BB . 26.89 32.06 -22.60
ND CYC BB . 26.05 29.93 -21.82
C1D CYC BB . 26.80 30.68 -22.68
C2D CYC BB . 27.44 29.77 -23.57
C3D CYC BB . 27.07 28.51 -23.22
C4D CYC BB . 26.19 28.61 -22.12
CMD CYC BB . 28.43 30.11 -24.65
CAD CYC BB . 27.45 27.24 -23.91
CBD CYC BB . 28.59 26.48 -23.24
CGD CYC BB . 28.66 25.02 -23.67
O1D CYC BB . 27.59 24.44 -23.98
O2D CYC BB . 29.78 24.48 -23.70
CHA CYC CB . -5.85 13.28 16.99
NA CYC CB . -5.60 14.78 15.19
C1A CYC CB . -5.12 13.83 16.03
C2A CYC CB . -3.79 13.42 15.65
C3A CYC CB . -3.43 14.25 14.66
C4A CYC CB . -4.50 15.23 14.53
CMA CYC CB . -2.23 14.03 13.80
CAA CYC CB . -3.05 12.23 16.18
CBA CYC CB . -2.01 12.63 17.20
CGA CYC CB . -2.47 13.70 18.19
O1A CYC CB . -1.92 13.74 19.31
O2A CYC CB . -3.36 14.50 17.83
CHB CYC CB . -4.38 16.49 14.09
NB CYC CB . -2.60 16.26 12.47
C1B CYC CB . -3.63 16.94 13.12
C2B CYC CB . -3.80 18.18 12.53
C3B CYC CB . -2.77 18.39 11.67
C4B CYC CB . -2.04 17.09 11.53
CMB CYC CB . -5.02 19.07 12.64
CAB CYC CB . -2.31 19.61 10.99
CBB CYC CB . -0.84 19.87 11.29
OB CYC CB . -1.15 16.79 10.74
NC CYC CB . -12.02 14.38 17.41
C1C CYC CB . -13.17 14.74 18.05
C2C CYC CB . -13.64 16.05 17.48
C3C CYC CB . -12.38 16.61 16.81
C4C CYC CB . -11.36 15.52 17.00
CMC CYC CB . -14.87 15.93 16.58
CAC CYC CB . -12.02 18.00 17.31
CBC CYC CB . -12.66 19.09 16.50
OC CYC CB . -13.73 14.09 18.91
CHD CYC CB . -10.04 15.61 16.75
ND CYC CB . -7.81 14.64 16.68
C1D CYC CB . -9.05 14.74 17.23
C2D CYC CB . -9.11 13.74 18.26
C3D CYC CB . -7.90 13.09 18.26
C4D CYC CB . -7.10 13.64 17.30
CMD CYC CB . -10.27 13.44 19.14
CAD CYC CB . -7.42 12.06 19.22
CBD CYC CB . -7.18 10.71 18.59
CGD CYC CB . -7.22 9.59 19.62
O1D CYC CB . -7.07 9.89 20.82
O2D CYC CB . -7.41 8.44 19.22
CHA CYC DB . -7.05 51.01 6.74
NA CYC DB . -5.84 49.46 8.19
C1A CYC DB . -5.91 50.57 7.40
C2A CYC DB . -4.62 51.26 7.37
C3A CYC DB . -3.78 50.53 8.14
C4A CYC DB . -4.55 49.40 8.63
CMA CYC DB . -2.38 50.92 8.49
CAA CYC DB . -4.36 52.58 6.73
CBA CYC DB . -4.82 53.70 7.68
CGA CYC DB . -6.12 53.40 8.43
O1A CYC DB . -6.07 52.64 9.43
O2A CYC DB . -7.17 53.91 8.02
CHB CYC DB . -4.10 48.43 9.47
NB CYC DB . -1.88 48.16 8.55
C1B CYC DB . -2.89 47.85 9.44
C2B CYC DB . -2.41 46.93 10.41
C3B CYC DB . -1.07 46.80 10.20
C4B CYC DB . -0.71 47.62 9.01
CMB CYC DB . -3.19 46.20 11.47
CAB CYC DB . -0.06 46.01 10.97
CBB CYC DB . 0.70 46.90 11.95
OB CYC DB . 0.39 47.80 8.53
NC CYC DB . -12.95 48.59 7.89
C1C CYC DB . -14.19 48.04 7.74
C2C CYC DB . -14.08 46.54 7.89
C3C CYC DB . -12.58 46.28 8.02
C4C CYC DB . -11.96 47.63 7.81
CMC CYC DB . -14.93 45.99 9.02
CAC CYC DB . -11.99 45.26 7.04
CBC CYC DB . -12.23 43.81 7.46
OC CYC DB . -15.23 48.66 7.57
CHD CYC DB . -10.62 47.84 7.59
ND CYC DB . -8.67 49.28 7.33
C1D CYC DB . -9.99 48.99 7.07
C2D CYC DB . -10.49 50.02 6.21
C3D CYC DB . -9.46 50.90 5.99
C4D CYC DB . -8.31 50.42 6.70
CMD CYC DB . -11.85 50.09 5.62
CAD CYC DB . -9.49 52.14 5.14
CBD CYC DB . -9.37 51.82 3.66
CGD CYC DB . -8.00 51.31 3.24
O1D CYC DB . -7.94 50.45 2.33
O2D CYC DB . -6.99 51.78 3.80
CHA CYC EB . 25.91 -29.52 17.18
NA CYC EB . 27.47 -28.11 16.03
C1A CYC EB . 26.21 -28.41 16.46
C2A CYC EB . 25.30 -27.30 16.17
C3A CYC EB . 25.99 -26.45 15.38
C4A CYC EB . 27.31 -27.06 15.19
CMA CYC EB . 25.50 -25.16 14.78
CAA CYC EB . 23.92 -27.15 16.74
CBA CYC EB . 22.85 -27.79 15.86
CGA CYC EB . 22.80 -29.31 15.92
O1A CYC EB . 23.12 -29.89 17.02
O2A CYC EB . 22.43 -29.93 14.88
CHB CYC EB . 28.22 -26.71 14.25
NB CYC EB . 26.69 -26.15 12.47
C1B CYC EB . 27.93 -26.15 13.08
C2B CYC EB . 28.80 -25.30 12.40
C3B CYC EB . 28.07 -24.62 11.47
C4B CYC EB . 26.68 -25.17 11.51
CMB CYC EB . 30.28 -25.17 12.59
CAB CYC EB . 28.49 -23.49 10.58
CBB CYC EB . 28.20 -23.79 9.12
OB CYC EB . 25.73 -24.83 10.85
NC CYC EB . 30.42 -34.18 18.76
C1C CYC EB . 31.55 -34.91 18.93
C2C CYC EB . 32.65 -33.92 19.26
C3C CYC EB . 32.20 -32.70 18.44
C4C CYC EB . 30.77 -33.00 18.11
CMC CYC EB . 32.82 -33.69 20.76
CAC CYC EB . 33.03 -32.42 17.20
CBC CYC EB . 34.24 -31.54 17.47
OC CYC EB . 31.65 -36.12 18.84
CHD CYC EB . 29.94 -32.24 17.31
ND CYC EB . 28.05 -30.72 17.05
C1D CYC EB . 28.58 -31.88 17.53
C2D CYC EB . 27.54 -32.53 18.27
C3D CYC EB . 26.43 -31.73 18.22
C4D CYC EB . 26.74 -30.59 17.46
CMD CYC EB . 27.62 -33.85 18.96
CAD CYC EB . 25.08 -32.04 18.80
CBD CYC EB . 24.97 -31.70 20.28
CGD CYC EB . 23.54 -31.71 20.79
O1D CYC EB . 22.63 -32.13 20.04
O2D CYC EB . 23.33 -31.29 21.94
CHA CYC FB . 16.46 14.71 -9.20
NA CYC FB . 17.35 12.46 -9.23
C1A CYC FB . 16.83 13.56 -8.61
C2A CYC FB . 16.58 13.30 -7.21
C3A CYC FB . 17.11 12.10 -6.97
C4A CYC FB . 17.68 11.62 -8.20
CMA CYC FB . 17.01 11.36 -5.68
CAA CYC FB . 15.71 14.13 -6.32
CBA CYC FB . 16.44 14.72 -5.14
CGA CYC FB . 17.88 15.07 -5.45
O1A CYC FB . 18.11 15.87 -6.38
O2A CYC FB . 18.74 14.57 -4.74
CHB CYC FB . 18.44 10.52 -8.31
NB CYC FB . 19.63 10.41 -6.13
C1B CYC FB . 19.38 10.06 -7.44
C2B CYC FB . 20.22 9.01 -7.80
C3B CYC FB . 20.82 8.54 -6.71
C4B CYC FB . 20.49 9.46 -5.57
CMB CYC FB . 20.64 8.40 -9.10
CAB CYC FB . 21.67 7.31 -6.71
CBB CYC FB . 22.27 6.92 -5.36
OB CYC FB . 20.85 9.41 -4.43
NC CYC FB . 16.35 15.23 -15.30
C1C CYC FB . 16.67 15.86 -16.46
C2C CYC FB . 17.45 14.88 -17.28
C3C CYC FB . 18.12 14.01 -16.22
C4C CYC FB . 17.43 14.44 -14.96
CMC CYC FB . 16.60 14.14 -18.28
CAC CYC FB . 19.63 14.12 -16.12
CBC CYC FB . 20.32 13.24 -17.14
OC CYC FB . 16.36 16.99 -16.76
CHD CYC FB . 17.80 14.14 -13.71
ND CYC FB . 17.24 14.18 -11.37
C1D CYC FB . 17.28 14.78 -12.58
C2D CYC FB . 16.68 16.07 -12.43
C3D CYC FB . 16.30 16.19 -11.12
C4D CYC FB . 16.64 15.02 -10.47
CMD CYC FB . 16.60 17.15 -13.47
CAD CYC FB . 15.75 17.40 -10.45
CBD CYC FB . 14.46 17.19 -9.71
CGD CYC FB . 14.27 18.18 -8.58
O1D CYC FB . 15.17 18.29 -7.73
O2D CYC FB . 13.21 18.86 -8.57
CHA CYC GB . 48.88 -4.73 -18.75
NA CYC GB . 48.24 -2.98 -17.20
C1A CYC GB . 48.99 -4.06 -17.57
C2A CYC GB . 49.99 -4.37 -16.55
C3A CYC GB . 49.77 -3.50 -15.54
C4A CYC GB . 48.64 -2.65 -15.93
CMA CYC GB . 50.57 -3.43 -14.26
CAA CYC GB . 51.10 -5.36 -16.71
CBA CYC GB . 52.40 -4.76 -17.27
CGA CYC GB . 52.27 -3.80 -18.46
O1A CYC GB . 51.17 -3.24 -18.68
O2A CYC GB . 53.29 -3.60 -19.15
CHB CYC GB . 48.12 -1.65 -15.19
NB CYC GB . 48.17 -2.68 -13.00
C1B CYC GB . 47.91 -1.64 -13.88
C2B CYC GB . 47.44 -0.52 -13.16
C3B CYC GB . 47.47 -0.82 -11.83
C4B CYC GB . 47.99 -2.22 -11.71
CMB CYC GB . 46.99 0.81 -13.71
CAB CYC GB . 47.03 -0.01 -10.66
CBB CYC GB . 48.21 0.51 -9.85
OB CYC GB . 48.25 -2.83 -10.71
NC CYC GB . 45.98 -2.16 -23.63
C1C CYC GB . 45.40 -1.63 -24.75
C2C CYC GB . 43.90 -1.70 -24.57
C3C CYC GB . 43.76 -1.66 -23.05
C4C CYC GB . 45.05 -2.27 -22.59
CMC CYC GB . 43.13 -0.64 -25.34
CAC CYC GB . 42.58 -2.39 -22.41
CBC CYC GB . 41.29 -1.58 -22.45
OC CYC GB . 46.00 -1.18 -25.72
CHD CYC GB . 45.26 -2.83 -21.34
ND CYC GB . 47.01 -3.59 -19.82
C1D CYC GB . 46.32 -3.67 -21.00
C2D CYC GB . 46.90 -4.74 -21.75
C3D CYC GB . 47.92 -5.26 -21.00
C4D CYC GB . 48.00 -4.53 -19.78
CMD CYC GB . 46.44 -5.21 -23.10
CAD CYC GB . 48.81 -6.41 -21.38
CBD CYC GB . 48.14 -7.75 -21.08
CGD CYC GB . 48.11 -8.12 -19.60
O1D CYC GB . 47.03 -8.49 -19.11
O2D CYC GB . 49.17 -8.04 -18.95
CHA CYC HB . 47.50 33.85 -5.79
NA CYC HB . 47.86 31.46 -5.77
C1A CYC HB . 47.43 32.62 -5.19
C2A CYC HB . 46.86 32.36 -3.88
C3A CYC HB . 47.08 31.05 -3.63
C4A CYC HB . 47.51 30.48 -4.89
CMA CYC HB . 47.00 30.37 -2.29
CAA CYC HB . 45.94 33.31 -3.17
CBA CYC HB . 46.65 34.04 -2.04
CGA CYC HB . 47.95 34.72 -2.43
O1A CYC HB . 48.09 35.91 -2.11
O2A CYC HB . 48.83 34.04 -3.03
CHB CYC HB . 47.60 29.19 -5.13
NB CYC HB . 48.49 28.70 -2.97
C1B CYC HB . 48.02 28.35 -4.23
C2B CYC HB . 48.07 26.97 -4.39
C3B CYC HB . 48.45 26.43 -3.21
C4B CYC HB . 48.69 27.56 -2.25
CMB CYC HB . 47.77 26.18 -5.63
CAB CYC HB . 48.54 24.99 -2.86
CBB CYC HB . 49.93 24.56 -2.41
OB CYC HB . 48.96 27.51 -1.08
NC CYC HB . 49.50 34.39 -12.10
C1C CYC HB . 49.22 34.53 -13.42
C2C CYC HB . 48.14 33.56 -13.79
C3C CYC HB . 48.30 32.48 -12.72
C4C CYC HB . 48.92 33.25 -11.58
CMC CYC HB . 46.77 34.21 -13.89
CAC CYC HB . 49.07 31.20 -13.03
CBC CYC HB . 48.40 30.38 -14.14
OC CYC HB . 49.77 35.31 -14.16
CHD CYC HB . 48.92 32.89 -10.29
ND CYC HB . 48.26 33.12 -7.97
C1D CYC HB . 48.59 33.68 -9.17
C2D CYC HB . 48.42 35.09 -9.03
C3D CYC HB . 48.00 35.33 -7.75
C4D CYC HB . 47.89 34.09 -7.08
CMD CYC HB . 48.64 36.13 -10.07
CAD CYC HB . 47.79 36.68 -7.12
CBD CYC HB . 46.34 36.98 -6.85
CGD CYC HB . 46.13 38.19 -5.96
O1D CYC HB . 45.04 38.79 -6.07
O2D CYC HB . 47.03 38.52 -5.16
CHA CYC IB . 59.91 -13.05 3.07
NA CYC IB . 57.58 -12.75 3.70
C1A CYC IB . 58.58 -12.87 2.78
C2A CYC IB . 58.03 -12.84 1.43
C3A CYC IB . 56.70 -12.63 1.56
C4A CYC IB . 56.43 -12.57 3.00
CMA CYC IB . 55.70 -12.56 0.44
CAA CYC IB . 58.80 -13.20 0.20
CBA CYC IB . 59.03 -14.72 0.10
CGA CYC IB . 59.43 -15.43 1.40
O1A CYC IB . 58.53 -15.88 2.15
O2A CYC IB . 60.66 -15.54 1.64
CHB CYC IB . 55.22 -12.38 3.60
NB CYC IB . 54.24 -10.75 2.09
C1B CYC IB . 54.22 -11.58 3.21
C2B CYC IB . 52.94 -11.55 3.80
C3B CYC IB . 52.12 -10.82 3.00
C4B CYC IB . 52.96 -10.31 1.85
CMB CYC IB . 52.49 -12.21 5.08
CAB CYC IB . 50.67 -10.53 3.11
CBB CYC IB . 49.85 -11.26 2.04
OB CYC IB . 52.61 -9.69 0.89
NC CYC IB . 61.78 -14.97 8.78
C1C CYC IB . 62.38 -15.30 9.97
C2C CYC IB . 62.16 -14.17 10.95
C3C CYC IB . 60.92 -13.47 10.38
C4C CYC IB . 61.01 -13.81 8.92
CMC CYC IB . 62.07 -14.61 12.40
CAC CYC IB . 60.81 -11.95 10.57
CBC CYC IB . 60.22 -11.53 11.90
OC CYC IB . 62.98 -16.34 10.19
CHD CYC IB . 60.43 -13.11 7.90
ND CYC IB . 59.88 -13.03 5.52
C1D CYC IB . 60.80 -13.15 6.53
C2D CYC IB . 62.09 -13.31 5.94
C3D CYC IB . 61.91 -13.30 4.57
C4D CYC IB . 60.52 -13.13 4.31
CMD CYC IB . 63.38 -13.44 6.67
CAD CYC IB . 62.97 -13.38 3.52
CBD CYC IB . 63.70 -12.06 3.36
CGD CYC IB . 62.91 -10.93 2.71
O1D CYC IB . 63.42 -9.78 2.70
O2D CYC IB . 61.79 -11.19 2.22
CHA CYC JB . 38.59 1.25 32.70
NA CYC JB . 39.61 1.58 30.51
C1A CYC JB . 38.72 1.93 31.49
C2A CYC JB . 37.84 3.00 31.04
C3A CYC JB . 38.41 3.45 29.89
C4A CYC JB . 39.55 2.59 29.58
CMA CYC JB . 38.01 4.73 29.22
CAA CYC JB . 36.56 3.49 31.67
CBA CYC JB . 35.35 2.58 31.41
CGA CYC JB . 34.06 2.95 32.13
O1A CYC JB . 33.95 4.10 32.66
O2A CYC JB . 33.16 2.07 32.20
CHB CYC JB . 40.49 2.75 28.60
NB CYC JB . 39.50 3.72 26.57
C1B CYC JB . 40.40 2.95 27.28
C2B CYC JB . 41.23 2.26 26.35
C3B CYC JB . 40.83 2.56 25.10
C4B CYC JB . 39.65 3.48 25.22
CMB CYC JB . 42.32 1.25 26.53
CAB CYC JB . 41.43 2.15 23.81
CBB CYC JB . 41.70 3.36 22.91
OB CYC JB . 38.93 3.88 24.33
NC CYC JB . 43.28 -1.90 35.42
C1C CYC JB . 43.76 -2.93 36.18
C2C CYC JB . 44.74 -3.71 35.36
C3C CYC JB . 44.52 -3.14 33.95
C4C CYC JB . 43.25 -2.36 34.12
CMC CYC JB . 46.15 -3.65 35.90
CAC CYC JB . 44.47 -4.20 32.86
CBC CYC JB . 45.83 -4.54 32.29
OC CYC JB . 43.44 -3.16 37.33
CHD CYC JB . 42.23 -2.06 33.18
ND CYC JB . 40.52 -0.31 32.65
C1D CYC JB . 41.02 -1.32 33.44
C2D CYC JB . 40.15 -1.43 34.54
C3D CYC JB . 39.16 -0.49 34.40
C4D CYC JB . 39.38 0.21 33.21
CMD CYC JB . 40.24 -2.45 35.62
CAD CYC JB . 37.97 -0.37 35.30
CBD CYC JB . 37.89 0.89 36.14
CGD CYC JB . 36.48 1.47 36.16
O1D CYC JB . 35.89 1.57 35.09
O2D CYC JB . 36.00 1.80 37.26
CHA CYC KB . -56.93 -14.19 3.99
NA CYC KB . -55.36 -15.98 4.30
C1A CYC KB . -55.98 -15.04 3.53
C2A CYC KB . -55.52 -15.08 2.15
C3A CYC KB . -54.60 -16.07 2.11
C4A CYC KB . -54.46 -16.59 3.47
CMA CYC KB . -53.83 -16.50 0.89
CAA CYC KB . -55.90 -14.10 1.09
CBA CYC KB . -57.35 -14.24 0.63
CGA CYC KB . -58.01 -15.54 1.04
O1A CYC KB . -58.74 -15.53 2.06
O2A CYC KB . -57.79 -16.56 0.37
CHB CYC KB . -53.61 -17.53 3.89
NB CYC KB . -53.58 -18.97 1.93
C1B CYC KB . -53.12 -18.52 3.16
C2B CYC KB . -51.95 -19.20 3.50
C3B CYC KB . -51.60 -20.00 2.46
C4B CYC KB . -52.66 -19.85 1.41
CMB CYC KB . -51.20 -19.08 4.79
CAB CYC KB . -50.36 -20.81 2.26
CBB CYC KB . -50.64 -22.30 2.14
OB CYC KB . -52.71 -20.36 0.33
NC CYC KB . -59.04 -14.48 10.22
C1C CYC KB . -59.21 -13.86 11.43
C2C CYC KB . -57.87 -13.72 12.12
C3C CYC KB . -56.92 -14.55 11.23
C4C CYC KB . -57.70 -14.71 9.96
CMC CYC KB . -57.46 -12.28 12.35
CAC CYC KB . -56.46 -15.89 11.79
CBC CYC KB . -55.34 -15.75 12.78
OC CYC KB . -60.26 -13.49 11.89
CHD CYC KB . -57.13 -15.02 8.74
ND CYC KB . -56.84 -14.82 6.33
C1D CYC KB . -57.47 -14.47 7.50
C2D CYC KB . -58.42 -13.44 7.16
C3D CYC KB . -58.33 -13.22 5.81
C4D CYC KB . -57.34 -14.08 5.30
CMD CYC KB . -59.36 -12.74 8.10
CAD CYC KB . -59.19 -12.30 4.99
CBD CYC KB . -58.60 -10.92 4.77
CGD CYC KB . -59.43 -10.07 3.81
O1D CYC KB . -59.67 -10.52 2.67
O2D CYC KB . -59.83 -8.96 4.22
#